data_6ET9
#
_entry.id   6ET9
#
_cell.length_a   106.617
_cell.length_b   144.014
_cell.length_c   230.585
_cell.angle_alpha   90.00
_cell.angle_beta   90.00
_cell.angle_gamma   90.00
#
_symmetry.space_group_name_H-M   'P 21 21 21'
#
loop_
_entity.id
_entity.type
_entity.pdbx_description
1 polymer 'Acetyl-CoA acetyltransferase thiolase'
2 polymer 'Pfam DUF35'
3 polymer 'HydroxyMethylGlutaryl-CoA synthase'
4 non-polymer 'SODIUM ION'
5 non-polymer 2-AMINO-2-HYDROXYMETHYL-PROPANE-1,3-DIOL
6 non-polymer 'POTASSIUM ION'
7 non-polymer 'CHLORIDE ION'
8 non-polymer 'MAGNESIUM ION'
9 non-polymer GLYCEROL
10 non-polymer 'ZINC ION'
11 water water
#
loop_
_entity_poly.entity_id
_entity_poly.type
_entity_poly.pdbx_seq_one_letter_code
_entity_poly.pdbx_strand_id
1 'polypeptide(L)'
;MRDVAIIGYGQTKFGELWEDSFRDLIVEAGVKAIKDANVDGGDIDAMYIGNMSGGLFVGQEHIASLIADHAGLNPVPCTR
VEAACASGSLALRSAVLSVASGHHDVVLAGGVEKMTDVEDATAAIASASDQEWEAFFGATFPSLYAMMARRYMYQYGLTI
EELSMWSVIAHENATKNKYAQFGFKTTLEQVMNASPVADPLTLMHCSPVSDGASALIVCDADKAEEFAPKDEIIYIKAST
QASDTIALHDREDMTTLNAAKVASEKAYKLAKIAPEKIDVAEVHDCFAINGLILVEDLGFCKKGDAGKVIDEGKIRIDYD
DFVTVNPSGGLKAAGHALGATGIRQVGELYWQLKQDKECKDRQATIKNGYGIAANVGGTGGTVCVHLLSDKR
;
A,B,C,D
2 'polypeptide(L)'
;MVVRSWRHMKERYNLIGTRCKTCGKVYFPSRTVCPDCRRKGELEEFQLSGKGKIYTYSIVYAPPKEFNKLTPYVIAIVEL
EEGPKVTAQVDCDINKISIGIPVEAAFRRIKEDGKDGIISYGYKFVPITE
;
E,F,G,H
3 'polypeptide(L)'
;MKDIGIVGYGSYIPKYRIKVEEIAKVWGKDPEAIKKGLVVNEKSVPSPDEDTATIAVEAARNAVKRAGINAEKIGAVYVG
SESHPYAVKPTSATVAEAIGATPDLTAADLEFACKAGTAGIQMCMGLVGSGLIEYGMAIGADTAQGAPGDALEYTASAGG
AAYIIGNKKDEMIAVFNGTYSYTTDTPDFWRREGQSYPKHGGRFTGEPAYFKHVLNAAKGIMEKMGTTVKDYDYCVFHQP
NGKFYIKAAKSLGFTNEQYKYGLLTPYLGNTYSGAVPLGLSNILDHAEEGARILAVSYGSGAGSDAFDITVTERIKEVVD
KAPKTLDLLNRKKYIDYAVYVKYRGKIKI
;
I,J,K,L
#
# COMPACT_ATOMS: atom_id res chain seq x y z
N MET A 1 30.50 36.82 48.56
CA MET A 1 30.06 35.45 48.94
C MET A 1 29.08 35.50 50.10
N ARG A 2 27.81 35.65 49.81
CA ARG A 2 26.81 35.75 50.84
C ARG A 2 26.28 34.38 51.19
N ASP A 3 25.87 34.23 52.44
CA ASP A 3 25.16 33.02 52.85
C ASP A 3 23.75 33.05 52.27
N VAL A 4 23.26 31.89 51.88
CA VAL A 4 21.96 31.76 51.23
C VAL A 4 21.07 30.86 52.08
N ALA A 5 19.78 31.20 52.13
CA ALA A 5 18.78 30.44 52.87
C ALA A 5 17.56 30.19 52.00
N ILE A 6 16.66 29.36 52.52
CA ILE A 6 15.38 29.04 51.88
C ILE A 6 14.27 29.65 52.73
N ILE A 7 13.39 30.42 52.10
CA ILE A 7 12.29 31.04 52.81
C ILE A 7 10.91 30.49 52.43
N GLY A 8 10.79 29.74 51.34
CA GLY A 8 9.50 29.17 50.97
C GLY A 8 9.63 28.01 50.02
N TYR A 9 8.62 27.13 50.06
CA TYR A 9 8.56 25.96 49.21
C TYR A 9 7.12 25.68 48.79
N GLY A 10 6.95 25.35 47.53
CA GLY A 10 5.64 24.99 47.01
C GLY A 10 5.75 23.83 46.05
N GLN A 11 4.67 23.06 45.96
CA GLN A 11 4.68 21.82 45.21
C GLN A 11 3.27 21.46 44.73
N THR A 12 3.19 20.93 43.52
CA THR A 12 1.97 20.30 43.07
C THR A 12 2.01 18.81 43.44
N LYS A 13 0.89 18.14 43.21
CA LYS A 13 0.89 16.69 43.30
C LYS A 13 1.71 16.12 42.14
N PHE A 14 2.35 14.98 42.40
CA PHE A 14 3.12 14.28 41.37
C PHE A 14 2.30 13.09 40.87
N GLY A 15 2.04 13.06 39.57
CA GLY A 15 1.32 11.92 39.01
C GLY A 15 0.85 12.21 37.60
N GLU A 16 -0.20 11.49 37.20
CA GLU A 16 -0.78 11.62 35.87
C GLU A 16 -1.84 12.71 35.94
N LEU A 17 -1.42 13.94 35.62
CA LEU A 17 -2.28 15.12 35.74
C LEU A 17 -2.74 15.50 34.35
N TRP A 18 -3.87 14.90 33.93
CA TRP A 18 -4.38 15.14 32.59
C TRP A 18 -4.98 16.54 32.48
N GLU A 19 -5.71 16.95 33.51
CA GLU A 19 -6.34 18.27 33.50
C GLU A 19 -5.31 19.38 33.39
N ASP A 20 -4.26 19.32 34.22
CA ASP A 20 -3.35 20.44 34.40
C ASP A 20 -2.34 20.52 33.26
N SER A 21 -2.27 21.68 32.60
CA SER A 21 -1.29 21.88 31.56
C SER A 21 0.09 22.19 32.13
N PHE A 22 1.11 22.00 31.29
CA PHE A 22 2.47 22.31 31.67
C PHE A 22 2.59 23.74 32.21
N ARG A 23 1.97 24.70 31.53
CA ARG A 23 1.97 26.06 32.02
C ARG A 23 1.20 26.13 33.33
N ASP A 24 -0.01 25.59 33.36
CA ASP A 24 -0.83 25.61 34.56
C ASP A 24 -0.11 25.01 35.76
N LEU A 25 0.83 24.08 35.51
CA LEU A 25 1.50 23.38 36.61
C LEU A 25 2.50 24.28 37.31
N ILE A 26 3.44 24.83 36.54
CA ILE A 26 4.51 25.63 37.14
C ILE A 26 3.94 26.82 37.90
N VAL A 27 2.82 27.38 37.43
CA VAL A 27 2.19 28.47 38.16
C VAL A 27 1.76 28.00 39.54
N GLU A 28 1.00 26.90 39.60
CA GLU A 28 0.50 26.41 40.88
C GLU A 28 1.64 26.23 41.87
N ALA A 29 2.77 25.69 41.41
CA ALA A 29 3.92 25.51 42.29
C ALA A 29 4.51 26.86 42.67
N GLY A 30 4.59 27.79 41.72
CA GLY A 30 5.18 29.08 42.03
C GLY A 30 4.37 29.87 43.03
N VAL A 31 3.04 29.87 42.88
CA VAL A 31 2.19 30.60 43.82
C VAL A 31 2.29 30.00 45.22
N LYS A 32 2.30 28.67 45.32
CA LYS A 32 2.44 28.04 46.63
C LYS A 32 3.75 28.44 47.28
N ALA A 33 4.84 28.45 46.52
CA ALA A 33 6.15 28.85 47.05
C ALA A 33 6.15 30.32 47.43
N ILE A 34 5.58 31.18 46.59
CA ILE A 34 5.47 32.59 46.93
C ILE A 34 4.67 32.75 48.22
N LYS A 35 3.53 32.07 48.33
CA LYS A 35 2.71 32.20 49.53
C LYS A 35 3.48 31.72 50.76
N ASP A 36 4.10 30.54 50.67
CA ASP A 36 4.85 30.01 51.80
C ASP A 36 5.95 30.99 52.25
N ALA A 37 6.61 31.64 51.31
CA ALA A 37 7.71 32.54 51.65
C ALA A 37 7.24 33.92 52.10
N ASN A 38 5.98 34.24 51.95
CA ASN A 38 5.46 35.56 52.32
C ASN A 38 6.16 36.66 51.51
N VAL A 39 6.22 36.46 50.19
CA VAL A 39 6.77 37.45 49.28
C VAL A 39 5.74 37.76 48.20
N ASP A 40 5.90 38.93 47.58
CA ASP A 40 5.08 39.30 46.44
C ASP A 40 5.76 38.86 45.15
N GLY A 41 4.98 38.82 44.07
CA GLY A 41 5.54 38.52 42.77
C GLY A 41 6.66 39.49 42.39
N GLY A 42 6.48 40.77 42.68
CA GLY A 42 7.50 41.75 42.35
C GLY A 42 8.81 41.57 43.10
N ASP A 43 8.77 40.88 44.24
CA ASP A 43 9.97 40.69 45.04
C ASP A 43 10.95 39.72 44.41
N ILE A 44 10.49 38.86 43.47
CA ILE A 44 11.38 37.93 42.80
C ILE A 44 12.28 38.68 41.84
N ASP A 45 13.59 38.47 41.98
CA ASP A 45 14.56 39.16 41.15
C ASP A 45 14.98 38.33 39.95
N ALA A 46 14.88 37.00 40.03
CA ALA A 46 15.23 36.14 38.92
C ALA A 46 14.63 34.77 39.18
N MET A 47 14.56 33.97 38.11
CA MET A 47 14.05 32.61 38.18
C MET A 47 15.02 31.66 37.50
N TYR A 48 15.15 30.46 38.04
CA TYR A 48 15.95 29.40 37.45
C TYR A 48 15.07 28.17 37.37
N ILE A 49 14.92 27.62 36.18
CA ILE A 49 13.97 26.55 35.92
C ILE A 49 14.73 25.33 35.45
N GLY A 50 14.30 24.16 35.92
CA GLY A 50 14.80 22.88 35.43
C GLY A 50 13.73 22.13 34.65
N ASN A 51 14.14 21.60 33.52
CA ASN A 51 13.27 20.74 32.72
C ASN A 51 14.20 19.95 31.81
N MET A 52 14.14 18.63 31.89
CA MET A 52 14.98 17.82 31.02
C MET A 52 14.37 17.69 29.64
N SER A 53 13.09 17.32 29.58
CA SER A 53 12.46 16.99 28.31
C SER A 53 12.40 18.20 27.38
N GLY A 54 11.82 19.29 27.87
CA GLY A 54 11.56 20.49 27.10
C GLY A 54 10.94 20.26 25.74
N GLY A 55 11.79 20.05 24.73
CA GLY A 55 11.36 19.87 23.35
C GLY A 55 11.06 18.45 22.95
N LEU A 56 11.28 17.49 23.83
CA LEU A 56 10.95 16.11 23.53
C LEU A 56 9.52 15.75 23.88
N PHE A 57 9.00 16.34 24.94
CA PHE A 57 7.62 16.09 25.34
C PHE A 57 6.65 16.93 24.52
N VAL A 58 6.94 18.22 24.34
CA VAL A 58 6.00 19.15 23.72
C VAL A 58 6.52 19.76 22.43
N GLY A 59 7.80 19.63 22.12
CA GLY A 59 8.38 20.35 20.99
C GLY A 59 8.73 21.79 21.30
N GLN A 60 8.60 22.19 22.56
CA GLN A 60 8.81 23.55 23.02
C GLN A 60 10.17 23.67 23.66
N GLU A 61 11.05 24.49 23.08
CA GLU A 61 12.24 24.96 23.75
C GLU A 61 11.96 26.36 24.28
N HIS A 62 12.97 27.04 24.82
CA HIS A 62 12.80 28.40 25.30
C HIS A 62 11.72 28.45 26.39
N ILE A 63 11.71 27.44 27.25
CA ILE A 63 10.67 27.35 28.26
C ILE A 63 10.80 28.50 29.26
N ALA A 64 12.01 29.02 29.45
CA ALA A 64 12.18 30.13 30.39
C ALA A 64 11.30 31.30 30.01
N SER A 65 11.37 31.73 28.76
CA SER A 65 10.53 32.83 28.29
C SER A 65 9.06 32.51 28.47
N LEU A 66 8.67 31.28 28.13
CA LEU A 66 7.29 30.86 28.31
C LEU A 66 6.85 30.97 29.76
N ILE A 67 7.67 30.48 30.69
CA ILE A 67 7.27 30.43 32.09
C ILE A 67 7.21 31.84 32.68
N ALA A 68 8.21 32.66 32.43
CA ALA A 68 8.18 34.03 32.91
C ALA A 68 7.01 34.79 32.31
N ASP A 69 6.78 34.60 31.01
CA ASP A 69 5.66 35.26 30.34
C ASP A 69 4.33 34.89 31.00
N HIS A 70 4.05 33.59 31.14
CA HIS A 70 2.74 33.17 31.62
C HIS A 70 2.60 33.26 33.13
N ALA A 71 3.70 33.31 33.86
CA ALA A 71 3.60 33.63 35.28
C ALA A 71 3.32 35.11 35.50
N GLY A 72 3.51 35.94 34.48
CA GLY A 72 3.27 37.37 34.61
C GLY A 72 4.40 38.18 35.20
N LEU A 73 5.61 37.64 35.26
CA LEU A 73 6.72 38.33 35.89
C LEU A 73 7.65 39.01 34.91
N ASN A 74 7.28 39.11 33.65
CA ASN A 74 8.11 39.86 32.72
C ASN A 74 8.26 41.27 33.28
N PRO A 75 9.49 41.83 33.23
CA PRO A 75 10.70 41.43 32.51
C PRO A 75 11.79 40.77 33.35
N VAL A 76 11.44 40.06 34.42
CA VAL A 76 12.50 39.47 35.24
C VAL A 76 13.24 38.43 34.42
N PRO A 77 14.56 38.31 34.56
CA PRO A 77 15.27 37.24 33.85
C PRO A 77 14.85 35.86 34.33
N CYS A 78 14.63 34.97 33.36
CA CYS A 78 14.35 33.56 33.63
C CYS A 78 15.33 32.72 32.82
N THR A 79 15.84 31.65 33.42
CA THR A 79 16.90 30.83 32.83
C THR A 79 16.57 29.36 33.01
N ARG A 80 16.72 28.57 31.95
CA ARG A 80 16.54 27.13 32.03
C ARG A 80 17.89 26.44 32.20
N VAL A 81 17.95 25.49 33.12
CA VAL A 81 19.14 24.71 33.42
C VAL A 81 18.77 23.25 33.26
N GLU A 82 19.65 22.49 32.58
CA GLU A 82 19.35 21.11 32.24
C GLU A 82 20.50 20.20 32.60
N ALA A 83 20.18 19.08 33.24
CA ALA A 83 21.12 18.00 33.43
C ALA A 83 20.34 16.70 33.59
N ALA A 84 19.40 16.47 32.68
CA ALA A 84 18.56 15.28 32.70
C ALA A 84 17.78 15.26 34.01
N CYS A 85 17.77 14.15 34.77
CA CYS A 85 16.98 14.06 35.98
C CYS A 85 17.49 14.98 37.08
N ALA A 86 18.66 15.58 36.90
CA ALA A 86 19.23 16.47 37.89
C ALA A 86 18.95 17.94 37.61
N SER A 87 18.11 18.23 36.62
CA SER A 87 17.83 19.62 36.26
C SER A 87 17.32 20.41 37.46
N GLY A 88 16.49 19.78 38.30
CA GLY A 88 15.97 20.49 39.45
C GLY A 88 17.05 21.02 40.37
N SER A 89 17.97 20.14 40.79
CA SER A 89 19.03 20.55 41.72
C SER A 89 19.96 21.57 41.08
N LEU A 90 20.20 21.44 39.78
CA LEU A 90 21.06 22.41 39.11
C LEU A 90 20.40 23.78 39.10
N ALA A 91 19.09 23.82 38.90
CA ALA A 91 18.37 25.08 38.94
C ALA A 91 18.52 25.74 40.29
N LEU A 92 18.45 24.96 41.37
CA LEU A 92 18.66 25.49 42.71
C LEU A 92 20.07 26.04 42.85
N ARG A 93 21.07 25.22 42.53
CA ARG A 93 22.46 25.64 42.68
C ARG A 93 22.72 26.91 41.88
N SER A 94 22.18 27.00 40.67
CA SER A 94 22.27 28.25 39.91
C SER A 94 21.64 29.40 40.69
N ALA A 95 20.48 29.15 41.29
CA ALA A 95 19.81 30.19 42.07
C ALA A 95 20.64 30.59 43.27
N VAL A 96 21.15 29.60 44.01
CA VAL A 96 22.01 29.89 45.16
C VAL A 96 23.20 30.73 44.74
N LEU A 97 23.93 30.31 43.71
CA LEU A 97 25.11 31.07 43.31
C LEU A 97 24.76 32.48 42.87
N SER A 98 23.56 32.69 42.35
CA SER A 98 23.18 34.04 41.94
C SER A 98 22.90 34.92 43.14
N VAL A 99 22.36 34.36 44.22
CA VAL A 99 22.18 35.12 45.45
C VAL A 99 23.53 35.40 46.09
N ALA A 100 24.36 34.38 46.21
CA ALA A 100 25.67 34.55 46.82
C ALA A 100 26.47 35.63 46.11
N SER A 101 26.25 35.81 44.82
CA SER A 101 27.02 36.79 44.05
C SER A 101 26.64 38.22 44.38
N GLY A 102 25.45 38.46 44.91
CA GLY A 102 25.02 39.82 45.17
C GLY A 102 24.21 40.44 44.06
N HIS A 103 24.06 39.73 42.93
CA HIS A 103 23.30 40.26 41.80
C HIS A 103 21.79 40.15 42.00
N HIS A 104 21.35 39.17 42.80
CA HIS A 104 19.95 38.98 43.13
C HIS A 104 19.82 38.67 44.61
N ASP A 105 18.76 39.18 45.23
CA ASP A 105 18.52 38.92 46.65
C ASP A 105 17.47 37.84 46.87
N VAL A 106 16.43 37.81 46.05
CA VAL A 106 15.36 36.82 46.14
C VAL A 106 15.22 36.17 44.76
N VAL A 107 15.31 34.84 44.73
CA VAL A 107 15.31 34.08 43.49
C VAL A 107 14.42 32.86 43.66
N LEU A 108 13.62 32.58 42.64
CA LEU A 108 12.83 31.35 42.60
C LEU A 108 13.60 30.28 41.85
N ALA A 109 13.74 29.11 42.47
CA ALA A 109 14.31 27.93 41.83
C ALA A 109 13.21 26.88 41.74
N GLY A 110 12.82 26.52 40.53
CA GLY A 110 11.73 25.59 40.33
C GLY A 110 12.01 24.62 39.22
N GLY A 111 11.20 23.57 39.18
CA GLY A 111 11.28 22.57 38.12
C GLY A 111 9.90 22.07 37.78
N VAL A 112 9.74 21.69 36.51
CA VAL A 112 8.44 21.23 36.01
C VAL A 112 8.69 20.19 34.93
N GLU A 113 7.76 19.23 34.83
CA GLU A 113 7.82 18.18 33.83
C GLU A 113 6.41 17.73 33.51
N LYS A 114 6.13 17.51 32.22
CA LYS A 114 4.84 17.04 31.71
C LYS A 114 5.08 15.84 30.80
N MET A 115 5.36 14.69 31.42
CA MET A 115 5.71 13.49 30.69
C MET A 115 4.52 12.74 30.12
N THR A 116 3.30 13.03 30.59
CA THR A 116 2.14 12.27 30.11
C THR A 116 1.75 12.62 28.68
N ASP A 117 2.16 13.78 28.17
CA ASP A 117 1.70 14.21 26.86
C ASP A 117 2.36 13.45 25.71
N VAL A 118 3.47 12.78 25.95
CA VAL A 118 4.15 12.00 24.92
C VAL A 118 3.56 10.59 24.89
N GLU A 119 3.51 9.99 23.69
CA GLU A 119 3.01 8.62 23.57
C GLU A 119 3.92 7.64 24.28
N ASP A 120 5.22 7.71 24.03
CA ASP A 120 6.20 6.82 24.64
C ASP A 120 7.25 7.66 25.33
N ALA A 121 7.30 7.57 26.65
CA ALA A 121 8.25 8.35 27.44
C ALA A 121 9.66 7.79 27.35
N THR A 122 9.82 6.53 26.96
CA THR A 122 11.13 5.89 26.99
C THR A 122 12.18 6.73 26.28
N ALA A 123 11.87 7.18 25.06
CA ALA A 123 12.85 7.90 24.25
C ALA A 123 13.38 9.15 24.97
N ALA A 124 12.53 9.83 25.74
CA ALA A 124 12.98 11.02 26.45
C ALA A 124 13.92 10.66 27.60
N ILE A 125 13.51 9.69 28.42
CA ILE A 125 14.34 9.28 29.56
C ILE A 125 15.66 8.71 29.07
N ALA A 126 15.67 8.10 27.89
CA ALA A 126 16.91 7.60 27.32
C ALA A 126 17.84 8.71 26.87
N SER A 127 17.34 9.94 26.76
CA SER A 127 18.20 11.06 26.38
C SER A 127 19.34 11.24 27.37
N ALA A 128 19.14 10.86 28.62
CA ALA A 128 20.18 11.02 29.64
C ALA A 128 21.34 10.06 29.42
N SER A 129 21.16 9.04 28.59
CA SER A 129 22.24 8.15 28.23
C SER A 129 22.90 8.62 26.94
N ASP A 130 24.04 8.03 26.62
CA ASP A 130 24.71 8.30 25.35
C ASP A 130 23.86 7.77 24.21
N GLN A 131 23.38 8.67 23.35
CA GLN A 131 22.51 8.24 22.25
C GLN A 131 23.25 7.34 21.27
N GLU A 132 24.50 7.68 20.95
CA GLU A 132 25.23 6.96 19.93
C GLU A 132 25.74 5.60 20.44
N TRP A 133 26.09 5.49 21.71
CA TRP A 133 26.80 4.32 22.19
C TRP A 133 26.09 3.55 23.29
N GLU A 134 24.91 4.00 23.71
CA GLU A 134 24.10 3.20 24.64
C GLU A 134 22.71 2.99 24.06
N ALA A 135 21.98 4.08 23.84
CA ALA A 135 20.61 3.99 23.32
C ALA A 135 20.58 3.32 21.96
N PHE A 136 21.46 3.75 21.05
CA PHE A 136 21.49 3.20 19.69
C PHE A 136 21.44 1.68 19.69
N PHE A 137 22.13 1.04 20.62
CA PHE A 137 22.22 -0.40 20.64
C PHE A 137 21.10 -1.07 21.41
N GLY A 138 20.14 -0.30 21.92
CA GLY A 138 18.98 -0.86 22.55
C GLY A 138 19.07 -0.97 24.05
N ALA A 139 19.94 -0.21 24.69
CA ALA A 139 20.04 -0.16 26.13
C ALA A 139 19.03 0.86 26.64
N THR A 140 17.90 0.36 27.14
CA THR A 140 16.89 1.23 27.71
C THR A 140 17.38 1.75 29.05
N PHE A 141 16.80 2.86 29.49
CA PHE A 141 17.24 3.44 30.75
C PHE A 141 17.09 2.50 31.92
N PRO A 142 15.98 1.76 32.06
CA PRO A 142 15.91 0.77 33.15
C PRO A 142 16.93 -0.32 33.01
N SER A 143 17.34 -0.65 31.78
CA SER A 143 18.30 -1.74 31.59
C SER A 143 19.70 -1.32 32.01
N LEU A 144 20.01 -0.03 31.94
CA LEU A 144 21.31 0.43 32.39
C LEU A 144 21.43 0.27 33.89
N TYR A 145 20.46 0.78 34.63
CA TYR A 145 20.49 0.64 36.08
C TYR A 145 20.36 -0.82 36.49
N ALA A 146 19.69 -1.64 35.68
CA ALA A 146 19.65 -3.07 35.98
C ALA A 146 21.03 -3.70 35.87
N MET A 147 21.82 -3.27 34.89
CA MET A 147 23.19 -3.76 34.77
C MET A 147 24.07 -3.28 35.93
N MET A 148 23.74 -2.13 36.51
CA MET A 148 24.40 -1.71 37.74
C MET A 148 24.04 -2.65 38.89
N ALA A 149 22.75 -2.95 39.04
CA ALA A 149 22.33 -3.87 40.09
C ALA A 149 23.00 -5.22 39.92
N ARG A 150 23.10 -5.70 38.69
CA ARG A 150 23.74 -6.98 38.44
C ARG A 150 25.19 -6.95 38.91
N ARG A 151 25.93 -5.92 38.52
CA ARG A 151 27.33 -5.87 38.93
C ARG A 151 27.44 -5.69 40.44
N TYR A 152 26.57 -4.86 41.02
CA TYR A 152 26.59 -4.69 42.47
C TYR A 152 26.28 -6.00 43.16
N MET A 153 25.30 -6.77 42.64
CA MET A 153 24.99 -8.07 43.20
C MET A 153 26.15 -9.04 43.04
N TYR A 154 26.86 -8.95 41.92
CA TYR A 154 27.99 -9.83 41.66
C TYR A 154 29.15 -9.59 42.64
N GLN A 155 29.44 -8.33 42.94
CA GLN A 155 30.61 -7.97 43.75
C GLN A 155 30.34 -8.09 45.25
N TYR A 156 29.15 -7.71 45.70
CA TYR A 156 28.85 -7.58 47.10
C TYR A 156 27.82 -8.58 47.61
N GLY A 157 27.21 -9.37 46.73
CA GLY A 157 26.28 -10.39 47.16
C GLY A 157 24.93 -9.88 47.60
N LEU A 158 24.51 -8.72 47.11
CA LEU A 158 23.16 -8.25 47.38
C LEU A 158 22.16 -9.25 46.81
N THR A 159 21.13 -9.58 47.59
CA THR A 159 20.08 -10.46 47.11
C THR A 159 18.85 -9.65 46.72
N ILE A 160 18.06 -10.22 45.81
CA ILE A 160 16.90 -9.52 45.28
C ILE A 160 15.95 -9.13 46.41
N GLU A 161 15.87 -9.95 47.46
CA GLU A 161 15.03 -9.60 48.60
C GLU A 161 15.50 -8.33 49.26
N GLU A 162 16.81 -8.19 49.47
CA GLU A 162 17.35 -6.99 50.09
C GLU A 162 17.06 -5.77 49.22
N LEU A 163 17.27 -5.88 47.92
CA LEU A 163 16.93 -4.79 47.02
C LEU A 163 15.44 -4.46 47.12
N SER A 164 14.59 -5.49 47.16
CA SER A 164 13.15 -5.26 47.16
C SER A 164 12.67 -4.59 48.43
N MET A 165 13.41 -4.70 49.53
CA MET A 165 12.98 -4.07 50.76
C MET A 165 13.01 -2.55 50.63
N TRP A 166 13.90 -2.02 49.79
CA TRP A 166 13.90 -0.58 49.54
C TRP A 166 12.55 -0.11 49.04
N SER A 167 11.92 -0.91 48.16
CA SER A 167 10.65 -0.53 47.57
C SER A 167 9.52 -0.63 48.59
N VAL A 168 9.60 -1.61 49.50
CA VAL A 168 8.57 -1.74 50.53
C VAL A 168 8.58 -0.50 51.43
N ILE A 169 9.75 -0.09 51.90
CA ILE A 169 9.86 1.08 52.77
C ILE A 169 9.34 2.32 52.04
N ALA A 170 9.81 2.53 50.81
CA ALA A 170 9.44 3.73 50.06
C ALA A 170 7.93 3.90 50.00
N HIS A 171 7.21 2.82 49.72
CA HIS A 171 5.76 2.93 49.57
C HIS A 171 5.08 3.17 50.91
N GLU A 172 5.57 2.54 51.98
CA GLU A 172 5.04 2.81 53.31
C GLU A 172 5.19 4.28 53.65
N ASN A 173 6.36 4.85 53.40
CA ASN A 173 6.57 6.27 53.65
C ASN A 173 5.66 7.12 52.79
N ALA A 174 5.35 6.67 51.56
CA ALA A 174 4.55 7.47 50.66
C ALA A 174 3.10 7.60 51.11
N THR A 175 2.60 6.67 51.92
CA THR A 175 1.24 6.79 52.41
C THR A 175 1.08 7.97 53.35
N LYS A 176 2.18 8.45 53.93
CA LYS A 176 2.17 9.61 54.80
C LYS A 176 2.35 10.91 54.04
N ASN A 177 2.42 10.86 52.71
CA ASN A 177 2.69 12.02 51.88
C ASN A 177 1.51 12.23 50.95
N LYS A 178 0.81 13.36 51.14
CA LYS A 178 -0.33 13.69 50.29
C LYS A 178 0.07 13.91 48.84
N TYR A 179 1.26 14.46 48.59
CA TYR A 179 1.66 14.78 47.23
C TYR A 179 2.26 13.58 46.50
N ALA A 180 2.30 12.41 47.13
CA ALA A 180 2.91 11.24 46.51
C ALA A 180 2.03 10.69 45.39
N GLN A 181 2.68 10.11 44.38
CA GLN A 181 1.97 9.50 43.27
C GLN A 181 1.32 8.17 43.68
N PHE A 182 2.01 7.38 44.50
CA PHE A 182 1.50 6.09 44.96
C PHE A 182 1.31 6.13 46.47
N GLY A 183 0.06 5.95 46.90
CA GLY A 183 -0.23 5.88 48.32
C GLY A 183 -0.79 4.55 48.74
N PHE A 184 -0.02 3.48 48.56
CA PHE A 184 -0.49 2.15 48.92
C PHE A 184 0.66 1.33 49.51
N LYS A 185 0.30 0.42 50.42
CA LYS A 185 1.26 -0.48 51.04
C LYS A 185 1.59 -1.62 50.08
N THR A 186 2.81 -2.14 50.17
CA THR A 186 3.22 -3.29 49.37
C THR A 186 3.95 -4.29 50.26
N THR A 187 4.35 -5.41 49.67
CA THR A 187 5.07 -6.45 50.38
C THR A 187 6.24 -6.93 49.53
N LEU A 188 7.16 -7.65 50.16
CA LEU A 188 8.32 -8.17 49.44
C LEU A 188 7.90 -9.00 48.24
N GLU A 189 6.94 -9.91 48.43
CA GLU A 189 6.52 -10.77 47.33
C GLU A 189 5.91 -9.97 46.20
N GLN A 190 5.07 -8.99 46.53
CA GLN A 190 4.46 -8.18 45.48
C GLN A 190 5.53 -7.44 44.69
N VAL A 191 6.57 -6.98 45.36
CA VAL A 191 7.65 -6.29 44.67
C VAL A 191 8.40 -7.26 43.76
N MET A 192 8.78 -8.40 44.31
CA MET A 192 9.57 -9.37 43.54
C MET A 192 8.77 -10.00 42.41
N ASN A 193 7.47 -10.24 42.63
CA ASN A 193 6.62 -10.88 41.63
C ASN A 193 5.98 -9.89 40.66
N ALA A 194 6.23 -8.61 40.82
CA ALA A 194 5.69 -7.66 39.86
C ALA A 194 6.30 -7.95 38.48
N SER A 195 5.66 -7.40 37.44
CA SER A 195 6.10 -7.66 36.09
C SER A 195 7.52 -7.17 35.92
N PRO A 196 8.39 -7.92 35.26
CA PRO A 196 9.77 -7.47 35.11
C PRO A 196 9.93 -6.47 33.97
N VAL A 197 10.74 -5.46 34.21
CA VAL A 197 11.11 -4.49 33.19
C VAL A 197 12.46 -4.83 32.59
N ALA A 198 13.46 -5.02 33.44
CA ALA A 198 14.82 -5.33 33.00
C ALA A 198 15.51 -6.11 34.11
N ASP A 199 15.83 -7.36 33.82
CA ASP A 199 16.41 -8.26 34.82
C ASP A 199 17.58 -7.57 35.52
N PRO A 200 17.55 -7.53 36.86
CA PRO A 200 16.67 -8.15 37.83
C PRO A 200 15.52 -7.26 38.30
N LEU A 201 15.36 -6.11 37.66
CA LEU A 201 14.38 -5.12 38.11
C LEU A 201 12.97 -5.49 37.66
N THR A 202 12.00 -5.12 38.49
CA THR A 202 10.59 -5.32 38.23
C THR A 202 9.90 -3.97 38.19
N LEU A 203 8.65 -3.96 37.73
CA LEU A 203 7.90 -2.71 37.70
C LEU A 203 7.83 -2.07 39.08
N MET A 204 7.87 -2.88 40.14
CA MET A 204 7.84 -2.35 41.50
C MET A 204 9.21 -1.91 42.00
N HIS A 205 10.26 -2.05 41.19
CA HIS A 205 11.54 -1.43 41.49
C HIS A 205 11.73 -0.09 40.79
N CYS A 206 11.01 0.15 39.69
CA CYS A 206 11.23 1.30 38.84
C CYS A 206 10.31 2.44 39.21
N SER A 207 10.85 3.66 39.16
CA SER A 207 10.01 4.82 39.36
C SER A 207 9.11 5.03 38.14
N PRO A 208 7.94 5.64 38.34
CA PRO A 208 7.01 5.83 37.22
C PRO A 208 7.26 7.15 36.49
N VAL A 209 6.61 7.29 35.34
CA VAL A 209 6.57 8.56 34.64
C VAL A 209 5.58 9.48 35.35
N SER A 210 5.99 10.73 35.61
CA SER A 210 5.21 11.64 36.44
C SER A 210 5.15 13.03 35.84
N ASP A 211 3.99 13.67 35.98
CA ASP A 211 3.86 15.12 35.84
C ASP A 211 3.96 15.76 37.20
N GLY A 212 4.53 16.96 37.23
CA GLY A 212 4.55 17.70 38.48
C GLY A 212 5.43 18.92 38.35
N ALA A 213 5.32 19.77 39.36
CA ALA A 213 6.15 20.96 39.47
C ALA A 213 6.41 21.23 40.95
N SER A 214 7.58 21.78 41.23
CA SER A 214 7.91 22.19 42.58
C SER A 214 8.80 23.42 42.49
N ALA A 215 8.75 24.26 43.53
CA ALA A 215 9.52 25.50 43.50
C ALA A 215 9.97 25.86 44.90
N LEU A 216 11.17 26.45 44.98
CA LEU A 216 11.74 26.98 46.21
C LEU A 216 11.97 28.48 46.02
N ILE A 217 11.88 29.23 47.11
CA ILE A 217 12.33 30.62 47.13
C ILE A 217 13.60 30.67 47.97
N VAL A 218 14.72 31.03 47.33
CA VAL A 218 15.98 31.17 48.03
C VAL A 218 16.27 32.65 48.18
N CYS A 219 17.00 32.99 49.25
CA CYS A 219 17.14 34.38 49.63
C CYS A 219 18.45 34.58 50.39
N ASP A 220 18.92 35.82 50.41
CA ASP A 220 20.08 36.16 51.22
C ASP A 220 19.78 35.93 52.70
N ALA A 221 20.72 35.28 53.39
CA ALA A 221 20.46 34.86 54.76
C ALA A 221 20.01 36.02 55.63
N ASP A 222 20.56 37.20 55.40
CA ASP A 222 20.20 38.36 56.21
C ASP A 222 18.84 38.90 55.79
N LYS A 223 18.61 39.05 54.49
CA LYS A 223 17.31 39.52 54.02
C LYS A 223 16.20 38.54 54.36
N ALA A 224 16.51 37.26 54.52
CA ALA A 224 15.49 36.29 54.85
C ALA A 224 14.66 36.73 56.04
N GLU A 225 15.28 37.46 56.96
CA GLU A 225 14.61 37.79 58.22
C GLU A 225 13.40 38.70 58.04
N GLU A 226 13.36 39.51 56.97
CA GLU A 226 12.22 40.40 56.78
C GLU A 226 10.98 39.69 56.27
N PHE A 227 11.12 38.59 55.56
CA PHE A 227 9.96 37.89 55.04
C PHE A 227 9.52 36.74 55.95
N ALA A 228 10.46 36.14 56.68
CA ALA A 228 10.18 34.99 57.50
C ALA A 228 10.66 35.22 58.92
N PRO A 229 10.03 34.58 59.90
CA PRO A 229 10.58 34.55 61.25
C PRO A 229 11.85 33.71 61.31
N LYS A 230 12.72 34.03 62.27
CA LYS A 230 14.00 33.35 62.37
C LYS A 230 13.82 31.84 62.50
N ASP A 231 12.77 31.41 63.21
CA ASP A 231 12.32 30.03 63.08
C ASP A 231 11.80 29.83 61.67
N GLU A 232 11.83 28.59 61.20
CA GLU A 232 11.32 28.27 59.86
C GLU A 232 12.18 28.83 58.72
N ILE A 233 13.37 29.36 59.00
CA ILE A 233 14.36 29.68 57.98
C ILE A 233 15.35 28.53 57.99
N ILE A 234 15.68 28.03 56.81
CA ILE A 234 16.68 26.96 56.67
C ILE A 234 17.81 27.47 55.80
N TYR A 235 19.03 27.18 56.23
CA TYR A 235 20.23 27.74 55.61
C TYR A 235 20.88 26.70 54.72
N ILE A 236 21.38 27.15 53.57
CA ILE A 236 22.06 26.27 52.62
C ILE A 236 23.54 26.36 52.96
N LYS A 237 24.05 25.34 53.63
CA LYS A 237 25.45 25.32 54.02
C LYS A 237 26.36 25.02 52.84
N ALA A 238 25.88 24.27 51.86
CA ALA A 238 26.70 23.84 50.74
C ALA A 238 25.81 23.48 49.56
N SER A 239 26.26 23.84 48.36
CA SER A 239 25.62 23.49 47.08
C SER A 239 26.71 23.05 46.09
N THR A 240 26.96 21.76 46.02
CA THR A 240 28.10 21.24 45.26
C THR A 240 27.66 20.39 44.08
N GLN A 241 28.55 20.24 43.12
CA GLN A 241 28.25 19.52 41.89
C GLN A 241 29.50 18.83 41.36
N ALA A 242 29.30 17.69 40.69
CA ALA A 242 30.41 16.93 40.12
C ALA A 242 29.93 16.25 38.84
N SER A 243 30.86 15.65 38.12
CA SER A 243 30.57 15.00 36.85
C SER A 243 31.25 13.63 36.80
N ASP A 244 30.67 12.75 36.00
CA ASP A 244 31.24 11.42 35.75
C ASP A 244 31.00 11.11 34.28
N THR A 245 31.57 10.01 33.81
CA THR A 245 31.35 9.63 32.43
C THR A 245 29.86 9.46 32.17
N ILE A 246 29.41 9.92 31.00
CA ILE A 246 28.00 9.82 30.67
C ILE A 246 27.60 8.36 30.47
N ALA A 247 28.45 7.56 29.85
CA ALA A 247 28.15 6.16 29.58
C ALA A 247 28.58 5.26 30.75
N LEU A 248 27.69 4.35 31.12
CA LEU A 248 27.99 3.41 32.20
C LEU A 248 29.20 2.56 31.87
N HIS A 249 29.39 2.22 30.59
CA HIS A 249 30.52 1.37 30.25
C HIS A 249 31.85 2.07 30.40
N ASP A 250 31.87 3.40 30.43
CA ASP A 250 33.09 4.17 30.65
C ASP A 250 33.42 4.40 32.12
N ARG A 251 32.60 3.91 33.04
CA ARG A 251 32.86 4.12 34.46
C ARG A 251 34.00 3.22 34.92
N GLU A 252 34.85 3.76 35.79
CA GLU A 252 35.92 2.94 36.35
C GLU A 252 35.36 1.84 37.24
N ASP A 253 34.37 2.18 38.07
CA ASP A 253 33.63 1.21 38.85
C ASP A 253 32.17 1.60 38.75
N MET A 254 31.35 0.70 38.23
CA MET A 254 29.92 1.00 38.06
C MET A 254 29.12 0.80 39.33
N THR A 255 29.70 0.22 40.38
CA THR A 255 28.98 0.04 41.64
C THR A 255 28.96 1.30 42.49
N THR A 256 29.58 2.39 42.04
CA THR A 256 29.57 3.63 42.78
C THR A 256 29.45 4.81 41.82
N LEU A 257 28.95 5.92 42.35
CA LEU A 257 28.81 7.18 41.61
C LEU A 257 29.89 8.14 42.12
N ASN A 258 31.00 8.21 41.40
CA ASN A 258 32.10 9.05 41.83
C ASN A 258 31.65 10.49 42.01
N ALA A 259 30.82 11.00 41.10
CA ALA A 259 30.40 12.38 41.22
C ALA A 259 29.64 12.63 42.52
N ALA A 260 28.96 11.62 43.05
CA ALA A 260 28.32 11.77 44.34
C ALA A 260 29.34 11.80 45.47
N LYS A 261 30.31 10.89 45.45
CA LYS A 261 31.39 10.92 46.43
C LYS A 261 32.10 12.26 46.40
N VAL A 262 32.45 12.73 45.21
CA VAL A 262 33.15 14.02 45.09
C VAL A 262 32.28 15.15 45.63
N ALA A 263 31.03 15.22 45.19
CA ALA A 263 30.15 16.29 45.60
C ALA A 263 29.83 16.21 47.09
N SER A 264 29.48 15.02 47.59
CA SER A 264 29.12 14.91 48.99
C SER A 264 30.29 15.25 49.90
N GLU A 265 31.47 14.71 49.58
CA GLU A 265 32.66 15.02 50.37
C GLU A 265 32.90 16.52 50.42
N LYS A 266 32.81 17.19 49.27
CA LYS A 266 33.01 18.63 49.25
C LYS A 266 31.97 19.33 50.13
N ALA A 267 30.72 18.87 50.09
CA ALA A 267 29.68 19.50 50.91
C ALA A 267 29.97 19.29 52.39
N TYR A 268 30.28 18.06 52.79
CA TYR A 268 30.63 17.81 54.19
C TYR A 268 31.78 18.71 54.63
N LYS A 269 32.78 18.88 53.77
CA LYS A 269 33.92 19.72 54.12
C LYS A 269 33.50 21.16 54.35
N LEU A 270 32.72 21.72 53.43
CA LEU A 270 32.30 23.12 53.57
C LEU A 270 31.40 23.32 54.78
N ALA A 271 30.49 22.39 55.03
CA ALA A 271 29.60 22.50 56.18
C ALA A 271 30.30 22.15 57.50
N LYS A 272 31.51 21.61 57.45
CA LYS A 272 32.26 21.26 58.65
C LYS A 272 31.48 20.25 59.49
N ILE A 273 30.96 19.22 58.83
CA ILE A 273 30.29 18.12 59.50
C ILE A 273 30.67 16.81 58.84
N ALA A 274 30.34 15.72 59.51
CA ALA A 274 30.58 14.38 59.01
C ALA A 274 29.25 13.72 58.66
N PRO A 275 29.29 12.64 57.88
CA PRO A 275 28.03 11.95 57.53
C PRO A 275 27.23 11.54 58.74
N GLU A 276 27.89 11.33 59.89
CA GLU A 276 27.21 10.87 61.09
C GLU A 276 26.24 11.90 61.65
N LYS A 277 26.36 13.16 61.24
CA LYS A 277 25.52 14.24 61.74
C LYS A 277 24.28 14.48 60.90
N ILE A 278 24.11 13.77 59.79
CA ILE A 278 22.93 13.95 58.96
C ILE A 278 21.75 13.26 59.61
N ASP A 279 20.66 14.00 59.81
CA ASP A 279 19.45 13.44 60.39
C ASP A 279 18.53 12.85 59.35
N VAL A 280 18.36 13.53 58.21
CA VAL A 280 17.50 13.07 57.13
C VAL A 280 18.22 13.28 55.80
N ALA A 281 18.07 12.32 54.89
CA ALA A 281 18.68 12.38 53.56
C ALA A 281 17.66 12.08 52.49
N GLU A 282 17.75 12.80 51.37
CA GLU A 282 16.93 12.54 50.19
C GLU A 282 17.85 12.12 49.06
N VAL A 283 17.70 10.87 48.61
CA VAL A 283 18.55 10.32 47.56
C VAL A 283 17.70 10.02 46.32
N HIS A 284 18.39 9.93 45.20
CA HIS A 284 17.81 9.67 43.87
C HIS A 284 17.64 8.16 43.72
N ASP A 285 16.44 7.65 43.98
CA ASP A 285 16.23 6.20 43.93
C ASP A 285 15.28 5.81 42.81
N CYS A 286 15.53 6.31 41.61
CA CYS A 286 14.69 5.99 40.47
C CYS A 286 14.62 4.50 40.17
N PHE A 287 15.59 3.70 40.63
CA PHE A 287 15.51 2.27 40.39
C PHE A 287 15.99 1.47 41.60
N ALA A 288 15.81 2.02 42.80
CA ALA A 288 16.13 1.32 44.04
C ALA A 288 17.63 1.09 44.22
N ILE A 289 18.26 0.30 43.35
CA ILE A 289 19.69 0.11 43.45
C ILE A 289 20.38 1.44 43.62
N ASN A 290 19.89 2.46 42.91
CA ASN A 290 20.50 3.78 43.01
C ASN A 290 20.35 4.33 44.42
N GLY A 291 19.28 3.95 45.13
CA GLY A 291 19.16 4.35 46.52
C GLY A 291 20.21 3.73 47.40
N LEU A 292 20.47 2.44 47.23
CA LEU A 292 21.49 1.77 48.02
C LEU A 292 22.87 2.35 47.74
N ILE A 293 23.20 2.54 46.47
CA ILE A 293 24.53 3.02 46.13
C ILE A 293 24.78 4.40 46.73
N LEU A 294 23.79 5.29 46.67
CA LEU A 294 24.01 6.63 47.19
C LEU A 294 24.11 6.63 48.71
N VAL A 295 23.37 5.76 49.38
CA VAL A 295 23.52 5.65 50.82
C VAL A 295 24.96 5.33 51.17
N GLU A 296 25.63 4.55 50.34
CA GLU A 296 27.04 4.25 50.57
C GLU A 296 27.94 5.41 50.18
N ASP A 297 27.68 6.00 49.01
CA ASP A 297 28.56 7.05 48.51
C ASP A 297 28.50 8.29 49.37
N LEU A 298 27.38 8.56 50.02
CA LEU A 298 27.30 9.69 50.95
C LEU A 298 27.96 9.41 52.29
N GLY A 299 28.36 8.17 52.55
CA GLY A 299 29.16 7.85 53.71
C GLY A 299 28.38 7.34 54.89
N PHE A 300 27.14 6.89 54.69
CA PHE A 300 26.35 6.39 55.81
C PHE A 300 26.64 4.93 56.13
N CYS A 301 27.31 4.21 55.23
CA CYS A 301 27.71 2.84 55.50
C CYS A 301 28.78 2.44 54.50
N LYS A 302 29.42 1.32 54.80
CA LYS A 302 30.53 0.85 53.99
C LYS A 302 30.03 0.25 52.68
N LYS A 303 30.87 0.34 51.65
CA LYS A 303 30.50 -0.18 50.34
C LYS A 303 30.15 -1.65 50.44
N GLY A 304 28.99 -2.01 49.88
CA GLY A 304 28.54 -3.38 49.86
C GLY A 304 27.62 -3.76 50.99
N ASP A 305 27.48 -2.88 51.99
CA ASP A 305 26.69 -3.15 53.17
C ASP A 305 25.31 -2.51 53.12
N ALA A 306 25.02 -1.72 52.08
CA ALA A 306 23.72 -1.06 52.01
C ALA A 306 22.59 -2.05 52.16
N GLY A 307 22.71 -3.22 51.55
CA GLY A 307 21.64 -4.20 51.65
C GLY A 307 21.35 -4.60 53.08
N LYS A 308 22.41 -4.79 53.88
CA LYS A 308 22.24 -5.17 55.27
C LYS A 308 21.53 -4.08 56.05
N VAL A 309 21.84 -2.83 55.73
CA VAL A 309 21.21 -1.70 56.40
C VAL A 309 19.72 -1.65 56.07
N ILE A 310 19.36 -1.88 54.81
CA ILE A 310 17.97 -1.76 54.41
C ILE A 310 17.13 -2.88 55.03
N ASP A 311 17.69 -4.07 55.12
CA ASP A 311 16.91 -5.20 55.61
C ASP A 311 16.49 -4.97 57.06
N GLU A 312 17.39 -4.43 57.87
CA GLU A 312 17.09 -4.08 59.26
C GLU A 312 16.27 -2.81 59.39
N GLY A 313 16.10 -2.05 58.30
CA GLY A 313 15.25 -0.87 58.34
C GLY A 313 15.85 0.35 58.99
N LYS A 314 17.19 0.45 59.06
CA LYS A 314 17.80 1.58 59.73
C LYS A 314 17.42 2.89 59.06
N ILE A 315 17.11 2.87 57.77
CA ILE A 315 16.73 4.08 57.06
C ILE A 315 15.31 4.52 57.39
N ARG A 316 14.53 3.67 58.07
CA ARG A 316 13.16 4.00 58.36
C ARG A 316 13.07 5.18 59.34
N ILE A 317 11.99 5.94 59.22
CA ILE A 317 11.73 7.03 60.15
C ILE A 317 11.72 6.51 61.58
N ASP A 318 10.93 5.47 61.83
CA ASP A 318 10.81 4.89 63.17
C ASP A 318 12.15 4.52 63.77
N TYR A 319 13.11 4.12 62.94
CA TYR A 319 14.44 3.75 63.45
C TYR A 319 15.19 5.00 63.90
N ASP A 320 15.59 5.03 65.17
CA ASP A 320 16.14 6.24 65.76
C ASP A 320 17.66 6.37 65.63
N ASP A 321 18.41 5.28 65.65
CA ASP A 321 19.87 5.36 65.65
C ASP A 321 20.50 5.60 64.29
N PHE A 322 19.75 5.85 63.23
CA PHE A 322 20.38 5.99 61.93
C PHE A 322 19.68 7.10 61.14
N VAL A 323 20.40 7.61 60.13
CA VAL A 323 19.83 8.63 59.26
C VAL A 323 18.54 8.11 58.64
N THR A 324 17.59 9.02 58.40
CA THR A 324 16.30 8.71 57.79
C THR A 324 16.32 9.10 56.31
N VAL A 325 16.07 8.12 55.44
CA VAL A 325 16.24 8.27 53.99
C VAL A 325 14.87 8.32 53.33
N ASN A 326 14.68 9.27 52.42
CA ASN A 326 13.46 9.43 51.64
C ASN A 326 12.22 9.29 52.51
N PRO A 327 12.02 10.19 53.48
CA PRO A 327 10.80 10.12 54.29
C PRO A 327 9.54 10.28 53.49
N SER A 328 9.60 10.93 52.32
CA SER A 328 8.43 11.21 51.51
C SER A 328 8.01 10.01 50.68
N GLY A 329 8.86 8.99 50.56
CA GLY A 329 8.64 7.86 49.68
C GLY A 329 9.61 7.78 48.53
N GLY A 330 10.46 8.77 48.35
CA GLY A 330 11.47 8.74 47.32
C GLY A 330 10.87 8.89 45.93
N LEU A 331 11.71 8.62 44.94
CA LEU A 331 11.26 8.76 43.55
C LEU A 331 10.31 7.64 43.18
N LYS A 332 10.55 6.45 43.71
CA LYS A 332 9.74 5.29 43.35
C LYS A 332 8.30 5.48 43.80
N ALA A 333 8.09 5.85 45.06
CA ALA A 333 6.73 5.92 45.58
C ALA A 333 6.14 7.31 45.48
N ALA A 334 6.90 8.36 45.82
CA ALA A 334 6.35 9.71 45.75
C ALA A 334 6.23 10.21 44.32
N GLY A 335 7.01 9.69 43.38
CA GLY A 335 6.94 10.11 42.00
C GLY A 335 8.21 10.78 41.53
N HIS A 336 8.49 10.74 40.21
CA HIS A 336 9.74 11.25 39.64
C HIS A 336 9.42 12.11 38.41
N ALA A 337 8.98 13.34 38.64
CA ALA A 337 8.89 14.31 37.55
C ALA A 337 10.29 14.87 37.33
N LEU A 338 10.94 14.40 36.26
CA LEU A 338 12.38 14.56 36.11
C LEU A 338 12.87 15.94 36.52
N GLY A 339 12.30 16.99 35.93
CA GLY A 339 12.80 18.34 36.17
C GLY A 339 12.55 18.86 37.57
N ALA A 340 11.51 18.38 38.23
CA ALA A 340 11.14 18.91 39.53
C ALA A 340 11.72 18.12 40.69
N THR A 341 12.22 16.91 40.44
CA THR A 341 12.66 16.06 41.52
C THR A 341 13.74 16.72 42.37
N GLY A 342 14.75 17.30 41.73
CA GLY A 342 15.83 17.91 42.48
C GLY A 342 15.34 19.03 43.39
N ILE A 343 14.34 19.77 42.94
CA ILE A 343 13.70 20.77 43.78
C ILE A 343 12.93 20.11 44.91
N ARG A 344 12.10 19.11 44.57
CA ARG A 344 11.31 18.43 45.58
C ARG A 344 12.19 17.84 46.68
N GLN A 345 13.26 17.15 46.28
CA GLN A 345 14.17 16.57 47.27
C GLN A 345 14.49 17.59 48.34
N VAL A 346 14.82 18.81 47.93
CA VAL A 346 15.24 19.85 48.87
C VAL A 346 14.05 20.37 49.66
N GLY A 347 12.90 20.56 48.99
CA GLY A 347 11.70 20.93 49.69
C GLY A 347 11.33 20.01 50.84
N GLU A 348 11.61 18.71 50.71
CA GLU A 348 11.34 17.81 51.82
C GLU A 348 12.29 18.05 52.97
N LEU A 349 13.59 18.22 52.69
CA LEU A 349 14.54 18.56 53.76
C LEU A 349 14.14 19.84 54.45
N TYR A 350 13.69 20.83 53.69
CA TYR A 350 13.21 22.08 54.27
C TYR A 350 12.06 21.83 55.26
N TRP A 351 11.03 21.11 54.84
CA TRP A 351 9.95 20.75 55.76
C TRP A 351 10.46 19.94 56.95
N GLN A 352 11.27 18.92 56.68
CA GLN A 352 11.73 18.05 57.76
C GLN A 352 12.53 18.82 58.80
N LEU A 353 13.43 19.70 58.37
CA LEU A 353 14.28 20.41 59.33
C LEU A 353 13.51 21.53 60.03
N LYS A 354 12.51 22.11 59.38
CA LYS A 354 11.71 23.17 59.96
C LYS A 354 10.48 22.63 60.70
N GLN A 355 10.36 21.30 60.79
CA GLN A 355 9.22 20.64 61.42
C GLN A 355 7.90 21.25 60.94
N ASP A 356 7.74 21.32 59.63
CA ASP A 356 6.53 21.86 59.03
C ASP A 356 5.40 20.86 59.18
N LYS A 357 4.17 21.36 59.16
CA LYS A 357 3.03 20.46 59.25
C LYS A 357 2.84 19.64 57.99
N GLU A 358 3.49 20.02 56.90
CA GLU A 358 3.35 19.28 55.65
C GLU A 358 3.88 17.86 55.79
N CYS A 359 4.97 17.68 56.55
CA CYS A 359 5.57 16.37 56.77
C CYS A 359 5.31 15.86 58.18
N LYS A 360 4.25 16.36 58.82
CA LYS A 360 4.00 16.03 60.22
C LYS A 360 3.88 14.53 60.43
N ASP A 361 3.21 13.82 59.51
CA ASP A 361 2.97 12.39 59.67
C ASP A 361 4.18 11.55 59.28
N ARG A 362 5.23 12.16 58.76
CA ARG A 362 6.45 11.49 58.35
C ARG A 362 7.67 12.20 58.93
N GLN A 363 7.50 12.81 60.10
CA GLN A 363 8.54 13.64 60.66
C GLN A 363 9.68 12.79 61.19
N ALA A 364 10.88 13.02 60.67
CA ALA A 364 12.06 12.31 61.12
C ALA A 364 12.65 12.98 62.36
N THR A 365 13.37 12.20 63.15
CA THR A 365 14.05 12.71 64.33
C THR A 365 15.24 13.57 63.91
N ILE A 366 15.43 14.68 64.61
CA ILE A 366 16.46 15.65 64.28
C ILE A 366 17.33 15.83 65.52
N LYS A 367 18.35 14.98 65.65
CA LYS A 367 19.30 15.14 66.74
C LYS A 367 20.20 16.34 66.50
N ASN A 368 20.72 16.49 65.28
CA ASN A 368 21.73 17.50 64.99
C ASN A 368 21.22 18.68 64.20
N GLY A 369 20.20 18.52 63.37
CA GLY A 369 19.68 19.62 62.56
C GLY A 369 20.33 19.76 61.19
N TYR A 370 20.64 18.65 60.53
CA TYR A 370 21.25 18.67 59.21
C TYR A 370 20.52 17.72 58.26
N GLY A 371 20.42 18.13 57.01
CA GLY A 371 19.90 17.27 55.96
C GLY A 371 20.68 17.46 54.67
N ILE A 372 20.77 16.38 53.88
CA ILE A 372 21.50 16.38 52.63
C ILE A 372 20.64 15.75 51.55
N ALA A 373 20.82 16.23 50.32
CA ALA A 373 20.12 15.72 49.15
C ALA A 373 21.10 15.38 48.04
N ALA A 374 20.88 14.24 47.38
CA ALA A 374 21.70 13.82 46.24
C ALA A 374 20.81 13.60 45.02
N ASN A 375 21.00 14.42 44.00
CA ASN A 375 20.22 14.37 42.78
C ASN A 375 21.15 13.91 41.67
N VAL A 376 20.74 12.91 40.90
CA VAL A 376 21.58 12.27 39.90
C VAL A 376 20.96 12.46 38.53
N GLY A 377 21.80 12.82 37.55
CA GLY A 377 21.38 12.88 36.17
C GLY A 377 21.75 11.61 35.43
N GLY A 378 20.75 10.97 34.82
CA GLY A 378 21.04 9.75 34.10
C GLY A 378 21.58 8.68 35.03
N THR A 379 22.60 7.97 34.56
CA THR A 379 23.20 6.88 35.30
C THR A 379 24.29 7.33 36.26
N GLY A 380 24.57 8.63 36.32
CA GLY A 380 25.56 9.14 37.24
C GLY A 380 26.47 10.20 36.66
N GLY A 381 26.23 10.56 35.40
CA GLY A 381 27.08 11.52 34.72
C GLY A 381 27.13 12.87 35.40
N THR A 382 26.08 13.22 36.14
CA THR A 382 25.99 14.48 36.84
C THR A 382 25.35 14.23 38.20
N VAL A 383 25.98 14.74 39.25
CA VAL A 383 25.43 14.66 40.61
C VAL A 383 25.52 16.03 41.26
N CYS A 384 24.44 16.45 41.91
CA CYS A 384 24.37 17.71 42.63
C CYS A 384 23.91 17.45 44.06
N VAL A 385 24.66 17.95 45.03
CA VAL A 385 24.37 17.75 46.45
C VAL A 385 24.10 19.09 47.10
N HIS A 386 23.09 19.13 47.96
CA HIS A 386 22.74 20.31 48.73
C HIS A 386 22.65 19.93 50.20
N LEU A 387 23.37 20.66 51.03
CA LEU A 387 23.44 20.40 52.47
C LEU A 387 22.76 21.55 53.20
N LEU A 388 21.72 21.21 53.96
CA LEU A 388 20.91 22.18 54.67
C LEU A 388 21.11 22.04 56.18
N SER A 389 20.83 23.13 56.90
CA SER A 389 20.89 23.08 58.35
C SER A 389 19.88 24.07 58.91
N ASP A 390 19.41 23.78 60.14
CA ASP A 390 18.60 24.77 60.84
C ASP A 390 19.44 25.90 61.39
N LYS A 391 20.76 25.72 61.47
CA LYS A 391 21.68 26.73 61.97
C LYS A 391 22.48 27.34 60.81
N ARG A 392 22.69 28.65 60.87
CA ARG A 392 23.46 29.35 59.83
C ARG A 392 24.96 29.03 59.89
N MET B 1 -30.99 -36.20 -48.36
CA MET B 1 -31.01 -34.71 -48.47
C MET B 1 -32.44 -34.17 -48.60
N ARG B 2 -33.10 -33.99 -47.46
CA ARG B 2 -34.48 -33.51 -47.43
C ARG B 2 -34.52 -31.99 -47.41
N ASP B 3 -35.53 -31.44 -48.07
CA ASP B 3 -35.75 -30.00 -48.01
C ASP B 3 -36.17 -29.60 -46.60
N VAL B 4 -35.71 -28.45 -46.16
CA VAL B 4 -35.98 -27.96 -44.80
C VAL B 4 -36.77 -26.68 -44.88
N ALA B 5 -37.59 -26.44 -43.86
CA ALA B 5 -38.46 -25.26 -43.84
C ALA B 5 -38.59 -24.71 -42.43
N ILE B 6 -39.15 -23.51 -42.36
CA ILE B 6 -39.32 -22.79 -41.12
C ILE B 6 -40.81 -22.79 -40.79
N ILE B 7 -41.16 -23.28 -39.60
CA ILE B 7 -42.56 -23.28 -39.17
C ILE B 7 -42.84 -22.35 -38.00
N GLY B 8 -41.84 -21.77 -37.38
CA GLY B 8 -42.10 -20.79 -36.34
C GLY B 8 -40.88 -19.99 -35.95
N TYR B 9 -41.14 -18.81 -35.39
CA TYR B 9 -40.10 -17.89 -34.97
C TYR B 9 -40.53 -17.14 -33.72
N GLY B 10 -39.60 -17.00 -32.78
CA GLY B 10 -39.84 -16.25 -31.58
C GLY B 10 -38.66 -15.38 -31.23
N GLN B 11 -38.91 -14.34 -30.45
CA GLN B 11 -37.88 -13.36 -30.17
C GLN B 11 -38.24 -12.59 -28.93
N THR B 12 -37.22 -12.27 -28.13
CA THR B 12 -37.35 -11.28 -27.06
C THR B 12 -36.97 -9.91 -27.59
N LYS B 13 -37.39 -8.88 -26.88
CA LYS B 13 -36.85 -7.55 -27.20
C LYS B 13 -35.34 -7.56 -27.03
N PHE B 14 -34.67 -6.74 -27.81
CA PHE B 14 -33.22 -6.58 -27.74
C PHE B 14 -32.88 -5.27 -27.03
N GLY B 15 -32.03 -5.34 -26.01
CA GLY B 15 -31.62 -4.12 -25.36
C GLY B 15 -31.04 -4.40 -23.99
N GLU B 16 -31.19 -3.41 -23.11
CA GLU B 16 -30.71 -3.53 -21.74
C GLU B 16 -31.86 -4.07 -20.91
N LEU B 17 -31.86 -5.39 -20.72
CA LEU B 17 -32.95 -6.08 -20.03
C LEU B 17 -32.45 -6.42 -18.64
N TRP B 18 -32.68 -5.52 -17.70
CA TRP B 18 -32.19 -5.74 -16.34
C TRP B 18 -33.04 -6.76 -15.61
N GLU B 19 -34.36 -6.61 -15.72
CA GLU B 19 -35.27 -7.57 -15.08
C GLU B 19 -34.97 -8.99 -15.54
N ASP B 20 -34.96 -9.21 -16.85
CA ASP B 20 -34.90 -10.56 -17.40
C ASP B 20 -33.51 -11.17 -17.19
N SER B 21 -33.48 -12.36 -16.62
CA SER B 21 -32.24 -13.09 -16.45
C SER B 21 -31.86 -13.81 -17.74
N PHE B 22 -30.78 -14.58 -17.68
CA PHE B 22 -30.43 -15.46 -18.78
C PHE B 22 -31.47 -16.57 -18.94
N ARG B 23 -31.95 -17.12 -17.82
CA ARG B 23 -33.05 -18.09 -17.91
C ARG B 23 -34.27 -17.45 -18.52
N ASP B 24 -34.68 -16.29 -18.00
CA ASP B 24 -35.90 -15.65 -18.48
C ASP B 24 -35.86 -15.43 -19.98
N LEU B 25 -34.68 -15.22 -20.56
CA LEU B 25 -34.59 -14.87 -21.97
C LEU B 25 -34.76 -16.08 -22.87
N ILE B 26 -33.95 -17.12 -22.67
CA ILE B 26 -34.07 -18.30 -23.53
C ILE B 26 -35.49 -18.86 -23.47
N VAL B 27 -36.02 -19.01 -22.25
CA VAL B 27 -37.40 -19.48 -22.13
C VAL B 27 -38.31 -18.64 -23.00
N GLU B 28 -38.33 -17.32 -22.76
CA GLU B 28 -39.24 -16.45 -23.48
C GLU B 28 -39.13 -16.66 -24.99
N ALA B 29 -37.91 -16.75 -25.52
CA ALA B 29 -37.77 -16.88 -26.96
C ALA B 29 -38.09 -18.29 -27.43
N GLY B 30 -37.84 -19.29 -26.61
CA GLY B 30 -38.14 -20.66 -27.01
C GLY B 30 -39.63 -20.96 -26.97
N VAL B 31 -40.33 -20.41 -25.96
CA VAL B 31 -41.77 -20.59 -25.88
C VAL B 31 -42.47 -19.86 -27.02
N LYS B 32 -42.03 -18.64 -27.33
CA LYS B 32 -42.66 -17.91 -28.42
C LYS B 32 -42.51 -18.64 -29.75
N ALA B 33 -41.35 -19.24 -29.99
CA ALA B 33 -41.15 -20.00 -31.22
C ALA B 33 -41.95 -21.29 -31.18
N ILE B 34 -41.94 -21.97 -30.04
CA ILE B 34 -42.76 -23.15 -29.86
C ILE B 34 -44.23 -22.82 -30.07
N LYS B 35 -44.67 -21.65 -29.65
CA LYS B 35 -46.08 -21.32 -29.81
C LYS B 35 -46.40 -20.99 -31.26
N ASP B 36 -45.51 -20.23 -31.91
CA ASP B 36 -45.77 -19.81 -33.28
C ASP B 36 -45.79 -20.99 -34.24
N ALA B 37 -44.87 -21.94 -34.06
CA ALA B 37 -44.94 -23.24 -34.71
C ALA B 37 -45.76 -24.16 -33.82
N ASN B 38 -46.91 -24.62 -34.31
CA ASN B 38 -47.88 -25.21 -33.40
C ASN B 38 -47.42 -26.60 -32.95
N VAL B 39 -46.34 -26.59 -32.15
CA VAL B 39 -45.69 -27.82 -31.70
C VAL B 39 -45.68 -27.87 -30.18
N ASP B 40 -45.52 -29.08 -29.66
CA ASP B 40 -45.33 -29.32 -28.23
C ASP B 40 -43.85 -29.34 -27.90
N GLY B 41 -43.54 -29.19 -26.61
CA GLY B 41 -42.16 -29.28 -26.19
C GLY B 41 -41.54 -30.63 -26.53
N GLY B 42 -42.31 -31.70 -26.39
CA GLY B 42 -41.81 -33.02 -26.73
C GLY B 42 -41.53 -33.21 -28.20
N ASP B 43 -42.15 -32.40 -29.06
CA ASP B 43 -41.96 -32.56 -30.50
C ASP B 43 -40.58 -32.11 -30.97
N ILE B 44 -39.81 -31.45 -30.11
CA ILE B 44 -38.45 -31.02 -30.44
C ILE B 44 -37.53 -32.23 -30.32
N ASP B 45 -36.85 -32.56 -31.41
CA ASP B 45 -35.93 -33.68 -31.45
C ASP B 45 -34.52 -33.27 -31.04
N ALA B 46 -34.16 -32.00 -31.24
CA ALA B 46 -32.84 -31.52 -30.88
C ALA B 46 -32.85 -30.01 -30.86
N MET B 47 -31.81 -29.42 -30.30
CA MET B 47 -31.63 -27.98 -30.25
C MET B 47 -30.20 -27.63 -30.63
N TYR B 48 -30.03 -26.47 -31.26
CA TYR B 48 -28.72 -25.91 -31.55
C TYR B 48 -28.71 -24.48 -31.05
N ILE B 49 -27.64 -24.11 -30.35
CA ILE B 49 -27.57 -22.85 -29.62
C ILE B 49 -26.30 -22.10 -29.99
N GLY B 50 -26.43 -20.78 -30.13
CA GLY B 50 -25.28 -19.90 -30.17
C GLY B 50 -25.26 -18.94 -28.99
N ASN B 51 -24.14 -18.81 -28.30
CA ASN B 51 -24.11 -17.93 -27.13
C ASN B 51 -22.69 -17.63 -26.68
N MET B 52 -22.40 -16.35 -26.44
CA MET B 52 -21.07 -15.88 -26.06
C MET B 52 -20.96 -15.47 -24.60
N SER B 53 -22.00 -14.82 -24.06
CA SER B 53 -21.89 -14.12 -22.78
C SER B 53 -21.49 -15.05 -21.64
N GLY B 54 -21.98 -16.28 -21.66
CA GLY B 54 -21.73 -17.23 -20.60
C GLY B 54 -20.26 -17.38 -20.26
N GLY B 55 -19.44 -17.72 -21.25
CA GLY B 55 -18.03 -17.96 -20.98
C GLY B 55 -17.27 -16.70 -20.66
N LEU B 56 -17.60 -15.60 -21.35
CA LEU B 56 -16.82 -14.38 -21.22
C LEU B 56 -17.21 -13.59 -19.97
N PHE B 57 -18.51 -13.41 -19.75
CA PHE B 57 -18.94 -12.70 -18.55
C PHE B 57 -19.19 -13.66 -17.38
N VAL B 58 -19.90 -14.76 -17.62
CA VAL B 58 -20.38 -15.60 -16.52
C VAL B 58 -19.31 -16.58 -16.06
N GLY B 59 -18.38 -16.96 -16.93
CA GLY B 59 -17.49 -18.06 -16.66
C GLY B 59 -18.11 -19.41 -16.88
N GLN B 60 -19.28 -19.47 -17.50
CA GLN B 60 -20.05 -20.68 -17.69
C GLN B 60 -19.87 -21.18 -19.11
N GLU B 61 -19.25 -22.35 -19.27
CA GLU B 61 -19.26 -23.07 -20.53
C GLU B 61 -20.38 -24.11 -20.46
N HIS B 62 -20.37 -25.07 -21.38
CA HIS B 62 -21.33 -26.15 -21.34
C HIS B 62 -22.75 -25.60 -21.31
N ILE B 63 -22.96 -24.49 -22.01
CA ILE B 63 -24.24 -23.80 -21.96
C ILE B 63 -25.36 -24.67 -22.49
N ALA B 64 -25.06 -25.56 -23.42
CA ALA B 64 -26.09 -26.41 -23.98
C ALA B 64 -26.77 -27.25 -22.91
N SER B 65 -25.99 -27.78 -21.97
CA SER B 65 -26.58 -28.61 -20.92
C SER B 65 -27.47 -27.77 -20.01
N LEU B 66 -27.02 -26.58 -19.68
CA LEU B 66 -27.81 -25.65 -18.87
C LEU B 66 -29.13 -25.30 -19.55
N ILE B 67 -29.08 -24.94 -20.82
CA ILE B 67 -30.28 -24.48 -21.51
C ILE B 67 -31.31 -25.60 -21.64
N ALA B 68 -30.87 -26.79 -22.03
CA ALA B 68 -31.80 -27.91 -22.11
C ALA B 68 -32.38 -28.22 -20.73
N ASP B 69 -31.51 -28.33 -19.73
CA ASP B 69 -31.95 -28.55 -18.36
C ASP B 69 -33.07 -27.58 -17.98
N HIS B 70 -32.76 -26.29 -17.99
CA HIS B 70 -33.69 -25.32 -17.45
C HIS B 70 -34.87 -25.06 -18.38
N ALA B 71 -34.74 -25.39 -19.66
CA ALA B 71 -35.90 -25.36 -20.52
C ALA B 71 -36.85 -26.51 -20.23
N GLY B 72 -36.38 -27.51 -19.49
CA GLY B 72 -37.20 -28.66 -19.14
C GLY B 72 -37.25 -29.74 -20.19
N LEU B 73 -36.35 -29.70 -21.17
CA LEU B 73 -36.42 -30.56 -22.33
C LEU B 73 -35.43 -31.73 -22.26
N ASN B 74 -34.73 -31.90 -21.15
CA ASN B 74 -33.92 -33.09 -21.00
C ASN B 74 -34.81 -34.28 -21.34
N PRO B 75 -34.27 -35.33 -21.97
CA PRO B 75 -32.90 -35.58 -22.41
C PRO B 75 -32.63 -35.24 -23.87
N VAL B 76 -33.33 -34.25 -24.41
CA VAL B 76 -33.12 -33.88 -25.81
C VAL B 76 -31.66 -33.45 -26.00
N PRO B 77 -31.01 -33.82 -27.09
CA PRO B 77 -29.64 -33.34 -27.32
C PRO B 77 -29.63 -31.85 -27.61
N CYS B 78 -28.72 -31.14 -26.95
CA CYS B 78 -28.52 -29.72 -27.15
C CYS B 78 -27.04 -29.47 -27.38
N THR B 79 -26.73 -28.72 -28.44
CA THR B 79 -25.37 -28.50 -28.90
C THR B 79 -25.15 -27.01 -29.07
N ARG B 80 -24.00 -26.52 -28.60
CA ARG B 80 -23.61 -25.13 -28.79
C ARG B 80 -22.65 -25.04 -29.96
N VAL B 81 -22.94 -24.14 -30.89
CA VAL B 81 -22.06 -23.83 -32.00
C VAL B 81 -21.56 -22.41 -31.81
N GLU B 82 -20.31 -22.14 -32.19
CA GLU B 82 -19.72 -20.84 -31.95
C GLU B 82 -18.93 -20.35 -33.16
N ALA B 83 -19.05 -19.06 -33.43
CA ALA B 83 -18.29 -18.37 -34.44
C ALA B 83 -18.46 -16.87 -34.25
N ALA B 84 -18.31 -16.42 -32.99
CA ALA B 84 -18.39 -15.00 -32.61
C ALA B 84 -19.77 -14.46 -32.98
N CYS B 85 -19.87 -13.35 -33.73
CA CYS B 85 -21.15 -12.75 -34.06
C CYS B 85 -21.97 -13.58 -35.04
N ALA B 86 -21.39 -14.65 -35.58
CA ALA B 86 -22.11 -15.51 -36.50
C ALA B 86 -22.62 -16.78 -35.83
N SER B 87 -22.52 -16.88 -34.51
CA SER B 87 -22.93 -18.09 -33.82
C SER B 87 -24.38 -18.43 -34.10
N GLY B 88 -25.24 -17.42 -34.25
CA GLY B 88 -26.64 -17.66 -34.53
C GLY B 88 -26.86 -18.37 -35.85
N SER B 89 -26.33 -17.81 -36.93
CA SER B 89 -26.50 -18.43 -38.24
C SER B 89 -25.90 -19.82 -38.29
N LEU B 90 -24.76 -20.03 -37.62
CA LEU B 90 -24.17 -21.36 -37.56
C LEU B 90 -25.08 -22.34 -36.84
N ALA B 91 -25.75 -21.88 -35.78
CA ALA B 91 -26.67 -22.77 -35.08
C ALA B 91 -27.83 -23.16 -35.98
N LEU B 92 -28.34 -22.21 -36.75
CA LEU B 92 -29.37 -22.52 -37.73
C LEU B 92 -28.85 -23.49 -38.79
N ARG B 93 -27.73 -23.16 -39.41
CA ARG B 93 -27.18 -24.04 -40.44
C ARG B 93 -26.93 -25.43 -39.89
N SER B 94 -26.39 -25.53 -38.69
CA SER B 94 -26.30 -26.84 -38.04
C SER B 94 -27.67 -27.49 -37.90
N ALA B 95 -28.69 -26.72 -37.54
CA ALA B 95 -30.03 -27.28 -37.40
C ALA B 95 -30.57 -27.74 -38.75
N VAL B 96 -30.39 -26.93 -39.79
CA VAL B 96 -30.79 -27.31 -41.14
C VAL B 96 -30.19 -28.65 -41.52
N LEU B 97 -28.87 -28.77 -41.41
CA LEU B 97 -28.21 -29.98 -41.88
C LEU B 97 -28.69 -31.22 -41.14
N SER B 98 -29.12 -31.07 -39.88
CA SER B 98 -29.59 -32.24 -39.15
C SER B 98 -30.94 -32.71 -39.63
N VAL B 99 -31.80 -31.78 -40.06
CA VAL B 99 -33.08 -32.17 -40.64
C VAL B 99 -32.86 -32.74 -42.03
N ALA B 100 -31.98 -32.14 -42.80
CA ALA B 100 -31.67 -32.66 -44.13
C ALA B 100 -31.10 -34.08 -44.06
N SER B 101 -30.39 -34.40 -42.99
CA SER B 101 -29.81 -35.73 -42.86
C SER B 101 -30.84 -36.80 -42.51
N GLY B 102 -32.02 -36.41 -42.04
CA GLY B 102 -33.01 -37.39 -41.63
C GLY B 102 -32.86 -37.91 -40.22
N HIS B 103 -31.87 -37.44 -39.46
CA HIS B 103 -31.71 -37.88 -38.08
C HIS B 103 -32.67 -37.17 -37.13
N HIS B 104 -33.14 -35.99 -37.50
CA HIS B 104 -34.11 -35.23 -36.72
C HIS B 104 -35.14 -34.64 -37.66
N ASP B 105 -36.39 -34.59 -37.21
CA ASP B 105 -37.47 -34.03 -38.00
C ASP B 105 -37.84 -32.61 -37.60
N VAL B 106 -37.81 -32.29 -36.30
CA VAL B 106 -38.14 -30.95 -35.83
C VAL B 106 -37.02 -30.54 -34.88
N VAL B 107 -36.38 -29.41 -35.17
CA VAL B 107 -35.21 -28.96 -34.44
C VAL B 107 -35.35 -27.48 -34.12
N LEU B 108 -35.02 -27.08 -32.90
CA LEU B 108 -34.98 -25.68 -32.54
C LEU B 108 -33.58 -25.14 -32.76
N ALA B 109 -33.50 -23.98 -33.42
CA ALA B 109 -32.27 -23.23 -33.58
C ALA B 109 -32.45 -21.90 -32.88
N GLY B 110 -31.65 -21.64 -31.85
CA GLY B 110 -31.78 -20.41 -31.11
C GLY B 110 -30.43 -19.83 -30.73
N GLY B 111 -30.45 -18.55 -30.40
CA GLY B 111 -29.30 -17.89 -29.83
C GLY B 111 -29.72 -16.96 -28.71
N VAL B 112 -28.81 -16.75 -27.77
CA VAL B 112 -29.10 -15.90 -26.62
C VAL B 112 -27.83 -15.14 -26.23
N GLU B 113 -28.02 -14.03 -25.53
CA GLU B 113 -26.88 -13.25 -25.06
C GLU B 113 -27.31 -12.40 -23.87
N LYS B 114 -26.46 -12.36 -22.85
CA LYS B 114 -26.70 -11.55 -21.65
C LYS B 114 -25.44 -10.72 -21.37
N MET B 115 -25.25 -9.65 -22.15
CA MET B 115 -24.03 -8.86 -22.06
C MET B 115 -24.08 -7.78 -20.98
N THR B 116 -25.27 -7.35 -20.53
CA THR B 116 -25.31 -6.29 -19.53
C THR B 116 -24.73 -6.73 -18.19
N ASP B 117 -24.65 -8.04 -17.93
CA ASP B 117 -24.06 -8.53 -16.69
C ASP B 117 -22.54 -8.48 -16.76
N VAL B 118 -21.98 -7.33 -17.12
CA VAL B 118 -20.53 -7.19 -17.18
C VAL B 118 -20.18 -5.73 -16.95
N GLU B 119 -19.00 -5.53 -16.34
CA GLU B 119 -18.49 -4.17 -16.20
C GLU B 119 -18.06 -3.62 -17.55
N ASP B 120 -17.28 -4.41 -18.31
CA ASP B 120 -16.72 -3.97 -19.59
C ASP B 120 -16.95 -5.06 -20.62
N ALA B 121 -17.79 -4.75 -21.62
CA ALA B 121 -18.13 -5.71 -22.67
C ALA B 121 -17.11 -5.76 -23.82
N THR B 122 -16.24 -4.76 -23.94
CA THR B 122 -15.36 -4.71 -25.11
C THR B 122 -14.49 -5.96 -25.20
N ALA B 123 -13.91 -6.39 -24.08
CA ALA B 123 -12.99 -7.52 -24.14
C ALA B 123 -13.63 -8.75 -24.76
N ALA B 124 -14.94 -8.92 -24.57
CA ALA B 124 -15.62 -10.08 -25.13
C ALA B 124 -15.78 -9.94 -26.64
N ILE B 125 -16.29 -8.81 -27.11
CA ILE B 125 -16.49 -8.66 -28.55
C ILE B 125 -15.15 -8.68 -29.27
N ALA B 126 -14.08 -8.22 -28.62
CA ALA B 126 -12.75 -8.32 -29.22
C ALA B 126 -12.26 -9.77 -29.30
N SER B 127 -12.93 -10.71 -28.64
CA SER B 127 -12.56 -12.11 -28.75
C SER B 127 -12.66 -12.61 -30.17
N ALA B 128 -13.38 -11.91 -31.03
CA ALA B 128 -13.53 -12.35 -32.41
C ALA B 128 -12.32 -12.02 -33.25
N SER B 129 -11.49 -11.09 -32.80
CA SER B 129 -10.26 -10.74 -33.50
C SER B 129 -9.13 -11.60 -32.98
N ASP B 130 -8.00 -11.55 -33.68
CA ASP B 130 -6.81 -12.28 -33.27
C ASP B 130 -6.26 -11.65 -32.00
N GLN B 131 -6.29 -12.41 -30.90
CA GLN B 131 -5.85 -11.86 -29.62
C GLN B 131 -4.38 -11.51 -29.66
N GLU B 132 -3.57 -12.36 -30.29
CA GLU B 132 -2.12 -12.17 -30.27
C GLU B 132 -1.67 -11.05 -31.20
N TRP B 133 -2.33 -10.90 -32.35
CA TRP B 133 -1.81 -10.02 -33.40
C TRP B 133 -2.71 -8.85 -33.72
N GLU B 134 -3.88 -8.74 -33.10
CA GLU B 134 -4.70 -7.55 -33.24
C GLU B 134 -5.02 -6.93 -31.90
N ALA B 135 -5.62 -7.69 -30.99
CA ALA B 135 -6.01 -7.14 -29.69
C ALA B 135 -4.79 -6.72 -28.89
N PHE B 136 -3.83 -7.63 -28.74
CA PHE B 136 -2.58 -7.38 -28.04
C PHE B 136 -2.07 -5.96 -28.26
N PHE B 137 -1.97 -5.55 -29.52
CA PHE B 137 -1.40 -4.26 -29.86
C PHE B 137 -2.38 -3.10 -29.70
N GLY B 138 -3.63 -3.37 -29.31
CA GLY B 138 -4.55 -2.32 -28.97
C GLY B 138 -5.54 -1.98 -30.06
N ALA B 139 -5.85 -2.90 -30.95
CA ALA B 139 -6.87 -2.70 -31.97
C ALA B 139 -8.20 -3.15 -31.40
N THR B 140 -9.00 -2.18 -30.96
CA THR B 140 -10.34 -2.44 -30.47
C THR B 140 -11.21 -2.86 -31.63
N PHE B 141 -12.29 -3.58 -31.32
CA PHE B 141 -13.14 -4.08 -32.40
C PHE B 141 -13.72 -2.95 -33.24
N PRO B 142 -14.15 -1.82 -32.68
CA PRO B 142 -14.57 -0.72 -33.54
C PRO B 142 -13.44 -0.15 -34.38
N SER B 143 -12.18 -0.29 -33.96
CA SER B 143 -11.09 0.30 -34.73
C SER B 143 -10.71 -0.55 -35.92
N LEU B 144 -10.96 -1.86 -35.85
CA LEU B 144 -10.75 -2.72 -37.01
C LEU B 144 -11.74 -2.41 -38.12
N TYR B 145 -13.03 -2.34 -37.79
CA TYR B 145 -14.00 -1.92 -38.80
C TYR B 145 -13.80 -0.48 -39.23
N ALA B 146 -13.25 0.36 -38.35
CA ALA B 146 -12.92 1.72 -38.74
C ALA B 146 -11.84 1.74 -39.82
N MET B 147 -10.82 0.89 -39.66
CA MET B 147 -9.76 0.81 -40.64
C MET B 147 -10.26 0.23 -41.95
N MET B 148 -11.29 -0.62 -41.91
CA MET B 148 -11.95 -1.05 -43.12
C MET B 148 -12.57 0.13 -43.84
N ALA B 149 -13.39 0.89 -43.12
CA ALA B 149 -14.01 2.08 -43.70
C ALA B 149 -12.96 2.98 -44.34
N ARG B 150 -11.90 3.31 -43.59
CA ARG B 150 -10.85 4.17 -44.11
C ARG B 150 -10.29 3.65 -45.42
N ARG B 151 -9.95 2.36 -45.48
CA ARG B 151 -9.40 1.83 -46.72
C ARG B 151 -10.45 1.84 -47.83
N TYR B 152 -11.70 1.52 -47.50
CA TYR B 152 -12.77 1.60 -48.50
C TYR B 152 -12.91 3.03 -48.99
N MET B 153 -12.90 4.00 -48.09
CA MET B 153 -12.94 5.40 -48.49
C MET B 153 -11.71 5.75 -49.34
N TYR B 154 -10.53 5.29 -48.93
CA TYR B 154 -9.31 5.58 -49.69
C TYR B 154 -9.36 5.01 -51.11
N GLN B 155 -10.05 3.89 -51.31
CA GLN B 155 -10.07 3.28 -52.64
C GLN B 155 -11.23 3.73 -53.50
N TYR B 156 -12.43 3.89 -52.92
CA TYR B 156 -13.64 4.10 -53.70
C TYR B 156 -14.27 5.48 -53.54
N GLY B 157 -13.71 6.34 -52.70
CA GLY B 157 -14.21 7.70 -52.59
C GLY B 157 -15.50 7.85 -51.81
N LEU B 158 -15.82 6.89 -50.94
CA LEU B 158 -16.97 7.01 -50.06
C LEU B 158 -16.80 8.20 -49.13
N THR B 159 -17.84 9.00 -48.98
CA THR B 159 -17.79 10.16 -48.12
C THR B 159 -18.48 9.84 -46.80
N ILE B 160 -18.06 10.53 -45.74
CA ILE B 160 -18.60 10.22 -44.42
C ILE B 160 -20.11 10.44 -44.39
N GLU B 161 -20.61 11.38 -45.18
CA GLU B 161 -22.06 11.57 -45.29
C GLU B 161 -22.72 10.31 -45.83
N GLU B 162 -22.17 9.76 -46.91
CA GLU B 162 -22.72 8.55 -47.50
C GLU B 162 -22.76 7.42 -46.48
N LEU B 163 -21.65 7.22 -45.77
CA LEU B 163 -21.62 6.22 -44.71
C LEU B 163 -22.64 6.51 -43.62
N SER B 164 -22.81 7.78 -43.26
CA SER B 164 -23.72 8.12 -42.16
C SER B 164 -25.18 8.00 -42.53
N MET B 165 -25.52 8.04 -43.82
CA MET B 165 -26.91 7.83 -44.21
C MET B 165 -27.37 6.41 -43.89
N TRP B 166 -26.44 5.45 -43.91
CA TRP B 166 -26.79 4.10 -43.51
C TRP B 166 -27.42 4.09 -42.12
N SER B 167 -26.86 4.88 -41.20
CA SER B 167 -27.38 4.86 -39.84
C SER B 167 -28.67 5.64 -39.72
N VAL B 168 -28.87 6.67 -40.53
CA VAL B 168 -30.14 7.39 -40.52
C VAL B 168 -31.26 6.45 -40.91
N ILE B 169 -31.09 5.76 -42.05
CA ILE B 169 -32.09 4.81 -42.51
C ILE B 169 -32.37 3.78 -41.43
N ALA B 170 -31.31 3.24 -40.82
CA ALA B 170 -31.47 2.18 -39.84
C ALA B 170 -32.44 2.58 -38.75
N HIS B 171 -32.27 3.78 -38.22
CA HIS B 171 -33.09 4.20 -37.09
C HIS B 171 -34.52 4.47 -37.52
N GLU B 172 -34.69 5.11 -38.68
CA GLU B 172 -36.03 5.27 -39.20
C GLU B 172 -36.73 3.92 -39.30
N ASN B 173 -36.01 2.91 -39.79
CA ASN B 173 -36.60 1.58 -39.91
C ASN B 173 -36.89 0.97 -38.55
N ALA B 174 -36.03 1.23 -37.56
CA ALA B 174 -36.21 0.61 -36.26
C ALA B 174 -37.39 1.16 -35.49
N THR B 175 -37.90 2.33 -35.86
CA THR B 175 -39.09 2.86 -35.20
C THR B 175 -40.33 2.03 -35.52
N LYS B 176 -40.30 1.25 -36.60
CA LYS B 176 -41.38 0.38 -36.98
C LYS B 176 -41.23 -1.03 -36.40
N ASN B 177 -40.32 -1.21 -35.45
CA ASN B 177 -39.98 -2.53 -34.91
C ASN B 177 -40.15 -2.51 -33.40
N LYS B 178 -41.11 -3.30 -32.90
CA LYS B 178 -41.32 -3.40 -31.47
C LYS B 178 -40.07 -3.90 -30.75
N TYR B 179 -39.42 -4.90 -31.31
CA TYR B 179 -38.32 -5.56 -30.63
C TYR B 179 -37.00 -4.82 -30.79
N ALA B 180 -37.00 -3.64 -31.41
CA ALA B 180 -35.77 -2.89 -31.61
C ALA B 180 -35.28 -2.26 -30.31
N GLN B 181 -33.96 -2.09 -30.21
CA GLN B 181 -33.35 -1.49 -29.03
C GLN B 181 -33.47 0.03 -29.04
N PHE B 182 -33.38 0.65 -30.21
CA PHE B 182 -33.48 2.09 -30.37
C PHE B 182 -34.68 2.41 -31.26
N GLY B 183 -35.69 3.06 -30.69
CA GLY B 183 -36.81 3.52 -31.49
C GLY B 183 -36.89 5.03 -31.55
N PHE B 184 -35.96 5.66 -32.26
CA PHE B 184 -35.97 7.12 -32.39
C PHE B 184 -35.36 7.50 -33.72
N LYS B 185 -35.85 8.58 -34.31
CA LYS B 185 -35.29 9.06 -35.55
C LYS B 185 -34.03 9.86 -35.28
N THR B 186 -33.18 9.93 -36.29
CA THR B 186 -31.97 10.74 -36.20
C THR B 186 -31.77 11.54 -37.48
N THR B 187 -30.61 12.15 -37.63
CA THR B 187 -30.31 12.97 -38.82
C THR B 187 -28.84 12.82 -39.16
N LEU B 188 -28.51 13.22 -40.40
CA LEU B 188 -27.12 13.16 -40.83
C LEU B 188 -26.20 13.90 -39.87
N GLU B 189 -26.63 15.09 -39.43
CA GLU B 189 -25.78 15.89 -38.55
C GLU B 189 -25.64 15.24 -37.18
N GLN B 190 -26.71 14.62 -36.67
CA GLN B 190 -26.65 13.98 -35.37
C GLN B 190 -25.78 12.73 -35.38
N VAL B 191 -25.69 12.06 -36.53
CA VAL B 191 -24.81 10.90 -36.66
C VAL B 191 -23.36 11.35 -36.74
N MET B 192 -23.09 12.32 -37.61
CA MET B 192 -21.71 12.77 -37.83
C MET B 192 -21.14 13.47 -36.61
N ASN B 193 -21.96 14.24 -35.91
CA ASN B 193 -21.48 15.03 -34.80
C ASN B 193 -21.50 14.26 -33.48
N ALA B 194 -21.83 12.98 -33.50
CA ALA B 194 -21.84 12.18 -32.29
C ALA B 194 -20.42 11.97 -31.76
N SER B 195 -20.32 11.47 -30.53
CA SER B 195 -19.02 11.30 -29.91
C SER B 195 -18.25 10.22 -30.66
N PRO B 196 -16.97 10.42 -30.93
CA PRO B 196 -16.24 9.44 -31.74
C PRO B 196 -15.75 8.26 -30.93
N VAL B 197 -15.81 7.08 -31.56
CA VAL B 197 -15.27 5.85 -30.99
C VAL B 197 -13.94 5.51 -31.60
N ALA B 198 -13.87 5.49 -32.93
CA ALA B 198 -12.65 5.18 -33.65
C ALA B 198 -12.76 5.79 -35.04
N ASP B 199 -11.95 6.79 -35.33
CA ASP B 199 -12.07 7.55 -36.55
C ASP B 199 -12.06 6.62 -37.76
N PRO B 200 -12.99 6.81 -38.71
CA PRO B 200 -13.99 7.88 -38.83
C PRO B 200 -15.30 7.60 -38.11
N LEU B 201 -15.39 6.50 -37.39
CA LEU B 201 -16.66 6.04 -36.83
C LEU B 201 -17.03 6.84 -35.58
N THR B 202 -18.34 7.03 -35.40
CA THR B 202 -18.90 7.71 -34.24
C THR B 202 -19.83 6.76 -33.51
N LEU B 203 -20.17 7.15 -32.28
CA LEU B 203 -21.07 6.34 -31.48
C LEU B 203 -22.36 6.02 -32.22
N MET B 204 -22.77 6.88 -33.15
CA MET B 204 -23.97 6.63 -33.95
C MET B 204 -23.71 5.76 -35.17
N HIS B 205 -22.47 5.35 -35.42
CA HIS B 205 -22.22 4.30 -36.41
C HIS B 205 -22.11 2.92 -35.78
N CYS B 206 -21.83 2.83 -34.48
CA CYS B 206 -21.52 1.56 -33.85
C CYS B 206 -22.77 0.91 -33.27
N SER B 207 -22.84 -0.39 -33.38
CA SER B 207 -23.91 -1.13 -32.76
C SER B 207 -23.67 -1.26 -31.26
N PRO B 208 -24.71 -1.25 -30.45
CA PRO B 208 -24.53 -1.28 -29.00
C PRO B 208 -24.38 -2.70 -28.48
N VAL B 209 -24.13 -2.79 -27.17
CA VAL B 209 -24.18 -4.08 -26.48
C VAL B 209 -25.64 -4.37 -26.12
N SER B 210 -26.09 -5.59 -26.41
CA SER B 210 -27.49 -5.92 -26.32
C SER B 210 -27.72 -7.27 -25.66
N ASP B 211 -28.71 -7.33 -24.77
CA ASP B 211 -29.30 -8.59 -24.35
C ASP B 211 -30.37 -9.01 -25.34
N GLY B 212 -30.57 -10.30 -25.46
CA GLY B 212 -31.68 -10.77 -26.27
C GLY B 212 -31.62 -12.26 -26.47
N ALA B 213 -32.73 -12.79 -26.97
CA ALA B 213 -32.80 -14.18 -27.36
C ALA B 213 -33.80 -14.30 -28.50
N SER B 214 -33.51 -15.20 -29.44
CA SER B 214 -34.38 -15.43 -30.56
C SER B 214 -34.20 -16.89 -30.96
N ALA B 215 -35.27 -17.49 -31.49
CA ALA B 215 -35.24 -18.91 -31.83
C ALA B 215 -36.13 -19.18 -33.03
N LEU B 216 -35.69 -20.12 -33.87
CA LEU B 216 -36.47 -20.62 -34.99
C LEU B 216 -36.73 -22.10 -34.80
N ILE B 217 -37.89 -22.56 -35.25
CA ILE B 217 -38.19 -23.98 -35.37
C ILE B 217 -38.12 -24.36 -36.84
N VAL B 218 -37.21 -25.27 -37.18
CA VAL B 218 -37.08 -25.76 -38.54
C VAL B 218 -37.65 -27.16 -38.58
N CYS B 219 -38.03 -27.59 -39.79
CA CYS B 219 -38.82 -28.80 -39.93
C CYS B 219 -38.67 -29.34 -41.33
N ASP B 220 -38.83 -30.66 -41.46
CA ASP B 220 -38.84 -31.27 -42.79
C ASP B 220 -39.96 -30.68 -43.62
N ALA B 221 -39.64 -30.31 -44.86
CA ALA B 221 -40.59 -29.59 -45.69
C ALA B 221 -41.93 -30.32 -45.80
N ASP B 222 -41.90 -31.65 -45.83
CA ASP B 222 -43.15 -32.40 -45.93
C ASP B 222 -43.86 -32.44 -44.58
N LYS B 223 -43.13 -32.72 -43.50
CA LYS B 223 -43.74 -32.74 -42.18
C LYS B 223 -44.17 -31.37 -41.71
N ALA B 224 -43.64 -30.29 -42.31
CA ALA B 224 -44.06 -28.95 -41.90
C ALA B 224 -45.55 -28.75 -42.06
N GLU B 225 -46.17 -29.43 -43.02
CA GLU B 225 -47.59 -29.24 -43.28
C GLU B 225 -48.47 -29.78 -42.15
N GLU B 226 -47.93 -30.64 -41.27
CA GLU B 226 -48.71 -31.07 -40.12
C GLU B 226 -48.90 -29.93 -39.13
N PHE B 227 -47.87 -29.12 -38.93
CA PHE B 227 -47.91 -28.10 -37.89
C PHE B 227 -48.34 -26.73 -38.41
N ALA B 228 -48.16 -26.44 -39.70
CA ALA B 228 -48.39 -25.08 -40.18
C ALA B 228 -49.19 -25.08 -41.47
N PRO B 229 -50.01 -24.04 -41.70
CA PRO B 229 -50.72 -23.95 -42.98
C PRO B 229 -49.74 -23.78 -44.14
N LYS B 230 -50.05 -24.45 -45.26
CA LYS B 230 -49.11 -24.44 -46.38
C LYS B 230 -48.71 -23.04 -46.76
N ASP B 231 -49.60 -22.07 -46.53
CA ASP B 231 -49.38 -20.68 -46.92
C ASP B 231 -48.44 -19.92 -46.00
N GLU B 232 -48.24 -20.38 -44.77
CA GLU B 232 -47.38 -19.70 -43.79
C GLU B 232 -45.99 -20.33 -43.70
N ILE B 233 -45.65 -21.25 -44.60
CA ILE B 233 -44.40 -22.00 -44.53
C ILE B 233 -43.39 -21.33 -45.45
N ILE B 234 -42.17 -21.13 -44.94
CA ILE B 234 -41.08 -20.56 -45.71
C ILE B 234 -39.98 -21.60 -45.79
N TYR B 235 -39.45 -21.78 -46.99
CA TYR B 235 -38.53 -22.87 -47.29
C TYR B 235 -37.11 -22.34 -47.38
N ILE B 236 -36.17 -23.09 -46.81
CA ILE B 236 -34.77 -22.74 -46.81
C ILE B 236 -34.16 -23.30 -48.09
N LYS B 237 -33.93 -22.41 -49.06
CA LYS B 237 -33.38 -22.81 -50.34
C LYS B 237 -31.88 -23.09 -50.27
N ALA B 238 -31.17 -22.50 -49.33
CA ALA B 238 -29.72 -22.69 -49.22
C ALA B 238 -29.24 -22.22 -47.85
N SER B 239 -28.31 -22.98 -47.29
CA SER B 239 -27.65 -22.65 -46.02
C SER B 239 -26.14 -22.88 -46.22
N THR B 240 -25.40 -21.82 -46.52
CA THR B 240 -24.00 -21.92 -46.92
C THR B 240 -23.09 -21.15 -45.95
N GLN B 241 -21.80 -21.48 -46.00
CA GLN B 241 -20.83 -20.92 -45.07
C GLN B 241 -19.47 -20.85 -45.74
N ALA B 242 -18.64 -19.90 -45.29
CA ALA B 242 -17.29 -19.75 -45.82
C ALA B 242 -16.39 -19.21 -44.72
N SER B 243 -15.08 -19.22 -44.99
CA SER B 243 -14.09 -18.72 -44.04
C SER B 243 -13.15 -17.76 -44.73
N ASP B 244 -12.52 -16.91 -43.92
CA ASP B 244 -11.57 -15.92 -44.37
C ASP B 244 -10.57 -15.74 -43.25
N THR B 245 -9.46 -15.06 -43.56
CA THR B 245 -8.43 -14.87 -42.53
C THR B 245 -9.08 -14.23 -41.32
N ILE B 246 -8.61 -14.63 -40.13
CA ILE B 246 -9.18 -14.05 -38.91
C ILE B 246 -8.74 -12.60 -38.74
N ALA B 247 -7.50 -12.29 -39.06
CA ALA B 247 -7.00 -10.94 -38.90
C ALA B 247 -7.28 -10.10 -40.14
N LEU B 248 -7.72 -8.87 -39.92
CA LEU B 248 -7.95 -7.96 -41.04
C LEU B 248 -6.68 -7.76 -41.86
N HIS B 249 -5.52 -7.66 -41.20
CA HIS B 249 -4.30 -7.37 -41.95
C HIS B 249 -3.93 -8.49 -42.91
N ASP B 250 -4.35 -9.73 -42.64
CA ASP B 250 -3.98 -10.87 -43.48
C ASP B 250 -4.88 -11.02 -44.69
N ARG B 251 -5.82 -10.12 -44.91
CA ARG B 251 -6.78 -10.28 -46.00
C ARG B 251 -6.26 -9.72 -47.32
N GLU B 252 -6.56 -10.44 -48.40
CA GLU B 252 -6.09 -10.05 -49.72
C GLU B 252 -6.65 -8.70 -50.13
N ASP B 253 -7.92 -8.45 -49.82
CA ASP B 253 -8.55 -7.16 -50.02
C ASP B 253 -9.40 -6.90 -48.79
N MET B 254 -9.19 -5.77 -48.13
CA MET B 254 -9.96 -5.44 -46.94
C MET B 254 -11.32 -4.83 -47.25
N THR B 255 -11.54 -4.35 -48.46
CA THR B 255 -12.82 -3.73 -48.82
C THR B 255 -13.88 -4.75 -49.20
N THR B 256 -13.58 -6.04 -49.12
CA THR B 256 -14.54 -7.08 -49.42
C THR B 256 -14.40 -8.22 -48.45
N LEU B 257 -15.49 -8.97 -48.27
CA LEU B 257 -15.53 -10.13 -47.39
C LEU B 257 -15.65 -11.35 -48.29
N ASN B 258 -14.51 -11.96 -48.63
CA ASN B 258 -14.51 -13.06 -49.58
C ASN B 258 -15.46 -14.16 -49.16
N ALA B 259 -15.47 -14.48 -47.86
CA ALA B 259 -16.38 -15.52 -47.40
C ALA B 259 -17.82 -15.23 -47.79
N ALA B 260 -18.21 -13.95 -47.76
CA ALA B 260 -19.55 -13.60 -48.19
C ALA B 260 -19.72 -13.84 -49.68
N LYS B 261 -18.74 -13.45 -50.49
CA LYS B 261 -18.83 -13.69 -51.93
C LYS B 261 -18.91 -15.18 -52.19
N VAL B 262 -18.06 -15.97 -51.53
CA VAL B 262 -18.06 -17.42 -51.74
C VAL B 262 -19.37 -18.02 -51.29
N ALA B 263 -19.80 -17.71 -50.07
CA ALA B 263 -21.04 -18.27 -49.55
C ALA B 263 -22.25 -17.80 -50.33
N SER B 264 -22.35 -16.49 -50.57
CA SER B 264 -23.52 -15.95 -51.27
C SER B 264 -23.61 -16.54 -52.69
N GLU B 265 -22.48 -16.59 -53.40
CA GLU B 265 -22.48 -17.20 -54.72
C GLU B 265 -23.00 -18.64 -54.67
N LYS B 266 -22.54 -19.43 -53.69
CA LYS B 266 -22.98 -20.81 -53.60
C LYS B 266 -24.47 -20.90 -53.29
N ALA B 267 -24.99 -20.01 -52.47
CA ALA B 267 -26.43 -20.02 -52.17
C ALA B 267 -27.25 -19.67 -53.40
N TYR B 268 -26.82 -18.65 -54.13
CA TYR B 268 -27.49 -18.31 -55.39
C TYR B 268 -27.50 -19.49 -56.35
N LYS B 269 -26.37 -20.21 -56.43
CA LYS B 269 -26.29 -21.35 -57.33
C LYS B 269 -27.28 -22.45 -56.92
N LEU B 270 -27.30 -22.80 -55.63
CA LEU B 270 -28.17 -23.88 -55.17
C LEU B 270 -29.65 -23.51 -55.33
N ALA B 271 -30.00 -22.27 -55.05
CA ALA B 271 -31.37 -21.82 -55.25
C ALA B 271 -31.69 -21.56 -56.70
N LYS B 272 -30.70 -21.57 -57.58
CA LYS B 272 -30.92 -21.39 -59.01
C LYS B 272 -31.61 -20.04 -59.25
N ILE B 273 -31.07 -19.01 -58.63
CA ILE B 273 -31.60 -17.66 -58.71
C ILE B 273 -30.42 -16.71 -58.77
N ALA B 274 -30.67 -15.48 -59.21
CA ALA B 274 -29.64 -14.46 -59.28
C ALA B 274 -29.91 -13.37 -58.25
N PRO B 275 -28.90 -12.55 -57.92
CA PRO B 275 -29.13 -11.48 -56.93
C PRO B 275 -30.28 -10.58 -57.29
N GLU B 276 -30.62 -10.48 -58.57
CA GLU B 276 -31.65 -9.56 -59.00
C GLU B 276 -33.02 -9.94 -58.47
N LYS B 277 -33.19 -11.20 -58.05
CA LYS B 277 -34.49 -11.71 -57.63
C LYS B 277 -34.68 -11.66 -56.13
N ILE B 278 -33.74 -11.10 -55.38
CA ILE B 278 -33.90 -11.00 -53.93
C ILE B 278 -34.79 -9.80 -53.62
N ASP B 279 -35.80 -10.02 -52.79
CA ASP B 279 -36.74 -8.96 -52.45
C ASP B 279 -36.37 -8.25 -51.16
N VAL B 280 -35.74 -8.96 -50.23
CA VAL B 280 -35.33 -8.43 -48.94
C VAL B 280 -34.00 -9.08 -48.59
N ALA B 281 -33.07 -8.28 -48.07
CA ALA B 281 -31.80 -8.77 -47.55
C ALA B 281 -31.57 -8.26 -46.14
N GLU B 282 -31.04 -9.13 -45.29
CA GLU B 282 -30.64 -8.77 -43.94
C GLU B 282 -29.14 -8.93 -43.87
N VAL B 283 -28.42 -7.83 -43.67
CA VAL B 283 -26.97 -7.85 -43.69
C VAL B 283 -26.46 -7.45 -42.31
N HIS B 284 -25.21 -7.81 -42.07
CA HIS B 284 -24.53 -7.64 -40.79
C HIS B 284 -23.90 -6.26 -40.76
N ASP B 285 -24.56 -5.29 -40.12
CA ASP B 285 -24.14 -3.90 -40.20
C ASP B 285 -23.81 -3.30 -38.84
N CYS B 286 -23.09 -4.04 -38.00
CA CYS B 286 -22.73 -3.57 -36.68
C CYS B 286 -22.00 -2.24 -36.71
N PHE B 287 -21.26 -1.96 -37.79
CA PHE B 287 -20.53 -0.70 -37.88
C PHE B 287 -20.76 -0.03 -39.23
N ALA B 288 -21.94 -0.16 -39.78
CA ALA B 288 -22.31 0.55 -41.00
C ALA B 288 -21.50 0.07 -42.17
N ILE B 289 -20.18 0.21 -42.13
CA ILE B 289 -19.37 -0.11 -43.31
C ILE B 289 -19.60 -1.55 -43.76
N ASN B 290 -19.73 -2.49 -42.81
CA ASN B 290 -19.96 -3.87 -43.26
C ASN B 290 -21.33 -4.04 -43.89
N GLY B 291 -22.26 -3.13 -43.60
CA GLY B 291 -23.51 -3.13 -44.34
C GLY B 291 -23.30 -2.81 -45.81
N LEU B 292 -22.52 -1.77 -46.10
CA LEU B 292 -22.27 -1.37 -47.48
C LEU B 292 -21.44 -2.42 -48.22
N ILE B 293 -20.48 -3.03 -47.53
CA ILE B 293 -19.65 -4.02 -48.20
C ILE B 293 -20.45 -5.28 -48.52
N LEU B 294 -21.32 -5.70 -47.61
CA LEU B 294 -22.10 -6.90 -47.88
C LEU B 294 -23.10 -6.67 -49.00
N VAL B 295 -23.69 -5.49 -49.07
CA VAL B 295 -24.56 -5.19 -50.20
C VAL B 295 -23.82 -5.42 -51.52
N GLU B 296 -22.54 -5.05 -51.58
CA GLU B 296 -21.77 -5.27 -52.81
C GLU B 296 -21.40 -6.73 -53.00
N ASP B 297 -20.95 -7.39 -51.93
CA ASP B 297 -20.50 -8.77 -52.05
C ASP B 297 -21.64 -9.74 -52.34
N LEU B 298 -22.86 -9.43 -51.89
CA LEU B 298 -24.01 -10.24 -52.29
C LEU B 298 -24.46 -9.97 -53.71
N GLY B 299 -23.86 -9.01 -54.41
CA GLY B 299 -24.07 -8.85 -55.82
C GLY B 299 -25.17 -7.89 -56.21
N PHE B 300 -25.64 -7.06 -55.29
CA PHE B 300 -26.65 -6.07 -55.63
C PHE B 300 -26.07 -4.86 -56.32
N CYS B 301 -24.77 -4.62 -56.20
CA CYS B 301 -24.16 -3.49 -56.89
C CYS B 301 -22.66 -3.72 -56.99
N LYS B 302 -22.02 -2.84 -57.75
CA LYS B 302 -20.61 -2.97 -58.07
C LYS B 302 -19.77 -2.48 -56.90
N LYS B 303 -18.61 -3.12 -56.73
CA LYS B 303 -17.70 -2.76 -55.66
C LYS B 303 -17.39 -1.26 -55.72
N GLY B 304 -17.57 -0.58 -54.59
CA GLY B 304 -17.31 0.83 -54.50
C GLY B 304 -18.48 1.71 -54.84
N ASP B 305 -19.61 1.14 -55.20
CA ASP B 305 -20.78 1.92 -55.54
C ASP B 305 -21.84 1.90 -54.45
N ALA B 306 -21.65 1.10 -53.40
CA ALA B 306 -22.67 0.98 -52.37
C ALA B 306 -23.10 2.36 -51.85
N GLY B 307 -22.15 3.24 -51.59
CA GLY B 307 -22.49 4.51 -50.98
C GLY B 307 -23.39 5.36 -51.84
N LYS B 308 -23.13 5.39 -53.15
CA LYS B 308 -23.98 6.13 -54.05
C LYS B 308 -25.33 5.44 -54.20
N VAL B 309 -25.34 4.12 -54.18
CA VAL B 309 -26.52 3.35 -54.56
C VAL B 309 -27.62 3.45 -53.50
N ILE B 310 -27.29 3.23 -52.23
CA ILE B 310 -28.33 3.10 -51.22
C ILE B 310 -29.15 4.37 -51.18
N ASP B 311 -30.48 4.22 -51.16
CA ASP B 311 -31.40 5.33 -51.04
C ASP B 311 -32.62 4.88 -50.24
N GLU B 312 -32.82 5.48 -49.08
CA GLU B 312 -33.98 5.18 -48.23
C GLU B 312 -34.06 3.69 -47.93
N GLY B 313 -32.90 3.06 -47.79
CA GLY B 313 -32.84 1.67 -47.39
C GLY B 313 -33.20 0.73 -48.50
N LYS B 314 -33.22 1.21 -49.73
CA LYS B 314 -33.59 0.41 -50.87
C LYS B 314 -32.55 0.60 -51.97
N ILE B 315 -32.24 -0.52 -52.63
CA ILE B 315 -31.26 -0.57 -53.71
C ILE B 315 -31.98 -0.88 -55.00
N ARG B 316 -31.89 0.01 -55.97
CA ARG B 316 -32.53 -0.25 -57.26
C ARG B 316 -31.62 -1.12 -58.10
N ILE B 317 -32.10 -2.32 -58.44
CA ILE B 317 -31.39 -3.19 -59.36
C ILE B 317 -31.65 -2.76 -60.80
N ASP B 318 -32.92 -2.73 -61.18
CA ASP B 318 -33.38 -2.15 -62.44
C ASP B 318 -34.54 -1.21 -62.12
N TYR B 319 -35.23 -0.69 -63.13
CA TYR B 319 -36.50 -0.04 -62.85
C TYR B 319 -37.43 -1.04 -62.17
N ASP B 320 -38.26 -0.55 -61.25
CA ASP B 320 -39.26 -1.37 -60.58
C ASP B 320 -38.67 -2.64 -59.94
N ASP B 321 -37.34 -2.69 -59.82
CA ASP B 321 -36.64 -3.79 -59.17
C ASP B 321 -35.77 -3.18 -58.06
N PHE B 322 -36.23 -3.30 -56.82
CA PHE B 322 -35.46 -2.82 -55.68
C PHE B 322 -35.29 -3.93 -54.67
N VAL B 323 -34.15 -3.90 -53.97
CA VAL B 323 -33.89 -4.76 -52.82
C VAL B 323 -34.05 -3.93 -51.57
N THR B 324 -34.67 -4.50 -50.55
CA THR B 324 -34.88 -3.83 -49.28
C THR B 324 -33.92 -4.43 -48.27
N VAL B 325 -33.07 -3.59 -47.69
CA VAL B 325 -31.98 -4.04 -46.83
C VAL B 325 -32.34 -3.69 -45.38
N ASN B 326 -32.21 -4.68 -44.51
CA ASN B 326 -32.44 -4.51 -43.08
C ASN B 326 -33.72 -3.73 -42.79
N PRO B 327 -34.88 -4.27 -43.12
CA PRO B 327 -36.12 -3.54 -42.85
C PRO B 327 -36.38 -3.34 -41.37
N SER B 328 -35.68 -4.07 -40.51
CA SER B 328 -35.91 -4.08 -39.08
C SER B 328 -35.11 -3.03 -38.34
N GLY B 329 -34.18 -2.37 -39.01
CA GLY B 329 -33.23 -1.50 -38.36
C GLY B 329 -31.84 -2.08 -38.27
N GLY B 330 -31.63 -3.32 -38.71
CA GLY B 330 -30.33 -3.91 -38.71
C GLY B 330 -29.80 -4.12 -37.32
N LEU B 331 -28.47 -4.22 -37.23
CA LEU B 331 -27.80 -4.41 -35.94
C LEU B 331 -27.61 -3.09 -35.21
N LYS B 332 -27.34 -2.00 -35.92
CA LYS B 332 -27.08 -0.73 -35.25
C LYS B 332 -28.31 -0.28 -34.47
N ALA B 333 -29.46 -0.25 -35.13
CA ALA B 333 -30.68 0.28 -34.51
C ALA B 333 -31.50 -0.79 -33.80
N ALA B 334 -31.68 -1.96 -34.39
CA ALA B 334 -32.52 -2.97 -33.75
C ALA B 334 -31.82 -3.66 -32.60
N GLY B 335 -30.49 -3.73 -32.63
CA GLY B 335 -29.76 -4.32 -31.53
C GLY B 335 -28.96 -5.53 -31.96
N HIS B 336 -27.80 -5.72 -31.36
CA HIS B 336 -26.85 -6.74 -31.77
C HIS B 336 -26.55 -7.60 -30.56
N ALA B 337 -27.46 -8.51 -30.22
CA ALA B 337 -27.18 -9.56 -29.26
C ALA B 337 -26.44 -10.65 -30.00
N LEU B 338 -25.13 -10.71 -29.79
CA LEU B 338 -24.24 -11.43 -30.70
C LEU B 338 -24.77 -12.80 -31.12
N GLY B 339 -25.05 -13.66 -30.16
CA GLY B 339 -25.41 -15.03 -30.47
C GLY B 339 -26.76 -15.16 -31.15
N ALA B 340 -27.65 -14.20 -30.94
CA ALA B 340 -29.00 -14.26 -31.48
C ALA B 340 -29.14 -13.58 -32.83
N THR B 341 -28.17 -12.76 -33.23
CA THR B 341 -28.36 -11.91 -34.41
C THR B 341 -28.54 -12.73 -35.68
N GLY B 342 -27.77 -13.80 -35.84
CA GLY B 342 -27.92 -14.64 -37.02
C GLY B 342 -29.30 -15.26 -37.11
N ILE B 343 -29.86 -15.67 -35.97
CA ILE B 343 -31.23 -16.18 -35.92
C ILE B 343 -32.21 -15.07 -36.23
N ARG B 344 -32.05 -13.91 -35.60
CA ARG B 344 -32.99 -12.81 -35.81
C ARG B 344 -33.03 -12.38 -37.26
N GLN B 345 -31.86 -12.24 -37.88
CA GLN B 345 -31.82 -11.89 -39.29
C GLN B 345 -32.78 -12.74 -40.10
N VAL B 346 -32.76 -14.05 -39.86
CA VAL B 346 -33.57 -14.97 -40.64
C VAL B 346 -35.03 -14.89 -40.25
N GLY B 347 -35.33 -14.70 -38.97
CA GLY B 347 -36.71 -14.56 -38.56
C GLY B 347 -37.39 -13.38 -39.22
N GLU B 348 -36.64 -12.33 -39.54
CA GLU B 348 -37.22 -11.19 -40.23
C GLU B 348 -37.56 -11.56 -41.66
N LEU B 349 -36.65 -12.25 -42.34
CA LEU B 349 -36.94 -12.74 -43.68
C LEU B 349 -38.14 -13.68 -43.68
N TYR B 350 -38.24 -14.53 -42.65
CA TYR B 350 -39.43 -15.36 -42.45
C TYR B 350 -40.67 -14.48 -42.38
N TRP B 351 -40.68 -13.51 -41.47
CA TRP B 351 -41.78 -12.57 -41.35
C TRP B 351 -42.04 -11.82 -42.65
N GLN B 352 -40.97 -11.29 -43.26
CA GLN B 352 -41.16 -10.50 -44.47
C GLN B 352 -41.73 -11.35 -45.60
N LEU B 353 -41.28 -12.59 -45.73
CA LEU B 353 -41.75 -13.39 -46.85
C LEU B 353 -43.15 -13.96 -46.62
N LYS B 354 -43.50 -14.30 -45.38
CA LYS B 354 -44.83 -14.80 -45.09
C LYS B 354 -45.82 -13.67 -44.83
N GLN B 355 -45.40 -12.42 -45.00
CA GLN B 355 -46.25 -11.25 -44.78
C GLN B 355 -46.92 -11.32 -43.42
N ASP B 356 -46.12 -11.58 -42.40
CA ASP B 356 -46.63 -11.70 -41.03
C ASP B 356 -47.05 -10.33 -40.49
N LYS B 357 -48.00 -10.35 -39.56
CA LYS B 357 -48.43 -9.11 -38.93
C LYS B 357 -47.29 -8.47 -38.15
N GLU B 358 -46.33 -9.28 -37.70
CA GLU B 358 -45.22 -8.74 -36.92
C GLU B 358 -44.51 -7.61 -37.66
N CYS B 359 -44.23 -7.81 -38.94
CA CYS B 359 -43.54 -6.82 -39.75
C CYS B 359 -44.50 -6.03 -40.62
N LYS B 360 -45.76 -5.97 -40.24
CA LYS B 360 -46.76 -5.24 -41.00
C LYS B 360 -46.32 -3.81 -41.29
N ASP B 361 -45.83 -3.10 -40.28
CA ASP B 361 -45.51 -1.69 -40.46
C ASP B 361 -44.21 -1.47 -41.24
N ARG B 362 -43.45 -2.52 -41.50
CA ARG B 362 -42.18 -2.45 -42.22
C ARG B 362 -42.16 -3.49 -43.32
N GLN B 363 -43.32 -3.72 -43.95
CA GLN B 363 -43.46 -4.76 -44.96
C GLN B 363 -42.82 -4.31 -46.26
N ALA B 364 -41.88 -5.09 -46.76
CA ALA B 364 -41.26 -4.83 -48.04
C ALA B 364 -42.12 -5.43 -49.15
N THR B 365 -41.97 -4.88 -50.35
CA THR B 365 -42.66 -5.44 -51.49
C THR B 365 -41.92 -6.69 -51.95
N ILE B 366 -42.68 -7.70 -52.35
CA ILE B 366 -42.14 -9.03 -52.62
C ILE B 366 -42.56 -9.41 -54.04
N LYS B 367 -41.74 -9.04 -55.02
CA LYS B 367 -42.01 -9.37 -56.40
C LYS B 367 -41.73 -10.84 -56.70
N ASN B 368 -40.62 -11.37 -56.20
CA ASN B 368 -40.16 -12.70 -56.55
C ASN B 368 -40.38 -13.75 -55.48
N GLY B 369 -40.25 -13.36 -54.21
CA GLY B 369 -40.49 -14.28 -53.12
C GLY B 369 -39.22 -14.91 -52.61
N TYR B 370 -38.15 -14.14 -52.56
CA TYR B 370 -36.87 -14.62 -52.08
C TYR B 370 -36.27 -13.63 -51.08
N GLY B 371 -35.54 -14.17 -50.12
CA GLY B 371 -34.81 -13.35 -49.18
C GLY B 371 -33.50 -14.02 -48.84
N ILE B 372 -32.52 -13.20 -48.48
CA ILE B 372 -31.18 -13.67 -48.18
C ILE B 372 -30.67 -12.95 -46.94
N ALA B 373 -29.91 -13.66 -46.12
CA ALA B 373 -29.28 -13.08 -44.94
C ALA B 373 -27.78 -13.34 -44.97
N ALA B 374 -27.00 -12.39 -44.48
CA ALA B 374 -25.55 -12.55 -44.35
C ALA B 374 -25.15 -12.26 -42.91
N ASN B 375 -24.63 -13.28 -42.23
CA ASN B 375 -24.18 -13.17 -40.86
C ASN B 375 -22.65 -13.29 -40.86
N VAL B 376 -21.98 -12.35 -40.20
CA VAL B 376 -20.53 -12.25 -40.23
C VAL B 376 -19.99 -12.45 -38.83
N GLY B 377 -18.94 -13.26 -38.70
CA GLY B 377 -18.22 -13.36 -37.45
C GLY B 377 -17.03 -12.43 -37.42
N GLY B 378 -16.93 -11.63 -36.37
CA GLY B 378 -15.80 -10.73 -36.27
C GLY B 378 -15.74 -9.78 -37.44
N THR B 379 -14.54 -9.63 -38.00
CA THR B 379 -14.29 -8.73 -39.13
C THR B 379 -14.48 -9.41 -40.48
N GLY B 380 -14.86 -10.67 -40.51
CA GLY B 380 -15.11 -11.36 -41.76
C GLY B 380 -14.49 -12.73 -41.86
N GLY B 381 -13.88 -13.18 -40.77
CA GLY B 381 -13.29 -14.51 -40.77
C GLY B 381 -14.29 -15.62 -41.04
N THR B 382 -15.55 -15.39 -40.70
CA THR B 382 -16.60 -16.39 -40.83
C THR B 382 -17.82 -15.69 -41.38
N VAL B 383 -18.39 -16.24 -42.45
CA VAL B 383 -19.63 -15.74 -43.02
C VAL B 383 -20.57 -16.92 -43.26
N CYS B 384 -21.83 -16.75 -42.88
CA CYS B 384 -22.87 -17.73 -43.10
C CYS B 384 -24.04 -17.04 -43.77
N VAL B 385 -24.49 -17.61 -44.88
CA VAL B 385 -25.61 -17.08 -45.66
C VAL B 385 -26.78 -18.05 -45.56
N HIS B 386 -27.99 -17.50 -45.50
CA HIS B 386 -29.23 -18.27 -45.65
C HIS B 386 -30.13 -17.63 -46.69
N LEU B 387 -30.64 -18.43 -47.62
CA LEU B 387 -31.51 -17.98 -48.70
C LEU B 387 -32.88 -18.62 -48.55
N LEU B 388 -33.91 -17.80 -48.33
CA LEU B 388 -35.27 -18.25 -48.11
C LEU B 388 -36.18 -17.90 -49.28
N SER B 389 -37.25 -18.67 -49.42
CA SER B 389 -38.23 -18.43 -50.46
C SER B 389 -39.60 -18.83 -49.94
N ASP B 390 -40.64 -18.23 -50.51
CA ASP B 390 -41.99 -18.68 -50.27
C ASP B 390 -42.36 -19.90 -51.12
N LYS B 391 -41.47 -20.33 -52.00
CA LYS B 391 -41.67 -21.49 -52.86
C LYS B 391 -40.63 -22.55 -52.53
N ARG B 392 -41.06 -23.80 -52.46
CA ARG B 392 -40.15 -24.89 -52.17
C ARG B 392 -39.18 -25.10 -53.32
N MET C 1 30.62 39.66 46.04
CA MET C 1 30.46 40.22 44.66
C MET C 1 31.80 40.61 44.06
N ARG C 2 32.48 39.69 43.39
CA ARG C 2 33.78 39.95 42.77
C ARG C 2 33.63 40.45 41.34
N ASP C 3 34.62 41.23 40.90
CA ASP C 3 34.72 41.58 39.50
C ASP C 3 35.19 40.38 38.70
N VAL C 4 34.66 40.25 37.48
CA VAL C 4 34.96 39.11 36.61
C VAL C 4 35.59 39.64 35.33
N ALA C 5 36.56 38.90 34.80
CA ALA C 5 37.25 39.27 33.57
C ALA C 5 37.32 38.08 32.62
N ILE C 6 37.76 38.36 31.41
CA ILE C 6 37.97 37.36 30.37
C ILE C 6 39.47 37.23 30.14
N ILE C 7 39.98 36.01 30.21
CA ILE C 7 41.40 35.75 29.98
C ILE C 7 41.67 34.95 28.72
N GLY C 8 40.65 34.34 28.11
CA GLY C 8 40.87 33.61 26.87
C GLY C 8 39.58 33.37 26.12
N TYR C 9 39.71 33.22 24.80
CA TYR C 9 38.59 32.95 23.91
C TYR C 9 39.03 32.02 22.79
N GLY C 10 38.17 31.05 22.47
CA GLY C 10 38.45 30.10 21.40
C GLY C 10 37.20 29.82 20.60
N GLN C 11 37.39 29.48 19.33
CA GLN C 11 36.29 29.36 18.40
C GLN C 11 36.64 28.39 17.28
N THR C 12 35.66 27.61 16.85
CA THR C 12 35.79 26.85 15.62
C THR C 12 35.30 27.69 14.45
N LYS C 13 35.59 27.23 13.24
CA LYS C 13 34.93 27.81 12.08
C LYS C 13 33.44 27.54 12.17
N PHE C 14 32.64 28.46 11.63
CA PHE C 14 31.19 28.33 11.60
C PHE C 14 30.76 27.96 10.19
N GLY C 15 30.05 26.85 10.05
CA GLY C 15 29.53 26.47 8.75
C GLY C 15 29.04 25.03 8.75
N GLU C 16 29.03 24.45 7.55
CA GLU C 16 28.61 23.06 7.35
C GLU C 16 29.81 22.15 7.54
N LEU C 17 29.98 21.67 8.76
CA LEU C 17 31.13 20.86 9.15
C LEU C 17 30.65 19.43 9.24
N TRP C 18 30.75 18.70 8.12
CA TRP C 18 30.23 17.34 8.07
C TRP C 18 31.11 16.38 8.87
N GLU C 19 32.44 16.47 8.69
CA GLU C 19 33.33 15.54 9.34
C GLU C 19 33.39 15.77 10.85
N ASP C 20 33.44 17.04 11.30
CA ASP C 20 33.54 17.35 12.72
C ASP C 20 32.26 16.96 13.45
N SER C 21 32.40 16.12 14.47
CA SER C 21 31.25 15.75 15.26
C SER C 21 30.91 16.84 16.26
N PHE C 22 29.79 16.65 16.94
CA PHE C 22 29.44 17.48 18.08
C PHE C 22 30.55 17.49 19.11
N ARG C 23 31.09 16.31 19.43
CA ARG C 23 32.21 16.25 20.37
C ARG C 23 33.42 16.98 19.80
N ASP C 24 33.82 16.63 18.57
CA ASP C 24 35.01 17.24 17.99
C ASP C 24 34.94 18.76 18.01
N LEU C 25 33.73 19.32 17.98
CA LEU C 25 33.59 20.77 17.90
C LEU C 25 33.85 21.45 19.25
N ILE C 26 33.17 21.01 20.29
CA ILE C 26 33.32 21.68 21.59
C ILE C 26 34.75 21.53 22.10
N VAL C 27 35.37 20.38 21.87
CA VAL C 27 36.77 20.21 22.24
C VAL C 27 37.63 21.25 21.53
N GLU C 28 37.52 21.33 20.20
CA GLU C 28 38.36 22.28 19.48
C GLU C 28 38.20 23.68 20.03
N ALA C 29 36.98 24.07 20.38
CA ALA C 29 36.79 25.39 20.95
C ALA C 29 37.36 25.48 22.35
N GLY C 30 37.17 24.44 23.16
CA GLY C 30 37.67 24.49 24.53
C GLY C 30 39.18 24.52 24.60
N VAL C 31 39.85 23.69 23.80
CA VAL C 31 41.31 23.68 23.79
C VAL C 31 41.84 25.02 23.30
N LYS C 32 41.24 25.59 22.26
CA LYS C 32 41.68 26.91 21.83
C LYS C 32 41.50 27.94 22.93
N ALA C 33 40.37 27.90 23.64
CA ALA C 33 40.16 28.87 24.72
C ALA C 33 41.13 28.64 25.86
N ILE C 34 41.33 27.38 26.26
CA ILE C 34 42.31 27.08 27.30
C ILE C 34 43.69 27.58 26.89
N LYS C 35 44.12 27.25 25.67
CA LYS C 35 45.45 27.62 25.22
C LYS C 35 45.64 29.13 25.18
N ASP C 36 44.63 29.87 24.70
CA ASP C 36 44.77 31.32 24.64
C ASP C 36 44.88 31.91 26.04
N ALA C 37 44.12 31.36 26.99
CA ALA C 37 44.12 31.89 28.35
C ALA C 37 45.34 31.47 29.15
N ASN C 38 46.16 30.53 28.64
CA ASN C 38 47.34 30.07 29.37
C ASN C 38 46.96 29.47 30.73
N VAL C 39 45.97 28.59 30.70
CA VAL C 39 45.56 27.83 31.87
C VAL C 39 45.66 26.36 31.52
N ASP C 40 45.76 25.54 32.56
CA ASP C 40 45.75 24.09 32.41
C ASP C 40 44.32 23.57 32.48
N GLY C 41 44.13 22.34 32.01
CA GLY C 41 42.82 21.73 32.13
C GLY C 41 42.34 21.68 33.57
N GLY C 42 43.24 21.34 34.49
CA GLY C 42 42.89 21.25 35.91
C GLY C 42 42.50 22.58 36.53
N ASP C 43 42.91 23.70 35.92
CA ASP C 43 42.61 25.02 36.47
C ASP C 43 41.14 25.39 36.29
N ILE C 44 40.41 24.72 35.40
CA ILE C 44 38.99 25.00 35.26
C ILE C 44 38.25 24.47 36.48
N ASP C 45 37.46 25.33 37.11
CA ASP C 45 36.70 24.96 38.29
C ASP C 45 35.27 24.57 37.96
N ALA C 46 34.73 25.08 36.85
CA ALA C 46 33.38 24.73 36.41
C ALA C 46 33.22 25.15 34.97
N MET C 47 32.21 24.59 34.33
CA MET C 47 31.88 24.86 32.95
C MET C 47 30.40 25.19 32.83
N TYR C 48 30.08 26.11 31.92
CA TYR C 48 28.70 26.44 31.61
C TYR C 48 28.54 26.40 30.09
N ILE C 49 27.60 25.58 29.61
CA ILE C 49 27.43 25.27 28.19
C ILE C 49 26.05 25.72 27.75
N GLY C 50 25.98 26.29 26.55
CA GLY C 50 24.72 26.58 25.89
C GLY C 50 24.52 25.70 24.67
N ASN C 51 23.33 25.13 24.55
CA ASN C 51 22.99 24.33 23.38
C ASN C 51 21.48 24.23 23.31
N MET C 52 20.88 25.04 22.45
CA MET C 52 19.43 25.00 22.26
C MET C 52 19.00 23.63 21.72
N SER C 53 19.65 23.15 20.66
CA SER C 53 19.17 21.97 19.95
C SER C 53 19.11 20.76 20.88
N GLY C 54 20.23 20.45 21.51
CA GLY C 54 20.36 19.27 22.34
C GLY C 54 19.73 18.05 21.71
N GLY C 55 18.55 17.68 22.23
CA GLY C 55 17.89 16.46 21.84
C GLY C 55 17.03 16.55 20.60
N LEU C 56 16.88 17.73 20.00
CA LEU C 56 16.17 17.82 18.73
C LEU C 56 17.09 17.64 17.54
N PHE C 57 18.36 18.02 17.68
CA PHE C 57 19.32 17.80 16.59
C PHE C 57 19.80 16.35 16.56
N VAL C 58 20.19 15.81 17.72
CA VAL C 58 20.79 14.48 17.80
C VAL C 58 20.01 13.53 18.70
N GLY C 59 19.05 14.02 19.48
CA GLY C 59 18.39 13.20 20.47
C GLY C 59 19.13 13.09 21.78
N GLN C 60 20.20 13.84 21.95
CA GLN C 60 21.03 13.77 23.15
C GLN C 60 20.65 14.92 24.08
N GLU C 61 20.13 14.60 25.25
CA GLU C 61 20.05 15.52 26.36
C GLU C 61 21.22 15.23 27.28
N HIS C 62 21.26 15.86 28.44
CA HIS C 62 22.35 15.62 29.39
C HIS C 62 23.70 15.93 28.74
N ILE C 63 23.72 16.96 27.91
CA ILE C 63 24.93 17.30 27.17
C ILE C 63 26.06 17.68 28.10
N ALA C 64 25.74 18.32 29.23
CA ALA C 64 26.79 18.72 30.16
C ALA C 64 27.71 17.55 30.51
N SER C 65 27.11 16.43 30.94
CA SER C 65 27.91 15.27 31.31
C SER C 65 28.76 14.79 30.14
N LEU C 66 28.15 14.74 28.95
CA LEU C 66 28.87 14.30 27.76
C LEU C 66 30.06 15.20 27.48
N ILE C 67 29.88 16.51 27.56
CA ILE C 67 30.96 17.44 27.23
C ILE C 67 32.08 17.36 28.26
N ALA C 68 31.74 17.33 29.54
CA ALA C 68 32.77 17.20 30.55
C ALA C 68 33.49 15.88 30.42
N ASP C 69 32.73 14.80 30.18
CA ASP C 69 33.32 13.48 30.03
C ASP C 69 34.35 13.46 28.91
N HIS C 70 33.96 13.91 27.72
CA HIS C 70 34.81 13.78 26.55
C HIS C 70 35.85 14.89 26.46
N ALA C 71 35.67 15.99 27.17
CA ALA C 71 36.76 16.95 27.30
C ALA C 71 37.86 16.45 28.22
N GLY C 72 37.61 15.40 29.01
CA GLY C 72 38.60 14.87 29.93
C GLY C 72 38.68 15.58 31.25
N LEU C 73 37.68 16.41 31.57
CA LEU C 73 37.71 17.26 32.76
C LEU C 73 36.87 16.72 33.90
N ASN C 74 36.39 15.48 33.81
CA ASN C 74 35.69 14.88 34.94
C ASN C 74 36.66 14.93 36.12
N PRO C 75 36.17 15.30 37.31
CA PRO C 75 34.80 15.46 37.80
C PRO C 75 34.32 16.91 37.91
N VAL C 76 34.82 17.80 37.06
CA VAL C 76 34.47 19.21 37.22
C VAL C 76 32.97 19.38 37.01
N PRO C 77 32.29 20.23 37.76
CA PRO C 77 30.87 20.47 37.48
C PRO C 77 30.67 21.12 36.12
N CYS C 78 29.75 20.55 35.35
CA CYS C 78 29.35 21.13 34.07
C CYS C 78 27.83 21.25 34.03
N THR C 79 27.34 22.37 33.50
CA THR C 79 25.93 22.72 33.55
C THR C 79 25.50 23.26 32.19
N ARG C 80 24.35 22.81 31.72
CA ARG C 80 23.75 23.35 30.51
C ARG C 80 22.72 24.44 30.83
N VAL C 81 22.77 25.52 30.06
CA VAL C 81 21.87 26.64 30.19
C VAL C 81 21.18 26.84 28.85
N GLU C 82 19.86 27.02 28.86
CA GLU C 82 19.12 27.10 27.61
C GLU C 82 18.18 28.28 27.58
N ALA C 83 18.25 29.04 26.49
CA ALA C 83 17.30 30.12 26.22
C ALA C 83 17.22 30.35 24.71
N ALA C 84 17.08 29.27 23.95
CA ALA C 84 17.01 29.30 22.48
C ALA C 84 18.29 29.97 21.96
N CYS C 85 18.19 30.95 21.05
CA CYS C 85 19.36 31.54 20.44
C CYS C 85 20.17 32.35 21.44
N ALA C 86 19.68 32.53 22.66
CA ALA C 86 20.41 33.27 23.68
C ALA C 86 21.17 32.35 24.63
N SER C 87 21.19 31.04 24.36
CA SER C 87 21.85 30.11 25.26
C SER C 87 23.31 30.47 25.47
N GLY C 88 23.99 30.89 24.41
CA GLY C 88 25.39 31.23 24.54
C GLY C 88 25.63 32.30 25.58
N SER C 89 24.94 33.43 25.46
CA SER C 89 25.12 34.53 26.41
C SER C 89 24.69 34.10 27.80
N LEU C 90 23.65 33.28 27.90
CA LEU C 90 23.17 32.85 29.20
C LEU C 90 24.20 32.01 29.91
N ALA C 91 24.91 31.16 29.17
CA ALA C 91 26.00 30.39 29.76
C ALA C 91 27.10 31.30 30.26
N LEU C 92 27.41 32.35 29.50
CA LEU C 92 28.40 33.31 29.96
C LEU C 92 27.93 33.96 31.26
N ARG C 93 26.71 34.50 31.26
CA ARG C 93 26.21 35.18 32.46
C ARG C 93 26.24 34.25 33.66
N SER C 94 25.80 33.00 33.49
CA SER C 94 25.90 32.03 34.58
C SER C 94 27.34 31.88 35.05
N ALA C 95 28.27 31.78 34.11
CA ALA C 95 29.68 31.65 34.48
C ALA C 95 30.14 32.89 35.24
N VAL C 96 29.77 34.07 34.75
CA VAL C 96 30.12 35.31 35.44
C VAL C 96 29.62 35.28 36.88
N LEU C 97 28.34 34.98 37.07
CA LEU C 97 27.78 35.01 38.42
C LEU C 97 28.46 34.00 39.33
N SER C 98 28.97 32.90 38.79
CA SER C 98 29.63 31.91 39.64
C SER C 98 31.01 32.38 40.08
N VAL C 99 31.71 33.15 39.25
CA VAL C 99 32.97 33.74 39.65
C VAL C 99 32.73 34.84 40.68
N ALA C 100 31.74 35.68 40.41
CA ALA C 100 31.40 36.75 41.35
C ALA C 100 31.05 36.22 42.73
N SER C 101 30.45 35.04 42.80
CA SER C 101 30.02 34.46 44.07
C SER C 101 31.17 33.97 44.94
N GLY C 102 32.32 33.69 44.35
CA GLY C 102 33.42 33.13 45.10
C GLY C 102 33.50 31.62 45.10
N HIS C 103 32.53 30.94 44.51
CA HIS C 103 32.53 29.48 44.52
C HIS C 103 33.49 28.92 43.46
N HIS C 104 33.72 29.67 42.39
CA HIS C 104 34.63 29.29 41.33
C HIS C 104 35.48 30.49 40.96
N ASP C 105 36.73 30.24 40.62
CA ASP C 105 37.65 31.29 40.22
C ASP C 105 37.88 31.36 38.73
N VAL C 106 38.01 30.21 38.10
CA VAL C 106 38.22 30.11 36.68
C VAL C 106 37.12 29.22 36.13
N VAL C 107 36.36 29.74 35.19
CA VAL C 107 35.19 29.05 34.67
C VAL C 107 35.17 29.18 33.15
N LEU C 108 34.87 28.08 32.47
CA LEU C 108 34.69 28.08 31.03
C LEU C 108 33.21 28.28 30.68
N ALA C 109 32.93 29.25 29.83
CA ALA C 109 31.62 29.46 29.27
C ALA C 109 31.71 29.21 27.77
N GLY C 110 30.99 28.21 27.29
CA GLY C 110 31.03 27.86 25.89
C GLY C 110 29.65 27.52 25.35
N GLY C 111 29.57 27.50 24.04
CA GLY C 111 28.35 27.12 23.36
C GLY C 111 28.69 26.31 22.13
N VAL C 112 27.82 25.37 21.79
CA VAL C 112 28.03 24.47 20.67
C VAL C 112 26.69 24.12 20.06
N GLU C 113 26.69 23.87 18.75
CA GLU C 113 25.47 23.49 18.03
C GLU C 113 25.84 22.63 16.83
N LYS C 114 25.03 21.59 16.58
CA LYS C 114 25.27 20.68 15.44
C LYS C 114 23.97 20.57 14.66
N MET C 115 23.67 21.58 13.86
CA MET C 115 22.41 21.63 13.13
C MET C 115 22.41 20.85 11.82
N THR C 116 23.57 20.50 11.25
CA THR C 116 23.55 19.81 9.96
C THR C 116 23.09 18.36 10.05
N ASP C 117 23.12 17.76 11.24
CA ASP C 117 22.81 16.33 11.33
C ASP C 117 21.32 16.02 11.15
N VAL C 118 20.45 17.00 11.28
CA VAL C 118 19.03 16.81 11.06
C VAL C 118 18.71 17.07 9.59
N GLU C 119 17.71 16.36 9.06
CA GLU C 119 17.28 16.60 7.68
C GLU C 119 16.63 17.97 7.53
N ASP C 120 15.72 18.32 8.45
CA ASP C 120 15.02 19.60 8.41
C ASP C 120 15.24 20.35 9.71
N ALA C 121 15.97 21.46 9.64
CA ALA C 121 16.30 22.26 10.81
C ALA C 121 15.16 23.15 11.26
N THR C 122 14.20 23.43 10.38
CA THR C 122 13.15 24.39 10.72
C THR C 122 12.46 24.05 12.03
N ALA C 123 12.10 22.77 12.21
CA ALA C 123 11.35 22.38 13.41
C ALA C 123 12.07 22.77 14.69
N ALA C 124 13.41 22.71 14.69
CA ALA C 124 14.18 23.06 15.88
C ALA C 124 14.18 24.57 16.11
N ILE C 125 14.49 25.34 15.07
CA ILE C 125 14.52 26.80 15.21
C ILE C 125 13.14 27.33 15.56
N ALA C 126 12.09 26.63 15.12
CA ALA C 126 10.72 26.97 15.51
C ALA C 126 10.43 26.65 16.96
N SER C 127 11.29 25.85 17.62
CA SER C 127 11.08 25.57 19.03
C SER C 127 11.10 26.84 19.87
N ALA C 128 11.83 27.86 19.43
CA ALA C 128 11.92 29.09 20.20
C ALA C 128 10.62 29.88 20.17
N SER C 129 9.71 29.57 19.25
CA SER C 129 8.41 30.21 19.23
C SER C 129 7.42 29.37 20.05
N ASP C 130 6.25 29.95 20.32
CA ASP C 130 5.20 29.23 21.01
C ASP C 130 4.73 28.10 20.11
N GLN C 131 4.91 26.86 20.56
CA GLN C 131 4.53 25.73 19.71
C GLN C 131 3.03 25.65 19.53
N GLU C 132 2.26 25.97 20.58
CA GLU C 132 0.82 25.80 20.53
C GLU C 132 0.12 26.92 19.75
N TRP C 133 0.67 28.13 19.77
CA TRP C 133 -0.05 29.30 19.29
C TRP C 133 0.67 30.07 18.19
N GLU C 134 1.86 29.65 17.80
CA GLU C 134 2.56 30.23 16.66
C GLU C 134 2.94 29.15 15.65
N ALA C 135 3.76 28.19 16.04
CA ALA C 135 4.19 27.13 15.13
C ALA C 135 3.00 26.33 14.62
N PHE C 136 2.14 25.91 15.53
CA PHE C 136 0.98 25.07 15.20
C PHE C 136 0.24 25.60 13.98
N PHE C 137 0.08 26.92 13.87
CA PHE C 137 -0.72 27.51 12.80
C PHE C 137 0.09 27.79 11.54
N GLY C 138 1.36 27.44 11.52
CA GLY C 138 2.18 27.56 10.33
C GLY C 138 3.02 28.81 10.25
N ALA C 139 3.29 29.46 11.38
CA ALA C 139 4.17 30.62 11.41
C ALA C 139 5.60 30.10 11.58
N THR C 140 6.34 30.06 10.49
CA THR C 140 7.72 29.63 10.54
C THR C 140 8.54 30.72 11.19
N PHE C 141 9.70 30.35 11.73
CA PHE C 141 10.51 31.35 12.42
C PHE C 141 10.86 32.53 11.53
N PRO C 142 11.26 32.35 10.28
CA PRO C 142 11.47 33.52 9.43
C PRO C 142 10.22 34.33 9.20
N SER C 143 9.05 33.69 9.20
CA SER C 143 7.82 34.44 8.94
C SER C 143 7.47 35.35 10.11
N LEU C 144 7.87 34.98 11.34
CA LEU C 144 7.62 35.86 12.47
C LEU C 144 8.42 37.15 12.35
N TYR C 145 9.72 37.03 12.14
CA TYR C 145 10.55 38.21 12.00
C TYR C 145 10.18 39.01 10.75
N ALA C 146 9.65 38.34 9.73
CA ALA C 146 9.16 39.09 8.57
C ALA C 146 7.96 39.94 8.96
N MET C 147 7.09 39.43 9.82
CA MET C 147 5.95 40.20 10.27
C MET C 147 6.39 41.38 11.13
N MET C 148 7.50 41.22 11.85
CA MET C 148 8.10 42.37 12.53
C MET C 148 8.57 43.40 11.53
N ALA C 149 9.27 42.95 10.49
CA ALA C 149 9.74 43.86 9.46
C ALA C 149 8.58 44.58 8.79
N ARG C 150 7.50 43.85 8.51
CA ARG C 150 6.35 44.50 7.88
C ARG C 150 5.77 45.56 8.80
N ARG C 151 5.58 45.24 10.08
CA ARG C 151 5.05 46.22 11.00
C ARG C 151 6.01 47.41 11.17
N TYR C 152 7.32 47.14 11.26
CA TYR C 152 8.27 48.24 11.36
C TYR C 152 8.22 49.12 10.13
N MET C 153 8.13 48.51 8.95
CA MET C 153 8.01 49.29 7.71
C MET C 153 6.71 50.11 7.71
N TYR C 154 5.64 49.51 8.23
CA TYR C 154 4.36 50.20 8.27
C TYR C 154 4.41 51.43 9.16
N GLN C 155 5.10 51.32 10.30
CA GLN C 155 5.12 52.42 11.26
C GLN C 155 6.15 53.47 10.89
N TYR C 156 7.33 53.06 10.43
CA TYR C 156 8.45 53.97 10.29
C TYR C 156 8.87 54.19 8.85
N GLY C 157 8.27 53.49 7.89
CA GLY C 157 8.56 53.72 6.49
C GLY C 157 9.90 53.20 6.02
N LEU C 158 10.43 52.18 6.69
CA LEU C 158 11.64 51.53 6.22
C LEU C 158 11.40 50.93 4.84
N THR C 159 12.34 51.14 3.93
CA THR C 159 12.24 50.55 2.60
C THR C 159 13.14 49.33 2.48
N ILE C 160 12.77 48.45 1.56
CA ILE C 160 13.52 47.20 1.41
C ILE C 160 14.97 47.46 1.08
N GLU C 161 15.27 48.53 0.34
CA GLU C 161 16.67 48.87 0.06
C GLU C 161 17.44 49.16 1.34
N GLU C 162 16.84 49.92 2.25
CA GLU C 162 17.52 50.25 3.51
C GLU C 162 17.80 48.98 4.31
N LEU C 163 16.78 48.12 4.46
CA LEU C 163 16.97 46.86 5.14
C LEU C 163 18.05 46.02 4.46
N SER C 164 18.06 45.99 3.13
CA SER C 164 18.99 45.12 2.40
C SER C 164 20.43 45.57 2.56
N MET C 165 20.65 46.87 2.84
CA MET C 165 22.03 47.32 3.00
C MET C 165 22.66 46.68 4.22
N TRP C 166 21.86 46.32 5.22
CA TRP C 166 22.43 45.63 6.37
C TRP C 166 23.17 44.37 5.93
N SER C 167 22.60 43.64 4.98
CA SER C 167 23.21 42.38 4.55
C SER C 167 24.44 42.62 3.68
N VAL C 168 24.45 43.68 2.87
CA VAL C 168 25.63 43.98 2.08
C VAL C 168 26.81 44.25 3.00
N ILE C 169 26.60 45.08 4.02
CA ILE C 169 27.67 45.42 4.95
C ILE C 169 28.17 44.15 5.64
N ALA C 170 27.25 43.35 6.16
CA ALA C 170 27.64 42.16 6.90
C ALA C 170 28.56 41.29 6.08
N HIS C 171 28.22 41.05 4.81
CA HIS C 171 29.03 40.15 4.00
C HIS C 171 30.37 40.75 3.67
N GLU C 172 30.42 42.07 3.44
CA GLU C 172 31.71 42.71 3.26
C GLU C 172 32.58 42.51 4.48
N ASN C 173 32.00 42.69 5.68
CA ASN C 173 32.76 42.50 6.90
C ASN C 173 33.23 41.06 7.06
N ALA C 174 32.41 40.09 6.63
CA ALA C 174 32.75 38.69 6.84
C ALA C 174 33.93 38.22 6.01
N THR C 175 34.26 38.91 4.92
CA THR C 175 35.43 38.52 4.14
C THR C 175 36.73 38.69 4.91
N LYS C 176 36.73 39.53 5.93
CA LYS C 176 37.88 39.72 6.81
C LYS C 176 37.90 38.75 7.98
N ASN C 177 36.93 37.83 8.06
CA ASN C 177 36.81 36.90 9.18
C ASN C 177 37.12 35.48 8.71
N LYS C 178 38.20 34.92 9.26
CA LYS C 178 38.58 33.55 8.91
C LYS C 178 37.50 32.55 9.33
N TYR C 179 36.85 32.79 10.47
CA TYR C 179 35.88 31.84 11.01
C TYR C 179 34.48 32.04 10.46
N ALA C 180 34.28 32.99 9.55
CA ALA C 180 32.95 33.26 9.02
C ALA C 180 32.49 32.16 8.10
N GLN C 181 31.18 31.91 8.10
CA GLN C 181 30.61 30.90 7.23
C GLN C 181 30.62 31.35 5.77
N PHE C 182 30.32 32.62 5.52
CA PHE C 182 30.26 33.16 4.17
C PHE C 182 31.37 34.21 3.98
N GLY C 183 32.27 33.95 3.05
CA GLY C 183 33.31 34.90 2.74
C GLY C 183 33.24 35.40 1.31
N PHE C 184 32.13 36.04 0.95
CA PHE C 184 31.97 36.59 -0.38
C PHE C 184 31.23 37.92 -0.29
N LYS C 185 31.59 38.86 -1.17
CA LYS C 185 30.90 40.14 -1.20
C LYS C 185 29.62 40.03 -2.00
N THR C 186 28.65 40.87 -1.67
CA THR C 186 27.37 40.89 -2.37
C THR C 186 27.02 42.33 -2.73
N THR C 187 25.85 42.50 -3.33
CA THR C 187 25.35 43.80 -3.75
C THR C 187 23.88 43.93 -3.34
N LEU C 188 23.37 45.16 -3.39
CA LEU C 188 21.97 45.40 -3.07
C LEU C 188 21.06 44.59 -3.96
N GLU C 189 21.33 44.58 -5.27
CA GLU C 189 20.48 43.86 -6.19
C GLU C 189 20.48 42.37 -5.93
N GLN C 190 21.65 41.79 -5.65
CA GLN C 190 21.71 40.37 -5.35
C GLN C 190 20.93 40.03 -4.10
N VAL C 191 20.93 40.94 -3.11
CA VAL C 191 20.17 40.70 -1.88
C VAL C 191 18.68 40.77 -2.16
N MET C 192 18.25 41.84 -2.81
CA MET C 192 16.82 42.03 -3.06
C MET C 192 16.28 41.00 -4.04
N ASN C 193 17.09 40.56 -4.99
CA ASN C 193 16.63 39.60 -6.00
C ASN C 193 16.85 38.15 -5.58
N ALA C 194 17.40 37.89 -4.39
CA ALA C 194 17.54 36.52 -3.92
C ALA C 194 16.17 35.88 -3.69
N SER C 195 16.17 34.55 -3.57
CA SER C 195 14.91 33.83 -3.42
C SER C 195 14.23 34.27 -2.12
N PRO C 196 12.92 34.47 -2.13
CA PRO C 196 12.24 34.89 -0.91
C PRO C 196 11.92 33.71 -0.02
N VAL C 197 12.09 33.92 1.28
CA VAL C 197 11.72 32.94 2.28
C VAL C 197 10.36 33.27 2.88
N ALA C 198 10.19 34.52 3.31
CA ALA C 198 8.94 35.01 3.88
C ALA C 198 8.87 36.51 3.65
N ASP C 199 7.92 36.96 2.85
CA ASP C 199 7.80 38.35 2.47
C ASP C 199 7.89 39.21 3.72
N PRO C 200 8.78 40.21 3.74
CA PRO C 200 9.62 40.76 2.66
C PRO C 200 11.05 40.23 2.62
N LEU C 201 11.35 39.26 3.47
CA LEU C 201 12.71 38.75 3.61
C LEU C 201 13.06 37.80 2.48
N THR C 202 14.34 37.81 2.11
CA THR C 202 14.89 36.92 1.12
C THR C 202 15.97 36.05 1.76
N LEU C 203 16.39 35.04 1.01
CA LEU C 203 17.44 34.17 1.51
C LEU C 203 18.68 34.95 1.91
N MET C 204 18.93 36.08 1.26
CA MET C 204 20.07 36.91 1.61
C MET C 204 19.79 37.84 2.78
N HIS C 205 18.58 37.82 3.34
CA HIS C 205 18.33 38.48 4.61
C HIS C 205 18.40 37.54 5.79
N CYS C 206 18.27 36.24 5.58
CA CYS C 206 18.17 35.26 6.65
C CYS C 206 19.53 34.63 6.94
N SER C 207 19.81 34.44 8.22
CA SER C 207 21.00 33.73 8.63
C SER C 207 20.83 32.24 8.33
N PRO C 208 21.93 31.53 8.09
CA PRO C 208 21.84 30.11 7.73
C PRO C 208 21.89 29.19 8.94
N VAL C 209 21.57 27.92 8.68
CA VAL C 209 21.78 26.88 9.68
C VAL C 209 23.27 26.57 9.75
N SER C 210 23.81 26.54 10.95
CA SER C 210 25.25 26.51 11.11
C SER C 210 25.68 25.54 12.21
N ASP C 211 26.76 24.79 11.95
CA ASP C 211 27.51 24.11 12.99
C ASP C 211 28.64 25.00 13.50
N GLY C 212 28.94 24.89 14.78
CA GLY C 212 30.09 25.60 15.33
C GLY C 212 30.08 25.56 16.83
N ALA C 213 31.22 25.97 17.39
CA ALA C 213 31.37 26.07 18.83
C ALA C 213 32.29 27.24 19.15
N SER C 214 32.04 27.87 20.30
CA SER C 214 32.91 28.92 20.80
C SER C 214 32.94 28.83 22.31
N ALA C 215 34.03 29.29 22.91
CA ALA C 215 34.20 29.19 24.35
C ALA C 215 35.02 30.36 24.87
N LEU C 216 34.68 30.82 26.08
CA LEU C 216 35.40 31.86 26.81
C LEU C 216 35.91 31.29 28.12
N ILE C 217 37.04 31.81 28.58
CA ILE C 217 37.53 31.56 29.92
C ILE C 217 37.33 32.85 30.69
N VAL C 218 36.45 32.82 31.70
CA VAL C 218 36.24 33.96 32.56
C VAL C 218 36.94 33.68 33.88
N CYS C 219 37.37 34.74 34.54
CA CYS C 219 38.23 34.60 35.70
C CYS C 219 38.02 35.80 36.61
N ASP C 220 38.37 35.62 37.88
CA ASP C 220 38.35 36.73 38.82
C ASP C 220 39.35 37.79 38.42
N ALA C 221 38.90 39.05 38.46
CA ALA C 221 39.71 40.14 37.95
C ALA C 221 41.09 40.16 38.57
N ASP C 222 41.19 39.82 39.85
CA ASP C 222 42.51 39.89 40.49
C ASP C 222 43.40 38.71 40.09
N LYS C 223 42.87 37.49 40.15
CA LYS C 223 43.65 36.32 39.77
C LYS C 223 44.02 36.37 38.29
N ALA C 224 43.20 37.05 37.49
CA ALA C 224 43.44 37.12 36.05
C ALA C 224 44.88 37.51 35.76
N GLU C 225 45.44 38.40 36.57
CA GLU C 225 46.81 38.81 36.34
C GLU C 225 47.78 37.65 36.49
N GLU C 226 47.34 36.57 37.15
CA GLU C 226 48.19 35.40 37.34
C GLU C 226 48.38 34.62 36.04
N PHE C 227 47.38 34.58 35.18
CA PHE C 227 47.45 33.86 33.92
C PHE C 227 47.74 34.74 32.71
N ALA C 228 47.34 36.00 32.75
CA ALA C 228 47.41 36.85 31.57
C ALA C 228 48.16 38.14 31.88
N PRO C 229 48.79 38.74 30.87
CA PRO C 229 49.33 40.09 31.06
C PRO C 229 48.23 41.11 31.28
N LYS C 230 48.52 42.11 32.12
CA LYS C 230 47.51 43.11 32.43
C LYS C 230 47.00 43.76 31.15
N ASP C 231 47.79 43.69 30.07
CA ASP C 231 47.44 44.30 28.79
C ASP C 231 46.30 43.57 28.10
N GLU C 232 46.32 42.24 28.11
CA GLU C 232 45.40 41.40 27.35
C GLU C 232 44.17 40.99 28.15
N ILE C 233 43.90 41.64 29.28
CA ILE C 233 42.73 41.33 30.11
C ILE C 233 41.61 42.29 29.76
N ILE C 234 40.41 41.74 29.57
CA ILE C 234 39.20 42.53 29.34
C ILE C 234 38.24 42.25 30.48
N TYR C 235 37.64 43.30 31.00
CA TYR C 235 36.83 43.22 32.19
C TYR C 235 35.35 43.26 31.81
N ILE C 236 34.55 42.46 32.51
CA ILE C 236 33.12 42.39 32.26
C ILE C 236 32.47 43.42 33.19
N LYS C 237 32.08 44.56 32.62
CA LYS C 237 31.44 45.61 33.40
C LYS C 237 30.00 45.26 33.77
N ALA C 238 29.32 44.46 32.96
CA ALA C 238 27.92 44.18 33.24
C ALA C 238 27.48 42.92 32.49
N SER C 239 26.65 42.11 33.15
CA SER C 239 26.04 40.92 32.56
C SER C 239 24.57 40.89 32.96
N THR C 240 23.71 41.44 32.10
CA THR C 240 22.30 41.63 32.41
C THR C 240 21.43 40.78 31.48
N GLN C 241 20.20 40.52 31.96
CA GLN C 241 19.24 39.66 31.26
C GLN C 241 17.84 40.15 31.57
N ALA C 242 16.92 39.98 30.62
CA ALA C 242 15.54 40.42 30.79
C ALA C 242 14.61 39.45 30.06
N SER C 243 13.31 39.67 30.24
CA SER C 243 12.29 38.78 29.71
C SER C 243 11.20 39.57 29.00
N ASP C 244 10.59 38.93 28.00
CA ASP C 244 9.48 39.48 27.23
C ASP C 244 8.52 38.34 26.91
N THR C 245 7.35 38.67 26.36
CA THR C 245 6.42 37.62 25.96
C THR C 245 7.06 36.72 24.91
N ILE C 246 6.79 35.41 25.03
CA ILE C 246 7.35 34.45 24.08
C ILE C 246 6.74 34.63 22.69
N ALA C 247 5.44 34.86 22.61
CA ALA C 247 4.76 35.01 21.33
C ALA C 247 4.81 36.45 20.85
N LEU C 248 5.09 36.63 19.57
CA LEU C 248 5.13 37.98 19.00
C LEU C 248 3.79 38.68 19.15
N HIS C 249 2.68 37.95 19.02
CA HIS C 249 1.38 38.60 19.07
C HIS C 249 1.05 39.13 20.45
N ASP C 250 1.71 38.62 21.48
CA ASP C 250 1.50 39.11 22.85
C ASP C 250 2.38 40.32 23.18
N ARG C 251 3.18 40.82 22.25
CA ARG C 251 4.03 41.96 22.52
C ARG C 251 3.23 43.25 22.58
N GLU C 252 3.63 44.14 23.50
CA GLU C 252 3.01 45.46 23.58
C GLU C 252 3.31 46.27 22.32
N ASP C 253 4.56 46.24 21.87
CA ASP C 253 4.94 46.86 20.61
C ASP C 253 5.88 45.89 19.89
N MET C 254 5.55 45.51 18.66
CA MET C 254 6.37 44.56 17.92
C MET C 254 7.60 45.19 17.31
N THR C 255 7.67 46.50 17.23
CA THR C 255 8.83 47.14 16.62
C THR C 255 10.01 47.29 17.59
N THR C 256 9.87 46.87 18.84
CA THR C 256 10.97 46.95 19.79
C THR C 256 10.99 45.73 20.68
N LEU C 257 12.18 45.41 21.19
CA LEU C 257 12.39 44.29 22.11
C LEU C 257 12.57 44.85 23.51
N ASN C 258 11.49 44.88 24.29
CA ASN C 258 11.56 45.49 25.61
C ASN C 258 12.69 44.89 26.43
N ALA C 259 12.87 43.57 26.34
CA ALA C 259 13.92 42.92 27.13
C ALA C 259 15.29 43.45 26.78
N ALA C 260 15.51 43.89 25.54
CA ALA C 260 16.79 44.52 25.21
C ALA C 260 16.89 45.91 25.82
N LYS C 261 15.82 46.71 25.73
CA LYS C 261 15.83 48.01 26.40
C LYS C 261 16.09 47.84 27.90
N VAL C 262 15.38 46.92 28.54
CA VAL C 262 15.56 46.70 29.98
C VAL C 262 17.00 46.28 30.28
N ALA C 263 17.50 45.27 29.58
CA ALA C 263 18.83 44.75 29.87
C ALA C 263 19.92 45.77 29.55
N SER C 264 19.86 46.40 28.38
CA SER C 264 20.90 47.35 28.00
C SER C 264 20.93 48.55 28.94
N GLU C 265 19.75 49.08 29.28
CA GLU C 265 19.69 50.19 30.24
C GLU C 265 20.36 49.80 31.55
N LYS C 266 20.07 48.61 32.05
CA LYS C 266 20.67 48.17 33.31
C LYS C 266 22.17 48.02 33.18
N ALA C 267 22.66 47.53 32.05
CA ALA C 267 24.10 47.42 31.85
C ALA C 267 24.76 48.79 31.83
N TYR C 268 24.18 49.71 31.06
CA TYR C 268 24.72 51.06 31.01
C TYR C 268 24.80 51.69 32.41
N LYS C 269 23.78 51.47 33.24
CA LYS C 269 23.79 52.02 34.59
C LYS C 269 24.95 51.45 35.41
N LEU C 270 25.05 50.12 35.49
CA LEU C 270 26.10 49.48 36.28
C LEU C 270 27.48 49.94 35.83
N ALA C 271 27.71 50.00 34.52
CA ALA C 271 28.99 50.46 34.00
C ALA C 271 29.13 51.97 34.11
N LYS C 272 28.04 52.67 34.42
CA LYS C 272 28.06 54.11 34.62
C LYS C 272 28.51 54.84 33.36
N ILE C 273 28.09 54.33 32.20
CA ILE C 273 28.38 54.96 30.91
C ILE C 273 27.08 55.08 30.12
N ALA C 274 27.16 55.82 29.04
CA ALA C 274 26.04 56.04 28.13
C ALA C 274 26.28 55.33 26.80
N PRO C 275 25.22 55.15 25.99
CA PRO C 275 25.41 54.51 24.68
C PRO C 275 26.43 55.20 23.81
N GLU C 276 26.64 56.49 24.02
CA GLU C 276 27.58 57.25 23.20
C GLU C 276 29.01 56.79 23.40
N LYS C 277 29.28 56.03 24.47
CA LYS C 277 30.62 55.62 24.82
C LYS C 277 30.99 54.25 24.25
N ILE C 278 30.06 53.55 23.62
CA ILE C 278 30.33 52.22 23.06
C ILE C 278 31.11 52.36 21.76
N ASP C 279 32.24 51.67 21.67
CA ASP C 279 33.05 51.69 20.45
C ASP C 279 32.63 50.60 19.47
N VAL C 280 32.31 49.41 19.98
CA VAL C 280 31.93 48.27 19.17
C VAL C 280 30.70 47.62 19.79
N ALA C 281 29.77 47.18 18.95
CA ALA C 281 28.59 46.48 19.39
C ALA C 281 28.41 45.22 18.56
N GLU C 282 28.02 44.12 19.21
CA GLU C 282 27.66 42.89 18.53
C GLU C 282 26.18 42.65 18.81
N VAL C 283 25.35 42.71 17.76
CA VAL C 283 23.92 42.54 17.90
C VAL C 283 23.46 41.27 17.18
N HIS C 284 22.30 40.80 17.61
CA HIS C 284 21.65 39.59 17.10
C HIS C 284 20.89 39.91 15.83
N ASP C 285 21.50 39.66 14.68
CA ASP C 285 20.87 40.02 13.41
C ASP C 285 20.55 38.80 12.55
N CYS C 286 19.88 37.81 13.15
CA CYS C 286 19.53 36.59 12.41
C CYS C 286 18.68 36.88 11.19
N PHE C 287 17.96 38.01 11.15
CA PHE C 287 17.12 38.31 10.00
C PHE C 287 17.20 39.79 9.62
N ALA C 288 18.33 40.44 9.91
CA ALA C 288 18.56 41.81 9.49
C ALA C 288 17.67 42.81 10.22
N ILE C 289 16.35 42.73 10.05
CA ILE C 289 15.46 43.62 10.79
C ILE C 289 15.82 43.62 12.27
N ASN C 290 16.12 42.43 12.81
CA ASN C 290 16.46 42.34 14.22
C ASN C 290 17.70 43.14 14.55
N GLY C 291 18.63 43.24 13.61
CA GLY C 291 19.79 44.09 13.80
C GLY C 291 19.43 45.56 13.87
N LEU C 292 18.52 46.00 13.01
CA LEU C 292 18.12 47.40 13.01
C LEU C 292 17.43 47.75 14.33
N ILE C 293 16.49 46.91 14.77
CA ILE C 293 15.75 47.18 15.99
C ILE C 293 16.69 47.27 17.18
N LEU C 294 17.67 46.37 17.25
CA LEU C 294 18.56 46.37 18.41
C LEU C 294 19.46 47.59 18.43
N VAL C 295 19.89 48.08 17.27
CA VAL C 295 20.66 49.31 17.23
C VAL C 295 19.88 50.44 17.86
N GLU C 296 18.55 50.42 17.71
CA GLU C 296 17.72 51.44 18.35
C GLU C 296 17.55 51.17 19.83
N ASP C 297 17.23 49.93 20.18
CA ASP C 297 16.91 49.60 21.57
C ASP C 297 18.14 49.75 22.48
N LEU C 298 19.34 49.56 21.94
CA LEU C 298 20.54 49.83 22.74
C LEU C 298 20.85 51.31 22.85
N GLY C 299 20.14 52.17 22.11
CA GLY C 299 20.23 53.60 22.29
C GLY C 299 21.18 54.30 21.35
N PHE C 300 21.57 53.66 20.25
CA PHE C 300 22.48 54.30 19.31
C PHE C 300 21.76 55.20 18.32
N CYS C 301 20.43 55.06 18.19
CA CYS C 301 19.68 55.97 17.33
C CYS C 301 18.20 55.86 17.67
N LYS C 302 17.44 56.83 17.17
CA LYS C 302 16.03 56.98 17.51
C LYS C 302 15.21 55.86 16.90
N LYS C 303 14.12 55.50 17.57
CA LYS C 303 13.23 54.47 17.06
C LYS C 303 12.74 54.87 15.68
N GLY C 304 12.84 53.94 14.73
CA GLY C 304 12.42 54.19 13.37
C GLY C 304 13.48 54.79 12.48
N ASP C 305 14.61 55.22 13.02
CA ASP C 305 15.64 55.86 12.21
C ASP C 305 16.76 54.90 11.81
N ALA C 306 16.77 53.69 12.34
CA ALA C 306 17.85 52.74 12.06
C ALA C 306 18.08 52.59 10.56
N GLY C 307 17.00 52.56 9.77
CA GLY C 307 17.17 52.38 8.34
C GLY C 307 17.99 53.49 7.71
N LYS C 308 17.82 54.71 8.19
CA LYS C 308 18.48 55.86 7.59
C LYS C 308 19.95 55.91 7.98
N VAL C 309 20.25 55.57 9.24
CA VAL C 309 21.64 55.62 9.70
C VAL C 309 22.44 54.48 9.08
N ILE C 310 21.81 53.36 8.77
CA ILE C 310 22.51 52.24 8.14
C ILE C 310 22.72 52.48 6.65
N ASP C 311 21.81 53.19 5.98
CA ASP C 311 21.99 53.43 4.55
C ASP C 311 23.28 54.19 4.28
N GLU C 312 23.63 55.14 5.15
CA GLU C 312 24.90 55.85 5.03
C GLU C 312 26.08 54.98 5.44
N GLY C 313 25.84 53.82 6.06
CA GLY C 313 26.90 52.89 6.40
C GLY C 313 27.73 53.31 7.58
N LYS C 314 27.21 54.20 8.40
CA LYS C 314 27.94 54.76 9.53
C LYS C 314 28.39 53.71 10.56
N ASP C 318 35.25 51.69 8.61
CA ASP C 318 35.58 52.83 7.77
C ASP C 318 35.05 54.14 8.31
N TYR C 319 33.84 54.10 8.87
CA TYR C 319 33.22 55.28 9.45
C TYR C 319 33.84 55.55 10.81
N ASP C 320 34.36 56.75 11.01
CA ASP C 320 35.22 57.06 12.15
C ASP C 320 34.47 57.54 13.40
N ASP C 321 33.28 58.12 13.26
CA ASP C 321 32.61 58.79 14.37
C ASP C 321 31.35 58.07 14.85
N PHE C 322 31.13 56.82 14.48
CA PHE C 322 29.94 56.11 14.89
C PHE C 322 30.33 54.72 15.41
N VAL C 323 29.45 54.15 16.24
CA VAL C 323 29.71 52.82 16.76
C VAL C 323 29.84 51.83 15.61
N THR C 324 30.69 50.82 15.81
CA THR C 324 30.91 49.78 14.82
C THR C 324 30.13 48.53 15.23
N VAL C 325 29.23 48.08 14.35
CA VAL C 325 28.29 47.01 14.65
C VAL C 325 28.70 45.76 13.88
N ASN C 326 28.69 44.61 14.55
CA ASN C 326 28.99 43.31 13.95
C ASN C 326 30.22 43.43 13.04
N PRO C 327 31.39 43.72 13.60
CA PRO C 327 32.60 43.76 12.76
C PRO C 327 32.92 42.41 12.12
N SER C 328 32.47 41.31 12.73
CA SER C 328 32.81 39.98 12.25
C SER C 328 31.94 39.52 11.09
N GLY C 329 30.87 40.23 10.80
CA GLY C 329 29.89 39.82 9.82
C GLY C 329 28.55 39.48 10.42
N GLY C 330 28.43 39.48 11.74
CA GLY C 330 27.15 39.24 12.36
C GLY C 330 26.68 37.81 12.15
N LEU C 331 25.41 37.60 12.48
CA LEU C 331 24.88 36.24 12.37
C LEU C 331 24.63 35.85 10.92
N LYS C 332 24.22 36.81 10.09
CA LYS C 332 23.91 36.50 8.70
C LYS C 332 25.13 36.02 7.94
N ALA C 333 26.23 36.75 8.04
CA ALA C 333 27.41 36.41 7.25
C ALA C 333 28.40 35.54 8.01
N ALA C 334 28.68 35.83 9.28
CA ALA C 334 29.63 35.01 10.02
C ALA C 334 29.07 33.65 10.39
N GLY C 335 27.75 33.51 10.46
CA GLY C 335 27.13 32.26 10.81
C GLY C 335 26.40 32.36 12.12
N HIS C 336 25.39 31.50 12.33
CA HIS C 336 24.56 31.55 13.52
C HIS C 336 24.40 30.13 14.07
N ALA C 337 25.43 29.65 14.77
CA ALA C 337 25.31 28.40 15.53
C ALA C 337 24.62 28.71 16.84
N LEU C 338 23.34 28.38 16.93
CA LEU C 338 22.46 28.95 17.94
C LEU C 338 23.11 29.04 19.33
N GLY C 339 23.61 27.92 19.84
CA GLY C 339 24.13 27.91 21.19
C GLY C 339 25.43 28.68 21.36
N ALA C 340 26.21 28.81 20.30
CA ALA C 340 27.53 29.43 20.41
C ALA C 340 27.49 30.91 20.10
N THR C 341 26.43 31.40 19.49
CA THR C 341 26.42 32.78 19.05
C THR C 341 26.68 33.74 20.20
N GLY C 342 25.99 33.56 21.31
CA GLY C 342 26.16 34.49 22.41
C GLY C 342 27.58 34.52 22.92
N ILE C 343 28.27 33.39 22.89
CA ILE C 343 29.68 33.34 23.24
C ILE C 343 30.51 34.05 22.18
N ARG C 344 30.30 33.72 20.91
CA ARG C 344 31.07 34.34 19.84
C ARG C 344 30.94 35.86 19.88
N GLN C 345 29.72 36.37 20.02
CA GLN C 345 29.52 37.81 20.10
C GLN C 345 30.51 38.44 21.07
N VAL C 346 30.64 37.86 22.26
CA VAL C 346 31.49 38.45 23.28
C VAL C 346 32.97 38.26 22.93
N GLY C 347 33.32 37.06 22.45
CA GLY C 347 34.67 36.83 21.98
C GLY C 347 35.13 37.83 20.94
N GLU C 348 34.22 38.33 20.11
CA GLU C 348 34.60 39.38 19.17
C GLU C 348 34.90 40.68 19.89
N LEU C 349 34.04 41.07 20.84
CA LEU C 349 34.31 42.26 21.63
C LEU C 349 35.63 42.14 22.38
N TYR C 350 35.90 40.97 22.93
CA TYR C 350 37.17 40.72 23.60
C TYR C 350 38.34 40.95 22.65
N TRP C 351 38.30 40.34 21.47
CA TRP C 351 39.33 40.58 20.47
C TRP C 351 39.42 42.06 20.12
N GLN C 352 38.28 42.68 19.83
CA GLN C 352 38.30 44.08 19.41
C GLN C 352 38.90 44.98 20.48
N LEU C 353 38.55 44.75 21.75
CA LEU C 353 39.03 45.64 22.81
C LEU C 353 40.49 45.37 23.17
N LYS C 354 40.97 44.14 23.01
CA LYS C 354 42.36 43.81 23.29
C LYS C 354 43.25 43.94 22.06
N GLN C 355 42.71 44.43 20.95
CA GLN C 355 43.45 44.56 19.70
C GLN C 355 44.22 43.27 19.36
N ASP C 356 43.49 42.16 19.33
CA ASP C 356 44.06 40.86 19.00
C ASP C 356 44.34 40.74 17.51
N LYS C 357 45.36 39.95 17.17
CA LYS C 357 45.66 39.70 15.76
C LYS C 357 44.46 39.11 15.05
N GLU C 358 43.65 38.33 15.77
CA GLU C 358 42.57 37.59 15.12
C GLU C 358 41.66 38.53 14.35
N CYS C 359 41.39 39.72 14.90
CA CYS C 359 40.54 40.70 14.24
C CYS C 359 41.36 41.83 13.64
N LYS C 360 42.62 41.54 13.32
CA LYS C 360 43.52 42.53 12.75
C LYS C 360 42.94 43.20 11.51
N ASP C 361 42.33 42.40 10.63
CA ASP C 361 41.85 42.93 9.36
C ASP C 361 40.48 43.58 9.47
N ARG C 362 39.83 43.50 10.63
CA ARG C 362 38.50 44.09 10.84
C ARG C 362 38.47 44.92 12.11
N GLN C 363 39.61 45.52 12.48
CA GLN C 363 39.76 46.19 13.76
C GLN C 363 39.02 47.52 13.78
N ALA C 364 38.10 47.68 14.72
CA ALA C 364 37.39 48.93 14.89
C ALA C 364 38.20 49.91 15.73
N THR C 365 37.94 51.20 15.53
CA THR C 365 38.60 52.22 16.35
C THR C 365 38.02 52.19 17.75
N ILE C 366 38.88 52.34 18.74
CA ILE C 366 38.49 52.23 20.15
C ILE C 366 38.89 53.53 20.82
N LYS C 367 38.00 54.53 20.79
CA LYS C 367 38.29 55.77 21.49
C LYS C 367 38.09 55.62 22.98
N ASN C 368 37.02 54.95 23.41
CA ASN C 368 36.65 54.89 24.82
C ASN C 368 37.03 53.57 25.50
N GLY C 369 37.07 52.47 24.77
CA GLY C 369 37.43 51.20 25.37
C GLY C 369 36.25 50.44 25.91
N TYR C 370 35.12 50.52 25.23
CA TYR C 370 33.90 49.84 25.65
C TYR C 370 33.27 49.10 24.48
N GLY C 371 32.70 47.94 24.78
CA GLY C 371 31.91 47.21 23.80
C GLY C 371 30.71 46.59 24.47
N ILE C 372 29.64 46.42 23.69
CA ILE C 372 28.41 45.82 24.20
C ILE C 372 27.93 44.75 23.23
N ALA C 373 27.29 43.70 23.78
CA ALA C 373 26.72 42.61 23.00
C ALA C 373 25.27 42.37 23.39
N ALA C 374 24.42 42.16 22.39
CA ALA C 374 23.02 41.84 22.60
C ALA C 374 22.67 40.51 21.95
N ASN C 375 22.32 39.54 22.77
CA ASN C 375 21.98 38.20 22.32
C ASN C 375 20.50 37.95 22.61
N VAL C 376 19.74 37.52 21.60
CA VAL C 376 18.30 37.43 21.69
C VAL C 376 17.88 35.98 21.53
N GLY C 377 16.93 35.54 22.36
CA GLY C 377 16.30 34.25 22.20
C GLY C 377 14.97 34.37 21.48
N GLY C 378 14.84 33.64 20.37
CA GLY C 378 13.62 33.66 19.59
C GLY C 378 13.31 35.03 19.03
N THR C 379 12.04 35.42 19.10
CA THR C 379 11.59 36.71 18.60
C THR C 379 11.74 37.83 19.61
N GLY C 380 12.27 37.54 20.81
CA GLY C 380 12.53 38.55 21.81
C GLY C 380 12.20 38.15 23.23
N GLY C 381 11.71 36.92 23.41
CA GLY C 381 11.32 36.46 24.73
C GLY C 381 12.43 36.51 25.77
N THR C 382 13.69 36.46 25.32
CA THR C 382 14.83 36.50 26.22
C THR C 382 15.89 37.36 25.56
N VAL C 383 16.47 38.29 26.32
CA VAL C 383 17.60 39.07 25.85
C VAL C 383 18.65 39.13 26.95
N CYS C 384 19.90 38.91 26.58
CA CYS C 384 21.04 38.96 27.49
C CYS C 384 22.06 39.93 26.91
N VAL C 385 22.52 40.87 27.75
CA VAL C 385 23.46 41.90 27.34
C VAL C 385 24.74 41.76 28.15
N HIS C 386 25.88 41.95 27.48
CA HIS C 386 27.18 41.95 28.12
C HIS C 386 27.93 43.21 27.75
N LEU C 387 28.45 43.92 28.73
CA LEU C 387 29.19 45.14 28.51
C LEU C 387 30.64 44.92 28.94
N LEU C 388 31.57 45.06 28.00
CA LEU C 388 32.99 44.87 28.27
C LEU C 388 33.74 46.18 28.18
N SER C 389 34.89 46.23 28.84
CA SER C 389 35.76 47.39 28.79
C SER C 389 37.20 46.92 28.91
N ASP C 390 38.12 47.74 28.40
CA ASP C 390 39.55 47.52 28.64
C ASP C 390 39.97 47.97 30.04
N LYS C 391 39.14 48.77 30.71
CA LYS C 391 39.39 49.26 32.06
C LYS C 391 38.49 48.54 33.06
N ARG C 392 39.05 48.23 34.22
CA ARG C 392 38.28 47.56 35.27
C ARG C 392 37.24 48.47 35.88
N MET D 1 -30.44 -39.24 -46.37
CA MET D 1 -29.72 -39.93 -45.26
C MET D 1 -28.69 -40.95 -45.78
N ARG D 2 -27.47 -40.46 -45.98
CA ARG D 2 -26.37 -41.29 -46.47
C ARG D 2 -25.62 -41.91 -45.31
N ASP D 3 -25.05 -43.09 -45.54
CA ASP D 3 -24.15 -43.70 -44.59
C ASP D 3 -22.82 -42.95 -44.53
N VAL D 4 -22.23 -42.93 -43.35
CA VAL D 4 -20.98 -42.21 -43.12
C VAL D 4 -19.94 -43.21 -42.66
N ALA D 5 -18.69 -42.99 -43.11
CA ALA D 5 -17.56 -43.83 -42.77
C ALA D 5 -16.40 -42.97 -42.31
N ILE D 6 -15.35 -43.63 -41.81
CA ILE D 6 -14.10 -42.99 -41.43
C ILE D 6 -13.01 -43.48 -42.35
N ILE D 7 -12.29 -42.56 -42.98
CA ILE D 7 -11.20 -42.93 -43.89
C ILE D 7 -9.82 -42.55 -43.37
N GLY D 8 -9.72 -41.73 -42.32
CA GLY D 8 -8.41 -41.37 -41.79
C GLY D 8 -8.46 -40.82 -40.38
N TYR D 9 -7.34 -40.98 -39.67
CA TYR D 9 -7.21 -40.49 -38.30
C TYR D 9 -5.79 -40.03 -38.03
N GLY D 10 -5.67 -38.91 -37.34
CA GLY D 10 -4.37 -38.37 -36.97
C GLY D 10 -4.42 -37.80 -35.56
N GLN D 11 -3.27 -37.81 -34.90
CA GLN D 11 -3.18 -37.45 -33.49
C GLN D 11 -1.79 -36.95 -33.15
N THR D 12 -1.72 -35.94 -32.27
CA THR D 12 -0.47 -35.57 -31.64
C THR D 12 -0.26 -36.35 -30.35
N LYS D 13 0.94 -36.25 -29.78
CA LYS D 13 1.15 -36.73 -28.44
C LYS D 13 0.31 -35.89 -27.48
N PHE D 14 -0.17 -36.52 -26.41
CA PHE D 14 -0.93 -35.84 -25.37
C PHE D 14 0.00 -35.63 -24.18
N GLY D 15 0.16 -34.38 -23.75
CA GLY D 15 0.95 -34.12 -22.56
C GLY D 15 1.24 -32.64 -22.39
N GLU D 16 2.34 -32.36 -21.69
CA GLU D 16 2.81 -30.99 -21.48
C GLU D 16 3.74 -30.65 -22.63
N LEU D 17 3.17 -30.05 -23.66
CA LEU D 17 3.89 -29.75 -24.89
C LEU D 17 4.21 -28.28 -24.89
N TRP D 18 5.37 -27.96 -24.32
CA TRP D 18 5.80 -26.56 -24.21
C TRP D 18 6.23 -26.04 -25.58
N GLU D 19 7.10 -26.80 -26.26
CA GLU D 19 7.57 -26.43 -27.58
C GLU D 19 6.42 -26.18 -28.56
N ASP D 20 5.45 -27.10 -28.61
CA ASP D 20 4.37 -27.03 -29.60
C ASP D 20 3.37 -25.95 -29.21
N SER D 21 3.12 -25.02 -30.13
CA SER D 21 2.09 -24.02 -29.92
C SER D 21 0.73 -24.61 -30.24
N PHE D 22 -0.30 -23.78 -30.10
CA PHE D 22 -1.63 -24.19 -30.57
C PHE D 22 -1.64 -24.44 -32.07
N ARG D 23 -0.99 -23.60 -32.87
CA ARG D 23 -0.87 -23.85 -34.31
C ARG D 23 -0.14 -25.16 -34.59
N ASP D 24 1.03 -25.35 -33.99
CA ASP D 24 1.79 -26.57 -34.28
C ASP D 24 0.97 -27.83 -34.06
N LEU D 25 0.01 -27.78 -33.14
CA LEU D 25 -0.76 -28.97 -32.78
C LEU D 25 -1.84 -29.30 -33.81
N ILE D 26 -2.71 -28.33 -34.12
CA ILE D 26 -3.77 -28.59 -35.07
C ILE D 26 -3.19 -29.00 -36.42
N VAL D 27 -2.10 -28.37 -36.84
CA VAL D 27 -1.49 -28.75 -38.11
C VAL D 27 -1.03 -30.19 -38.06
N GLU D 28 -0.22 -30.53 -37.05
CA GLU D 28 0.30 -31.89 -36.95
C GLU D 28 -0.83 -32.91 -36.94
N ALA D 29 -1.91 -32.65 -36.22
CA ALA D 29 -3.02 -33.60 -36.20
C ALA D 29 -3.74 -33.62 -37.53
N GLY D 30 -3.95 -32.45 -38.13
CA GLY D 30 -4.65 -32.38 -39.40
C GLY D 30 -3.87 -33.02 -40.52
N VAL D 31 -2.58 -32.75 -40.60
CA VAL D 31 -1.77 -33.33 -41.67
C VAL D 31 -1.74 -34.85 -41.53
N LYS D 32 -1.59 -35.33 -40.30
CA LYS D 32 -1.60 -36.77 -40.08
C LYS D 32 -2.92 -37.39 -40.53
N ALA D 33 -4.04 -36.73 -40.19
CA ALA D 33 -5.34 -37.22 -40.62
C ALA D 33 -5.50 -37.15 -42.13
N ILE D 34 -5.06 -36.05 -42.74
CA ILE D 34 -5.09 -35.93 -44.20
C ILE D 34 -4.28 -37.05 -44.82
N LYS D 35 -3.06 -37.26 -44.32
CA LYS D 35 -2.15 -38.24 -44.90
C LYS D 35 -2.70 -39.65 -44.76
N ASP D 36 -3.25 -39.98 -43.60
CA ASP D 36 -3.79 -41.32 -43.37
C ASP D 36 -4.95 -41.60 -44.30
N ALA D 37 -5.79 -40.59 -44.55
CA ALA D 37 -6.99 -40.76 -45.37
C ALA D 37 -6.69 -40.74 -46.85
N ASN D 38 -5.48 -40.39 -47.26
CA ASN D 38 -5.11 -40.32 -48.67
C ASN D 38 -6.01 -39.35 -49.43
N VAL D 39 -6.19 -38.15 -48.85
CA VAL D 39 -6.92 -37.07 -49.50
C VAL D 39 -6.00 -35.86 -49.56
N ASP D 40 -6.28 -34.97 -50.48
CA ASP D 40 -5.58 -33.70 -50.54
C ASP D 40 -6.33 -32.67 -49.71
N GLY D 41 -5.64 -31.60 -49.36
CA GLY D 41 -6.30 -30.52 -48.65
C GLY D 41 -7.53 -30.00 -49.37
N GLY D 42 -7.46 -29.91 -50.69
CA GLY D 42 -8.59 -29.44 -51.47
C GLY D 42 -9.81 -30.32 -51.41
N ASP D 43 -9.64 -31.59 -51.02
CA ASP D 43 -10.77 -32.51 -50.94
C ASP D 43 -11.67 -32.27 -49.73
N ILE D 44 -11.17 -31.59 -48.69
CA ILE D 44 -11.99 -31.30 -47.53
C ILE D 44 -13.05 -30.27 -47.91
N ASP D 45 -14.30 -30.57 -47.58
CA ASP D 45 -15.40 -29.66 -47.87
C ASP D 45 -15.79 -28.80 -46.68
N ALA D 46 -15.54 -29.28 -45.47
CA ALA D 46 -15.88 -28.53 -44.27
C ALA D 46 -15.11 -29.10 -43.09
N MET D 47 -15.05 -28.33 -42.01
CA MET D 47 -14.40 -28.74 -40.78
C MET D 47 -15.31 -28.46 -39.60
N TYR D 48 -15.23 -29.33 -38.59
CA TYR D 48 -15.92 -29.15 -37.32
C TYR D 48 -14.94 -29.34 -36.18
N ILE D 49 -14.85 -28.35 -35.29
CA ILE D 49 -13.81 -28.26 -34.26
C ILE D 49 -14.41 -28.22 -32.86
N GLY D 50 -13.76 -28.89 -31.93
CA GLY D 50 -13.99 -28.69 -30.49
C GLY D 50 -12.77 -28.10 -29.82
N ASN D 51 -12.99 -27.08 -28.99
CA ASN D 51 -11.87 -26.45 -28.27
C ASN D 51 -12.28 -25.56 -27.10
N MET D 52 -11.68 -25.79 -25.93
CA MET D 52 -11.98 -25.02 -24.72
C MET D 52 -10.90 -24.01 -24.38
N SER D 53 -9.62 -24.34 -24.58
CA SER D 53 -8.52 -23.51 -24.11
C SER D 53 -8.63 -22.08 -24.64
N GLY D 54 -8.87 -21.92 -25.94
CA GLY D 54 -8.89 -20.60 -26.56
C GLY D 54 -9.55 -19.49 -25.79
N GLY D 55 -10.80 -19.67 -25.37
CA GLY D 55 -11.56 -18.62 -24.74
C GLY D 55 -11.29 -18.49 -23.26
N LEU D 56 -11.06 -19.60 -22.56
CA LEU D 56 -10.70 -19.53 -21.16
C LEU D 56 -9.23 -19.24 -20.97
N PHE D 57 -8.38 -19.77 -21.85
CA PHE D 57 -6.94 -19.63 -21.68
C PHE D 57 -6.40 -18.34 -22.30
N VAL D 58 -6.82 -18.00 -23.52
CA VAL D 58 -6.20 -16.90 -24.27
C VAL D 58 -7.15 -15.74 -24.52
N GLY D 59 -8.45 -15.89 -24.30
CA GLY D 59 -9.36 -14.85 -24.69
C GLY D 59 -9.74 -14.91 -26.15
N GLN D 60 -9.39 -15.98 -26.85
CA GLN D 60 -9.66 -16.12 -28.27
C GLN D 60 -10.96 -16.90 -28.44
N GLU D 61 -11.96 -16.24 -28.95
CA GLU D 61 -13.12 -16.92 -29.51
C GLU D 61 -12.92 -16.96 -31.01
N HIS D 62 -13.93 -17.39 -31.74
CA HIS D 62 -13.83 -17.43 -33.19
C HIS D 62 -12.68 -18.33 -33.63
N ILE D 63 -12.43 -19.38 -32.85
CA ILE D 63 -11.34 -20.31 -33.11
C ILE D 63 -11.49 -20.94 -34.49
N ALA D 64 -12.71 -21.23 -34.91
CA ALA D 64 -12.89 -21.85 -36.21
C ALA D 64 -12.18 -21.05 -37.29
N SER D 65 -12.41 -19.75 -37.33
CA SER D 65 -11.79 -18.92 -38.36
C SER D 65 -10.27 -19.02 -38.29
N LEU D 66 -9.74 -18.95 -37.07
CA LEU D 66 -8.31 -19.06 -36.85
C LEU D 66 -7.77 -20.37 -37.41
N ILE D 67 -8.43 -21.48 -37.10
CA ILE D 67 -7.94 -22.79 -37.49
C ILE D 67 -8.00 -22.97 -39.00
N ALA D 68 -9.09 -22.57 -39.62
CA ALA D 68 -9.15 -22.65 -41.08
C ALA D 68 -8.09 -21.75 -41.70
N ASP D 69 -7.95 -20.54 -41.18
CA ASP D 69 -6.99 -19.58 -41.72
C ASP D 69 -5.57 -20.15 -41.68
N HIS D 70 -5.14 -20.63 -40.52
CA HIS D 70 -3.75 -21.06 -40.37
C HIS D 70 -3.51 -22.47 -40.88
N ALA D 71 -4.56 -23.28 -41.05
CA ALA D 71 -4.39 -24.53 -41.75
C ALA D 71 -4.21 -24.31 -43.25
N GLY D 72 -4.54 -23.13 -43.75
CA GLY D 72 -4.42 -22.85 -45.16
C GLY D 72 -5.59 -23.31 -45.98
N LEU D 73 -6.72 -23.62 -45.35
CA LEU D 73 -7.87 -24.18 -46.05
C LEU D 73 -8.95 -23.17 -46.35
N ASN D 74 -8.67 -21.88 -46.16
CA ASN D 74 -9.64 -20.86 -46.55
C ASN D 74 -9.89 -21.03 -48.03
N PRO D 75 -11.17 -21.00 -48.45
CA PRO D 75 -12.38 -20.57 -47.77
C PRO D 75 -13.31 -21.67 -47.24
N VAL D 76 -12.80 -22.86 -46.87
CA VAL D 76 -13.74 -23.91 -46.47
C VAL D 76 -14.44 -23.49 -45.20
N PRO D 77 -15.74 -23.79 -45.04
CA PRO D 77 -16.40 -23.47 -43.78
C PRO D 77 -15.81 -24.26 -42.64
N CYS D 78 -15.60 -23.58 -41.52
CA CYS D 78 -15.16 -24.21 -40.29
C CYS D 78 -16.11 -23.78 -39.17
N THR D 79 -16.45 -24.73 -38.29
CA THR D 79 -17.44 -24.52 -37.25
C THR D 79 -16.93 -25.08 -35.93
N ARG D 80 -17.05 -24.31 -34.87
CA ARG D 80 -16.70 -24.77 -33.53
C ARG D 80 -17.93 -25.28 -32.80
N VAL D 81 -17.76 -26.42 -32.12
CA VAL D 81 -18.82 -27.06 -31.36
C VAL D 81 -18.35 -27.23 -29.93
N GLU D 82 -19.19 -26.87 -28.96
CA GLU D 82 -18.78 -26.86 -27.57
C GLU D 82 -19.76 -27.61 -26.68
N ALA D 83 -19.23 -28.48 -25.83
CA ALA D 83 -19.99 -29.08 -24.75
C ALA D 83 -19.02 -29.51 -23.66
N ALA D 84 -18.11 -28.63 -23.30
CA ALA D 84 -17.09 -28.90 -22.29
C ALA D 84 -16.27 -30.11 -22.74
N CYS D 85 -16.08 -31.13 -21.90
CA CYS D 85 -15.22 -32.24 -22.25
C CYS D 85 -15.76 -33.07 -23.40
N ALA D 86 -17.00 -32.85 -23.81
CA ALA D 86 -17.59 -33.61 -24.91
C ALA D 86 -17.53 -32.88 -26.25
N SER D 87 -16.84 -31.74 -26.31
CA SER D 87 -16.78 -30.98 -27.55
C SER D 87 -16.24 -31.84 -28.70
N GLY D 88 -15.26 -32.69 -28.42
CA GLY D 88 -14.72 -33.54 -29.45
C GLY D 88 -15.77 -34.40 -30.12
N SER D 89 -16.53 -35.14 -29.33
CA SER D 89 -17.54 -36.03 -29.90
C SER D 89 -18.64 -35.24 -30.59
N LEU D 90 -19.00 -34.08 -30.06
CA LEU D 90 -20.03 -33.28 -30.70
C LEU D 90 -19.55 -32.73 -32.03
N ALA D 91 -18.28 -32.36 -32.12
CA ALA D 91 -17.73 -31.95 -33.41
C ALA D 91 -17.80 -33.09 -34.42
N LEU D 92 -17.53 -34.32 -33.97
CA LEU D 92 -17.67 -35.46 -34.85
C LEU D 92 -19.11 -35.63 -35.30
N ARG D 93 -20.05 -35.70 -34.35
CA ARG D 93 -21.44 -35.90 -34.71
C ARG D 93 -21.94 -34.81 -35.65
N SER D 94 -21.56 -33.57 -35.39
CA SER D 94 -21.89 -32.50 -36.33
C SER D 94 -21.37 -32.81 -37.72
N ALA D 95 -20.14 -33.31 -37.82
CA ALA D 95 -19.55 -33.68 -39.10
C ALA D 95 -20.30 -34.82 -39.75
N VAL D 96 -20.61 -35.86 -38.96
CA VAL D 96 -21.38 -37.00 -39.46
C VAL D 96 -22.69 -36.53 -40.08
N LEU D 97 -23.46 -35.74 -39.34
CA LEU D 97 -24.75 -35.32 -39.87
C LEU D 97 -24.60 -34.51 -41.14
N SER D 98 -23.49 -33.77 -41.28
CA SER D 98 -23.33 -32.95 -42.49
C SER D 98 -23.04 -33.81 -43.70
N VAL D 99 -22.32 -34.92 -43.52
CA VAL D 99 -22.13 -35.86 -44.62
C VAL D 99 -23.44 -36.56 -44.94
N ALA D 100 -24.17 -36.99 -43.91
CA ALA D 100 -25.46 -37.63 -44.12
C ALA D 100 -26.43 -36.74 -44.88
N SER D 101 -26.36 -35.42 -44.69
CA SER D 101 -27.31 -34.54 -45.36
C SER D 101 -27.05 -34.41 -46.85
N GLY D 102 -25.83 -34.69 -47.31
CA GLY D 102 -25.48 -34.52 -48.70
C GLY D 102 -24.82 -33.21 -49.03
N HIS D 103 -24.71 -32.31 -48.06
CA HIS D 103 -24.14 -30.98 -48.30
C HIS D 103 -22.63 -31.01 -48.39
N HIS D 104 -22.00 -31.98 -47.74
CA HIS D 104 -20.56 -32.17 -47.80
C HIS D 104 -20.26 -33.66 -47.95
N ASP D 105 -19.22 -33.99 -48.73
CA ASP D 105 -18.84 -35.40 -48.92
C ASP D 105 -17.68 -35.82 -48.04
N VAL D 106 -16.70 -34.94 -47.85
CA VAL D 106 -15.55 -35.23 -47.02
C VAL D 106 -15.44 -34.11 -45.99
N VAL D 107 -15.37 -34.47 -44.72
CA VAL D 107 -15.41 -33.51 -43.64
C VAL D 107 -14.38 -33.89 -42.58
N LEU D 108 -13.63 -32.89 -42.08
CA LEU D 108 -12.71 -33.10 -40.96
C LEU D 108 -13.39 -32.78 -39.64
N ALA D 109 -13.32 -33.72 -38.70
CA ALA D 109 -13.75 -33.51 -37.33
C ALA D 109 -12.53 -33.59 -36.42
N GLY D 110 -12.19 -32.49 -35.78
CA GLY D 110 -11.01 -32.46 -34.96
C GLY D 110 -11.24 -31.71 -33.66
N GLY D 111 -10.31 -31.92 -32.74
CA GLY D 111 -10.33 -31.19 -31.49
C GLY D 111 -8.90 -30.89 -31.06
N VAL D 112 -8.73 -29.77 -30.37
CA VAL D 112 -7.40 -29.33 -29.96
C VAL D 112 -7.55 -28.62 -28.63
N GLU D 113 -6.50 -28.70 -27.82
CA GLU D 113 -6.49 -28.03 -26.53
C GLU D 113 -5.07 -27.65 -26.16
N LYS D 114 -4.91 -26.46 -25.59
CA LYS D 114 -3.60 -25.97 -25.14
C LYS D 114 -3.76 -25.47 -23.71
N MET D 115 -3.88 -26.40 -22.77
CA MET D 115 -4.16 -26.04 -21.39
C MET D 115 -2.92 -25.61 -20.62
N THR D 116 -1.71 -25.88 -21.12
CA THR D 116 -0.52 -25.51 -20.36
C THR D 116 -0.25 -23.99 -20.38
N ASP D 117 -0.82 -23.25 -21.32
CA ASP D 117 -0.55 -21.82 -21.40
C ASP D 117 -1.28 -21.02 -20.33
N VAL D 118 -2.29 -21.59 -19.71
CA VAL D 118 -3.04 -20.88 -18.67
C VAL D 118 -2.32 -21.04 -17.34
N GLU D 119 -2.41 -20.01 -16.51
CA GLU D 119 -1.78 -20.04 -15.18
C GLU D 119 -2.47 -21.05 -14.28
N ASP D 120 -3.81 -21.02 -14.21
CA ASP D 120 -4.59 -21.95 -13.40
C ASP D 120 -5.65 -22.61 -14.28
N ALA D 121 -5.51 -23.92 -14.52
CA ALA D 121 -6.43 -24.62 -15.41
C ALA D 121 -7.78 -24.98 -14.76
N THR D 122 -7.83 -25.12 -13.43
CA THR D 122 -9.06 -25.61 -12.81
C THR D 122 -10.26 -24.77 -13.19
N ALA D 123 -10.11 -23.44 -13.14
CA ALA D 123 -11.26 -22.57 -13.41
C ALA D 123 -11.91 -22.90 -14.76
N ALA D 124 -11.11 -23.35 -15.73
CA ALA D 124 -11.66 -23.71 -17.04
C ALA D 124 -12.43 -25.03 -16.99
N ILE D 125 -11.81 -26.09 -16.44
CA ILE D 125 -12.50 -27.38 -16.36
C ILE D 125 -13.73 -27.26 -15.45
N ALA D 126 -13.71 -26.34 -14.49
CA ALA D 126 -14.88 -26.06 -13.66
C ALA D 126 -15.98 -25.35 -14.44
N SER D 127 -15.67 -24.81 -15.62
CA SER D 127 -16.69 -24.17 -16.44
C SER D 127 -17.82 -25.13 -16.79
N ALA D 128 -17.52 -26.42 -16.84
CA ALA D 128 -18.53 -27.42 -17.19
C ALA D 128 -19.56 -27.63 -16.09
N SER D 129 -19.28 -27.19 -14.87
CA SER D 129 -20.25 -27.27 -13.79
C SER D 129 -21.08 -26.00 -13.75
N ASP D 130 -22.17 -26.03 -12.99
CA ASP D 130 -22.98 -24.84 -12.79
C ASP D 130 -22.20 -23.83 -11.97
N GLN D 131 -21.89 -22.68 -12.57
CA GLN D 131 -21.07 -21.68 -11.89
C GLN D 131 -21.77 -21.11 -10.67
N GLU D 132 -23.08 -20.89 -10.78
CA GLU D 132 -23.82 -20.20 -9.73
C GLU D 132 -24.29 -21.12 -8.62
N TRP D 133 -24.40 -22.43 -8.85
CA TRP D 133 -24.94 -23.32 -7.84
C TRP D 133 -24.02 -24.49 -7.52
N GLU D 134 -22.87 -24.61 -8.19
CA GLU D 134 -21.88 -25.61 -7.79
C GLU D 134 -20.52 -24.97 -7.56
N ALA D 135 -19.95 -24.35 -8.58
CA ALA D 135 -18.63 -23.73 -8.43
C ALA D 135 -18.67 -22.65 -7.37
N PHE D 136 -19.66 -21.76 -7.44
CA PHE D 136 -19.75 -20.63 -6.53
C PHE D 136 -19.50 -21.04 -5.09
N PHE D 137 -19.98 -22.20 -4.68
CA PHE D 137 -19.90 -22.64 -3.29
C PHE D 137 -18.64 -23.45 -2.97
N GLY D 138 -17.75 -23.62 -3.93
CA GLY D 138 -16.48 -24.29 -3.69
C GLY D 138 -16.44 -25.75 -4.04
N ALA D 139 -17.37 -26.23 -4.88
CA ALA D 139 -17.34 -27.61 -5.35
C ALA D 139 -16.44 -27.64 -6.56
N THR D 140 -15.20 -28.07 -6.38
CA THR D 140 -14.27 -28.18 -7.48
C THR D 140 -14.67 -29.35 -8.35
N PHE D 141 -14.23 -29.34 -9.60
CA PHE D 141 -14.64 -30.40 -10.51
C PHE D 141 -14.28 -31.78 -9.97
N PRO D 142 -13.11 -32.01 -9.40
CA PRO D 142 -12.84 -33.33 -8.82
C PRO D 142 -13.75 -33.66 -7.66
N SER D 143 -14.19 -32.67 -6.88
CA SER D 143 -15.02 -32.95 -5.72
C SER D 143 -16.41 -33.39 -6.16
N LEU D 144 -16.87 -32.94 -7.33
CA LEU D 144 -18.15 -33.40 -7.83
C LEU D 144 -18.10 -34.88 -8.15
N TYR D 145 -17.12 -35.30 -8.93
CA TYR D 145 -17.01 -36.72 -9.21
C TYR D 145 -16.66 -37.50 -7.97
N ALA D 146 -15.96 -36.87 -7.00
CA ALA D 146 -15.70 -37.54 -5.74
C ALA D 146 -16.98 -37.83 -4.99
N MET D 147 -17.93 -36.90 -5.04
CA MET D 147 -19.22 -37.12 -4.40
C MET D 147 -20.03 -38.17 -5.15
N MET D 148 -19.81 -38.31 -6.46
CA MET D 148 -20.37 -39.46 -7.17
C MET D 148 -19.79 -40.76 -6.65
N ALA D 149 -18.46 -40.81 -6.50
CA ALA D 149 -17.84 -42.02 -5.98
C ALA D 149 -18.35 -42.36 -4.60
N ARG D 150 -18.50 -41.34 -3.75
CA ARG D 150 -19.02 -41.57 -2.40
C ARG D 150 -20.40 -42.18 -2.43
N ARG D 151 -21.30 -41.60 -3.23
CA ARG D 151 -22.64 -42.14 -3.29
C ARG D 151 -22.64 -43.56 -3.84
N TYR D 152 -21.85 -43.81 -4.87
CA TYR D 152 -21.77 -45.14 -5.46
C TYR D 152 -21.24 -46.14 -4.44
N MET D 153 -20.22 -45.74 -3.66
CA MET D 153 -19.70 -46.62 -2.61
C MET D 153 -20.76 -46.89 -1.56
N TYR D 154 -21.58 -45.88 -1.23
CA TYR D 154 -22.63 -46.03 -0.23
C TYR D 154 -23.72 -46.98 -0.69
N GLN D 155 -24.11 -46.91 -1.96
CA GLN D 155 -25.23 -47.71 -2.43
C GLN D 155 -24.83 -49.13 -2.78
N TYR D 156 -23.67 -49.31 -3.41
CA TYR D 156 -23.31 -50.60 -3.98
C TYR D 156 -22.09 -51.24 -3.31
N GLY D 157 -21.46 -50.57 -2.36
CA GLY D 157 -20.36 -51.15 -1.62
C GLY D 157 -19.04 -51.25 -2.37
N LEU D 158 -18.81 -50.38 -3.35
CA LEU D 158 -17.51 -50.33 -4.00
C LEU D 158 -16.43 -49.96 -3.00
N THR D 159 -15.33 -50.70 -3.02
CA THR D 159 -14.22 -50.39 -2.13
C THR D 159 -13.13 -49.66 -2.89
N ILE D 160 -12.36 -48.85 -2.16
CA ILE D 160 -11.34 -48.02 -2.77
C ILE D 160 -10.34 -48.88 -3.54
N GLU D 161 -10.07 -50.09 -3.08
CA GLU D 161 -9.20 -50.99 -3.82
C GLU D 161 -9.77 -51.30 -5.20
N GLU D 162 -11.09 -51.58 -5.27
CA GLU D 162 -11.72 -51.87 -6.55
C GLU D 162 -11.65 -50.66 -7.48
N LEU D 163 -11.98 -49.49 -6.95
CA LEU D 163 -11.86 -48.26 -7.73
C LEU D 163 -10.44 -48.05 -8.20
N SER D 164 -9.47 -48.32 -7.33
CA SER D 164 -8.07 -48.08 -7.68
C SER D 164 -7.57 -49.02 -8.76
N MET D 165 -8.19 -50.19 -8.93
CA MET D 165 -7.74 -51.10 -9.97
C MET D 165 -7.97 -50.52 -11.35
N TRP D 166 -8.99 -49.67 -11.50
CA TRP D 166 -9.21 -49.03 -12.79
C TRP D 166 -7.97 -48.28 -13.25
N SER D 167 -7.32 -47.57 -12.34
CA SER D 167 -6.16 -46.76 -12.70
C SER D 167 -4.94 -47.63 -12.97
N VAL D 168 -4.80 -48.76 -12.26
CA VAL D 168 -3.69 -49.67 -12.52
C VAL D 168 -3.76 -50.19 -13.95
N ILE D 169 -4.94 -50.63 -14.37
CA ILE D 169 -5.10 -51.14 -15.72
C ILE D 169 -4.78 -50.05 -16.73
N ALA D 170 -5.36 -48.87 -16.54
CA ALA D 170 -5.17 -47.79 -17.49
C ALA D 170 -3.70 -47.54 -17.74
N HIS D 171 -2.92 -47.51 -16.66
CA HIS D 171 -1.52 -47.20 -16.80
C HIS D 171 -0.77 -48.33 -17.48
N GLU D 172 -1.14 -49.59 -17.18
CA GLU D 172 -0.55 -50.70 -17.91
C GLU D 172 -0.84 -50.60 -19.41
N ASN D 173 -2.09 -50.33 -19.76
CA ASN D 173 -2.44 -50.20 -21.17
C ASN D 173 -1.71 -49.02 -21.81
N ALA D 174 -1.50 -47.94 -21.06
CA ALA D 174 -0.90 -46.75 -21.65
C ALA D 174 0.57 -46.93 -22.01
N THR D 175 1.27 -47.88 -21.40
CA THR D 175 2.65 -48.12 -21.78
C THR D 175 2.73 -48.66 -23.20
N LYS D 176 1.62 -49.13 -23.73
CA LYS D 176 1.53 -49.61 -25.10
C LYS D 176 1.09 -48.51 -26.08
N ASN D 177 1.03 -47.25 -25.64
CA ASN D 177 0.54 -46.15 -26.47
C ASN D 177 1.64 -45.10 -26.54
N LYS D 178 2.23 -44.92 -27.73
CA LYS D 178 3.29 -43.92 -27.86
C LYS D 178 2.75 -42.53 -27.58
N TYR D 179 1.47 -42.29 -27.88
CA TYR D 179 0.85 -40.98 -27.71
C TYR D 179 0.35 -40.74 -26.30
N ALA D 180 0.54 -41.70 -25.38
CA ALA D 180 0.04 -41.52 -24.03
C ALA D 180 0.86 -40.49 -23.27
N GLN D 181 0.18 -39.76 -22.38
CA GLN D 181 0.87 -38.78 -21.56
C GLN D 181 1.73 -39.46 -20.51
N PHE D 182 1.25 -40.54 -19.91
CA PHE D 182 1.95 -41.27 -18.87
C PHE D 182 2.25 -42.67 -19.37
N GLY D 183 3.53 -43.02 -19.45
CA GLY D 183 3.89 -44.35 -19.87
C GLY D 183 4.61 -45.13 -18.80
N PHE D 184 3.95 -45.35 -17.67
CA PHE D 184 4.56 -46.06 -16.57
C PHE D 184 3.54 -46.97 -15.92
N LYS D 185 4.02 -48.12 -15.43
CA LYS D 185 3.17 -49.02 -14.68
C LYS D 185 3.07 -48.53 -13.25
N THR D 186 1.95 -48.84 -12.60
CA THR D 186 1.73 -48.45 -11.22
C THR D 186 1.20 -49.67 -10.46
N THR D 187 0.91 -49.48 -9.18
CA THR D 187 0.39 -50.56 -8.35
C THR D 187 -0.79 -50.03 -7.55
N LEU D 188 -1.54 -50.95 -6.97
CA LEU D 188 -2.66 -50.56 -6.13
C LEU D 188 -2.22 -49.63 -5.01
N GLU D 189 -1.12 -49.98 -4.34
CA GLU D 189 -0.66 -49.19 -3.21
C GLU D 189 -0.26 -47.78 -3.65
N GLN D 190 0.44 -47.68 -4.77
CA GLN D 190 0.86 -46.37 -5.25
C GLN D 190 -0.35 -45.50 -5.55
N VAL D 191 -1.43 -46.09 -6.06
CA VAL D 191 -2.63 -45.32 -6.37
C VAL D 191 -3.32 -44.87 -5.09
N MET D 192 -3.52 -45.78 -4.15
CA MET D 192 -4.24 -45.43 -2.93
C MET D 192 -3.43 -44.47 -2.06
N ASN D 193 -2.11 -44.62 -2.04
CA ASN D 193 -1.28 -43.81 -1.17
C ASN D 193 -0.86 -42.50 -1.81
N ALA D 194 -1.26 -42.26 -3.06
CA ALA D 194 -0.96 -41.00 -3.72
C ALA D 194 -1.65 -39.86 -2.99
N SER D 195 -1.19 -38.65 -3.28
CA SER D 195 -1.71 -37.47 -2.60
C SER D 195 -3.20 -37.32 -2.88
N PRO D 196 -4.02 -36.98 -1.89
CA PRO D 196 -5.46 -36.84 -2.12
C PRO D 196 -5.86 -35.50 -2.71
N VAL D 197 -6.80 -35.55 -3.63
CA VAL D 197 -7.40 -34.36 -4.25
C VAL D 197 -8.74 -34.01 -3.64
N ALA D 198 -9.65 -34.99 -3.61
CA ALA D 198 -10.98 -34.82 -3.04
C ALA D 198 -11.46 -36.19 -2.58
N ASP D 199 -11.61 -36.38 -1.28
CA ASP D 199 -11.97 -37.67 -0.71
C ASP D 199 -13.17 -38.27 -1.42
N PRO D 200 -13.06 -39.51 -1.93
CA PRO D 200 -12.01 -40.50 -1.77
C PRO D 200 -10.96 -40.55 -2.89
N LEU D 201 -11.02 -39.61 -3.82
CA LEU D 201 -10.13 -39.63 -4.97
C LEU D 201 -8.76 -39.09 -4.62
N THR D 202 -7.74 -39.66 -5.27
CA THR D 202 -6.35 -39.26 -5.14
C THR D 202 -5.84 -38.77 -6.49
N LEU D 203 -4.63 -38.19 -6.47
CA LEU D 203 -4.03 -37.72 -7.70
C LEU D 203 -3.90 -38.83 -8.72
N MET D 204 -3.74 -40.07 -8.28
CA MET D 204 -3.64 -41.20 -9.22
C MET D 204 -5.01 -41.70 -9.67
N HIS D 205 -6.10 -41.11 -9.17
CA HIS D 205 -7.43 -41.36 -9.74
C HIS D 205 -7.84 -40.29 -10.74
N CYS D 206 -7.24 -39.11 -10.70
CA CYS D 206 -7.67 -37.98 -11.52
C CYS D 206 -6.87 -37.88 -12.80
N SER D 207 -7.55 -37.54 -13.88
CA SER D 207 -6.89 -37.27 -15.14
C SER D 207 -6.18 -35.93 -15.11
N PRO D 208 -5.11 -35.77 -15.88
CA PRO D 208 -4.34 -34.53 -15.85
C PRO D 208 -4.81 -33.48 -16.86
N VAL D 209 -4.30 -32.27 -16.69
CA VAL D 209 -4.44 -31.24 -17.72
C VAL D 209 -3.49 -31.55 -18.86
N SER D 210 -3.99 -31.50 -20.08
CA SER D 210 -3.23 -31.98 -21.23
C SER D 210 -3.37 -31.05 -22.43
N ASP D 211 -2.24 -30.90 -23.14
CA ASP D 211 -2.24 -30.38 -24.50
C ASP D 211 -2.31 -31.53 -25.49
N GLY D 212 -2.98 -31.29 -26.61
CA GLY D 212 -2.98 -32.27 -27.68
C GLY D 212 -3.99 -31.90 -28.72
N ALA D 213 -3.91 -32.61 -29.84
CA ALA D 213 -4.85 -32.47 -30.93
C ALA D 213 -5.08 -33.84 -31.57
N SER D 214 -6.29 -34.03 -32.07
CA SER D 214 -6.67 -35.23 -32.81
C SER D 214 -7.61 -34.81 -33.93
N ALA D 215 -7.61 -35.57 -35.01
CA ALA D 215 -8.47 -35.24 -36.13
C ALA D 215 -8.88 -36.52 -36.84
N LEU D 216 -10.12 -36.53 -37.32
CA LEU D 216 -10.68 -37.61 -38.12
C LEU D 216 -11.09 -37.04 -39.47
N ILE D 217 -11.04 -37.90 -40.50
CA ILE D 217 -11.64 -37.61 -41.79
C ILE D 217 -12.84 -38.52 -41.94
N VAL D 218 -14.03 -37.95 -42.01
CA VAL D 218 -15.25 -38.70 -42.25
C VAL D 218 -15.67 -38.44 -43.69
N CYS D 219 -16.37 -39.42 -44.26
CA CYS D 219 -16.66 -39.40 -45.67
C CYS D 219 -17.92 -40.21 -45.96
N ASP D 220 -18.54 -39.91 -47.09
CA ASP D 220 -19.66 -40.71 -47.57
C ASP D 220 -19.20 -42.14 -47.82
N ALA D 221 -19.96 -43.11 -47.32
CA ALA D 221 -19.53 -44.50 -47.35
C ALA D 221 -19.16 -44.96 -48.75
N ASP D 222 -19.86 -44.46 -49.76
CA ASP D 222 -19.57 -44.83 -51.14
C ASP D 222 -18.36 -44.08 -51.67
N LYS D 223 -18.29 -42.77 -51.44
CA LYS D 223 -17.13 -42.01 -51.86
C LYS D 223 -15.87 -42.44 -51.13
N ALA D 224 -16.00 -43.02 -49.95
CA ALA D 224 -14.84 -43.49 -49.22
C ALA D 224 -13.96 -44.38 -50.07
N GLU D 225 -14.57 -45.24 -50.90
CA GLU D 225 -13.82 -46.19 -51.72
C GLU D 225 -12.95 -45.50 -52.74
N GLU D 226 -13.17 -44.22 -52.98
CA GLU D 226 -12.34 -43.47 -53.90
C GLU D 226 -10.96 -43.22 -53.31
N PHE D 227 -10.86 -43.09 -51.99
CA PHE D 227 -9.60 -42.82 -51.30
C PHE D 227 -9.00 -44.02 -50.58
N ALA D 228 -9.81 -44.97 -50.11
CA ALA D 228 -9.31 -46.03 -49.26
C ALA D 228 -9.64 -47.41 -49.83
N PRO D 229 -8.82 -48.42 -49.52
CA PRO D 229 -9.21 -49.79 -49.84
C PRO D 229 -10.41 -50.18 -49.00
N LYS D 230 -11.33 -50.92 -49.61
CA LYS D 230 -12.60 -51.21 -48.93
C LYS D 230 -12.39 -51.85 -47.57
N ASP D 231 -11.29 -52.58 -47.38
CA ASP D 231 -11.12 -53.29 -46.12
C ASP D 231 -10.68 -52.36 -45.00
N GLU D 232 -10.03 -51.25 -45.30
CA GLU D 232 -9.56 -50.30 -44.31
C GLU D 232 -10.58 -49.22 -43.99
N ILE D 233 -11.83 -49.40 -44.39
CA ILE D 233 -12.89 -48.44 -44.11
C ILE D 233 -13.69 -48.91 -42.90
N ILE D 234 -13.99 -47.97 -42.01
CA ILE D 234 -14.81 -48.22 -40.83
C ILE D 234 -16.05 -47.36 -40.95
N TYR D 235 -17.20 -47.96 -40.66
CA TYR D 235 -18.48 -47.32 -40.89
C TYR D 235 -19.03 -46.86 -39.55
N ILE D 236 -19.69 -45.70 -39.56
CA ILE D 236 -20.31 -45.15 -38.37
C ILE D 236 -21.77 -45.61 -38.37
N LYS D 237 -22.06 -46.60 -37.52
CA LYS D 237 -23.40 -47.15 -37.44
C LYS D 237 -24.36 -46.22 -36.73
N ALA D 238 -23.86 -45.40 -35.80
CA ALA D 238 -24.73 -44.55 -35.02
C ALA D 238 -23.94 -43.41 -34.39
N SER D 239 -24.54 -42.22 -34.39
CA SER D 239 -23.97 -41.03 -33.73
C SER D 239 -25.10 -40.35 -32.97
N THR D 240 -25.24 -40.68 -31.68
CA THR D 240 -26.36 -40.25 -30.85
C THR D 240 -25.90 -39.33 -29.73
N GLN D 241 -26.84 -38.56 -29.19
CA GLN D 241 -26.54 -37.57 -28.17
C GLN D 241 -27.74 -37.42 -27.24
N ALA D 242 -27.45 -37.09 -25.98
CA ALA D 242 -28.50 -36.91 -24.98
C ALA D 242 -28.08 -35.83 -23.98
N SER D 243 -29.02 -35.44 -23.12
CA SER D 243 -28.77 -34.40 -22.14
C SER D 243 -29.31 -34.81 -20.77
N ASP D 244 -28.70 -34.23 -19.73
CA ASP D 244 -29.06 -34.46 -18.34
C ASP D 244 -28.90 -33.13 -17.61
N THR D 245 -29.32 -33.11 -16.35
CA THR D 245 -29.18 -31.89 -15.56
C THR D 245 -27.71 -31.48 -15.49
N ILE D 246 -27.45 -30.18 -15.60
CA ILE D 246 -26.06 -29.74 -15.56
C ILE D 246 -25.46 -29.95 -14.18
N ALA D 247 -26.24 -29.74 -13.13
CA ALA D 247 -25.77 -29.91 -11.76
C ALA D 247 -25.98 -31.34 -11.28
N LEU D 248 -24.96 -31.87 -10.59
CA LEU D 248 -25.05 -33.20 -10.02
C LEU D 248 -26.19 -33.30 -9.01
N HIS D 249 -26.45 -32.23 -8.26
CA HIS D 249 -27.48 -32.30 -7.22
C HIS D 249 -28.88 -32.40 -7.78
N ASP D 250 -29.09 -31.99 -9.03
CA ASP D 250 -30.38 -32.09 -9.69
C ASP D 250 -30.60 -33.45 -10.34
N ARG D 251 -29.64 -34.37 -10.24
CA ARG D 251 -29.81 -35.66 -10.86
C ARG D 251 -30.79 -36.51 -10.06
N GLU D 252 -31.62 -37.27 -10.78
CA GLU D 252 -32.53 -38.18 -10.09
C GLU D 252 -31.76 -39.26 -9.37
N ASP D 253 -30.73 -39.80 -10.02
CA ASP D 253 -29.83 -40.76 -9.41
C ASP D 253 -28.42 -40.35 -9.82
N MET D 254 -27.55 -40.14 -8.84
CA MET D 254 -26.18 -39.73 -9.12
C MET D 254 -25.26 -40.88 -9.51
N THR D 255 -25.66 -42.13 -9.28
CA THR D 255 -24.79 -43.25 -9.60
C THR D 255 -24.86 -43.66 -11.06
N THR D 256 -25.66 -42.99 -11.88
CA THR D 256 -25.76 -43.31 -13.30
C THR D 256 -25.86 -42.02 -14.09
N LEU D 257 -25.44 -42.10 -15.36
CA LEU D 257 -25.55 -40.99 -16.31
C LEU D 257 -26.68 -41.30 -17.28
N ASN D 258 -27.86 -40.77 -17.00
CA ASN D 258 -29.01 -41.07 -17.83
C ASN D 258 -28.74 -40.78 -19.30
N ALA D 259 -28.04 -39.68 -19.58
CA ALA D 259 -27.76 -39.33 -20.96
C ALA D 259 -26.94 -40.41 -21.64
N ALA D 260 -26.10 -41.11 -20.90
CA ALA D 260 -25.38 -42.23 -21.50
C ALA D 260 -26.31 -43.40 -21.77
N LYS D 261 -27.16 -43.74 -20.80
CA LYS D 261 -28.14 -44.79 -21.01
C LYS D 261 -29.00 -44.47 -22.23
N VAL D 262 -29.52 -43.24 -22.29
CA VAL D 262 -30.38 -42.84 -23.40
C VAL D 262 -29.63 -42.94 -24.72
N ALA D 263 -28.45 -42.34 -24.79
CA ALA D 263 -27.70 -42.32 -26.03
C ALA D 263 -27.23 -43.71 -26.44
N SER D 264 -26.69 -44.48 -25.49
CA SER D 264 -26.19 -45.80 -25.85
C SER D 264 -27.33 -46.70 -26.34
N GLU D 265 -28.49 -46.68 -25.66
CA GLU D 265 -29.62 -47.48 -26.12
C GLU D 265 -30.02 -47.12 -27.54
N LYS D 266 -30.09 -45.83 -27.86
CA LYS D 266 -30.49 -45.42 -29.20
C LYS D 266 -29.49 -45.89 -30.24
N ALA D 267 -28.19 -45.84 -29.93
CA ALA D 267 -27.19 -46.34 -30.86
C ALA D 267 -27.33 -47.84 -31.04
N TYR D 268 -27.45 -48.59 -29.95
CA TYR D 268 -27.65 -50.02 -30.04
C TYR D 268 -28.87 -50.37 -30.89
N LYS D 269 -29.93 -49.58 -30.78
CA LYS D 269 -31.11 -49.81 -31.60
C LYS D 269 -30.83 -49.57 -33.07
N LEU D 270 -30.27 -48.40 -33.40
CA LEU D 270 -29.99 -48.07 -34.80
C LEU D 270 -29.04 -49.08 -35.44
N ALA D 271 -28.03 -49.53 -34.71
CA ALA D 271 -27.12 -50.54 -35.25
C ALA D 271 -27.72 -51.94 -35.21
N LYS D 272 -28.80 -52.13 -34.44
CA LYS D 272 -29.46 -53.42 -34.36
C LYS D 272 -28.53 -54.47 -33.78
N ILE D 273 -27.80 -54.11 -32.73
CA ILE D 273 -26.98 -55.04 -31.98
C ILE D 273 -27.22 -54.77 -30.50
N ALA D 274 -26.73 -55.69 -29.69
CA ALA D 274 -26.82 -55.61 -28.24
C ALA D 274 -25.44 -55.32 -27.66
N PRO D 275 -25.36 -54.89 -26.40
CA PRO D 275 -24.04 -54.64 -25.82
C PRO D 275 -23.10 -55.82 -25.89
N GLU D 276 -23.62 -57.03 -25.93
CA GLU D 276 -22.79 -58.23 -25.89
C GLU D 276 -21.92 -58.37 -27.14
N LYS D 277 -22.23 -57.66 -28.22
CA LYS D 277 -21.45 -57.76 -29.44
C LYS D 277 -20.38 -56.70 -29.56
N ILE D 278 -20.25 -55.79 -28.60
CA ILE D 278 -19.20 -54.79 -28.63
C ILE D 278 -17.89 -55.45 -28.26
N ASP D 279 -16.89 -55.29 -29.13
CA ASP D 279 -15.56 -55.85 -28.87
C ASP D 279 -14.67 -54.88 -28.11
N VAL D 280 -14.75 -53.59 -28.43
CA VAL D 280 -13.94 -52.55 -27.80
C VAL D 280 -14.83 -51.38 -27.41
N ALA D 281 -14.57 -50.82 -26.24
CA ALA D 281 -15.27 -49.61 -25.79
C ALA D 281 -14.26 -48.59 -25.29
N GLU D 282 -14.49 -47.34 -25.63
CA GLU D 282 -13.72 -46.21 -25.12
C GLU D 282 -14.69 -45.37 -24.30
N VAL D 283 -14.48 -45.30 -22.99
CA VAL D 283 -15.38 -44.58 -22.10
C VAL D 283 -14.64 -43.40 -21.50
N HIS D 284 -15.42 -42.43 -21.03
CA HIS D 284 -14.92 -41.19 -20.44
C HIS D 284 -14.56 -41.43 -18.99
N ASP D 285 -13.28 -41.67 -18.71
CA ASP D 285 -12.88 -42.01 -17.35
C ASP D 285 -11.96 -40.96 -16.76
N CYS D 286 -12.33 -39.68 -16.86
CA CYS D 286 -11.48 -38.62 -16.32
C CYS D 286 -11.25 -38.78 -14.83
N PHE D 287 -12.11 -39.52 -14.10
CA PHE D 287 -11.96 -39.71 -12.67
C PHE D 287 -12.23 -41.15 -12.24
N ALA D 288 -12.00 -42.12 -13.12
CA ALA D 288 -12.07 -43.52 -12.71
C ALA D 288 -13.48 -43.97 -12.36
N ILE D 289 -14.09 -43.36 -11.33
CA ILE D 289 -15.48 -43.66 -11.04
C ILE D 289 -16.32 -43.57 -12.29
N ASN D 290 -16.07 -42.55 -13.11
CA ASN D 290 -16.82 -42.35 -14.33
C ASN D 290 -16.60 -43.49 -15.30
N GLY D 291 -15.44 -44.14 -15.25
CA GLY D 291 -15.22 -45.31 -16.06
C GLY D 291 -16.10 -46.48 -15.65
N LEU D 292 -16.23 -46.72 -14.35
CA LEU D 292 -17.08 -47.81 -13.87
C LEU D 292 -18.53 -47.54 -14.21
N ILE D 293 -19.00 -46.32 -13.95
CA ILE D 293 -20.40 -46.01 -14.20
C ILE D 293 -20.75 -46.22 -15.66
N LEU D 294 -19.88 -45.78 -16.56
CA LEU D 294 -20.20 -45.90 -17.98
C LEU D 294 -20.17 -47.35 -18.45
N VAL D 295 -19.30 -48.17 -17.88
CA VAL D 295 -19.32 -49.58 -18.20
C VAL D 295 -20.68 -50.19 -17.87
N GLU D 296 -21.31 -49.71 -16.80
CA GLU D 296 -22.65 -50.18 -16.43
C GLU D 296 -23.72 -49.56 -17.31
N ASP D 297 -23.66 -48.25 -17.53
CA ASP D 297 -24.70 -47.57 -18.29
C ASP D 297 -24.73 -48.02 -19.75
N LEU D 298 -23.58 -48.41 -20.32
CA LEU D 298 -23.56 -48.95 -21.66
C LEU D 298 -24.04 -50.39 -21.74
N GLY D 299 -24.24 -51.05 -20.61
CA GLY D 299 -24.89 -52.33 -20.58
C GLY D 299 -23.96 -53.52 -20.55
N PHE D 300 -22.70 -53.32 -20.19
CA PHE D 300 -21.75 -54.42 -20.15
C PHE D 300 -21.81 -55.18 -18.84
N CYS D 301 -22.43 -54.62 -17.81
CA CYS D 301 -22.62 -55.31 -16.56
C CYS D 301 -23.71 -54.62 -15.76
N LYS D 302 -24.12 -55.26 -14.67
CA LYS D 302 -25.24 -54.80 -13.88
C LYS D 302 -24.84 -53.64 -12.98
N LYS D 303 -25.80 -52.77 -12.70
CA LYS D 303 -25.50 -51.61 -11.85
C LYS D 303 -24.96 -52.08 -10.51
N GLY D 304 -23.77 -51.58 -10.16
CA GLY D 304 -23.13 -51.92 -8.91
C GLY D 304 -22.08 -53.01 -9.00
N ASP D 305 -21.97 -53.68 -10.14
CA ASP D 305 -21.04 -54.77 -10.30
C ASP D 305 -19.76 -54.37 -11.01
N ALA D 306 -19.68 -53.13 -11.52
CA ALA D 306 -18.49 -52.72 -12.25
C ALA D 306 -17.23 -52.95 -11.42
N GLY D 307 -17.31 -52.68 -10.12
CA GLY D 307 -16.14 -52.88 -9.28
C GLY D 307 -15.66 -54.30 -9.29
N LYS D 308 -16.58 -55.26 -9.41
CA LYS D 308 -16.20 -56.67 -9.39
C LYS D 308 -15.71 -57.16 -10.74
N VAL D 309 -16.14 -56.52 -11.84
CA VAL D 309 -15.62 -56.91 -13.15
C VAL D 309 -14.26 -56.27 -13.40
N ILE D 310 -13.95 -55.15 -12.74
CA ILE D 310 -12.62 -54.59 -12.85
C ILE D 310 -11.65 -55.38 -11.98
N ASP D 311 -12.13 -55.85 -10.82
CA ASP D 311 -11.25 -56.57 -9.91
C ASP D 311 -10.72 -57.84 -10.56
N GLU D 312 -11.59 -58.56 -11.26
CA GLU D 312 -11.19 -59.72 -12.05
C GLU D 312 -10.53 -59.33 -13.36
N GLY D 313 -10.60 -58.05 -13.74
CA GLY D 313 -9.91 -57.56 -14.91
C GLY D 313 -10.56 -57.86 -16.25
N LYS D 314 -11.87 -58.10 -16.29
CA LYS D 314 -12.48 -58.49 -17.56
C LYS D 314 -12.31 -57.42 -18.64
N ILE D 315 -12.06 -56.16 -18.25
CA ILE D 315 -11.88 -55.09 -19.23
C ILE D 315 -10.50 -55.09 -19.85
N ARG D 316 -9.58 -55.91 -19.33
CA ARG D 316 -8.22 -55.96 -19.85
C ARG D 316 -8.19 -56.60 -21.24
N ILE D 317 -7.13 -56.26 -22.00
CA ILE D 317 -6.99 -56.75 -23.37
C ILE D 317 -6.78 -58.26 -23.38
N ASP D 318 -5.95 -58.77 -22.47
CA ASP D 318 -5.67 -60.21 -22.44
C ASP D 318 -6.91 -61.00 -22.05
N TYR D 319 -7.82 -60.41 -21.28
CA TYR D 319 -9.03 -61.11 -20.87
C TYR D 319 -10.00 -61.27 -22.04
N ASP D 320 -10.29 -62.51 -22.40
CA ASP D 320 -11.12 -62.82 -23.54
C ASP D 320 -12.57 -63.02 -23.14
N ASP D 321 -13.45 -62.93 -24.13
CA ASP D 321 -14.89 -63.14 -24.03
C ASP D 321 -15.60 -62.02 -23.29
N PHE D 322 -14.92 -60.91 -23.03
CA PHE D 322 -15.54 -59.73 -22.43
C PHE D 322 -15.02 -58.51 -23.18
N VAL D 323 -15.81 -57.45 -23.18
CA VAL D 323 -15.41 -56.24 -23.89
C VAL D 323 -14.12 -55.70 -23.30
N THR D 324 -13.30 -55.09 -24.17
CA THR D 324 -12.04 -54.47 -23.81
C THR D 324 -12.24 -52.96 -23.71
N VAL D 325 -11.94 -52.39 -22.55
CA VAL D 325 -12.24 -50.99 -22.27
C VAL D 325 -10.95 -50.18 -22.27
N ASN D 326 -10.97 -49.04 -22.96
CA ASN D 326 -9.85 -48.11 -23.02
C ASN D 326 -8.53 -48.82 -23.24
N PRO D 327 -8.34 -49.45 -24.40
CA PRO D 327 -7.05 -50.07 -24.69
C PRO D 327 -5.90 -49.10 -24.71
N SER D 328 -6.16 -47.83 -24.96
CA SER D 328 -5.11 -46.83 -25.11
C SER D 328 -4.56 -46.34 -23.78
N GLY D 329 -5.27 -46.63 -22.68
CA GLY D 329 -4.95 -46.09 -21.38
C GLY D 329 -6.00 -45.13 -20.85
N GLY D 330 -6.98 -44.78 -21.66
CA GLY D 330 -8.05 -43.93 -21.21
C GLY D 330 -7.60 -42.51 -20.97
N LEU D 331 -8.49 -41.74 -20.33
CA LEU D 331 -8.21 -40.34 -20.09
C LEU D 331 -7.18 -40.17 -18.99
N LYS D 332 -7.21 -41.04 -17.98
CA LYS D 332 -6.29 -40.90 -16.86
C LYS D 332 -4.84 -41.08 -17.31
N ALA D 333 -4.57 -42.14 -18.06
CA ALA D 333 -3.20 -42.46 -18.45
C ALA D 333 -2.83 -41.90 -19.83
N ALA D 334 -3.72 -42.04 -20.82
CA ALA D 334 -3.40 -41.52 -22.15
C ALA D 334 -3.48 -40.01 -22.21
N GLY D 335 -4.21 -39.38 -21.32
CA GLY D 335 -4.31 -37.95 -21.31
C GLY D 335 -5.71 -37.49 -21.66
N HIS D 336 -6.06 -36.29 -21.19
CA HIS D 336 -7.39 -35.75 -21.39
C HIS D 336 -7.28 -34.30 -21.88
N ALA D 337 -7.01 -34.14 -23.16
CA ALA D 337 -7.10 -32.83 -23.81
C ALA D 337 -8.57 -32.61 -24.14
N LEU D 338 -9.23 -31.76 -23.34
CA LEU D 338 -10.68 -31.71 -23.28
C LEU D 338 -11.35 -31.78 -24.66
N GLY D 339 -10.93 -30.90 -25.57
CA GLY D 339 -11.57 -30.80 -26.87
C GLY D 339 -11.30 -31.97 -27.80
N ALA D 340 -10.17 -32.64 -27.64
CA ALA D 340 -9.79 -33.70 -28.55
C ALA D 340 -10.18 -35.06 -28.03
N THR D 341 -10.54 -35.17 -26.75
CA THR D 341 -10.80 -36.49 -26.18
C THR D 341 -11.89 -37.21 -26.96
N GLY D 342 -12.98 -36.53 -27.28
CA GLY D 342 -14.05 -37.19 -28.01
C GLY D 342 -13.61 -37.70 -29.36
N ILE D 343 -12.73 -36.96 -30.02
CA ILE D 343 -12.16 -37.42 -31.29
C ILE D 343 -11.23 -38.60 -31.06
N ARG D 344 -10.30 -38.48 -30.11
CA ARG D 344 -9.34 -39.55 -29.88
C ARG D 344 -10.05 -40.86 -29.59
N GLN D 345 -11.05 -40.85 -28.71
CA GLN D 345 -11.79 -42.06 -28.38
C GLN D 345 -12.17 -42.84 -29.61
N VAL D 346 -12.69 -42.13 -30.62
CA VAL D 346 -13.17 -42.78 -31.83
C VAL D 346 -12.01 -43.23 -32.71
N GLY D 347 -10.99 -42.40 -32.82
CA GLY D 347 -9.78 -42.82 -33.53
C GLY D 347 -9.19 -44.11 -33.01
N GLU D 348 -9.30 -44.37 -31.71
CA GLU D 348 -8.83 -45.64 -31.19
C GLU D 348 -9.73 -46.78 -31.67
N LEU D 349 -11.04 -46.59 -31.61
CA LEU D 349 -11.94 -47.60 -32.14
C LEU D 349 -11.66 -47.83 -33.61
N TYR D 350 -11.39 -46.75 -34.35
CA TYR D 350 -11.03 -46.85 -35.75
C TYR D 350 -9.78 -47.70 -35.94
N TRP D 351 -8.69 -47.36 -35.25
CA TRP D 351 -7.49 -48.19 -35.30
C TRP D 351 -7.78 -49.62 -34.88
N GLN D 352 -8.48 -49.79 -33.76
CA GLN D 352 -8.75 -51.13 -33.24
C GLN D 352 -9.54 -51.98 -34.23
N LEU D 353 -10.57 -51.41 -34.86
CA LEU D 353 -11.41 -52.19 -35.76
C LEU D 353 -10.73 -52.46 -37.10
N LYS D 354 -9.85 -51.57 -37.55
CA LYS D 354 -9.14 -51.77 -38.81
C LYS D 354 -7.80 -52.47 -38.62
N GLN D 355 -7.49 -52.94 -37.41
CA GLN D 355 -6.22 -53.60 -37.12
C GLN D 355 -5.05 -52.78 -37.65
N ASP D 356 -5.03 -51.50 -37.30
CA ASP D 356 -3.95 -50.62 -37.71
C ASP D 356 -2.71 -50.88 -36.87
N LYS D 357 -1.55 -50.67 -37.47
CA LYS D 357 -0.33 -50.92 -36.74
C LYS D 357 -0.15 -49.95 -35.59
N GLU D 358 -0.83 -48.80 -35.64
CA GLU D 358 -0.71 -47.81 -34.58
C GLU D 358 -1.05 -48.40 -33.22
N CYS D 359 -2.01 -49.32 -33.16
CA CYS D 359 -2.42 -49.97 -31.92
C CYS D 359 -1.96 -51.42 -31.86
N LYS D 360 -0.88 -51.74 -32.59
CA LYS D 360 -0.41 -53.12 -32.69
C LYS D 360 -0.11 -53.74 -31.33
N ASP D 361 0.48 -52.96 -30.41
CA ASP D 361 0.85 -53.52 -29.11
C ASP D 361 -0.30 -53.57 -28.13
N ARG D 362 -1.47 -53.02 -28.48
CA ARG D 362 -2.64 -52.99 -27.61
C ARG D 362 -3.88 -53.46 -28.35
N GLN D 363 -3.71 -54.34 -29.33
CA GLN D 363 -4.80 -54.75 -30.20
C GLN D 363 -5.75 -55.70 -29.47
N ALA D 364 -7.01 -55.32 -29.41
CA ALA D 364 -8.05 -56.12 -28.79
C ALA D 364 -8.60 -57.15 -29.76
N THR D 365 -9.15 -58.22 -29.20
CA THR D 365 -9.77 -59.26 -29.99
C THR D 365 -11.09 -58.76 -30.56
N ILE D 366 -11.33 -59.07 -31.83
CA ILE D 366 -12.49 -58.56 -32.56
C ILE D 366 -13.28 -59.77 -33.06
N LYS D 367 -14.19 -60.28 -32.22
CA LYS D 367 -15.05 -61.37 -32.66
C LYS D 367 -16.12 -60.86 -33.63
N ASN D 368 -16.79 -59.76 -33.27
CA ASN D 368 -17.99 -59.32 -33.99
C ASN D 368 -17.74 -58.16 -34.93
N GLY D 369 -16.77 -57.29 -34.64
CA GLY D 369 -16.49 -56.15 -35.48
C GLY D 369 -17.23 -54.88 -35.09
N TYR D 370 -17.42 -54.65 -33.79
CA TYR D 370 -18.12 -53.47 -33.31
C TYR D 370 -17.34 -52.77 -32.21
N GLY D 371 -17.40 -51.45 -32.22
CA GLY D 371 -16.85 -50.67 -31.12
C GLY D 371 -17.76 -49.50 -30.79
N ILE D 372 -17.74 -49.10 -29.54
CA ILE D 372 -18.56 -48.00 -29.06
C ILE D 372 -17.72 -47.04 -28.22
N ALA D 373 -18.04 -45.76 -28.29
CA ALA D 373 -17.38 -44.72 -27.52
C ALA D 373 -18.40 -43.86 -26.78
N ALA D 374 -18.10 -43.53 -25.53
CA ALA D 374 -18.93 -42.65 -24.73
C ALA D 374 -18.12 -41.46 -24.26
N ASN D 375 -18.51 -40.27 -24.69
CA ASN D 375 -17.85 -39.02 -24.32
C ASN D 375 -18.82 -38.23 -23.47
N VAL D 376 -18.35 -37.74 -22.33
CA VAL D 376 -19.18 -37.08 -21.33
C VAL D 376 -18.71 -35.65 -21.20
N GLY D 377 -19.67 -34.71 -21.15
CA GLY D 377 -19.39 -33.33 -20.80
C GLY D 377 -19.71 -33.08 -19.33
N GLY D 378 -18.73 -32.57 -18.62
CA GLY D 378 -18.91 -32.29 -17.21
C GLY D 378 -19.20 -33.54 -16.42
N THR D 379 -20.14 -33.43 -15.49
CA THR D 379 -20.52 -34.54 -14.63
C THR D 379 -21.59 -35.41 -15.25
N GLY D 380 -22.04 -35.10 -16.46
CA GLY D 380 -23.04 -35.91 -17.13
C GLY D 380 -24.10 -35.13 -17.87
N GLY D 381 -23.99 -33.80 -17.85
CA GLY D 381 -24.98 -32.98 -18.51
C GLY D 381 -25.12 -33.24 -19.99
N THR D 382 -24.07 -33.75 -20.62
CA THR D 382 -24.05 -34.03 -22.04
C THR D 382 -23.33 -35.34 -22.22
N VAL D 383 -23.89 -36.24 -23.02
CA VAL D 383 -23.23 -37.47 -23.39
C VAL D 383 -23.45 -37.70 -24.88
N CYS D 384 -22.39 -38.07 -25.58
CA CYS D 384 -22.44 -38.38 -27.00
C CYS D 384 -21.86 -39.77 -27.20
N VAL D 385 -22.58 -40.61 -27.93
CA VAL D 385 -22.18 -41.99 -28.18
C VAL D 385 -21.97 -42.18 -29.67
N HIS D 386 -20.90 -42.88 -30.02
CA HIS D 386 -20.61 -43.26 -31.39
C HIS D 386 -20.37 -44.75 -31.46
N LEU D 387 -21.07 -45.43 -32.37
CA LEU D 387 -20.94 -46.86 -32.55
C LEU D 387 -20.36 -47.13 -33.92
N LEU D 388 -19.21 -47.80 -33.97
CA LEU D 388 -18.54 -48.13 -35.23
C LEU D 388 -18.57 -49.63 -35.51
N SER D 389 -18.43 -49.97 -36.78
CA SER D 389 -18.37 -51.35 -37.19
C SER D 389 -17.47 -51.46 -38.41
N ASP D 390 -16.85 -52.63 -38.56
CA ASP D 390 -16.14 -52.93 -39.81
C ASP D 390 -17.08 -53.27 -40.95
N LYS D 391 -18.37 -53.53 -40.67
CA LYS D 391 -19.37 -53.82 -41.69
C LYS D 391 -20.30 -52.64 -41.86
N ARG D 392 -20.62 -52.32 -43.11
CA ARG D 392 -21.52 -51.21 -43.40
C ARG D 392 -22.96 -51.48 -43.03
N VAL E 2 -21.32 -9.28 -10.75
CA VAL E 2 -21.91 -8.22 -9.95
C VAL E 2 -23.42 -8.31 -9.99
N VAL E 3 -23.97 -8.26 -11.21
CA VAL E 3 -25.41 -8.35 -11.38
C VAL E 3 -25.91 -9.75 -11.05
N ARG E 4 -25.12 -10.77 -11.31
CA ARG E 4 -25.60 -12.14 -11.14
C ARG E 4 -25.80 -12.49 -9.68
N SER E 5 -25.01 -11.92 -8.78
CA SER E 5 -25.24 -12.14 -7.35
C SER E 5 -26.57 -11.54 -6.93
N TRP E 6 -26.86 -10.33 -7.42
CA TRP E 6 -28.07 -9.60 -7.07
C TRP E 6 -29.33 -10.38 -7.43
N ARG E 7 -29.29 -11.20 -8.48
CA ARG E 7 -30.49 -11.91 -8.90
C ARG E 7 -30.85 -13.06 -7.96
N HIS E 8 -29.85 -13.71 -7.36
CA HIS E 8 -30.07 -14.90 -6.54
C HIS E 8 -29.85 -14.65 -5.05
N MET E 9 -29.92 -13.38 -4.62
CA MET E 9 -29.67 -13.09 -3.22
C MET E 9 -30.75 -13.71 -2.34
N LYS E 10 -32.00 -13.57 -2.75
CA LYS E 10 -33.08 -14.09 -1.93
C LYS E 10 -33.02 -15.61 -1.86
N GLU E 11 -32.48 -16.25 -2.90
CA GLU E 11 -32.26 -17.69 -2.82
C GLU E 11 -31.07 -18.01 -1.93
N ARG E 12 -29.95 -17.30 -2.12
CA ARG E 12 -28.74 -17.62 -1.36
C ARG E 12 -28.87 -17.21 0.09
N TYR E 13 -29.52 -16.09 0.36
CA TYR E 13 -29.66 -15.62 1.73
C TYR E 13 -30.71 -16.40 2.50
N ASN E 14 -31.91 -16.53 1.92
CA ASN E 14 -33.10 -16.97 2.64
C ASN E 14 -33.64 -18.32 2.20
N LEU E 15 -33.03 -18.99 1.23
CA LEU E 15 -33.53 -20.28 0.75
C LEU E 15 -34.99 -20.19 0.34
N ILE E 16 -35.29 -19.20 -0.49
CA ILE E 16 -36.63 -19.02 -1.04
C ILE E 16 -36.64 -19.60 -2.44
N GLY E 17 -37.35 -20.71 -2.62
CA GLY E 17 -37.47 -21.35 -3.91
C GLY E 17 -38.84 -21.23 -4.52
N THR E 18 -39.21 -22.19 -5.38
CA THR E 18 -40.53 -22.19 -6.01
C THR E 18 -41.17 -23.55 -5.86
N ARG E 19 -42.50 -23.54 -5.71
CA ARG E 19 -43.31 -24.75 -5.68
C ARG E 19 -44.28 -24.70 -6.85
N CYS E 20 -44.26 -25.74 -7.68
CA CYS E 20 -45.22 -25.87 -8.77
C CYS E 20 -46.55 -26.35 -8.19
N LYS E 21 -47.60 -25.55 -8.33
CA LYS E 21 -48.91 -25.96 -7.84
C LYS E 21 -49.41 -27.20 -8.57
N THR E 22 -49.08 -27.33 -9.86
CA THR E 22 -49.67 -28.39 -10.66
C THR E 22 -49.31 -29.76 -10.12
N CYS E 23 -48.02 -30.01 -9.87
CA CYS E 23 -47.56 -31.28 -9.34
C CYS E 23 -47.10 -31.23 -7.89
N GLY E 24 -46.91 -30.02 -7.33
CA GLY E 24 -46.55 -29.87 -5.94
C GLY E 24 -45.06 -29.94 -5.64
N LYS E 25 -44.23 -30.31 -6.61
CA LYS E 25 -42.81 -30.48 -6.35
C LYS E 25 -42.16 -29.12 -6.06
N VAL E 26 -41.47 -29.04 -4.92
CA VAL E 26 -40.69 -27.87 -4.55
C VAL E 26 -39.38 -27.87 -5.32
N TYR E 27 -38.96 -26.69 -5.78
CA TYR E 27 -37.72 -26.54 -6.53
C TYR E 27 -36.83 -25.52 -5.83
N PHE E 28 -35.60 -25.92 -5.56
CA PHE E 28 -34.58 -25.00 -5.11
C PHE E 28 -33.22 -25.46 -5.66
N PRO E 29 -32.49 -24.59 -6.37
CA PRO E 29 -32.78 -23.18 -6.69
C PRO E 29 -34.05 -23.01 -7.50
N SER E 30 -34.67 -21.84 -7.36
CA SER E 30 -35.94 -21.60 -8.02
C SER E 30 -35.80 -21.82 -9.52
N ARG E 31 -36.87 -22.32 -10.14
CA ARG E 31 -36.88 -22.58 -11.56
C ARG E 31 -37.93 -21.72 -12.23
N THR E 32 -37.59 -21.26 -13.44
CA THR E 32 -38.51 -20.47 -14.25
C THR E 32 -39.60 -21.35 -14.83
N VAL E 33 -39.28 -22.61 -15.11
CA VAL E 33 -40.17 -23.57 -15.75
C VAL E 33 -40.12 -24.87 -14.98
N CYS E 34 -41.27 -25.49 -14.77
CA CYS E 34 -41.29 -26.81 -14.17
C CYS E 34 -40.90 -27.86 -15.21
N PRO E 35 -39.85 -28.65 -15.00
CA PRO E 35 -39.46 -29.63 -16.03
C PRO E 35 -40.51 -30.70 -16.28
N ASP E 36 -41.31 -31.07 -15.28
CA ASP E 36 -42.29 -32.13 -15.45
C ASP E 36 -43.57 -31.63 -16.11
N CYS E 37 -44.01 -30.42 -15.77
CA CYS E 37 -45.23 -29.88 -16.35
C CYS E 37 -44.95 -28.85 -17.44
N ARG E 38 -43.73 -28.32 -17.50
CA ARG E 38 -43.36 -27.27 -18.42
C ARG E 38 -44.48 -26.23 -18.54
N ARG E 39 -45.19 -26.21 -19.67
CA ARG E 39 -46.11 -25.12 -19.96
C ARG E 39 -47.31 -25.12 -19.01
N LYS E 40 -47.80 -26.31 -18.64
CA LYS E 40 -48.96 -26.39 -17.76
C LYS E 40 -48.62 -26.13 -16.29
N GLY E 41 -47.33 -26.06 -15.95
CA GLY E 41 -46.96 -25.81 -14.57
C GLY E 41 -47.17 -24.35 -14.18
N GLU E 42 -47.61 -24.15 -12.95
CA GLU E 42 -47.80 -22.83 -12.36
C GLU E 42 -46.97 -22.74 -11.08
N LEU E 43 -45.97 -21.87 -11.09
CA LEU E 43 -45.01 -21.77 -9.99
C LEU E 43 -45.40 -20.65 -9.03
N GLU E 44 -45.16 -20.90 -7.74
CA GLU E 44 -45.37 -19.92 -6.68
C GLU E 44 -44.10 -19.80 -5.84
N GLU E 45 -43.93 -18.66 -5.19
CA GLU E 45 -42.80 -18.48 -4.29
C GLU E 45 -42.96 -19.39 -3.07
N PHE E 46 -41.85 -19.98 -2.62
CA PHE E 46 -41.91 -20.93 -1.53
C PHE E 46 -40.70 -20.77 -0.61
N GLN E 47 -40.96 -20.63 0.68
CA GLN E 47 -39.93 -20.48 1.68
C GLN E 47 -39.57 -21.84 2.25
N LEU E 48 -38.32 -22.26 2.07
CA LEU E 48 -37.85 -23.51 2.61
C LEU E 48 -37.27 -23.29 4.00
N SER E 49 -37.43 -24.29 4.86
CA SER E 49 -36.63 -24.36 6.06
C SER E 49 -35.24 -24.83 5.69
N GLY E 50 -34.24 -24.28 6.36
CA GLY E 50 -32.88 -24.63 5.99
C GLY E 50 -32.48 -26.01 6.44
N LYS E 51 -33.43 -26.85 6.82
CA LYS E 51 -33.12 -28.16 7.36
C LYS E 51 -33.00 -29.22 6.27
N GLY E 52 -32.02 -30.10 6.44
CA GLY E 52 -31.76 -31.16 5.50
C GLY E 52 -30.79 -32.17 6.06
N LYS E 53 -30.41 -33.13 5.22
CA LYS E 53 -29.46 -34.18 5.61
C LYS E 53 -28.40 -34.35 4.53
N ILE E 54 -27.22 -34.79 4.93
CA ILE E 54 -26.15 -35.07 3.97
C ILE E 54 -26.57 -36.22 3.09
N TYR E 55 -26.52 -35.99 1.77
CA TYR E 55 -26.74 -37.04 0.78
C TYR E 55 -25.44 -37.64 0.27
N THR E 56 -24.42 -36.82 0.07
CA THR E 56 -23.09 -37.26 -0.29
C THR E 56 -22.14 -36.11 0.04
N TYR E 57 -20.84 -36.39 0.05
CA TYR E 57 -19.89 -35.36 0.44
C TYR E 57 -18.50 -35.71 -0.07
N SER E 58 -17.60 -34.74 0.07
CA SER E 58 -16.20 -34.93 -0.25
C SER E 58 -15.40 -33.94 0.59
N ILE E 59 -14.10 -34.18 0.69
CA ILE E 59 -13.20 -33.32 1.44
C ILE E 59 -12.16 -32.78 0.46
N VAL E 60 -12.14 -31.47 0.28
CA VAL E 60 -11.31 -30.84 -0.74
C VAL E 60 -9.96 -30.55 -0.11
N TYR E 61 -8.91 -31.21 -0.59
CA TYR E 61 -7.60 -31.09 0.04
C TYR E 61 -6.69 -30.06 -0.62
N ALA E 62 -6.91 -29.74 -1.90
CA ALA E 62 -6.08 -28.76 -2.62
C ALA E 62 -6.97 -27.85 -3.45
N PRO E 63 -7.68 -26.93 -2.81
CA PRO E 63 -8.58 -26.05 -3.54
C PRO E 63 -7.85 -24.85 -4.10
N PRO E 64 -8.55 -23.94 -4.78
CA PRO E 64 -7.91 -22.70 -5.24
C PRO E 64 -7.41 -21.86 -4.07
N LYS E 65 -6.45 -20.98 -4.38
CA LYS E 65 -5.74 -20.25 -3.33
C LYS E 65 -6.70 -19.45 -2.44
N GLU E 66 -7.83 -19.01 -2.98
CA GLU E 66 -8.76 -18.23 -2.15
C GLU E 66 -9.12 -18.97 -0.88
N PHE E 67 -9.36 -20.27 -0.98
CA PHE E 67 -9.81 -21.07 0.14
C PHE E 67 -8.68 -21.50 1.08
N ASN E 68 -7.49 -20.89 0.98
CA ASN E 68 -6.33 -21.33 1.75
C ASN E 68 -6.61 -21.35 3.25
N LYS E 69 -7.41 -20.42 3.75
CA LYS E 69 -7.73 -20.42 5.17
C LYS E 69 -8.57 -21.64 5.53
N LEU E 70 -9.47 -22.04 4.64
CA LEU E 70 -10.38 -23.14 4.93
C LEU E 70 -9.76 -24.51 4.71
N THR E 71 -8.87 -24.66 3.75
CA THR E 71 -8.29 -25.96 3.41
C THR E 71 -7.79 -26.75 4.60
N PRO E 72 -8.14 -28.05 4.68
CA PRO E 72 -9.11 -28.84 3.92
C PRO E 72 -10.56 -28.61 4.37
N TYR E 73 -11.50 -28.52 3.43
CA TYR E 73 -12.89 -28.26 3.76
C TYR E 73 -13.80 -29.36 3.25
N VAL E 74 -14.96 -29.46 3.88
CA VAL E 74 -15.99 -30.41 3.51
C VAL E 74 -16.93 -29.74 2.52
N ILE E 75 -17.15 -30.40 1.39
CA ILE E 75 -18.15 -30.01 0.41
C ILE E 75 -19.16 -31.14 0.35
N ALA E 76 -20.44 -30.79 0.20
CA ALA E 76 -21.48 -31.81 0.25
C ALA E 76 -22.67 -31.41 -0.61
N ILE E 77 -23.50 -32.41 -0.90
CA ILE E 77 -24.82 -32.22 -1.44
C ILE E 77 -25.81 -32.55 -0.33
N VAL E 78 -26.59 -31.56 0.07
CA VAL E 78 -27.56 -31.69 1.15
C VAL E 78 -28.93 -31.94 0.52
N GLU E 79 -29.64 -32.97 1.00
CA GLU E 79 -31.04 -33.18 0.64
C GLU E 79 -31.90 -32.45 1.66
N LEU E 80 -32.58 -31.39 1.22
CA LEU E 80 -33.40 -30.60 2.12
C LEU E 80 -34.71 -31.31 2.45
N GLU E 81 -35.30 -30.95 3.58
CA GLU E 81 -36.53 -31.61 4.03
C GLU E 81 -37.60 -31.56 2.96
N GLU E 82 -37.74 -30.40 2.30
CA GLU E 82 -38.80 -30.21 1.33
C GLU E 82 -38.62 -31.04 0.06
N GLY E 83 -37.40 -31.48 -0.24
CA GLY E 83 -37.17 -32.29 -1.43
C GLY E 83 -35.92 -31.92 -2.20
N PRO E 84 -35.73 -30.63 -2.47
CA PRO E 84 -34.59 -30.23 -3.30
C PRO E 84 -33.25 -30.59 -2.66
N LYS E 85 -32.24 -30.70 -3.52
CA LYS E 85 -30.86 -30.91 -3.11
C LYS E 85 -30.01 -29.72 -3.53
N VAL E 86 -29.04 -29.35 -2.69
CA VAL E 86 -28.11 -28.26 -2.98
C VAL E 86 -26.68 -28.70 -2.72
N THR E 87 -25.75 -27.97 -3.35
CA THR E 87 -24.32 -28.14 -3.17
C THR E 87 -23.81 -27.01 -2.27
N ALA E 88 -23.10 -27.36 -1.20
CA ALA E 88 -22.63 -26.36 -0.26
C ALA E 88 -21.55 -26.94 0.64
N GLN E 89 -20.82 -26.04 1.30
CA GLN E 89 -19.83 -26.45 2.26
C GLN E 89 -20.49 -26.71 3.62
N VAL E 90 -19.83 -27.51 4.44
CA VAL E 90 -20.33 -27.89 5.76
C VAL E 90 -19.33 -27.47 6.81
N ASP E 91 -19.78 -26.70 7.80
CA ASP E 91 -18.92 -26.24 8.88
C ASP E 91 -18.89 -27.30 9.98
N CYS E 92 -18.03 -28.29 9.78
CA CYS E 92 -17.83 -29.34 10.77
C CYS E 92 -16.42 -29.90 10.60
N ASP E 93 -16.03 -30.75 11.54
CA ASP E 93 -14.71 -31.36 11.50
C ASP E 93 -14.67 -32.46 10.44
N ILE E 94 -13.54 -32.53 9.76
CA ILE E 94 -13.28 -33.51 8.70
C ILE E 94 -13.70 -34.91 9.10
N ASN E 95 -13.52 -35.27 10.36
CA ASN E 95 -13.71 -36.64 10.78
C ASN E 95 -15.10 -36.88 11.39
N LYS E 96 -16.04 -35.94 11.22
CA LYS E 96 -17.40 -36.11 11.70
C LYS E 96 -18.46 -35.99 10.61
N ILE E 97 -18.07 -35.91 9.34
CA ILE E 97 -19.03 -35.85 8.24
C ILE E 97 -19.34 -37.28 7.78
N SER E 98 -20.63 -37.55 7.55
CA SER E 98 -21.12 -38.85 7.14
C SER E 98 -22.46 -38.66 6.44
N ILE E 99 -22.82 -39.62 5.59
CA ILE E 99 -24.09 -39.54 4.88
C ILE E 99 -25.22 -39.71 5.86
N GLY E 100 -26.23 -38.85 5.77
CA GLY E 100 -27.39 -38.94 6.61
C GLY E 100 -27.35 -38.03 7.83
N ILE E 101 -26.24 -37.37 8.07
CA ILE E 101 -26.11 -36.43 9.21
C ILE E 101 -27.08 -35.27 9.01
N PRO E 102 -27.91 -34.93 9.99
CA PRO E 102 -28.79 -33.76 9.83
C PRO E 102 -28.04 -32.45 9.94
N VAL E 103 -28.36 -31.52 9.04
CA VAL E 103 -27.68 -30.23 8.97
C VAL E 103 -28.71 -29.13 8.82
N GLU E 104 -28.24 -27.88 8.91
CA GLU E 104 -29.09 -26.69 8.88
C GLU E 104 -28.31 -25.52 8.30
N ALA E 105 -28.97 -24.75 7.44
CA ALA E 105 -28.32 -23.68 6.71
C ALA E 105 -27.92 -22.52 7.61
N ALA E 106 -26.89 -21.80 7.20
CA ALA E 106 -26.31 -20.70 7.96
C ALA E 106 -25.82 -19.66 6.98
N PHE E 107 -26.05 -18.39 7.33
CA PHE E 107 -25.60 -17.27 6.51
C PHE E 107 -24.11 -17.07 6.73
N ARG E 108 -23.32 -17.20 5.65
CA ARG E 108 -21.87 -17.13 5.75
C ARG E 108 -21.30 -16.37 4.56
N ARG E 109 -20.04 -15.98 4.70
CA ARG E 109 -19.27 -15.32 3.64
C ARG E 109 -18.69 -16.39 2.72
N ILE E 110 -19.22 -16.50 1.52
CA ILE E 110 -18.84 -17.59 0.62
C ILE E 110 -17.62 -17.21 -0.21
N LYS E 111 -17.66 -16.03 -0.83
CA LYS E 111 -16.68 -15.67 -1.84
C LYS E 111 -16.45 -14.16 -1.80
N GLU E 112 -15.30 -13.77 -2.32
CA GLU E 112 -14.97 -12.36 -2.49
C GLU E 112 -14.21 -12.20 -3.79
N ASP E 113 -14.59 -11.20 -4.59
CA ASP E 113 -14.00 -10.98 -5.91
C ASP E 113 -12.71 -10.16 -5.77
N GLY E 114 -11.72 -10.82 -5.19
CA GLY E 114 -10.46 -10.15 -4.95
C GLY E 114 -10.61 -9.14 -3.83
N LYS E 115 -9.61 -8.26 -3.73
CA LYS E 115 -9.63 -7.24 -2.70
C LYS E 115 -10.43 -6.00 -3.10
N ASP E 116 -10.67 -5.77 -4.39
CA ASP E 116 -11.43 -4.60 -4.85
C ASP E 116 -12.90 -4.91 -5.15
N GLY E 117 -13.24 -6.14 -5.52
CA GLY E 117 -14.57 -6.47 -5.98
C GLY E 117 -15.51 -6.73 -4.81
N ILE E 118 -16.71 -7.22 -5.14
CA ILE E 118 -17.76 -7.35 -4.12
C ILE E 118 -17.58 -8.64 -3.32
N ILE E 119 -18.19 -8.65 -2.15
CA ILE E 119 -18.26 -9.82 -1.29
C ILE E 119 -19.61 -10.49 -1.55
N SER E 120 -19.61 -11.80 -1.69
CA SER E 120 -20.81 -12.57 -1.96
C SER E 120 -21.10 -13.44 -0.76
N TYR E 121 -22.32 -13.30 -0.22
CA TYR E 121 -22.77 -14.11 0.90
C TYR E 121 -23.73 -15.19 0.42
N GLY E 122 -23.92 -16.21 1.25
CA GLY E 122 -24.78 -17.31 0.89
C GLY E 122 -24.75 -18.38 1.94
N TYR E 123 -25.34 -19.54 1.60
CA TYR E 123 -25.57 -20.59 2.59
C TYR E 123 -24.38 -21.51 2.75
N LYS E 124 -24.19 -21.94 4.00
CA LYS E 124 -23.26 -22.98 4.41
C LYS E 124 -23.97 -23.80 5.46
N PHE E 125 -23.69 -25.09 5.53
CA PHE E 125 -24.46 -25.95 6.41
C PHE E 125 -23.69 -26.31 7.67
N VAL E 126 -24.42 -26.38 8.78
CA VAL E 126 -23.86 -26.65 10.10
C VAL E 126 -24.57 -27.87 10.65
N PRO E 127 -23.86 -28.84 11.24
CA PRO E 127 -24.55 -30.00 11.81
C PRO E 127 -25.39 -29.63 13.02
N ILE E 128 -26.35 -30.52 13.30
CA ILE E 128 -27.20 -30.48 14.48
C ILE E 128 -26.65 -31.45 15.50
N THR E 129 -26.84 -31.15 16.78
CA THR E 129 -26.48 -32.07 17.85
C THR E 129 -27.37 -31.85 19.08
N VAL F 2 21.10 10.02 10.13
CA VAL F 2 21.69 9.75 8.82
C VAL F 2 23.16 10.13 8.76
N VAL F 3 23.48 11.40 9.03
CA VAL F 3 24.88 11.82 9.01
C VAL F 3 25.63 11.23 10.21
N ARG F 4 24.95 11.06 11.34
CA ARG F 4 25.62 10.56 12.53
C ARG F 4 26.08 9.12 12.37
N SER F 5 25.30 8.31 11.65
CA SER F 5 25.70 6.92 11.42
C SER F 5 26.97 6.87 10.57
N TRP F 6 27.03 7.70 9.53
CA TRP F 6 28.18 7.74 8.65
C TRP F 6 29.47 8.09 9.39
N ARG F 7 29.37 8.94 10.42
CA ARG F 7 30.57 9.37 11.14
C ARG F 7 31.16 8.25 11.97
N HIS F 8 30.33 7.33 12.47
CA HIS F 8 30.80 6.26 13.32
C HIS F 8 30.74 4.89 12.63
N MET F 9 30.75 4.87 11.30
CA MET F 9 30.64 3.59 10.61
C MET F 9 31.86 2.72 10.86
N LYS F 10 33.07 3.30 10.79
CA LYS F 10 34.25 2.46 10.99
C LYS F 10 34.33 1.92 12.42
N GLU F 11 33.76 2.63 13.39
CA GLU F 11 33.71 2.11 14.75
C GLU F 11 32.65 1.03 14.90
N ARG F 12 31.46 1.25 14.35
CA ARG F 12 30.38 0.28 14.50
C ARG F 12 30.60 -0.95 13.62
N TYR F 13 31.14 -0.76 12.41
CA TYR F 13 31.35 -1.91 11.52
C TYR F 13 32.58 -2.72 11.93
N ASN F 14 33.71 -2.05 12.12
CA ASN F 14 35.00 -2.72 12.22
C ASN F 14 35.67 -2.64 13.59
N LEU F 15 35.04 -2.00 14.57
CA LEU F 15 35.63 -1.87 15.90
C LEU F 15 37.02 -1.26 15.84
N ILE F 16 37.13 -0.15 15.14
CA ILE F 16 38.39 0.59 15.03
C ILE F 16 38.36 1.75 16.00
N GLY F 17 39.19 1.69 17.03
CA GLY F 17 39.30 2.77 18.00
C GLY F 17 40.62 3.52 17.95
N THR F 18 41.02 4.11 19.06
CA THR F 18 42.26 4.88 19.13
C THR F 18 43.11 4.41 20.31
N ARG F 19 44.42 4.52 20.13
CA ARG F 19 45.40 4.24 21.17
C ARG F 19 46.19 5.51 21.42
N CYS F 20 46.21 5.97 22.67
CA CYS F 20 47.04 7.09 23.06
C CYS F 20 48.49 6.62 23.21
N LYS F 21 49.37 7.18 22.39
CA LYS F 21 50.79 6.80 22.45
C LYS F 21 51.39 7.15 23.80
N THR F 22 50.97 8.26 24.39
CA THR F 22 51.61 8.77 25.60
C THR F 22 51.48 7.80 26.76
N CYS F 23 50.26 7.30 27.01
CA CYS F 23 50.01 6.35 28.09
C CYS F 23 49.72 4.94 27.62
N GLY F 24 49.43 4.74 26.33
CA GLY F 24 49.23 3.41 25.79
C GLY F 24 47.82 2.86 25.90
N LYS F 25 46.92 3.56 26.62
CA LYS F 25 45.58 3.05 26.81
C LYS F 25 44.81 3.05 25.50
N VAL F 26 44.20 1.91 25.17
CA VAL F 26 43.30 1.82 24.03
C VAL F 26 41.95 2.40 24.42
N TYR F 27 41.33 3.11 23.48
CA TYR F 27 40.03 3.71 23.70
C TYR F 27 39.08 3.23 22.62
N PHE F 28 37.93 2.69 23.04
CA PHE F 28 36.84 2.42 22.11
C PHE F 28 35.50 2.66 22.80
N PRO F 29 34.62 3.48 22.21
CA PRO F 29 34.71 4.22 20.95
C PRO F 29 35.87 5.20 20.92
N SER F 30 36.37 5.51 19.72
CA SER F 30 37.50 6.41 19.60
C SER F 30 37.19 7.74 20.28
N ARG F 31 38.22 8.34 20.84
CA ARG F 31 38.11 9.60 21.57
C ARG F 31 38.98 10.67 20.91
N THR F 32 38.47 11.90 20.91
CA THR F 32 39.23 13.03 20.36
C THR F 32 40.37 13.43 21.28
N VAL F 33 40.20 13.25 22.58
CA VAL F 33 41.17 13.65 23.60
C VAL F 33 41.35 12.52 24.59
N CYS F 34 42.59 12.27 24.99
CA CYS F 34 42.85 11.30 26.04
C CYS F 34 42.51 11.91 27.39
N PRO F 35 41.62 11.30 28.18
CA PRO F 35 41.27 11.91 29.47
C PRO F 35 42.43 12.00 30.44
N ASP F 36 43.41 11.08 30.36
CA ASP F 36 44.50 11.09 31.33
C ASP F 36 45.62 12.06 30.96
N CYS F 37 45.94 12.19 29.66
CA CYS F 37 46.98 13.10 29.20
C CYS F 37 46.42 14.38 28.58
N ARG F 38 45.13 14.43 28.26
CA ARG F 38 44.54 15.58 27.60
C ARG F 38 45.39 16.13 26.46
N ARG F 39 46.02 17.29 26.64
CA ARG F 39 46.71 17.91 25.51
C ARG F 39 48.01 17.19 25.20
N LYS F 40 48.67 16.63 26.21
CA LYS F 40 49.92 15.90 25.96
C LYS F 40 49.68 14.54 25.32
N GLY F 41 48.43 14.07 25.28
CA GLY F 41 48.15 12.79 24.65
C GLY F 41 48.23 12.88 23.12
N GLU F 42 48.77 11.83 22.53
CA GLU F 42 48.88 11.68 21.09
C GLU F 42 48.16 10.41 20.66
N LEU F 43 47.07 10.56 19.92
CA LEU F 43 46.20 9.45 19.58
C LEU F 43 46.54 8.89 18.20
N GLU F 44 46.54 7.56 18.11
CA GLU F 44 46.78 6.85 16.87
C GLU F 44 45.59 5.96 16.56
N GLU F 45 45.45 5.59 15.29
CA GLU F 45 44.40 4.64 14.91
C GLU F 45 44.75 3.25 15.43
N PHE F 46 43.73 2.53 15.90
CA PHE F 46 43.95 1.20 16.47
C PHE F 46 42.80 0.27 16.15
N GLN F 47 43.12 -0.90 15.59
CA GLN F 47 42.13 -1.91 15.24
C GLN F 47 41.98 -2.90 16.39
N LEU F 48 40.78 -2.97 16.95
CA LEU F 48 40.50 -3.92 18.02
C LEU F 48 40.00 -5.24 17.42
N SER F 49 40.35 -6.34 18.10
CA SER F 49 39.68 -7.61 17.87
C SER F 49 38.33 -7.58 18.55
N GLY F 50 37.34 -8.20 17.93
CA GLY F 50 36.01 -8.16 18.49
C GLY F 50 35.78 -9.05 19.69
N LYS F 51 36.84 -9.56 20.29
CA LYS F 51 36.70 -10.53 21.38
C LYS F 51 36.61 -9.81 22.73
N GLY F 52 35.77 -10.34 23.61
CA GLY F 52 35.62 -9.77 24.93
C GLY F 52 34.86 -10.72 25.81
N LYS F 53 34.56 -10.26 27.03
CA LYS F 53 33.79 -11.04 27.99
C LYS F 53 32.68 -10.18 28.59
N ILE F 54 31.59 -10.84 28.94
CA ILE F 54 30.49 -10.14 29.58
C ILE F 54 30.95 -9.61 30.92
N TYR F 55 30.78 -8.30 31.13
CA TYR F 55 31.06 -7.66 32.41
C TYR F 55 29.79 -7.55 33.25
N THR F 56 28.68 -7.22 32.60
CA THR F 56 27.37 -7.20 33.25
C THR F 56 26.33 -7.22 32.15
N TYR F 57 25.08 -7.50 32.54
CA TYR F 57 24.03 -7.67 31.55
C TYR F 57 22.67 -7.48 32.20
N SER F 58 21.66 -7.43 31.35
CA SER F 58 20.26 -7.36 31.75
C SER F 58 19.44 -7.96 30.63
N ILE F 59 18.18 -8.27 30.91
CA ILE F 59 17.25 -8.84 29.96
C ILE F 59 16.08 -7.88 29.81
N VAL F 60 15.90 -7.33 28.61
CA VAL F 60 14.91 -6.29 28.38
C VAL F 60 13.59 -6.97 28.00
N TYR F 61 12.58 -6.84 28.86
CA TYR F 61 11.32 -7.55 28.69
C TYR F 61 10.25 -6.72 28.01
N ALA F 62 10.30 -5.38 28.10
CA ALA F 62 9.29 -4.52 27.49
C ALA F 62 9.96 -3.34 26.81
N PRO F 63 10.62 -3.58 25.67
CA PRO F 63 11.32 -2.51 25.00
C PRO F 63 10.39 -1.73 24.09
N PRO F 64 10.90 -0.71 23.41
CA PRO F 64 10.08 0.00 22.44
C PRO F 64 9.60 -0.92 21.32
N LYS F 65 8.55 -0.46 20.64
CA LYS F 65 7.81 -1.29 19.68
C LYS F 65 8.69 -1.86 18.57
N GLU F 66 9.71 -1.12 18.15
CA GLU F 66 10.55 -1.59 17.04
C GLU F 66 11.16 -2.95 17.33
N PHE F 67 11.57 -3.18 18.58
CA PHE F 67 12.24 -4.40 18.98
C PHE F 67 11.28 -5.57 19.22
N ASN F 68 10.02 -5.47 18.78
CA ASN F 68 9.01 -6.48 19.10
C ASN F 68 9.40 -7.88 18.65
N LYS F 69 10.10 -8.01 17.53
CA LYS F 69 10.52 -9.33 17.09
C LYS F 69 11.58 -9.92 18.02
N LEU F 70 12.45 -9.08 18.58
CA LEU F 70 13.56 -9.55 19.41
C LEU F 70 13.13 -9.85 20.84
N THR F 71 12.14 -9.12 21.37
CA THR F 71 11.72 -9.25 22.75
C THR F 71 11.48 -10.71 23.20
N PRO F 72 12.00 -11.08 24.38
CA PRO F 72 12.94 -10.41 25.28
C PRO F 72 14.37 -10.56 24.78
N TYR F 73 15.16 -9.50 24.84
CA TYR F 73 16.53 -9.57 24.35
C TYR F 73 17.51 -9.27 25.46
N VAL F 74 18.73 -9.77 25.28
CA VAL F 74 19.82 -9.56 26.21
C VAL F 74 20.57 -8.31 25.79
N ILE F 75 20.80 -7.42 26.75
CA ILE F 75 21.67 -6.27 26.61
C ILE F 75 22.82 -6.46 27.58
N ALA F 76 24.02 -6.06 27.20
CA ALA F 76 25.18 -6.29 28.04
C ALA F 76 26.20 -5.19 27.86
N ILE F 77 27.10 -5.09 28.84
CA ILE F 77 28.34 -4.34 28.69
C ILE F 77 29.44 -5.37 28.57
N VAL F 78 30.12 -5.35 27.43
CA VAL F 78 31.20 -6.28 27.14
C VAL F 78 32.52 -5.60 27.46
N GLU F 79 33.39 -6.30 28.20
CA GLU F 79 34.77 -5.87 28.37
C GLU F 79 35.61 -6.50 27.27
N LEU F 80 36.11 -5.68 26.36
CA LEU F 80 36.93 -6.20 25.28
C LEU F 80 38.33 -6.53 25.81
N GLU F 81 39.01 -7.44 25.11
CA GLU F 81 40.32 -7.87 25.57
C GLU F 81 41.29 -6.69 25.65
N GLU F 82 41.21 -5.74 24.72
CA GLU F 82 42.16 -4.63 24.73
C GLU F 82 41.96 -3.67 25.88
N GLY F 83 40.77 -3.64 26.50
CA GLY F 83 40.54 -2.79 27.63
C GLY F 83 39.19 -2.10 27.65
N PRO F 84 38.79 -1.47 26.55
CA PRO F 84 37.54 -0.70 26.54
C PRO F 84 36.33 -1.58 26.80
N LYS F 85 35.25 -0.95 27.27
CA LYS F 85 33.96 -1.59 27.43
C LYS F 85 32.93 -0.93 26.51
N VAL F 86 32.02 -1.75 25.97
CA VAL F 86 30.96 -1.28 25.09
C VAL F 86 29.63 -1.84 25.56
N THR F 87 28.56 -1.14 25.17
CA THR F 87 27.20 -1.56 25.43
C THR F 87 26.62 -2.11 24.13
N ALA F 88 26.04 -3.31 24.19
CA ALA F 88 25.55 -3.96 22.99
C ALA F 88 24.64 -5.11 23.39
N GLN F 89 23.87 -5.58 22.42
CA GLN F 89 23.03 -6.75 22.61
C GLN F 89 23.85 -8.02 22.39
N VAL F 90 23.36 -9.12 22.94
CA VAL F 90 24.03 -10.42 22.83
C VAL F 90 23.05 -11.39 22.17
N ASP F 91 23.51 -12.04 21.10
CA ASP F 91 22.70 -13.00 20.36
C ASP F 91 22.84 -14.37 21.01
N CYS F 92 22.04 -14.57 22.06
CA CYS F 92 21.97 -15.84 22.76
C CYS F 92 20.62 -15.93 23.44
N ASP F 93 20.28 -17.12 23.94
CA ASP F 93 19.02 -17.25 24.66
C ASP F 93 19.15 -16.57 26.02
N ILE F 94 18.00 -16.20 26.60
CA ILE F 94 18.07 -15.43 27.83
C ILE F 94 18.57 -16.27 29.00
N ASN F 95 18.50 -17.60 28.90
CA ASN F 95 18.99 -18.45 29.96
C ASN F 95 20.43 -18.91 29.73
N LYS F 96 21.15 -18.28 28.80
CA LYS F 96 22.52 -18.67 28.55
C LYS F 96 23.52 -17.58 28.83
N ILE F 97 23.08 -16.41 29.27
CA ILE F 97 23.94 -15.26 29.54
C ILE F 97 24.34 -15.25 31.01
N SER F 98 25.61 -14.96 31.25
CA SER F 98 26.17 -14.88 32.59
C SER F 98 27.42 -14.03 32.50
N ILE F 99 27.81 -13.46 33.64
CA ILE F 99 29.01 -12.64 33.65
C ILE F 99 30.23 -13.52 33.40
N GLY F 100 31.12 -13.04 32.53
CA GLY F 100 32.35 -13.71 32.22
C GLY F 100 32.32 -14.53 30.97
N ILE F 101 31.15 -14.70 30.36
CA ILE F 101 30.96 -15.46 29.14
C ILE F 101 31.76 -14.82 28.00
N PRO F 102 32.64 -15.55 27.35
CA PRO F 102 33.38 -14.97 26.22
C PRO F 102 32.48 -14.77 25.02
N VAL F 103 32.61 -13.62 24.37
CA VAL F 103 31.76 -13.26 23.25
C VAL F 103 32.63 -12.68 22.13
N GLU F 104 32.01 -12.44 20.99
CA GLU F 104 32.72 -12.02 19.79
C GLU F 104 31.80 -11.12 18.98
N ALA F 105 32.34 -10.05 18.43
CA ALA F 105 31.50 -9.07 17.73
C ALA F 105 30.99 -9.63 16.42
N ALA F 106 29.84 -9.13 15.99
CA ALA F 106 29.20 -9.62 14.78
C ALA F 106 28.47 -8.47 14.09
N PHE F 107 28.60 -8.40 12.77
CA PHE F 107 27.95 -7.34 12.00
C PHE F 107 26.48 -7.69 11.86
N ARG F 108 25.62 -6.87 12.45
CA ARG F 108 24.19 -7.13 12.44
C ARG F 108 23.43 -5.84 12.22
N ARG F 109 22.16 -6.00 11.92
CA ARG F 109 21.25 -4.88 11.70
C ARG F 109 20.74 -4.38 13.04
N ILE F 110 21.17 -3.18 13.44
CA ILE F 110 20.88 -2.67 14.76
C ILE F 110 19.53 -1.97 14.81
N LYS F 111 19.27 -1.07 13.86
CA LYS F 111 18.10 -0.23 13.90
C LYS F 111 17.69 0.12 12.47
N GLU F 112 16.45 0.57 12.33
CA GLU F 112 15.95 1.08 11.06
C GLU F 112 15.05 2.27 11.36
N ASP F 113 15.20 3.33 10.57
CA ASP F 113 14.43 4.57 10.74
C ASP F 113 13.10 4.47 9.99
N GLY F 114 12.23 3.61 10.53
CA GLY F 114 10.93 3.40 9.91
C GLY F 114 11.02 2.64 8.61
N LYS F 115 9.94 2.73 7.83
CA LYS F 115 9.90 2.02 6.56
C LYS F 115 10.57 2.82 5.44
N ASP F 116 10.64 4.14 5.58
CA ASP F 116 11.22 4.98 4.53
C ASP F 116 12.68 5.34 4.80
N GLY F 117 13.12 5.33 6.05
CA GLY F 117 14.43 5.84 6.41
C GLY F 117 15.57 4.83 6.26
N ILE F 118 16.72 5.24 6.79
CA ILE F 118 17.98 4.52 6.60
C ILE F 118 18.06 3.35 7.58
N ILE F 119 18.68 2.25 7.12
CA ILE F 119 19.00 1.09 7.95
C ILE F 119 20.36 1.32 8.58
N SER F 120 20.48 1.01 9.87
CA SER F 120 21.71 1.23 10.61
C SER F 120 22.30 -0.11 11.04
N TYR F 121 23.53 -0.37 10.64
CA TYR F 121 24.24 -1.59 11.02
C TYR F 121 25.28 -1.30 12.11
N GLY F 122 25.70 -2.36 12.79
CA GLY F 122 26.66 -2.20 13.85
C GLY F 122 26.91 -3.52 14.54
N TYR F 123 27.61 -3.46 15.68
CA TYR F 123 28.06 -4.67 16.33
C TYR F 123 27.00 -5.23 17.27
N LYS F 124 26.92 -6.56 17.30
CA LYS F 124 26.17 -7.32 18.28
C LYS F 124 27.08 -8.48 18.63
N PHE F 125 27.00 -8.96 19.86
CA PHE F 125 27.96 -9.94 20.32
C PHE F 125 27.35 -11.33 20.37
N VAL F 126 28.15 -12.32 19.99
CA VAL F 126 27.71 -13.71 19.92
C VAL F 126 28.62 -14.52 20.83
N PRO F 127 28.07 -15.41 21.67
CA PRO F 127 28.94 -16.25 22.50
C PRO F 127 29.75 -17.17 21.62
N ILE F 128 30.93 -17.55 22.09
CA ILE F 128 31.78 -18.46 21.35
C ILE F 128 32.11 -19.64 22.25
N THR F 129 31.96 -20.85 21.69
CA THR F 129 32.19 -22.08 22.42
C THR F 129 33.60 -22.64 22.18
N VAL G 2 1.33 -15.40 -20.48
CA VAL G 2 2.69 -15.58 -19.99
C VAL G 2 3.47 -16.51 -20.92
N VAL G 3 2.99 -17.74 -21.09
CA VAL G 3 3.65 -18.66 -22.01
C VAL G 3 3.44 -18.19 -23.45
N ARG G 4 2.32 -17.53 -23.73
CA ARG G 4 2.03 -17.11 -25.10
C ARG G 4 2.92 -15.98 -25.54
N SER G 5 3.29 -15.08 -24.63
CA SER G 5 4.25 -14.04 -24.97
C SER G 5 5.61 -14.65 -25.31
N TRP G 6 6.04 -15.63 -24.52
CA TRP G 6 7.34 -16.26 -24.71
C TRP G 6 7.46 -16.85 -26.11
N ARG G 7 6.38 -17.41 -26.63
CA ARG G 7 6.43 -18.08 -27.93
C ARG G 7 6.67 -17.10 -29.07
N HIS G 8 6.09 -15.90 -28.99
CA HIS G 8 6.13 -14.93 -30.09
C HIS G 8 7.08 -13.77 -29.79
N MET G 9 8.05 -13.96 -28.89
CA MET G 9 8.96 -12.86 -28.56
C MET G 9 9.85 -12.49 -29.73
N LYS G 10 10.43 -13.48 -30.38
CA LYS G 10 11.33 -13.20 -31.48
C LYS G 10 10.59 -12.54 -32.63
N GLU G 11 9.29 -12.80 -32.77
CA GLU G 11 8.51 -12.08 -33.76
C GLU G 11 8.22 -10.65 -33.30
N ARG G 12 7.80 -10.48 -32.04
CA ARG G 12 7.41 -9.16 -31.55
C ARG G 12 8.63 -8.27 -31.32
N TYR G 13 9.73 -8.84 -30.83
CA TYR G 13 10.94 -8.07 -30.58
C TYR G 13 11.70 -7.77 -31.87
N ASN G 14 11.91 -8.79 -32.70
CA ASN G 14 12.86 -8.69 -33.79
C ASN G 14 12.24 -8.74 -35.18
N LEU G 15 10.93 -8.91 -35.30
CA LEU G 15 10.30 -9.03 -36.62
C LEU G 15 10.96 -10.13 -37.44
N ILE G 16 11.07 -11.32 -36.85
CA ILE G 16 11.58 -12.49 -37.55
C ILE G 16 10.39 -13.34 -37.97
N GLY G 17 10.16 -13.41 -39.27
CA GLY G 17 9.11 -14.23 -39.81
C GLY G 17 9.65 -15.42 -40.57
N THR G 18 8.88 -15.90 -41.56
CA THR G 18 9.28 -17.03 -42.39
C THR G 18 9.11 -16.66 -43.86
N ARG G 19 9.92 -17.27 -44.72
CA ARG G 19 9.73 -17.19 -46.17
C ARG G 19 9.65 -18.60 -46.73
N CYS G 20 8.64 -18.84 -47.57
CA CYS G 20 8.44 -20.15 -48.19
C CYS G 20 9.27 -20.25 -49.45
N LYS G 21 10.20 -21.22 -49.48
CA LYS G 21 11.10 -21.33 -50.62
C LYS G 21 10.36 -21.72 -51.89
N THR G 22 9.25 -22.43 -51.76
CA THR G 22 8.53 -22.93 -52.93
C THR G 22 7.94 -21.78 -53.76
N CYS G 23 7.25 -20.84 -53.11
CA CYS G 23 6.66 -19.68 -53.79
C CYS G 23 7.35 -18.36 -53.48
N GLY G 24 8.19 -18.30 -52.45
CA GLY G 24 8.91 -17.10 -52.13
C GLY G 24 8.19 -16.12 -51.24
N LYS G 25 6.90 -16.32 -50.98
CA LYS G 25 6.13 -15.35 -50.22
C LYS G 25 6.64 -15.30 -48.78
N VAL G 26 6.99 -14.09 -48.32
CA VAL G 26 7.37 -13.86 -46.94
C VAL G 26 6.11 -13.78 -46.09
N TYR G 27 6.19 -14.37 -44.89
CA TYR G 27 5.07 -14.36 -43.96
C TYR G 27 5.51 -13.76 -42.63
N PHE G 28 4.77 -12.75 -42.19
CA PHE G 28 4.92 -12.26 -40.83
C PHE G 28 3.57 -11.81 -40.28
N PRO G 29 3.15 -12.34 -39.12
CA PRO G 29 3.83 -13.30 -38.24
C PRO G 29 4.12 -14.60 -38.90
N SER G 30 5.16 -15.28 -38.45
CA SER G 30 5.58 -16.53 -39.05
C SER G 30 4.43 -17.51 -39.07
N ARG G 31 4.39 -18.34 -40.11
CA ARG G 31 3.36 -19.34 -40.26
C ARG G 31 4.00 -20.71 -40.28
N THR G 32 3.31 -21.66 -39.64
CA THR G 32 3.76 -23.05 -39.62
C THR G 32 3.53 -23.74 -40.96
N VAL G 33 2.52 -23.29 -41.73
CA VAL G 33 2.14 -23.87 -43.00
C VAL G 33 1.96 -22.73 -44.00
N CYS G 34 2.46 -22.92 -45.22
CA CYS G 34 2.22 -21.95 -46.26
C CYS G 34 0.80 -22.16 -46.81
N PRO G 35 -0.08 -21.16 -46.78
CA PRO G 35 -1.45 -21.41 -47.26
C PRO G 35 -1.56 -21.77 -48.72
N ASP G 36 -0.64 -21.33 -49.57
CA ASP G 36 -0.76 -21.60 -51.00
C ASP G 36 -0.17 -22.96 -51.37
N CYS G 37 0.95 -23.35 -50.77
CA CYS G 37 1.57 -24.63 -51.09
C CYS G 37 1.32 -25.71 -50.06
N ARG G 38 0.87 -25.32 -48.87
CA ARG G 38 0.63 -26.21 -47.74
C ARG G 38 1.76 -27.23 -47.62
N ARG G 39 1.48 -28.49 -47.94
CA ARG G 39 2.44 -29.56 -47.69
C ARG G 39 3.66 -29.44 -48.59
N LYS G 40 3.48 -29.00 -49.84
CA LYS G 40 4.61 -28.81 -50.73
C LYS G 40 5.43 -27.57 -50.40
N GLY G 41 4.98 -26.76 -49.43
CA GLY G 41 5.74 -25.58 -49.04
C GLY G 41 6.86 -25.92 -48.07
N GLU G 42 7.99 -25.25 -48.24
CA GLU G 42 9.17 -25.40 -47.38
C GLU G 42 9.51 -24.03 -46.81
N LEU G 43 9.33 -23.89 -45.50
CA LEU G 43 9.51 -22.60 -44.83
C LEU G 43 10.90 -22.50 -44.21
N GLU G 44 11.51 -21.33 -44.37
CA GLU G 44 12.78 -21.03 -43.72
C GLU G 44 12.62 -19.77 -42.87
N GLU G 45 13.56 -19.58 -41.97
CA GLU G 45 13.58 -18.41 -41.12
C GLU G 45 13.94 -17.18 -41.95
N PHE G 46 13.28 -16.06 -41.69
CA PHE G 46 13.49 -14.83 -42.46
C PHE G 46 13.43 -13.60 -41.58
N GLN G 47 14.47 -12.78 -41.65
CA GLN G 47 14.54 -11.55 -40.87
C GLN G 47 14.01 -10.39 -41.71
N LEU G 48 12.93 -9.76 -41.25
CA LEU G 48 12.38 -8.62 -41.95
C LEU G 48 13.03 -7.34 -41.46
N SER G 49 13.18 -6.39 -42.37
CA SER G 49 13.44 -5.03 -41.96
C SER G 49 12.15 -4.44 -41.45
N GLY G 50 12.25 -3.66 -40.39
CA GLY G 50 11.06 -3.12 -39.78
C GLY G 50 10.41 -2.00 -40.55
N LYS G 51 10.78 -1.83 -41.81
CA LYS G 51 10.30 -0.72 -42.61
C LYS G 51 9.00 -1.08 -43.31
N GLY G 52 8.11 -0.09 -43.40
CA GLY G 52 6.83 -0.28 -44.07
C GLY G 52 6.17 1.07 -44.31
N LYS G 53 4.92 1.01 -44.78
CA LYS G 53 4.11 2.19 -45.01
C LYS G 53 2.72 1.96 -44.42
N ILE G 54 2.06 3.05 -44.02
CA ILE G 54 0.69 2.94 -43.54
C ILE G 54 -0.23 2.46 -44.66
N TYR G 55 -0.95 1.36 -44.42
CA TYR G 55 -1.96 0.88 -45.36
C TYR G 55 -3.35 1.40 -45.00
N THR G 56 -3.69 1.41 -43.71
CA THR G 56 -4.93 2.00 -43.24
C THR G 56 -4.76 2.24 -41.76
N TYR G 57 -5.63 3.06 -41.19
CA TYR G 57 -5.43 3.47 -39.81
C TYR G 57 -6.73 3.96 -39.21
N SER G 58 -6.67 4.15 -37.88
CA SER G 58 -7.78 4.72 -37.14
C SER G 58 -7.24 5.38 -35.89
N ILE G 59 -8.07 6.23 -35.28
CA ILE G 59 -7.71 6.93 -34.07
C ILE G 59 -8.68 6.50 -32.98
N VAL G 60 -8.15 5.85 -31.94
CA VAL G 60 -8.97 5.23 -30.91
C VAL G 60 -9.24 6.27 -29.81
N TYR G 61 -10.49 6.67 -29.68
CA TYR G 61 -10.83 7.74 -28.74
C TYR G 61 -11.30 7.22 -27.39
N ALA G 62 -11.81 5.99 -27.31
CA ALA G 62 -12.32 5.43 -26.06
C ALA G 62 -11.83 3.99 -25.89
N PRO G 63 -10.56 3.80 -25.56
CA PRO G 63 -10.02 2.46 -25.40
C PRO G 63 -10.25 1.93 -24.00
N PRO G 64 -9.82 0.70 -23.73
CA PRO G 64 -9.90 0.19 -22.35
C PRO G 64 -9.05 1.02 -21.40
N LYS G 65 -9.36 0.91 -20.11
CA LYS G 65 -8.81 1.85 -19.14
C LYS G 65 -7.29 1.79 -19.05
N GLU G 66 -6.67 0.65 -19.38
CA GLU G 66 -5.22 0.58 -19.27
C GLU G 66 -4.54 1.60 -20.18
N PHE G 67 -5.10 1.84 -21.36
CA PHE G 67 -4.53 2.78 -22.32
C PHE G 67 -4.86 4.24 -22.00
N ASN G 68 -5.31 4.55 -20.77
CA ASN G 68 -5.75 5.91 -20.48
C ASN G 68 -4.65 6.94 -20.71
N LYS G 69 -3.40 6.59 -20.42
CA LYS G 69 -2.34 7.57 -20.62
C LYS G 69 -2.16 7.89 -22.10
N LEU G 70 -2.33 6.89 -22.97
CA LEU G 70 -2.11 7.07 -24.40
C LEU G 70 -3.27 7.75 -25.09
N THR G 71 -4.49 7.52 -24.62
CA THR G 71 -5.69 8.04 -25.26
C THR G 71 -5.64 9.53 -25.58
N PRO G 72 -6.00 9.92 -26.80
CA PRO G 72 -6.28 9.12 -28.02
C PRO G 72 -5.02 8.67 -28.76
N TYR G 73 -5.00 7.44 -29.24
CA TYR G 73 -3.84 6.90 -29.93
C TYR G 73 -4.18 6.46 -31.34
N VAL G 74 -3.14 6.37 -32.17
CA VAL G 74 -3.28 5.92 -33.56
C VAL G 74 -3.05 4.42 -33.61
N ILE G 75 -3.95 3.72 -34.28
CA ILE G 75 -3.78 2.31 -34.62
C ILE G 75 -3.75 2.20 -36.14
N ALA G 76 -2.94 1.29 -36.66
CA ALA G 76 -2.76 1.18 -38.10
C ALA G 76 -2.47 -0.25 -38.50
N ILE G 77 -2.65 -0.51 -39.78
CA ILE G 77 -2.12 -1.70 -40.44
C ILE G 77 -0.99 -1.23 -41.32
N VAL G 78 0.22 -1.70 -41.04
CA VAL G 78 1.40 -1.35 -41.78
C VAL G 78 1.67 -2.45 -42.79
N GLU G 79 1.86 -2.07 -44.05
CA GLU G 79 2.37 -2.98 -45.08
C GLU G 79 3.88 -2.89 -45.10
N LEU G 80 4.54 -3.94 -44.66
CA LEU G 80 6.00 -3.96 -44.61
C LEU G 80 6.58 -4.10 -46.01
N GLU G 81 7.84 -3.68 -46.14
CA GLU G 81 8.49 -3.73 -47.44
C GLU G 81 8.47 -5.13 -48.03
N GLU G 82 8.67 -6.14 -47.19
CA GLU G 82 8.77 -7.51 -47.69
C GLU G 82 7.44 -8.06 -48.19
N GLY G 83 6.32 -7.51 -47.74
CA GLY G 83 5.03 -7.97 -48.20
C GLY G 83 3.99 -8.06 -47.10
N PRO G 84 4.34 -8.68 -45.98
CA PRO G 84 3.36 -8.90 -44.93
C PRO G 84 2.81 -7.58 -44.40
N LYS G 85 1.61 -7.65 -43.84
CA LYS G 85 0.98 -6.54 -43.14
C LYS G 85 0.79 -6.90 -41.68
N VAL G 86 0.97 -5.92 -40.79
CA VAL G 86 0.80 -6.11 -39.36
C VAL G 86 -0.09 -5.01 -38.82
N THR G 87 -0.70 -5.29 -37.66
CA THR G 87 -1.52 -4.34 -36.93
C THR G 87 -0.70 -3.81 -35.76
N ALA G 88 -0.64 -2.50 -35.62
CA ALA G 88 0.20 -1.93 -34.57
C ALA G 88 -0.14 -0.46 -34.39
N GLN G 89 0.29 0.09 -33.26
CA GLN G 89 0.13 1.50 -32.99
C GLN G 89 1.24 2.28 -33.67
N VAL G 90 0.99 3.58 -33.87
CA VAL G 90 1.96 4.47 -34.49
C VAL G 90 2.24 5.63 -33.53
N ASP G 91 3.52 5.87 -33.25
CA ASP G 91 3.90 6.97 -32.37
C ASP G 91 4.03 8.25 -33.20
N CYS G 92 2.90 8.92 -33.40
CA CYS G 92 2.90 10.19 -34.12
C CYS G 92 1.70 10.99 -33.66
N ASP G 93 1.64 12.25 -34.06
CA ASP G 93 0.51 13.08 -33.67
C ASP G 93 -0.73 12.76 -34.48
N ILE G 94 -1.88 12.87 -33.82
CA ILE G 94 -3.17 12.53 -34.40
C ILE G 94 -3.35 13.16 -35.77
N ASN G 95 -2.91 14.39 -35.94
CA ASN G 95 -3.19 15.13 -37.16
C ASN G 95 -2.08 14.99 -38.21
N LYS G 96 -1.18 14.03 -38.04
CA LYS G 96 -0.11 13.77 -39.00
C LYS G 96 -0.09 12.36 -39.56
N ILE G 97 -1.08 11.54 -39.24
CA ILE G 97 -1.16 10.19 -39.76
C ILE G 97 -1.96 10.22 -41.05
N SER G 98 -1.49 9.49 -42.06
CA SER G 98 -2.16 9.40 -43.36
C SER G 98 -1.68 8.14 -44.04
N ILE G 99 -2.50 7.59 -44.93
CA ILE G 99 -2.14 6.37 -45.64
C ILE G 99 -0.95 6.63 -46.53
N GLY G 100 0.01 5.73 -46.50
CA GLY G 100 1.18 5.81 -47.35
C GLY G 100 2.42 6.39 -46.72
N ILE G 101 2.34 6.91 -45.50
CA ILE G 101 3.53 7.51 -44.89
C ILE G 101 4.46 6.38 -44.49
N PRO G 102 5.76 6.53 -44.70
CA PRO G 102 6.71 5.48 -44.36
C PRO G 102 6.96 5.45 -42.85
N VAL G 103 7.01 4.25 -42.30
CA VAL G 103 7.19 4.07 -40.87
C VAL G 103 8.25 3.01 -40.66
N GLU G 104 8.65 2.87 -39.39
CA GLU G 104 9.77 2.04 -38.98
C GLU G 104 9.46 1.47 -37.61
N ALA G 105 9.78 0.19 -37.41
CA ALA G 105 9.41 -0.46 -36.16
C ALA G 105 10.27 0.03 -35.00
N ALA G 106 9.71 -0.07 -33.80
CA ALA G 106 10.36 0.40 -32.59
C ALA G 106 9.99 -0.53 -31.46
N PHE G 107 10.96 -0.84 -30.61
CA PHE G 107 10.72 -1.68 -29.45
C PHE G 107 10.05 -0.86 -28.35
N ARG G 108 8.83 -1.24 -27.97
CA ARG G 108 8.07 -0.44 -27.01
C ARG G 108 7.33 -1.34 -26.03
N ARG G 109 6.88 -0.72 -24.95
CA ARG G 109 6.06 -1.37 -23.92
C ARG G 109 4.59 -1.32 -24.32
N ILE G 110 4.04 -2.45 -24.75
CA ILE G 110 2.68 -2.49 -25.27
C ILE G 110 1.64 -2.68 -24.18
N LYS G 111 1.88 -3.62 -23.28
CA LYS G 111 0.84 -4.07 -22.39
C LYS G 111 1.49 -4.44 -21.07
N GLU G 112 0.68 -4.47 -20.02
CA GLU G 112 1.12 -4.97 -18.73
C GLU G 112 -0.05 -5.70 -18.13
N ASP G 113 0.21 -6.86 -17.54
CA ASP G 113 -0.85 -7.68 -16.96
C ASP G 113 -1.12 -7.19 -15.54
N GLY G 114 -1.72 -6.00 -15.47
CA GLY G 114 -2.03 -5.39 -14.19
C GLY G 114 -0.78 -4.93 -13.48
N LYS G 115 -0.91 -4.80 -12.16
CA LYS G 115 0.20 -4.37 -11.31
C LYS G 115 1.15 -5.51 -10.99
N ASP G 116 0.63 -6.73 -10.87
CA ASP G 116 1.44 -7.88 -10.46
C ASP G 116 1.97 -8.67 -11.65
N GLY G 117 1.29 -8.63 -12.79
CA GLY G 117 1.61 -9.53 -13.88
C GLY G 117 2.74 -9.06 -14.78
N ILE G 118 2.92 -9.84 -15.85
CA ILE G 118 4.07 -9.71 -16.74
C ILE G 118 3.91 -8.49 -17.64
N ILE G 119 5.02 -7.89 -17.99
CA ILE G 119 5.05 -6.80 -18.96
C ILE G 119 5.33 -7.39 -20.33
N SER G 120 4.61 -6.92 -21.34
CA SER G 120 4.75 -7.43 -22.70
C SER G 120 5.29 -6.34 -23.58
N TYR G 121 6.41 -6.62 -24.24
CA TYR G 121 7.04 -5.70 -25.17
C TYR G 121 6.77 -6.16 -26.59
N GLY G 122 6.95 -5.25 -27.53
CA GLY G 122 6.69 -5.56 -28.93
C GLY G 122 6.81 -4.32 -29.77
N TYR G 123 6.37 -4.44 -31.02
CA TYR G 123 6.59 -3.38 -31.99
C TYR G 123 5.54 -2.30 -31.93
N LYS G 124 5.99 -1.07 -32.12
CA LYS G 124 5.18 0.09 -32.38
C LYS G 124 5.90 0.81 -33.50
N PHE G 125 5.16 1.51 -34.34
CA PHE G 125 5.76 2.10 -35.53
C PHE G 125 5.95 3.59 -35.37
N VAL G 126 7.06 4.07 -35.90
CA VAL G 126 7.43 5.48 -35.83
C VAL G 126 7.60 5.98 -37.26
N PRO G 127 7.09 7.15 -37.61
CA PRO G 127 7.36 7.68 -38.95
C PRO G 127 8.84 8.00 -39.09
N ILE G 128 9.35 7.86 -40.30
CA ILE G 128 10.75 8.17 -40.59
C ILE G 128 10.79 9.43 -41.42
N THR G 129 11.68 10.35 -41.05
CA THR G 129 11.74 11.67 -41.67
C THR G 129 13.09 11.87 -42.36
N VAL H 2 -0.83 15.34 20.92
CA VAL H 2 -2.12 14.67 20.82
C VAL H 2 -2.97 15.14 21.99
N VAL H 3 -2.43 14.96 23.21
CA VAL H 3 -3.11 15.42 24.41
C VAL H 3 -3.15 16.94 24.43
N ARG H 4 -2.15 17.60 23.84
CA ARG H 4 -2.09 19.05 23.89
C ARG H 4 -3.08 19.69 22.95
N SER H 5 -3.48 19.00 21.89
CA SER H 5 -4.59 19.49 21.08
C SER H 5 -5.90 19.42 21.86
N TRP H 6 -6.12 18.30 22.55
CA TRP H 6 -7.35 18.10 23.31
C TRP H 6 -7.56 19.19 24.35
N ARG H 7 -6.48 19.69 24.96
CA ARG H 7 -6.63 20.72 25.99
C ARG H 7 -7.08 22.04 25.40
N HIS H 8 -6.67 22.36 24.19
CA HIS H 8 -6.94 23.67 23.60
C HIS H 8 -8.00 23.61 22.52
N MET H 9 -8.85 22.58 22.54
CA MET H 9 -9.87 22.45 21.51
C MET H 9 -10.90 23.58 21.59
N LYS H 10 -11.33 23.91 22.80
CA LYS H 10 -12.32 24.97 22.94
C LYS H 10 -11.79 26.32 22.49
N GLU H 11 -10.49 26.56 22.65
CA GLU H 11 -9.93 27.82 22.16
C GLU H 11 -9.80 27.81 20.64
N ARG H 12 -9.27 26.71 20.08
CA ARG H 12 -9.00 26.66 18.65
C ARG H 12 -10.28 26.54 17.84
N TYR H 13 -11.24 25.77 18.32
CA TYR H 13 -12.50 25.59 17.60
C TYR H 13 -13.40 26.82 17.76
N ASN H 14 -13.62 27.26 18.99
CA ASN H 14 -14.68 28.22 19.30
C ASN H 14 -14.18 29.59 19.74
N LEU H 15 -12.87 29.80 19.84
CA LEU H 15 -12.33 31.08 20.28
C LEU H 15 -12.94 31.50 21.62
N ILE H 16 -12.90 30.59 22.58
CA ILE H 16 -13.36 30.88 23.93
C ILE H 16 -12.15 31.21 24.80
N GLY H 17 -12.05 32.47 25.19
CA GLY H 17 -10.97 32.91 26.05
C GLY H 17 -11.43 33.23 27.45
N THR H 18 -10.71 34.13 28.11
CA THR H 18 -11.06 34.54 29.47
C THR H 18 -11.07 36.06 29.55
N ARG H 19 -11.94 36.57 30.42
CA ARG H 19 -11.98 37.99 30.76
C ARG H 19 -11.71 38.13 32.25
N CYS H 20 -10.73 38.96 32.59
CA CYS H 20 -10.42 39.27 33.99
C CYS H 20 -11.43 40.30 34.52
N LYS H 21 -12.15 39.93 35.58
CA LYS H 21 -13.10 40.86 36.18
C LYS H 21 -12.39 42.11 36.70
N THR H 22 -11.21 41.93 37.31
CA THR H 22 -10.56 43.01 38.04
C THR H 22 -10.26 44.20 37.14
N CYS H 23 -9.63 43.96 35.99
CA CYS H 23 -9.32 45.02 35.04
C CYS H 23 -10.17 44.98 33.77
N GLY H 24 -10.88 43.88 33.51
CA GLY H 24 -11.76 43.79 32.36
C GLY H 24 -11.10 43.34 31.07
N LYS H 25 -9.77 43.17 31.06
CA LYS H 25 -9.07 42.83 29.83
C LYS H 25 -9.47 41.43 29.39
N VAL H 26 -9.89 41.29 28.14
CA VAL H 26 -10.12 39.97 27.57
C VAL H 26 -8.77 39.39 27.17
N TYR H 27 -8.61 38.08 27.39
CA TYR H 27 -7.39 37.37 27.05
C TYR H 27 -7.72 36.20 26.13
N PHE H 28 -7.04 36.14 24.99
CA PHE H 28 -7.07 34.95 24.14
C PHE H 28 -5.72 34.75 23.46
N PRO H 29 -5.12 33.57 23.58
CA PRO H 29 -5.58 32.36 24.26
C PRO H 29 -5.83 32.55 25.74
N SER H 30 -6.73 31.75 26.30
CA SER H 30 -7.07 31.89 27.70
C SER H 30 -5.82 31.76 28.55
N ARG H 31 -5.78 32.53 29.64
CA ARG H 31 -4.62 32.53 30.52
C ARG H 31 -5.03 32.07 31.90
N THR H 32 -4.13 31.32 32.55
CA THR H 32 -4.37 30.86 33.91
C THR H 32 -4.26 32.00 34.91
N VAL H 33 -3.43 32.99 34.60
CA VAL H 33 -3.16 34.12 35.47
C VAL H 33 -3.23 35.39 34.64
N CYS H 34 -3.86 36.42 35.19
CA CYS H 34 -3.86 37.71 34.54
C CYS H 34 -2.51 38.38 34.76
N PRO H 35 -1.77 38.76 33.71
CA PRO H 35 -0.45 39.35 33.94
C PRO H 35 -0.47 40.66 34.69
N ASP H 36 -1.56 41.43 34.58
CA ASP H 36 -1.60 42.75 35.20
C ASP H 36 -2.03 42.68 36.67
N CYS H 37 -2.98 41.79 37.00
CA CYS H 37 -3.45 41.62 38.37
C CYS H 37 -2.92 40.37 39.04
N ARG H 38 -2.35 39.44 38.28
CA ARG H 38 -1.87 38.15 38.77
C ARG H 38 -2.86 37.50 39.74
N ARG H 39 -2.53 37.44 41.03
CA ARG H 39 -3.36 36.73 41.99
C ARG H 39 -4.73 37.40 42.13
N LYS H 40 -4.74 38.73 42.29
CA LYS H 40 -5.99 39.45 42.50
C LYS H 40 -6.87 39.49 41.27
N GLY H 41 -6.38 39.07 40.11
CA GLY H 41 -7.25 38.89 38.97
C GLY H 41 -8.11 37.65 39.18
N GLU H 42 -9.39 37.76 38.82
CA GLU H 42 -10.32 36.65 38.88
C GLU H 42 -10.86 36.46 37.48
N LEU H 43 -10.55 35.32 36.88
CA LEU H 43 -10.82 35.08 35.47
C LEU H 43 -12.15 34.38 35.26
N GLU H 44 -12.87 34.80 34.22
CA GLU H 44 -14.17 34.26 33.86
C GLU H 44 -14.12 33.81 32.41
N GLU H 45 -14.94 32.81 32.08
CA GLU H 45 -15.01 32.32 30.72
C GLU H 45 -15.61 33.39 29.81
N PHE H 46 -15.06 33.53 28.60
CA PHE H 46 -15.50 34.58 27.69
C PHE H 46 -15.48 34.09 26.25
N GLN H 47 -16.60 34.29 25.56
CA GLN H 47 -16.76 33.92 24.16
C GLN H 47 -16.45 35.12 23.28
N LEU H 48 -15.41 35.00 22.45
CA LEU H 48 -15.06 36.06 21.53
C LEU H 48 -15.79 35.85 20.19
N SER H 49 -16.13 36.96 19.54
CA SER H 49 -16.50 36.90 18.15
C SER H 49 -15.26 36.74 17.30
N GLY H 50 -15.36 35.97 16.23
CA GLY H 50 -14.18 35.69 15.42
C GLY H 50 -13.71 36.84 14.55
N LYS H 51 -14.21 38.04 14.81
CA LYS H 51 -13.92 39.18 13.96
C LYS H 51 -12.66 39.93 14.40
N GLY H 52 -11.89 40.39 13.43
CA GLY H 52 -10.68 41.12 13.72
C GLY H 52 -10.13 41.79 12.47
N LYS H 53 -8.95 42.38 12.62
CA LYS H 53 -8.27 43.05 11.52
C LYS H 53 -6.81 42.61 11.46
N ILE H 54 -6.25 42.64 10.25
CA ILE H 54 -4.84 42.32 10.07
C ILE H 54 -4.00 43.37 10.77
N TYR H 55 -3.14 42.93 11.68
CA TYR H 55 -2.17 43.82 12.33
C TYR H 55 -0.83 43.80 11.61
N THR H 56 -0.39 42.62 11.19
CA THR H 56 0.81 42.45 10.39
C THR H 56 0.71 41.10 9.71
N TYR H 57 1.57 40.89 8.73
CA TYR H 57 1.46 39.68 7.94
C TYR H 57 2.77 39.38 7.25
N SER H 58 2.82 38.18 6.66
CA SER H 58 3.95 37.75 5.85
C SER H 58 3.41 36.70 4.88
N ILE H 59 4.19 36.42 3.84
CA ILE H 59 3.83 35.42 2.85
C ILE H 59 4.93 34.36 2.87
N VAL H 60 4.56 33.14 3.22
CA VAL H 60 5.55 32.07 3.39
C VAL H 60 5.75 31.39 2.06
N TYR H 61 6.96 31.50 1.50
CA TYR H 61 7.25 30.99 0.18
C TYR H 61 7.87 29.60 0.17
N ALA H 62 8.56 29.20 1.23
CA ALA H 62 9.21 27.89 1.31
C ALA H 62 8.98 27.26 2.66
N PRO H 63 7.76 26.78 2.91
CA PRO H 63 7.46 26.19 4.21
C PRO H 63 7.86 24.73 4.26
N PRO H 64 7.64 24.07 5.39
CA PRO H 64 7.90 22.64 5.47
C PRO H 64 7.06 21.86 4.47
N LYS H 65 7.50 20.62 4.20
CA LYS H 65 6.91 19.83 3.13
C LYS H 65 5.40 19.71 3.27
N GLU H 66 4.90 19.51 4.48
CA GLU H 66 3.47 19.26 4.66
C GLU H 66 2.61 20.32 3.98
N PHE H 67 3.02 21.58 4.05
CA PHE H 67 2.23 22.65 3.47
C PHE H 67 2.37 22.78 1.96
N ASN H 68 2.90 21.77 1.28
CA ASN H 68 3.22 21.89 -0.15
C ASN H 68 2.00 22.29 -0.98
N LYS H 69 0.82 21.81 -0.61
CA LYS H 69 -0.39 22.16 -1.37
C LYS H 69 -0.74 23.63 -1.21
N LEU H 70 -0.49 24.21 -0.03
CA LEU H 70 -0.88 25.59 0.26
C LEU H 70 0.13 26.60 -0.29
N THR H 71 1.41 26.25 -0.30
CA THR H 71 2.47 27.18 -0.71
C THR H 71 2.20 27.89 -2.04
N PRO H 72 2.43 29.22 -2.09
CA PRO H 72 2.73 30.18 -1.02
C PRO H 72 1.51 30.58 -0.22
N TYR H 73 1.61 30.69 1.11
CA TYR H 73 0.46 31.04 1.94
C TYR H 73 0.72 32.31 2.76
N VAL H 74 -0.39 32.93 3.17
CA VAL H 74 -0.38 34.14 3.98
C VAL H 74 -0.44 33.76 5.45
N ILE H 75 0.50 34.29 6.24
CA ILE H 75 0.47 34.18 7.70
C ILE H 75 0.32 35.58 8.26
N ALA H 76 -0.43 35.73 9.35
CA ALA H 76 -0.71 37.05 9.87
C ALA H 76 -0.89 37.00 11.37
N ILE H 77 -0.82 38.18 11.97
CA ILE H 77 -1.29 38.41 13.33
C ILE H 77 -2.56 39.25 13.23
N VAL H 78 -3.68 38.70 13.71
CA VAL H 78 -4.96 39.38 13.68
C VAL H 78 -5.21 40.02 15.04
N GLU H 79 -5.59 41.31 15.03
CA GLU H 79 -6.06 41.98 16.24
C GLU H 79 -7.57 41.82 16.31
N LEU H 80 -8.03 41.03 17.28
CA LEU H 80 -9.45 40.79 17.41
C LEU H 80 -10.15 42.02 17.99
N GLU H 81 -11.44 42.16 17.70
CA GLU H 81 -12.17 43.33 18.16
C GLU H 81 -12.10 43.45 19.69
N GLU H 82 -12.13 42.31 20.39
CA GLU H 82 -12.11 42.36 21.85
C GLU H 82 -10.77 42.83 22.42
N GLY H 83 -9.69 42.74 21.65
CA GLY H 83 -8.41 43.21 22.13
C GLY H 83 -7.24 42.29 21.83
N PRO H 84 -7.40 41.00 22.12
CA PRO H 84 -6.29 40.07 21.95
C PRO H 84 -5.83 39.98 20.51
N LYS H 85 -4.58 39.55 20.32
CA LYS H 85 -4.04 39.27 19.01
C LYS H 85 -3.70 37.78 18.91
N VAL H 86 -3.91 37.21 17.71
CA VAL H 86 -3.58 35.82 17.45
C VAL H 86 -2.77 35.72 16.17
N THR H 87 -2.02 34.62 16.07
CA THR H 87 -1.26 34.27 14.88
C THR H 87 -2.03 33.20 14.13
N ALA H 88 -2.26 33.42 12.84
CA ALA H 88 -3.04 32.47 12.06
C ALA H 88 -2.82 32.75 10.59
N GLN H 89 -3.19 31.77 9.77
CA GLN H 89 -3.15 31.91 8.32
C GLN H 89 -4.42 32.59 7.83
N VAL H 90 -4.34 33.19 6.64
CA VAL H 90 -5.45 33.90 6.04
C VAL H 90 -5.75 33.28 4.68
N ASP H 91 -7.01 32.91 4.47
CA ASP H 91 -7.45 32.34 3.18
C ASP H 91 -7.80 33.50 2.25
N CYS H 92 -6.77 34.01 1.57
CA CYS H 92 -6.94 35.07 0.60
C CYS H 92 -5.81 34.95 -0.40
N ASP H 93 -5.92 35.65 -1.51
CA ASP H 93 -4.85 35.60 -2.48
C ASP H 93 -3.70 36.49 -2.04
N ILE H 94 -2.50 36.14 -2.52
CA ILE H 94 -1.26 36.78 -2.08
C ILE H 94 -1.32 38.29 -2.25
N ASN H 95 -1.90 38.74 -3.34
CA ASN H 95 -1.95 40.16 -3.65
C ASN H 95 -3.18 40.84 -3.07
N LYS H 96 -3.87 40.21 -2.10
CA LYS H 96 -5.05 40.80 -1.51
C LYS H 96 -4.89 41.05 -0.02
N ILE H 97 -3.75 40.75 0.55
CA ILE H 97 -3.53 40.93 1.98
C ILE H 97 -2.88 42.28 2.21
N SER H 98 -3.34 42.98 3.25
CA SER H 98 -2.83 44.29 3.61
C SER H 98 -3.16 44.54 5.08
N ILE H 99 -2.39 45.42 5.72
CA ILE H 99 -2.65 45.73 7.12
C ILE H 99 -3.96 46.50 7.23
N GLY H 100 -4.79 46.11 8.19
CA GLY H 100 -6.05 46.78 8.45
C GLY H 100 -7.25 46.11 7.81
N ILE H 101 -7.03 45.07 7.02
CA ILE H 101 -8.12 44.37 6.33
C ILE H 101 -8.99 43.65 7.36
N PRO H 102 -10.30 43.81 7.33
CA PRO H 102 -11.15 43.09 8.29
C PRO H 102 -11.27 41.63 7.91
N VAL H 103 -11.17 40.76 8.92
CA VAL H 103 -11.18 39.32 8.72
C VAL H 103 -12.11 38.66 9.73
N GLU H 104 -12.31 37.35 9.54
CA GLU H 104 -13.29 36.58 10.30
C GLU H 104 -12.78 35.16 10.43
N ALA H 105 -12.88 34.58 11.62
CA ALA H 105 -12.34 33.26 11.86
C ALA H 105 -13.15 32.19 11.15
N ALA H 106 -12.49 31.07 10.85
CA ALA H 106 -13.09 29.97 10.13
C ALA H 106 -12.51 28.66 10.64
N PHE H 107 -13.37 27.65 10.80
CA PHE H 107 -12.93 26.33 11.23
C PHE H 107 -12.26 25.61 10.06
N ARG H 108 -10.98 25.30 10.21
CA ARG H 108 -10.23 24.71 9.11
C ARG H 108 -9.30 23.61 9.63
N ARG H 109 -8.81 22.81 8.69
CA ARG H 109 -7.84 21.76 8.99
C ARG H 109 -6.47 22.40 9.06
N ILE H 110 -5.88 22.46 10.25
CA ILE H 110 -4.65 23.20 10.38
C ILE H 110 -3.44 22.32 10.02
N LYS H 111 -3.36 21.13 10.60
CA LYS H 111 -2.23 20.24 10.37
C LYS H 111 -2.65 18.81 10.61
N GLU H 112 -1.83 17.87 10.13
CA GLU H 112 -2.04 16.44 10.33
C GLU H 112 -0.72 15.77 10.66
N ASP H 113 -0.74 14.86 11.63
CA ASP H 113 0.48 14.21 12.11
C ASP H 113 0.83 13.00 11.26
N GLY H 114 1.23 13.27 10.03
CA GLY H 114 1.57 12.20 9.12
C GLY H 114 0.34 11.42 8.67
N LYS H 115 0.63 10.29 8.01
CA LYS H 115 -0.45 9.47 7.48
C LYS H 115 -1.17 8.71 8.58
N ASP H 116 -0.48 8.32 9.64
CA ASP H 116 -1.09 7.52 10.70
C ASP H 116 -1.65 8.35 11.85
N GLY H 117 -1.12 9.55 12.07
CA GLY H 117 -1.45 10.32 13.26
C GLY H 117 -2.73 11.12 13.14
N ILE H 118 -2.96 11.95 14.16
CA ILE H 118 -4.22 12.64 14.37
C ILE H 118 -4.31 13.90 13.52
N ILE H 119 -5.54 14.27 13.15
CA ILE H 119 -5.81 15.53 12.44
C ILE H 119 -6.15 16.61 13.46
N SER H 120 -5.57 17.79 13.30
CA SER H 120 -5.78 18.92 14.21
C SER H 120 -6.49 20.04 13.47
N TYR H 121 -7.63 20.46 14.00
CA TYR H 121 -8.41 21.55 13.44
C TYR H 121 -8.22 22.80 14.29
N GLY H 122 -8.59 23.93 13.72
CA GLY H 122 -8.43 25.20 14.41
C GLY H 122 -8.79 26.35 13.51
N TYR H 123 -8.47 27.55 13.97
CA TYR H 123 -8.95 28.75 13.29
C TYR H 123 -8.03 29.17 12.14
N LYS H 124 -8.65 29.66 11.08
CA LYS H 124 -8.02 30.33 9.96
C LYS H 124 -8.91 31.51 9.64
N PHE H 125 -8.32 32.59 9.15
CA PHE H 125 -9.07 33.82 8.97
C PHE H 125 -9.41 34.08 7.51
N VAL H 126 -10.61 34.58 7.27
CA VAL H 126 -11.11 34.86 5.93
C VAL H 126 -11.48 36.34 5.83
N PRO H 127 -11.11 37.03 4.75
CA PRO H 127 -11.50 38.44 4.63
C PRO H 127 -13.01 38.59 4.45
N ILE H 128 -13.49 39.79 4.74
CA ILE H 128 -14.89 40.15 4.59
C ILE H 128 -15.03 40.97 3.31
N THR H 129 -15.89 40.52 2.40
CA THR H 129 -16.17 41.25 1.16
C THR H 129 -14.88 41.65 0.44
N ASP I 3 44.89 -1.66 -26.04
CA ASP I 3 44.51 -3.04 -25.72
C ASP I 3 42.99 -3.20 -25.60
N ILE I 4 42.33 -2.29 -24.89
CA ILE I 4 40.89 -2.34 -24.71
C ILE I 4 40.28 -1.01 -25.14
N GLY I 5 39.15 -1.07 -25.83
CA GLY I 5 38.55 0.15 -26.30
C GLY I 5 37.08 0.00 -26.61
N ILE I 6 36.49 1.12 -27.01
CA ILE I 6 35.10 1.17 -27.43
C ILE I 6 35.04 0.98 -28.93
N VAL I 7 34.33 -0.06 -29.38
CA VAL I 7 34.14 -0.30 -30.80
C VAL I 7 32.86 0.32 -31.33
N GLY I 8 31.91 0.64 -30.45
CA GLY I 8 30.67 1.28 -30.85
C GLY I 8 29.93 1.79 -29.64
N TYR I 9 29.09 2.82 -29.84
CA TYR I 9 28.33 3.43 -28.76
C TYR I 9 27.05 4.00 -29.34
N GLY I 10 26.02 4.12 -28.50
CA GLY I 10 24.74 4.61 -28.96
C GLY I 10 23.94 5.23 -27.84
N SER I 11 22.99 6.08 -28.20
CA SER I 11 22.21 6.83 -27.22
C SER I 11 20.73 6.88 -27.61
N TYR I 12 19.90 7.21 -26.63
CA TYR I 12 18.47 7.43 -26.86
C TYR I 12 17.91 8.40 -25.83
N ILE I 13 17.07 9.32 -26.30
CA ILE I 13 16.30 10.21 -25.44
C ILE I 13 14.87 10.27 -25.97
N PRO I 14 13.85 10.16 -25.13
CA PRO I 14 12.48 10.29 -25.64
C PRO I 14 12.17 11.72 -26.07
N LYS I 15 10.98 11.89 -26.66
CA LYS I 15 10.67 13.13 -27.35
C LYS I 15 9.98 14.17 -26.48
N TYR I 16 9.34 13.79 -25.38
CA TYR I 16 8.61 14.76 -24.58
C TYR I 16 9.55 15.49 -23.62
N ARG I 17 9.28 16.78 -23.41
CA ARG I 17 10.00 17.61 -22.45
C ARG I 17 9.01 18.36 -21.57
N ILE I 18 9.49 18.82 -20.43
CA ILE I 18 8.71 19.70 -19.57
C ILE I 18 9.65 20.75 -18.99
N LYS I 19 9.24 22.01 -19.08
CA LYS I 19 10.06 23.12 -18.61
C LYS I 19 9.91 23.29 -17.12
N VAL I 20 10.95 23.85 -16.48
CA VAL I 20 10.85 24.16 -15.05
C VAL I 20 9.65 25.04 -14.77
N GLU I 21 9.35 25.96 -15.69
CA GLU I 21 8.23 26.88 -15.48
C GLU I 21 6.94 26.13 -15.21
N GLU I 22 6.75 24.97 -15.85
CA GLU I 22 5.50 24.24 -15.76
C GLU I 22 5.34 23.50 -14.44
N ILE I 23 6.45 23.11 -13.82
CA ILE I 23 6.40 22.45 -12.52
C ILE I 23 6.24 23.48 -11.42
N ALA I 24 7.04 24.55 -11.49
CA ALA I 24 6.98 25.59 -10.47
C ALA I 24 5.61 26.25 -10.45
N LYS I 25 5.04 26.50 -11.63
CA LYS I 25 3.69 27.06 -11.72
C LYS I 25 2.72 26.33 -10.80
N VAL I 26 2.79 25.00 -10.79
CA VAL I 26 1.84 24.19 -10.03
C VAL I 26 2.14 24.27 -8.55
N TRP I 27 3.41 24.25 -8.19
CA TRP I 27 3.82 24.18 -6.80
C TRP I 27 4.10 25.54 -6.18
N GLY I 28 3.96 26.62 -6.95
CA GLY I 28 4.04 27.95 -6.41
C GLY I 28 5.44 28.44 -6.12
N LYS I 29 6.38 28.17 -7.00
CA LYS I 29 7.77 28.55 -6.82
C LYS I 29 8.19 29.50 -7.94
N ASP I 30 9.28 30.21 -7.71
CA ASP I 30 9.86 31.09 -8.71
C ASP I 30 10.67 30.28 -9.72
N PRO I 31 10.26 30.22 -10.99
CA PRO I 31 11.06 29.43 -11.94
C PRO I 31 12.44 30.00 -12.20
N GLU I 32 12.60 31.33 -12.22
CA GLU I 32 13.91 31.91 -12.48
C GLU I 32 14.89 31.56 -11.38
N ALA I 33 14.45 31.56 -10.13
CA ALA I 33 15.34 31.15 -9.04
C ALA I 33 15.81 29.72 -9.22
N ILE I 34 14.91 28.83 -9.63
CA ILE I 34 15.26 27.42 -9.81
C ILE I 34 16.22 27.25 -10.98
N LYS I 35 15.89 27.84 -12.13
CA LYS I 35 16.78 27.74 -13.27
C LYS I 35 18.20 28.18 -12.90
N LYS I 36 18.31 29.29 -12.16
CA LYS I 36 19.62 29.79 -11.76
C LYS I 36 20.23 28.96 -10.64
N GLY I 37 19.41 28.53 -9.69
CA GLY I 37 19.93 27.75 -8.57
C GLY I 37 20.49 26.42 -9.02
N LEU I 38 19.79 25.74 -9.93
CA LEU I 38 20.18 24.41 -10.39
C LEU I 38 20.89 24.43 -11.74
N VAL I 39 20.79 25.52 -12.48
CA VAL I 39 21.30 25.58 -13.85
C VAL I 39 20.58 24.52 -14.67
N VAL I 40 19.24 24.59 -14.68
CA VAL I 40 18.39 23.65 -15.42
C VAL I 40 17.23 24.42 -16.00
N ASN I 41 16.90 24.12 -17.26
CA ASN I 41 15.79 24.73 -17.98
C ASN I 41 14.62 23.78 -18.20
N GLU I 42 14.87 22.53 -18.55
CA GLU I 42 13.82 21.58 -18.88
C GLU I 42 14.38 20.18 -18.72
N LYS I 43 13.50 19.18 -18.86
CA LYS I 43 13.94 17.80 -18.72
C LYS I 43 13.14 16.90 -19.67
N SER I 44 13.64 15.68 -19.85
CA SER I 44 13.00 14.74 -20.75
C SER I 44 11.93 13.93 -20.04
N VAL I 45 10.98 13.44 -20.83
CA VAL I 45 9.85 12.69 -20.28
C VAL I 45 9.62 11.50 -21.19
N PRO I 46 9.62 10.28 -20.67
CA PRO I 46 9.33 9.14 -21.53
C PRO I 46 7.84 9.01 -21.83
N SER I 47 7.55 8.51 -23.01
CA SER I 47 6.19 8.20 -23.35
C SER I 47 5.67 7.10 -22.44
N PRO I 48 4.36 7.08 -22.16
CA PRO I 48 3.85 6.05 -21.24
C PRO I 48 4.10 4.64 -21.72
N ASP I 49 4.40 4.45 -23.00
CA ASP I 49 4.75 3.15 -23.54
C ASP I 49 6.25 2.93 -23.59
N GLU I 50 7.03 3.76 -22.91
CA GLU I 50 8.48 3.67 -22.87
C GLU I 50 8.95 3.43 -21.45
N ASP I 51 10.04 2.68 -21.30
CA ASP I 51 10.61 2.42 -20.00
C ASP I 51 12.12 2.21 -20.16
N THR I 52 12.78 1.85 -19.07
CA THR I 52 14.22 1.65 -19.12
C THR I 52 14.60 0.58 -20.13
N ALA I 53 13.83 -0.49 -20.21
CA ALA I 53 14.11 -1.55 -21.17
C ALA I 53 14.04 -1.02 -22.60
N THR I 54 12.99 -0.27 -22.93
CA THR I 54 12.87 0.22 -24.30
C THR I 54 13.97 1.24 -24.61
N ILE I 55 14.28 2.10 -23.65
CA ILE I 55 15.36 3.07 -23.83
C ILE I 55 16.69 2.34 -23.96
N ALA I 56 16.89 1.31 -23.15
CA ALA I 56 18.11 0.52 -23.27
C ALA I 56 18.22 -0.15 -24.62
N VAL I 57 17.10 -0.62 -25.16
CA VAL I 57 17.11 -1.28 -26.47
C VAL I 57 17.44 -0.29 -27.56
N GLU I 58 16.81 0.89 -27.54
CA GLU I 58 17.14 1.90 -28.53
C GLU I 58 18.61 2.21 -28.51
N ALA I 59 19.16 2.48 -27.33
CA ALA I 59 20.58 2.81 -27.22
C ALA I 59 21.45 1.63 -27.65
N ALA I 60 21.09 0.43 -27.24
CA ALA I 60 21.87 -0.73 -27.63
C ALA I 60 21.88 -0.91 -29.15
N ARG I 61 20.71 -0.82 -29.78
CA ARG I 61 20.65 -1.00 -31.23
C ARG I 61 21.46 0.07 -31.95
N ASN I 62 21.46 1.30 -31.45
CA ASN I 62 22.26 2.34 -32.07
C ASN I 62 23.75 2.04 -31.95
N ALA I 63 24.18 1.51 -30.81
CA ALA I 63 25.59 1.18 -30.64
C ALA I 63 26.02 0.08 -31.60
N VAL I 64 25.12 -0.87 -31.89
CA VAL I 64 25.43 -1.92 -32.84
C VAL I 64 25.62 -1.35 -34.23
N LYS I 65 24.80 -0.39 -34.62
CA LYS I 65 25.00 0.28 -35.90
C LYS I 65 26.39 0.88 -35.99
N ARG I 66 26.82 1.57 -34.94
CA ARG I 66 28.13 2.22 -34.98
C ARG I 66 29.27 1.21 -34.95
N ALA I 67 29.17 0.19 -34.08
CA ALA I 67 30.18 -0.86 -34.10
C ALA I 67 30.22 -1.56 -35.44
N GLY I 68 29.06 -1.68 -36.09
CA GLY I 68 29.02 -2.38 -37.36
C GLY I 68 29.31 -3.86 -37.25
N ILE I 69 28.93 -4.49 -36.14
CA ILE I 69 29.23 -5.89 -35.90
C ILE I 69 27.92 -6.67 -35.83
N ASN I 70 28.06 -7.99 -35.76
CA ASN I 70 26.92 -8.88 -35.62
C ASN I 70 26.67 -9.13 -34.14
N ALA I 71 25.48 -8.73 -33.68
CA ALA I 71 25.20 -8.81 -32.25
C ALA I 71 25.36 -10.21 -31.69
N GLU I 72 25.31 -11.24 -32.54
CA GLU I 72 25.50 -12.61 -32.07
C GLU I 72 26.84 -12.78 -31.35
N LYS I 73 27.84 -11.98 -31.70
CA LYS I 73 29.18 -12.02 -31.12
C LYS I 73 29.27 -11.39 -29.74
N ILE I 74 28.24 -10.69 -29.27
CA ILE I 74 28.30 -10.05 -27.96
C ILE I 74 28.19 -11.12 -26.89
N GLY I 75 29.17 -11.18 -26.00
CA GLY I 75 29.26 -12.22 -25.02
C GLY I 75 28.80 -11.83 -23.64
N ALA I 76 28.44 -10.58 -23.43
CA ALA I 76 27.89 -10.15 -22.17
C ALA I 76 27.05 -8.90 -22.41
N VAL I 77 25.93 -8.81 -21.73
CA VAL I 77 25.08 -7.62 -21.74
C VAL I 77 24.78 -7.26 -20.30
N TYR I 78 25.11 -6.02 -19.93
CA TYR I 78 24.90 -5.49 -18.58
C TYR I 78 24.09 -4.21 -18.68
N VAL I 79 23.02 -4.12 -17.91
CA VAL I 79 22.18 -2.93 -17.86
C VAL I 79 22.25 -2.35 -16.45
N GLY I 80 22.70 -1.11 -16.35
CA GLY I 80 22.75 -0.40 -15.10
C GLY I 80 21.62 0.60 -15.01
N SER I 81 20.83 0.49 -13.96
CA SER I 81 19.65 1.33 -13.82
C SER I 81 19.21 1.40 -12.36
N GLU I 82 18.26 2.32 -12.15
CA GLU I 82 17.53 2.51 -10.92
C GLU I 82 16.06 2.24 -11.08
N SER I 83 15.61 2.03 -12.31
CA SER I 83 14.22 1.93 -12.69
C SER I 83 14.01 0.74 -13.59
N HIS I 84 14.64 -0.38 -13.25
CA HIS I 84 14.39 -1.60 -13.98
C HIS I 84 12.89 -1.88 -13.99
N PRO I 85 12.28 -2.13 -15.15
CA PRO I 85 10.82 -2.29 -15.17
C PRO I 85 10.28 -3.33 -14.22
N TYR I 86 11.05 -4.38 -13.94
CA TYR I 86 10.68 -5.37 -12.93
C TYR I 86 11.53 -5.19 -11.68
N ALA I 87 10.97 -5.59 -10.54
CA ALA I 87 11.78 -5.76 -9.33
C ALA I 87 12.63 -7.02 -9.42
N VAL I 88 12.07 -8.09 -9.98
CA VAL I 88 12.78 -9.34 -10.20
C VAL I 88 12.45 -9.85 -11.59
N LYS I 89 13.17 -9.37 -12.59
CA LYS I 89 13.24 -10.02 -13.89
C LYS I 89 14.20 -9.16 -14.72
N PRO I 90 15.30 -9.73 -15.21
CA PRO I 90 16.40 -8.89 -15.70
C PRO I 90 16.08 -8.14 -16.98
N THR I 91 16.25 -6.83 -16.94
CA THR I 91 16.23 -6.01 -18.14
C THR I 91 17.24 -6.50 -19.16
N SER I 92 18.45 -6.80 -18.69
CA SER I 92 19.54 -7.20 -19.60
C SER I 92 19.14 -8.36 -20.50
N ALA I 93 18.37 -9.31 -19.99
CA ALA I 93 17.93 -10.42 -20.81
C ALA I 93 17.02 -9.95 -21.94
N THR I 94 16.07 -9.07 -21.64
CA THR I 94 15.21 -8.50 -22.67
C THR I 94 16.03 -7.77 -23.73
N VAL I 95 17.05 -7.02 -23.32
CA VAL I 95 17.84 -6.27 -24.29
C VAL I 95 18.63 -7.20 -25.19
N ALA I 96 19.23 -8.23 -24.63
CA ALA I 96 19.95 -9.20 -25.45
C ALA I 96 19.03 -9.85 -26.48
N GLU I 97 17.83 -10.27 -26.06
CA GLU I 97 16.87 -10.84 -26.99
C GLU I 97 16.48 -9.84 -28.06
N ALA I 98 16.33 -8.57 -27.69
CA ALA I 98 15.90 -7.53 -28.62
C ALA I 98 16.97 -7.12 -29.62
N ILE I 99 18.23 -7.46 -29.40
CA ILE I 99 19.32 -7.14 -30.33
C ILE I 99 19.86 -8.37 -31.00
N GLY I 100 19.35 -9.54 -30.67
CA GLY I 100 19.81 -10.76 -31.29
C GLY I 100 21.08 -11.30 -30.71
N ALA I 101 21.46 -10.86 -29.52
CA ALA I 101 22.68 -11.35 -28.91
C ALA I 101 22.51 -12.75 -28.33
N THR I 102 21.32 -13.12 -27.89
CA THR I 102 21.05 -14.44 -27.32
C THR I 102 21.37 -15.56 -28.28
N PRO I 103 21.69 -16.74 -27.76
CA PRO I 103 21.75 -17.21 -26.38
C PRO I 103 23.13 -17.32 -25.75
N ASP I 104 24.20 -17.24 -26.55
CA ASP I 104 25.57 -17.49 -26.10
C ASP I 104 26.17 -16.22 -25.50
N LEU I 105 25.73 -15.90 -24.29
CA LEU I 105 26.22 -14.72 -23.59
C LEU I 105 25.82 -14.81 -22.12
N THR I 106 26.48 -14.01 -21.30
CA THR I 106 26.07 -13.80 -19.92
C THR I 106 25.44 -12.42 -19.79
N ALA I 107 24.69 -12.21 -18.73
CA ALA I 107 24.06 -10.92 -18.55
C ALA I 107 23.80 -10.71 -17.08
N ALA I 108 23.60 -9.44 -16.71
CA ALA I 108 23.20 -9.12 -15.35
C ALA I 108 22.66 -7.69 -15.32
N ASP I 109 21.74 -7.45 -14.39
CA ASP I 109 21.24 -6.13 -14.12
C ASP I 109 22.04 -5.53 -12.98
N LEU I 110 22.45 -4.27 -13.14
CA LEU I 110 23.36 -3.63 -12.21
C LEU I 110 22.65 -2.56 -11.39
N GLU I 111 23.00 -2.48 -10.12
CA GLU I 111 22.44 -1.48 -9.23
C GLU I 111 23.58 -0.86 -8.44
N PHE I 112 23.67 0.47 -8.50
CA PHE I 112 24.55 1.25 -7.64
C PHE I 112 24.25 2.72 -7.85
N ALA I 113 23.02 3.13 -7.56
CA ALA I 113 22.52 4.48 -7.83
C ALA I 113 22.90 4.86 -9.25
N CYS I 114 23.50 6.02 -9.48
CA CYS I 114 23.72 6.56 -10.81
C CYS I 114 25.05 6.12 -11.42
N LYS I 115 25.80 5.27 -10.72
CA LYS I 115 27.05 4.73 -11.22
C LYS I 115 26.88 3.34 -11.82
N ALA I 116 25.70 2.73 -11.67
CA ALA I 116 25.43 1.43 -12.25
C ALA I 116 25.86 1.35 -13.70
N GLY I 117 25.63 2.40 -14.48
CA GLY I 117 25.94 2.32 -15.90
C GLY I 117 27.41 2.16 -16.16
N THR I 118 28.23 2.95 -15.48
CA THR I 118 29.66 2.90 -15.71
C THR I 118 30.29 1.68 -15.06
N ALA I 119 29.70 1.14 -13.99
CA ALA I 119 30.18 -0.11 -13.43
C ALA I 119 30.19 -1.21 -14.49
N GLY I 120 29.18 -1.22 -15.35
CA GLY I 120 29.11 -2.23 -16.38
C GLY I 120 30.21 -2.09 -17.42
N ILE I 121 30.62 -0.87 -17.71
CA ILE I 121 31.71 -0.66 -18.64
C ILE I 121 32.96 -1.34 -18.15
N GLN I 122 33.27 -1.16 -16.86
CA GLN I 122 34.46 -1.77 -16.27
C GLN I 122 34.38 -3.29 -16.32
N MET I 123 33.19 -3.86 -16.12
CA MET I 123 33.02 -5.31 -16.23
C MET I 123 33.33 -5.79 -17.63
N CYS I 124 32.83 -5.11 -18.64
CA CYS I 124 33.10 -5.49 -20.03
C CYS I 124 34.56 -5.35 -20.36
N MET I 125 35.19 -4.25 -19.91
CA MET I 125 36.62 -4.10 -20.09
C MET I 125 37.35 -5.32 -19.56
N GLY I 126 36.95 -5.81 -18.38
CA GLY I 126 37.60 -6.97 -17.84
C GLY I 126 37.38 -8.20 -18.69
N LEU I 127 36.13 -8.45 -19.07
CA LEU I 127 35.83 -9.67 -19.80
C LEU I 127 36.50 -9.66 -21.17
N VAL I 128 36.58 -8.50 -21.82
CA VAL I 128 37.26 -8.40 -23.10
C VAL I 128 38.76 -8.51 -22.93
N GLY I 129 39.31 -7.76 -21.97
CA GLY I 129 40.74 -7.83 -21.72
C GLY I 129 41.23 -9.21 -21.33
N SER I 130 40.45 -9.94 -20.53
CA SER I 130 40.86 -11.27 -20.13
C SER I 130 40.68 -12.30 -21.23
N GLY I 131 40.02 -11.94 -22.33
CA GLY I 131 39.79 -12.90 -23.38
C GLY I 131 38.64 -13.84 -23.13
N LEU I 132 37.83 -13.59 -22.10
CA LEU I 132 36.69 -14.42 -21.81
C LEU I 132 35.54 -14.18 -22.80
N ILE I 133 35.44 -12.97 -23.36
CA ILE I 133 34.47 -12.69 -24.41
C ILE I 133 35.14 -11.86 -25.49
N GLU I 134 34.49 -11.80 -26.65
CA GLU I 134 34.98 -11.01 -27.78
C GLU I 134 34.45 -9.59 -27.76
N TYR I 135 33.18 -9.40 -27.43
CA TYR I 135 32.59 -8.08 -27.24
C TYR I 135 31.67 -8.12 -26.04
N GLY I 136 31.62 -7.03 -25.30
CA GLY I 136 30.67 -6.88 -24.22
C GLY I 136 29.92 -5.58 -24.37
N MET I 137 28.67 -5.58 -23.92
CA MET I 137 27.85 -4.38 -23.93
C MET I 137 27.55 -3.91 -22.51
N ALA I 138 27.76 -2.62 -22.26
CA ALA I 138 27.40 -1.97 -21.02
C ALA I 138 26.43 -0.85 -21.33
N ILE I 139 25.27 -0.86 -20.67
CA ILE I 139 24.24 0.15 -20.86
C ILE I 139 23.99 0.85 -19.54
N GLY I 140 23.68 2.14 -19.64
CA GLY I 140 23.18 2.87 -18.50
C GLY I 140 21.91 3.59 -18.91
N ALA I 141 20.79 3.28 -18.27
CA ALA I 141 19.53 3.85 -18.68
C ALA I 141 18.61 3.96 -17.48
N ASP I 142 17.70 4.94 -17.53
CA ASP I 142 16.79 5.18 -16.44
C ASP I 142 15.58 5.94 -16.94
N THR I 143 14.45 5.69 -16.28
CA THR I 143 13.30 6.58 -16.34
C THR I 143 13.06 7.09 -14.93
N ALA I 144 13.92 8.02 -14.50
CA ALA I 144 13.88 8.55 -13.15
C ALA I 144 12.53 9.20 -12.90
N GLN I 145 12.11 9.18 -11.63
CA GLN I 145 10.88 9.83 -11.19
C GLN I 145 11.19 10.65 -9.96
N GLY I 146 10.95 11.96 -10.05
CA GLY I 146 11.14 12.82 -8.91
C GLY I 146 9.87 12.97 -8.09
N ALA I 147 10.04 13.08 -6.78
CA ALA I 147 8.90 13.14 -5.89
C ALA I 147 8.12 14.42 -6.13
N PRO I 148 6.81 14.35 -6.35
CA PRO I 148 6.05 15.57 -6.61
C PRO I 148 6.25 16.58 -5.49
N GLY I 149 6.57 17.81 -5.87
CA GLY I 149 6.80 18.87 -4.94
C GLY I 149 8.23 19.05 -4.50
N ASP I 150 9.08 18.06 -4.72
CA ASP I 150 10.46 18.10 -4.28
C ASP I 150 11.33 18.65 -5.41
N ALA I 151 12.54 19.09 -5.05
CA ALA I 151 13.41 19.70 -6.03
C ALA I 151 13.90 18.71 -7.07
N LEU I 152 13.90 17.43 -6.77
CA LEU I 152 14.34 16.46 -7.76
C LEU I 152 13.37 16.34 -8.92
N GLU I 153 12.13 16.78 -8.77
CA GLU I 153 11.17 16.75 -9.86
C GLU I 153 11.57 17.67 -10.99
N TYR I 154 12.41 18.66 -10.73
CA TYR I 154 12.86 19.55 -11.80
C TYR I 154 13.96 18.92 -12.65
N THR I 155 14.64 17.88 -12.17
CA THR I 155 15.78 17.30 -12.87
C THR I 155 15.62 15.83 -13.25
N ALA I 156 14.63 15.13 -12.72
CA ALA I 156 14.53 13.68 -12.87
C ALA I 156 13.99 13.34 -14.25
N SER I 157 14.86 12.83 -15.14
CA SER I 157 14.52 12.62 -16.55
C SER I 157 14.85 11.20 -17.00
N ALA I 158 14.58 10.93 -18.28
CA ALA I 158 14.76 9.61 -18.88
C ALA I 158 15.76 9.67 -20.02
N GLY I 159 16.62 8.67 -20.11
CA GLY I 159 17.56 8.55 -21.19
C GLY I 159 18.48 7.39 -20.93
N GLY I 160 19.32 7.09 -21.90
CA GLY I 160 20.29 6.03 -21.75
C GLY I 160 21.29 6.01 -22.87
N ALA I 161 22.40 5.31 -22.64
CA ALA I 161 23.43 5.14 -23.66
C ALA I 161 24.09 3.78 -23.46
N ALA I 162 24.49 3.18 -24.59
CA ALA I 162 25.13 1.87 -24.62
C ALA I 162 26.55 1.96 -25.19
N TYR I 163 27.44 1.13 -24.67
CA TYR I 163 28.81 1.04 -25.17
C TYR I 163 29.18 -0.43 -25.39
N ILE I 164 29.75 -0.72 -26.56
CA ILE I 164 30.26 -2.05 -26.89
C ILE I 164 31.78 -2.00 -26.80
N ILE I 165 32.34 -2.90 -26.03
CA ILE I 165 33.77 -2.95 -25.76
C ILE I 165 34.40 -4.05 -26.60
N GLY I 166 35.59 -3.78 -27.15
CA GLY I 166 36.23 -4.73 -28.02
C GLY I 166 37.74 -4.69 -27.94
N ASN I 167 38.37 -5.61 -28.68
CA ASN I 167 39.80 -5.87 -28.62
C ASN I 167 40.52 -5.54 -29.91
N LYS I 168 39.81 -5.24 -30.98
CA LYS I 168 40.38 -5.15 -32.32
C LYS I 168 40.70 -3.69 -32.66
N LYS I 169 41.99 -3.40 -32.82
CA LYS I 169 42.40 -2.02 -33.06
C LYS I 169 41.70 -1.42 -34.26
N ASP I 170 41.51 -2.20 -35.32
CA ASP I 170 40.85 -1.68 -36.51
C ASP I 170 39.42 -1.22 -36.19
N GLU I 171 38.79 -1.79 -35.18
CA GLU I 171 37.40 -1.47 -34.87
C GLU I 171 37.23 -0.50 -33.72
N MET I 172 38.30 -0.14 -33.02
CA MET I 172 38.17 0.76 -31.87
C MET I 172 38.02 2.21 -32.32
N ILE I 173 36.97 2.86 -31.82
CA ILE I 173 36.80 4.30 -32.00
C ILE I 173 37.44 5.07 -30.88
N ALA I 174 37.64 4.44 -29.72
CA ALA I 174 38.32 5.06 -28.59
C ALA I 174 38.98 3.96 -27.80
N VAL I 175 40.00 4.34 -27.03
CA VAL I 175 40.81 3.38 -26.29
C VAL I 175 40.84 3.77 -24.83
N PHE I 176 40.62 2.80 -23.96
CA PHE I 176 40.78 3.02 -22.54
C PHE I 176 42.25 3.03 -22.20
N ASN I 177 42.73 4.13 -21.60
CA ASN I 177 44.08 4.17 -21.06
C ASN I 177 44.14 3.62 -19.65
N GLY I 178 43.08 3.82 -18.88
CA GLY I 178 43.03 3.32 -17.52
C GLY I 178 41.68 3.65 -16.90
N THR I 179 41.40 2.98 -15.80
CA THR I 179 40.18 3.23 -15.03
C THR I 179 40.51 3.13 -13.55
N TYR I 180 39.76 3.86 -12.74
CA TYR I 180 39.96 3.86 -11.31
C TYR I 180 38.61 4.16 -10.65
N SER I 181 38.41 3.61 -9.45
CA SER I 181 37.15 3.75 -8.73
C SER I 181 37.38 4.05 -7.26
N TYR I 182 36.57 4.96 -6.73
CA TYR I 182 36.54 5.35 -5.33
C TYR I 182 35.16 5.00 -4.76
N THR I 183 35.13 4.23 -3.69
CA THR I 183 33.88 3.72 -3.13
C THR I 183 33.94 3.75 -1.61
N THR I 184 32.88 4.27 -0.98
CA THR I 184 32.70 4.15 0.46
C THR I 184 31.22 3.89 0.75
N ASP I 185 30.90 3.74 2.03
CA ASP I 185 29.52 3.61 2.50
C ASP I 185 29.06 4.99 2.95
N THR I 186 28.17 5.60 2.19
CA THR I 186 27.70 6.96 2.43
C THR I 186 26.18 7.00 2.31
N PRO I 187 25.45 7.33 3.35
CA PRO I 187 23.97 7.36 3.24
C PRO I 187 23.42 8.71 2.77
N ASP I 188 23.87 9.16 1.61
CA ASP I 188 23.39 10.44 1.09
C ASP I 188 22.04 10.32 0.40
N PHE I 189 21.75 9.18 -0.19
CA PHE I 189 20.57 9.02 -1.02
C PHE I 189 20.21 7.55 -0.99
N TRP I 190 18.93 7.25 -0.80
CA TRP I 190 18.49 5.87 -0.73
C TRP I 190 17.00 5.80 -1.02
N ARG I 191 16.53 4.58 -1.19
CA ARG I 191 15.10 4.28 -1.28
C ARG I 191 14.87 2.91 -0.67
N ARG I 192 13.81 2.79 0.12
CA ARG I 192 13.44 1.52 0.72
C ARG I 192 12.46 0.78 -0.19
N GLU I 193 12.42 -0.55 -0.06
CA GLU I 193 11.74 -1.37 -1.06
C GLU I 193 10.27 -0.98 -1.19
N GLY I 194 9.63 -0.62 -0.07
CA GLY I 194 8.22 -0.29 -0.12
C GLY I 194 7.91 1.05 -0.76
N GLN I 195 8.78 2.04 -0.57
CA GLN I 195 8.46 3.42 -0.87
C GLN I 195 8.48 3.70 -2.37
N SER I 196 7.67 4.69 -2.76
CA SER I 196 7.57 5.10 -4.16
C SER I 196 8.77 5.96 -4.59
N TYR I 197 9.17 6.92 -3.77
CA TYR I 197 10.24 7.85 -4.12
C TYR I 197 11.35 7.79 -3.09
N PRO I 198 12.57 8.15 -3.48
CA PRO I 198 13.70 8.07 -2.55
C PRO I 198 13.66 9.18 -1.50
N LYS I 199 14.58 9.05 -0.54
CA LYS I 199 14.86 10.03 0.50
C LYS I 199 16.34 10.39 0.40
N HIS I 200 16.73 11.50 1.02
CA HIS I 200 18.11 11.94 0.91
C HIS I 200 18.48 12.85 2.07
N GLY I 201 19.78 13.13 2.19
CA GLY I 201 20.32 13.93 3.27
C GLY I 201 20.50 15.39 2.92
N GLY I 202 19.79 15.85 1.89
CA GLY I 202 19.82 17.24 1.51
C GLY I 202 21.21 17.75 1.23
N ARG I 203 21.70 18.63 2.10
CA ARG I 203 23.00 19.25 1.89
C ARG I 203 24.16 18.27 2.12
N PHE I 204 23.87 17.10 2.70
CA PHE I 204 24.87 16.04 2.82
C PHE I 204 25.19 15.39 1.47
N THR I 205 24.28 15.52 0.49
CA THR I 205 24.53 14.93 -0.82
C THR I 205 25.67 15.61 -1.55
N GLY I 206 26.08 16.80 -1.11
CA GLY I 206 27.10 17.56 -1.80
C GLY I 206 28.52 17.23 -1.39
N GLU I 207 29.10 18.09 -0.56
CA GLU I 207 30.53 17.99 -0.27
C GLU I 207 30.96 16.61 0.22
N PRO I 208 30.35 16.04 1.27
CA PRO I 208 30.84 14.76 1.79
C PRO I 208 30.56 13.56 0.90
N ALA I 209 29.71 13.71 -0.12
CA ALA I 209 29.34 12.58 -0.97
C ALA I 209 29.72 12.84 -2.43
N TYR I 210 29.00 13.68 -3.15
CA TYR I 210 29.28 13.87 -4.56
C TYR I 210 30.72 14.36 -4.79
N PHE I 211 31.08 15.45 -4.13
CA PHE I 211 32.38 16.05 -4.38
C PHE I 211 33.52 15.20 -3.83
N LYS I 212 33.35 14.64 -2.64
CA LYS I 212 34.33 13.70 -2.11
C LYS I 212 34.65 12.62 -3.13
N HIS I 213 33.63 11.95 -3.64
CA HIS I 213 33.85 10.81 -4.51
C HIS I 213 34.23 11.23 -5.92
N VAL I 214 33.58 12.26 -6.46
CA VAL I 214 33.91 12.67 -7.82
C VAL I 214 35.33 13.19 -7.89
N LEU I 215 35.74 13.99 -6.89
CA LEU I 215 37.06 14.59 -6.91
C LEU I 215 38.14 13.59 -6.53
N ASN I 216 37.87 12.69 -5.59
CA ASN I 216 38.84 11.65 -5.27
C ASN I 216 39.04 10.69 -6.42
N ALA I 217 37.96 10.35 -7.12
CA ALA I 217 38.08 9.50 -8.30
C ALA I 217 38.87 10.18 -9.41
N ALA I 218 38.64 11.48 -9.61
CA ALA I 218 39.36 12.21 -10.63
C ALA I 218 40.85 12.30 -10.30
N LYS I 219 41.16 12.86 -9.13
CA LYS I 219 42.57 12.94 -8.72
C LYS I 219 43.24 11.57 -8.77
N GLY I 220 42.52 10.53 -8.33
CA GLY I 220 43.11 9.20 -8.29
C GLY I 220 43.55 8.69 -9.65
N ILE I 221 42.70 8.81 -10.67
CA ILE I 221 43.06 8.30 -11.98
C ILE I 221 44.16 9.15 -12.59
N MET I 222 44.16 10.45 -12.31
CA MET I 222 45.23 11.31 -12.81
C MET I 222 46.57 10.95 -12.16
N GLU I 223 46.55 10.55 -10.89
CA GLU I 223 47.75 10.02 -10.25
C GLU I 223 48.15 8.70 -10.89
N LYS I 224 47.18 7.80 -11.08
CA LYS I 224 47.46 6.53 -11.71
C LYS I 224 48.06 6.72 -13.10
N MET I 225 47.55 7.68 -13.84
CA MET I 225 47.96 7.92 -15.22
C MET I 225 49.13 8.88 -15.31
N GLY I 226 49.46 9.56 -14.22
CA GLY I 226 50.53 10.54 -14.25
C GLY I 226 50.18 11.73 -15.11
N THR I 227 48.95 12.22 -15.00
CA THR I 227 48.46 13.28 -15.86
C THR I 227 48.01 14.47 -15.03
N THR I 228 47.81 15.56 -15.73
CA THR I 228 47.25 16.77 -15.18
C THR I 228 46.03 17.14 -16.00
N VAL I 229 45.27 18.11 -15.50
CA VAL I 229 44.09 18.59 -16.22
C VAL I 229 44.46 18.99 -17.65
N LYS I 230 45.64 19.55 -17.85
CA LYS I 230 46.03 20.04 -19.18
C LYS I 230 46.18 18.92 -20.18
N ASP I 231 46.45 17.69 -19.73
CA ASP I 231 46.63 16.57 -20.65
C ASP I 231 45.35 16.18 -21.36
N TYR I 232 44.20 16.63 -20.89
CA TYR I 232 42.90 16.21 -21.40
C TYR I 232 42.24 17.28 -22.27
N ASP I 233 41.62 16.83 -23.37
CA ASP I 233 40.88 17.71 -24.26
C ASP I 233 39.43 17.94 -23.83
N TYR I 234 38.79 16.92 -23.26
CA TYR I 234 37.40 17.00 -22.87
C TYR I 234 37.21 16.33 -21.52
N CYS I 235 36.11 16.67 -20.85
CA CYS I 235 35.80 16.05 -19.57
C CYS I 235 34.30 15.93 -19.40
N VAL I 236 33.88 14.98 -18.58
CA VAL I 236 32.47 14.80 -18.24
C VAL I 236 32.37 14.22 -16.83
N PHE I 237 31.59 14.87 -15.99
CA PHE I 237 31.32 14.46 -14.62
C PHE I 237 29.84 14.15 -14.46
N HIS I 238 29.51 13.50 -13.36
CA HIS I 238 28.10 13.33 -13.02
C HIS I 238 27.45 14.70 -12.90
N GLN I 239 26.18 14.76 -13.27
CA GLN I 239 25.46 16.02 -13.42
C GLN I 239 24.06 15.89 -12.87
N PRO I 240 23.91 15.79 -11.54
CA PRO I 240 22.57 15.82 -10.96
C PRO I 240 21.91 17.17 -11.15
N ASN I 241 22.71 18.23 -11.20
CA ASN I 241 22.27 19.53 -11.66
C ASN I 241 23.47 20.15 -12.37
N GLY I 242 23.25 21.29 -13.02
CA GLY I 242 24.36 21.94 -13.67
C GLY I 242 25.37 22.45 -12.67
N LYS I 243 24.90 22.91 -11.50
CA LYS I 243 25.79 23.52 -10.53
C LYS I 243 26.89 22.56 -10.09
N PHE I 244 26.52 21.36 -9.64
CA PHE I 244 27.52 20.42 -9.15
C PHE I 244 28.56 20.13 -10.23
N TYR I 245 28.11 19.88 -11.45
CA TYR I 245 29.03 19.63 -12.56
C TYR I 245 30.08 20.73 -12.68
N ILE I 246 29.62 21.97 -12.81
CA ILE I 246 30.54 23.08 -13.07
C ILE I 246 31.45 23.32 -11.88
N LYS I 247 30.92 23.22 -10.66
CA LYS I 247 31.77 23.37 -9.49
C LYS I 247 32.90 22.36 -9.52
N ALA I 248 32.57 21.10 -9.76
CA ALA I 248 33.60 20.07 -9.82
C ALA I 248 34.59 20.35 -10.95
N ALA I 249 34.08 20.65 -12.14
CA ALA I 249 34.96 20.87 -13.29
C ALA I 249 35.90 22.04 -13.04
N LYS I 250 35.38 23.12 -12.47
CA LYS I 250 36.22 24.29 -12.22
C LYS I 250 37.21 24.04 -11.08
N SER I 251 36.81 23.26 -10.07
CA SER I 251 37.73 22.91 -9.00
C SER I 251 38.98 22.24 -9.52
N LEU I 252 38.82 21.30 -10.46
CA LEU I 252 39.92 20.54 -11.01
C LEU I 252 40.74 21.31 -12.04
N GLY I 253 40.26 22.47 -12.48
CA GLY I 253 40.99 23.30 -13.40
C GLY I 253 40.57 23.19 -14.84
N PHE I 254 39.39 22.62 -15.12
CA PHE I 254 38.90 22.50 -16.48
C PHE I 254 38.19 23.79 -16.89
N THR I 255 38.35 24.16 -18.15
CA THR I 255 37.71 25.34 -18.69
C THR I 255 36.39 24.95 -19.34
N ASN I 256 35.65 25.96 -19.80
CA ASN I 256 34.38 25.68 -20.47
C ASN I 256 34.58 24.82 -21.71
N GLU I 257 35.59 25.13 -22.51
CA GLU I 257 35.82 24.35 -23.72
C GLU I 257 36.04 22.87 -23.41
N GLN I 258 36.64 22.58 -22.27
CA GLN I 258 36.90 21.20 -21.88
C GLN I 258 35.64 20.50 -21.35
N TYR I 259 34.81 21.19 -20.56
CA TYR I 259 33.67 20.54 -19.94
C TYR I 259 32.35 20.76 -20.66
N LYS I 260 32.29 21.61 -21.70
CA LYS I 260 31.00 21.99 -22.25
C LYS I 260 30.25 20.79 -22.83
N TYR I 261 30.92 19.93 -23.58
CA TYR I 261 30.21 18.87 -24.30
C TYR I 261 29.58 17.87 -23.35
N GLY I 262 30.22 17.57 -22.23
CA GLY I 262 29.69 16.58 -21.32
C GLY I 262 28.47 17.00 -20.53
N LEU I 263 28.13 18.29 -20.54
CA LEU I 263 27.06 18.81 -19.71
C LEU I 263 25.77 18.85 -20.52
N LEU I 264 24.84 17.96 -20.21
CA LEU I 264 23.55 17.89 -20.87
C LEU I 264 22.38 18.19 -19.96
N THR I 265 22.57 18.12 -18.64
CA THR I 265 21.44 18.24 -17.71
C THR I 265 20.61 19.49 -17.91
N PRO I 266 21.15 20.65 -18.24
CA PRO I 266 20.30 21.84 -18.32
C PRO I 266 19.14 21.72 -19.28
N TYR I 267 19.24 20.89 -20.33
CA TYR I 267 18.15 20.67 -21.26
C TYR I 267 17.66 19.24 -21.32
N LEU I 268 18.36 18.31 -20.68
CA LEU I 268 17.97 16.91 -20.62
C LEU I 268 17.43 16.49 -19.27
N GLY I 269 17.90 17.10 -18.21
CA GLY I 269 17.61 16.59 -16.90
C GLY I 269 18.65 15.59 -16.49
N ASN I 270 18.47 15.06 -15.29
CA ASN I 270 19.35 14.05 -14.75
C ASN I 270 18.78 12.69 -15.08
N THR I 271 19.46 11.94 -15.95
CA THR I 271 19.01 10.61 -16.33
C THR I 271 19.66 9.54 -15.47
N TYR I 272 20.28 9.90 -14.36
CA TYR I 272 20.82 8.96 -13.40
C TYR I 272 21.86 8.05 -14.05
N SER I 273 21.59 6.76 -14.18
CA SER I 273 22.67 5.90 -14.64
C SER I 273 23.01 6.12 -16.11
N GLY I 274 22.22 6.91 -16.83
CA GLY I 274 22.51 7.26 -18.21
C GLY I 274 23.18 8.60 -18.37
N ALA I 275 23.42 9.32 -17.27
CA ALA I 275 23.86 10.71 -17.35
C ALA I 275 25.25 10.84 -17.95
N VAL I 276 26.23 10.19 -17.34
CA VAL I 276 27.60 10.29 -17.83
C VAL I 276 27.71 9.53 -19.14
N PRO I 277 27.17 8.31 -19.24
CA PRO I 277 27.14 7.65 -20.55
C PRO I 277 26.61 8.53 -21.67
N LEU I 278 25.55 9.31 -21.42
CA LEU I 278 25.04 10.21 -22.46
C LEU I 278 25.99 11.38 -22.70
N GLY I 279 26.48 12.00 -21.64
CA GLY I 279 27.43 13.08 -21.82
C GLY I 279 28.65 12.63 -22.58
N LEU I 280 29.20 11.48 -22.20
CA LEU I 280 30.34 10.94 -22.92
C LEU I 280 30.04 10.79 -24.40
N SER I 281 28.82 10.34 -24.73
CA SER I 281 28.48 10.12 -26.13
C SER I 281 28.43 11.42 -26.90
N ASN I 282 27.97 12.49 -26.27
CA ASN I 282 27.99 13.79 -26.94
C ASN I 282 29.41 14.24 -27.21
N ILE I 283 30.32 14.01 -26.27
CA ILE I 283 31.73 14.28 -26.50
C ILE I 283 32.22 13.51 -27.72
N LEU I 284 31.87 12.23 -27.79
CA LEU I 284 32.35 11.39 -28.90
C LEU I 284 31.76 11.80 -30.22
N ASP I 285 30.54 12.36 -30.21
CA ASP I 285 29.94 12.86 -31.45
C ASP I 285 30.69 14.07 -31.99
N HIS I 286 31.44 14.78 -31.13
CA HIS I 286 32.17 15.98 -31.52
C HIS I 286 33.68 15.77 -31.62
N ALA I 287 34.23 14.77 -30.92
CA ALA I 287 35.67 14.65 -30.75
C ALA I 287 36.35 14.30 -32.06
N GLU I 288 37.63 14.63 -32.11
CA GLU I 288 38.52 14.36 -33.25
C GLU I 288 39.53 13.31 -32.84
N GLU I 289 40.19 12.71 -33.84
CA GLU I 289 41.27 11.77 -33.56
C GLU I 289 42.23 12.36 -32.54
N GLY I 290 42.67 11.51 -31.61
CA GLY I 290 43.68 11.90 -30.65
C GLY I 290 43.16 12.61 -29.42
N ALA I 291 41.91 13.01 -29.41
CA ALA I 291 41.34 13.69 -28.24
C ALA I 291 41.37 12.76 -27.04
N ARG I 292 41.75 13.30 -25.89
CA ARG I 292 41.84 12.56 -24.64
C ARG I 292 40.74 13.04 -23.68
N ILE I 293 39.98 12.09 -23.14
CA ILE I 293 38.77 12.37 -22.36
C ILE I 293 38.96 11.89 -20.93
N LEU I 294 38.51 12.71 -19.96
CA LEU I 294 38.34 12.31 -18.57
C LEU I 294 36.86 12.19 -18.26
N ALA I 295 36.42 11.00 -17.87
CA ALA I 295 35.02 10.74 -17.54
C ALA I 295 34.94 10.20 -16.13
N VAL I 296 34.13 10.84 -15.29
CA VAL I 296 33.98 10.42 -13.90
C VAL I 296 32.51 10.42 -13.51
N SER I 297 32.00 9.25 -13.15
CA SER I 297 30.62 9.13 -12.73
C SER I 297 30.52 9.23 -11.21
N TYR I 298 29.29 9.32 -10.72
CA TYR I 298 29.04 9.30 -9.28
C TYR I 298 27.78 8.54 -9.00
N GLY I 299 27.80 7.77 -7.94
CA GLY I 299 26.61 7.12 -7.44
C GLY I 299 26.48 7.31 -5.94
N SER I 300 25.24 7.52 -5.51
CA SER I 300 24.97 7.61 -4.09
C SER I 300 25.09 6.21 -3.50
N GLY I 301 25.52 6.14 -2.24
CA GLY I 301 25.99 4.85 -1.80
C GLY I 301 27.20 4.84 -0.91
N ALA I 302 28.38 5.15 -1.45
CA ALA I 302 28.56 5.97 -2.66
C ALA I 302 29.81 5.52 -3.36
N GLY I 303 30.02 6.05 -4.56
CA GLY I 303 31.06 5.54 -5.41
C GLY I 303 31.14 6.29 -6.71
N SER I 304 32.32 6.29 -7.31
CA SER I 304 32.54 6.91 -8.60
C SER I 304 33.46 6.06 -9.45
N ASP I 305 33.22 6.05 -10.75
CA ASP I 305 34.04 5.32 -11.71
C ASP I 305 34.69 6.35 -12.62
N ALA I 306 36.02 6.35 -12.66
CA ALA I 306 36.77 7.27 -13.51
C ALA I 306 37.35 6.53 -14.70
N PHE I 307 37.41 7.22 -15.84
CA PHE I 307 37.97 6.66 -17.07
C PHE I 307 38.86 7.66 -17.77
N ASP I 308 39.94 7.16 -18.37
CA ASP I 308 40.85 7.96 -19.19
C ASP I 308 40.85 7.34 -20.58
N ILE I 309 40.32 8.06 -21.56
CA ILE I 309 40.04 7.51 -22.88
C ILE I 309 40.68 8.38 -23.95
N THR I 310 41.21 7.75 -24.99
CA THR I 310 41.76 8.45 -26.15
C THR I 310 41.02 8.06 -27.42
N VAL I 311 40.67 9.06 -28.21
CA VAL I 311 39.92 8.85 -29.43
C VAL I 311 40.86 8.49 -30.58
N THR I 312 40.38 7.66 -31.50
CA THR I 312 41.15 7.17 -32.62
C THR I 312 40.59 7.77 -33.91
N GLU I 313 41.22 7.42 -35.03
CA GLU I 313 40.79 7.97 -36.32
C GLU I 313 39.47 7.37 -36.79
N ARG I 314 39.06 6.22 -36.24
CA ARG I 314 37.83 5.59 -36.68
C ARG I 314 36.58 6.35 -36.23
N ILE I 315 36.71 7.32 -35.32
CA ILE I 315 35.53 7.96 -34.75
C ILE I 315 34.65 8.54 -35.85
N LYS I 316 35.25 9.19 -36.84
CA LYS I 316 34.43 9.87 -37.84
C LYS I 316 33.80 8.89 -38.82
N GLU I 317 34.20 7.63 -38.82
CA GLU I 317 33.52 6.66 -39.67
C GLU I 317 32.17 6.26 -39.11
N VAL I 318 31.99 6.34 -37.81
CA VAL I 318 30.83 5.75 -37.15
C VAL I 318 29.85 6.77 -36.59
N VAL I 319 30.25 8.04 -36.42
CA VAL I 319 29.39 9.00 -35.74
C VAL I 319 28.02 9.07 -36.40
N ASP I 320 27.98 9.10 -37.73
CA ASP I 320 26.74 9.26 -38.49
C ASP I 320 26.01 7.94 -38.72
N LYS I 321 26.56 6.83 -38.25
CA LYS I 321 25.92 5.53 -38.41
C LYS I 321 24.73 5.33 -37.50
N ALA I 322 24.42 6.32 -36.66
CA ALA I 322 23.29 6.27 -35.74
C ALA I 322 22.94 7.70 -35.36
N PRO I 323 21.82 7.93 -34.69
CA PRO I 323 21.45 9.29 -34.33
C PRO I 323 22.42 9.89 -33.32
N LYS I 324 22.71 11.18 -33.50
CA LYS I 324 23.59 11.90 -32.60
C LYS I 324 22.84 12.37 -31.37
N THR I 325 23.54 12.37 -30.23
CA THR I 325 22.89 12.68 -28.97
C THR I 325 22.27 14.07 -29.01
N LEU I 326 22.90 15.03 -29.68
CA LEU I 326 22.32 16.37 -29.75
C LEU I 326 21.07 16.39 -30.59
N ASP I 327 21.02 15.59 -31.66
CA ASP I 327 19.82 15.51 -32.48
C ASP I 327 18.66 14.93 -31.68
N LEU I 328 18.91 13.83 -30.98
CA LEU I 328 17.89 13.26 -30.11
C LEU I 328 17.42 14.29 -29.09
N LEU I 329 18.37 15.04 -28.51
CA LEU I 329 18.02 15.97 -27.46
C LEU I 329 17.17 17.13 -27.96
N ASN I 330 17.26 17.47 -29.24
CA ASN I 330 16.54 18.62 -29.77
C ASN I 330 15.28 18.25 -30.51
N ARG I 331 15.08 16.98 -30.85
CA ARG I 331 13.80 16.49 -31.36
C ARG I 331 12.88 16.33 -30.17
N LYS I 332 12.02 17.33 -29.93
CA LYS I 332 11.28 17.37 -28.68
C LYS I 332 9.88 17.94 -28.86
N LYS I 333 8.99 17.49 -27.97
CA LYS I 333 7.62 18.00 -27.87
C LYS I 333 7.37 18.37 -26.41
N TYR I 334 6.87 19.57 -26.17
CA TYR I 334 6.65 20.05 -24.81
C TYR I 334 5.30 19.61 -24.26
N ILE I 335 5.27 19.38 -22.95
CA ILE I 335 4.04 19.01 -22.25
C ILE I 335 3.97 19.83 -20.96
N ASP I 336 2.78 19.93 -20.41
CA ASP I 336 2.53 20.62 -19.15
C ASP I 336 2.50 19.61 -18.00
N TYR I 337 2.33 20.10 -16.78
CA TYR I 337 2.44 19.25 -15.60
C TYR I 337 1.35 18.18 -15.56
N ALA I 338 0.12 18.52 -15.95
CA ALA I 338 -0.95 17.53 -15.93
C ALA I 338 -0.64 16.34 -16.81
N VAL I 339 -0.26 16.58 -18.06
CA VAL I 339 0.06 15.49 -18.97
C VAL I 339 1.32 14.77 -18.49
N TYR I 340 2.27 15.50 -17.91
CA TYR I 340 3.48 14.88 -17.40
C TYR I 340 3.16 13.87 -16.31
N VAL I 341 2.38 14.25 -15.30
CA VAL I 341 2.07 13.30 -14.24
C VAL I 341 1.20 12.17 -14.74
N LYS I 342 0.39 12.42 -15.77
CA LYS I 342 -0.38 11.34 -16.38
C LYS I 342 0.55 10.31 -16.98
N TYR I 343 1.48 10.76 -17.84
CA TYR I 343 2.44 9.86 -18.48
C TYR I 343 3.24 9.07 -17.44
N ARG I 344 3.84 9.77 -16.47
CA ARG I 344 4.77 9.18 -15.52
C ARG I 344 4.09 8.28 -14.49
N GLY I 345 2.77 8.19 -14.49
CA GLY I 345 2.10 7.41 -13.49
C GLY I 345 2.15 8.04 -12.11
N LYS I 346 2.20 9.35 -12.03
CA LYS I 346 2.26 10.03 -10.73
C LYS I 346 0.88 10.32 -10.15
N ILE I 347 -0.19 10.03 -10.88
CA ILE I 347 -1.55 10.25 -10.41
C ILE I 347 -2.00 8.98 -9.72
N LYS I 348 -2.45 9.10 -8.47
CA LYS I 348 -2.75 7.95 -7.61
C LYS I 348 -3.28 6.73 -8.33
N ILE I 349 -4.36 6.88 -9.10
CA ILE I 349 -4.86 5.75 -9.89
C ILE I 349 -5.01 6.18 -11.34
N LYS J 2 -47.06 6.06 26.11
CA LYS J 2 -46.05 6.13 25.05
C LYS J 2 -44.78 5.41 25.49
N ASP J 3 -44.95 4.31 26.24
CA ASP J 3 -43.81 3.53 26.70
C ASP J 3 -43.07 2.93 25.51
N ILE J 4 -41.76 2.77 25.68
CA ILE J 4 -40.89 2.17 24.68
C ILE J 4 -40.11 1.05 25.35
N GLY J 5 -39.96 -0.06 24.65
CA GLY J 5 -39.27 -1.19 25.25
C GLY J 5 -38.68 -2.10 24.20
N ILE J 6 -38.00 -3.13 24.69
CA ILE J 6 -37.42 -4.16 23.85
C ILE J 6 -38.44 -5.28 23.69
N VAL J 7 -38.80 -5.58 22.44
CA VAL J 7 -39.70 -6.70 22.18
C VAL J 7 -38.95 -7.99 21.88
N GLY J 8 -37.67 -7.90 21.52
CA GLY J 8 -36.85 -9.07 21.27
C GLY J 8 -35.37 -8.73 21.20
N TYR J 9 -34.52 -9.71 21.49
CA TYR J 9 -33.09 -9.49 21.47
C TYR J 9 -32.39 -10.80 21.13
N GLY J 10 -31.19 -10.70 20.57
CA GLY J 10 -30.45 -11.88 20.15
C GLY J 10 -28.95 -11.62 20.11
N SER J 11 -28.19 -12.71 20.21
CA SER J 11 -26.74 -12.60 20.30
C SER J 11 -26.08 -13.68 19.45
N TYR J 12 -24.80 -13.48 19.12
CA TYR J 12 -24.00 -14.48 18.41
C TYR J 12 -22.54 -14.35 18.77
N ILE J 13 -21.88 -15.49 18.96
CA ILE J 13 -20.43 -15.53 19.15
C ILE J 13 -19.87 -16.69 18.33
N PRO J 14 -18.79 -16.51 17.57
CA PRO J 14 -18.22 -17.64 16.81
C PRO J 14 -17.58 -18.67 17.72
N LYS J 15 -17.16 -19.77 17.11
CA LYS J 15 -16.78 -20.94 17.89
C LYS J 15 -15.32 -20.99 18.26
N TYR J 16 -14.44 -20.31 17.53
CA TYR J 16 -13.02 -20.39 17.81
C TYR J 16 -12.61 -19.42 18.91
N ARG J 17 -11.67 -19.84 19.75
CA ARG J 17 -11.08 -19.00 20.79
C ARG J 17 -9.57 -19.10 20.73
N ILE J 18 -8.91 -18.13 21.33
CA ILE J 18 -7.45 -18.15 21.49
C ILE J 18 -7.10 -17.59 22.87
N LYS J 19 -6.26 -18.33 23.60
CA LYS J 19 -5.89 -17.98 24.96
C LYS J 19 -4.79 -16.93 24.96
N VAL J 20 -4.72 -16.15 26.05
CA VAL J 20 -3.64 -15.20 26.22
C VAL J 20 -2.29 -15.91 26.05
N GLU J 21 -2.20 -17.12 26.58
CA GLU J 21 -0.93 -17.85 26.55
C GLU J 21 -0.41 -18.03 25.13
N GLU J 22 -1.31 -18.22 24.17
CA GLU J 22 -0.89 -18.50 22.81
C GLU J 22 -0.38 -17.26 22.10
N ILE J 23 -0.87 -16.08 22.49
CA ILE J 23 -0.36 -14.83 21.92
C ILE J 23 0.94 -14.43 22.58
N ALA J 24 0.99 -14.53 23.91
CA ALA J 24 2.19 -14.16 24.65
C ALA J 24 3.37 -15.05 24.28
N LYS J 25 3.12 -16.35 24.10
CA LYS J 25 4.19 -17.24 23.65
C LYS J 25 4.96 -16.63 22.49
N VAL J 26 4.24 -16.10 21.50
CA VAL J 26 4.84 -15.67 20.25
C VAL J 26 5.62 -14.39 20.43
N TRP J 27 5.09 -13.47 21.22
CA TRP J 27 5.67 -12.14 21.37
C TRP J 27 6.60 -12.03 22.57
N GLY J 28 6.76 -13.09 23.35
CA GLY J 28 7.74 -13.12 24.41
C GLY J 28 7.32 -12.40 25.67
N LYS J 29 6.06 -12.53 26.07
CA LYS J 29 5.53 -11.87 27.25
C LYS J 29 5.07 -12.90 28.28
N ASP J 30 4.98 -12.44 29.53
CA ASP J 30 4.47 -13.24 30.63
C ASP J 30 2.95 -13.31 30.57
N PRO J 31 2.36 -14.48 30.34
CA PRO J 31 0.90 -14.53 30.22
C PRO J 31 0.17 -14.23 31.51
N GLU J 32 0.71 -14.67 32.64
CA GLU J 32 0.05 -14.41 33.92
C GLU J 32 -0.02 -12.93 34.20
N ALA J 33 1.05 -12.20 33.92
CA ALA J 33 1.03 -10.76 34.12
C ALA J 33 -0.07 -10.11 33.30
N ILE J 34 -0.25 -10.54 32.05
CA ILE J 34 -1.29 -9.98 31.21
C ILE J 34 -2.67 -10.39 31.72
N LYS J 35 -2.87 -11.69 31.97
CA LYS J 35 -4.14 -12.18 32.49
C LYS J 35 -4.58 -11.38 33.72
N LYS J 36 -3.66 -11.18 34.67
CA LYS J 36 -4.00 -10.41 35.86
C LYS J 36 -4.12 -8.93 35.55
N GLY J 37 -3.18 -8.38 34.77
CA GLY J 37 -3.23 -6.96 34.45
C GLY J 37 -4.51 -6.56 33.74
N LEU J 38 -4.94 -7.37 32.78
CA LEU J 38 -6.13 -7.05 31.99
C LEU J 38 -7.37 -7.76 32.48
N VAL J 39 -7.23 -8.79 33.30
CA VAL J 39 -8.36 -9.60 33.72
C VAL J 39 -9.00 -10.24 32.49
N VAL J 40 -8.19 -10.94 31.70
CA VAL J 40 -8.65 -11.61 30.50
C VAL J 40 -7.91 -12.93 30.36
N ASN J 41 -8.64 -13.98 30.00
CA ASN J 41 -8.08 -15.30 29.82
C ASN J 41 -7.99 -15.73 28.36
N GLU J 42 -9.02 -15.42 27.57
CA GLU J 42 -9.13 -15.86 26.18
C GLU J 42 -10.07 -14.91 25.46
N LYS J 43 -10.17 -15.09 24.14
CA LYS J 43 -11.05 -14.25 23.33
C LYS J 43 -11.62 -15.07 22.18
N SER J 44 -12.64 -14.54 21.52
CA SER J 44 -13.28 -15.24 20.42
C SER J 44 -12.60 -14.91 19.10
N VAL J 45 -12.75 -15.82 18.14
CA VAL J 45 -12.15 -15.68 16.82
C VAL J 45 -13.20 -16.06 15.79
N PRO J 46 -13.48 -15.22 14.80
CA PRO J 46 -14.44 -15.60 13.77
C PRO J 46 -13.81 -16.53 12.75
N SER J 47 -14.64 -17.43 12.23
CA SER J 47 -14.21 -18.29 11.14
C SER J 47 -13.90 -17.42 9.93
N PRO J 48 -12.95 -17.82 9.09
CA PRO J 48 -12.62 -16.98 7.92
C PRO J 48 -13.78 -16.78 6.99
N ASP J 49 -14.83 -17.59 7.10
CA ASP J 49 -16.07 -17.39 6.35
C ASP J 49 -17.10 -16.61 7.14
N GLU J 50 -16.70 -15.98 8.24
CA GLU J 50 -17.56 -15.18 9.08
C GLU J 50 -17.02 -13.74 9.12
N ASP J 51 -17.92 -12.78 9.20
CA ASP J 51 -17.55 -11.38 9.28
C ASP J 51 -18.64 -10.65 10.04
N THR J 52 -18.56 -9.32 10.08
CA THR J 52 -19.54 -8.54 10.83
C THR J 52 -20.95 -8.78 10.32
N ALA J 53 -21.11 -8.85 8.99
CA ALA J 53 -22.44 -9.08 8.42
C ALA J 53 -23.02 -10.41 8.87
N THR J 54 -22.25 -11.49 8.79
CA THR J 54 -22.79 -12.79 9.16
C THR J 54 -23.12 -12.83 10.65
N ILE J 55 -22.24 -12.25 11.47
CA ILE J 55 -22.49 -12.19 12.90
C ILE J 55 -23.73 -11.35 13.20
N ALA J 56 -23.89 -10.23 12.49
CA ALA J 56 -25.09 -9.43 12.67
C ALA J 56 -26.33 -10.20 12.26
N VAL J 57 -26.25 -10.98 11.19
CA VAL J 57 -27.41 -11.74 10.73
C VAL J 57 -27.76 -12.81 11.74
N GLU J 58 -26.77 -13.50 12.29
CA GLU J 58 -27.06 -14.48 13.32
C GLU J 58 -27.80 -13.83 14.47
N ALA J 59 -27.28 -12.70 14.96
CA ALA J 59 -27.94 -12.02 16.08
C ALA J 59 -29.31 -11.52 15.69
N ALA J 60 -29.45 -10.95 14.49
CA ALA J 60 -30.75 -10.44 14.08
C ALA J 60 -31.78 -11.55 14.03
N ARG J 61 -31.43 -12.67 13.40
CA ARG J 61 -32.35 -13.78 13.26
C ARG J 61 -32.76 -14.33 14.62
N ASN J 62 -31.83 -14.38 15.57
CA ASN J 62 -32.19 -14.84 16.91
C ASN J 62 -33.12 -13.86 17.60
N ALA J 63 -32.90 -12.57 17.41
CA ALA J 63 -33.79 -11.57 18.00
C ALA J 63 -35.18 -11.67 17.43
N VAL J 64 -35.29 -11.98 16.14
CA VAL J 64 -36.61 -12.17 15.55
C VAL J 64 -37.30 -13.37 16.18
N LYS J 65 -36.55 -14.44 16.44
CA LYS J 65 -37.12 -15.58 17.13
C LYS J 65 -37.70 -15.16 18.48
N ARG J 66 -36.94 -14.40 19.26
CA ARG J 66 -37.44 -14.02 20.58
C ARG J 66 -38.63 -13.06 20.46
N ALA J 67 -38.53 -12.08 19.57
CA ALA J 67 -39.67 -11.18 19.38
C ALA J 67 -40.91 -11.94 18.93
N GLY J 68 -40.72 -12.98 18.14
CA GLY J 68 -41.85 -13.73 17.62
C GLY J 68 -42.72 -12.95 16.65
N ILE J 69 -42.12 -12.05 15.88
CA ILE J 69 -42.89 -11.22 14.96
C ILE J 69 -42.49 -11.54 13.53
N ASN J 70 -43.18 -10.90 12.59
CA ASN J 70 -42.86 -11.02 11.17
C ASN J 70 -41.90 -9.90 10.78
N ALA J 71 -40.70 -10.28 10.30
CA ALA J 71 -39.67 -9.30 10.00
C ALA J 71 -40.12 -8.28 8.98
N GLU J 72 -41.13 -8.58 8.18
CA GLU J 72 -41.65 -7.58 7.25
C GLU J 72 -42.09 -6.31 7.97
N LYS J 73 -42.44 -6.43 9.25
CA LYS J 73 -42.91 -5.29 10.03
C LYS J 73 -41.81 -4.33 10.45
N ILE J 74 -40.54 -4.72 10.33
CA ILE J 74 -39.44 -3.88 10.79
C ILE J 74 -39.24 -2.72 9.84
N GLY J 75 -39.30 -1.51 10.37
CA GLY J 75 -39.24 -0.30 9.58
C GLY J 75 -37.90 0.38 9.58
N ALA J 76 -36.93 -0.13 10.34
CA ALA J 76 -35.58 0.39 10.31
C ALA J 76 -34.61 -0.68 10.80
N VAL J 77 -33.47 -0.78 10.14
CA VAL J 77 -32.38 -1.66 10.56
C VAL J 77 -31.12 -0.81 10.60
N TYR J 78 -30.48 -0.79 11.76
CA TYR J 78 -29.26 -0.03 11.98
C TYR J 78 -28.18 -0.98 12.49
N VAL J 79 -27.01 -0.95 11.85
CA VAL J 79 -25.88 -1.77 12.26
C VAL J 79 -24.76 -0.86 12.69
N GLY J 80 -24.31 -1.03 13.94
CA GLY J 80 -23.18 -0.30 14.45
C GLY J 80 -21.96 -1.19 14.49
N SER J 81 -20.90 -0.74 13.86
CA SER J 81 -19.72 -1.58 13.79
C SER J 81 -18.49 -0.73 13.54
N GLU J 82 -17.34 -1.39 13.68
CA GLU J 82 -16.05 -0.82 13.33
C GLU J 82 -15.42 -1.56 12.17
N SER J 83 -16.00 -2.69 11.79
CA SER J 83 -15.45 -3.63 10.82
C SER J 83 -16.51 -4.00 9.81
N HIS J 84 -17.23 -3.00 9.33
CA HIS J 84 -18.13 -3.24 8.23
C HIS J 84 -17.36 -3.88 7.08
N PRO J 85 -17.83 -5.00 6.52
CA PRO J 85 -17.03 -5.70 5.51
C PRO J 85 -16.66 -4.84 4.32
N TYR J 86 -17.48 -3.88 3.94
CA TYR J 86 -17.15 -2.92 2.90
C TYR J 86 -16.80 -1.57 3.52
N ALA J 87 -15.97 -0.81 2.79
CA ALA J 87 -15.80 0.60 3.10
C ALA J 87 -16.97 1.44 2.64
N VAL J 88 -17.52 1.13 1.48
CA VAL J 88 -18.66 1.88 0.97
C VAL J 88 -19.69 0.90 0.41
N LYS J 89 -20.42 0.25 1.30
CA LYS J 89 -21.64 -0.48 0.97
C LYS J 89 -22.27 -1.03 2.24
N PRO J 90 -23.51 -0.66 2.52
CA PRO J 90 -24.06 -0.80 3.88
C PRO J 90 -24.32 -2.24 4.30
N THR J 91 -23.74 -2.61 5.44
CA THR J 91 -24.08 -3.86 6.09
C THR J 91 -25.58 -3.98 6.33
N SER J 92 -26.17 -2.91 6.87
CA SER J 92 -27.56 -2.94 7.29
C SER J 92 -28.46 -3.46 6.18
N ALA J 93 -28.16 -3.09 4.93
CA ALA J 93 -28.96 -3.59 3.82
C ALA J 93 -28.84 -5.10 3.70
N THR J 94 -27.61 -5.61 3.79
CA THR J 94 -27.41 -7.06 3.76
C THR J 94 -28.18 -7.75 4.87
N VAL J 95 -28.23 -7.15 6.06
CA VAL J 95 -28.95 -7.77 7.17
C VAL J 95 -30.46 -7.71 6.94
N ALA J 96 -30.96 -6.57 6.44
CA ALA J 96 -32.40 -6.49 6.17
C ALA J 96 -32.84 -7.54 5.16
N GLU J 97 -32.10 -7.72 4.06
CA GLU J 97 -32.44 -8.76 3.10
C GLU J 97 -32.38 -10.14 3.74
N ALA J 98 -31.38 -10.39 4.58
CA ALA J 98 -31.21 -11.71 5.16
C ALA J 98 -32.24 -12.07 6.21
N ILE J 99 -33.05 -11.12 6.69
CA ILE J 99 -34.12 -11.39 7.64
C ILE J 99 -35.49 -11.17 7.02
N GLY J 100 -35.56 -10.72 5.77
CA GLY J 100 -36.82 -10.52 5.10
C GLY J 100 -37.50 -9.23 5.44
N ALA J 101 -36.78 -8.26 6.00
CA ALA J 101 -37.35 -6.96 6.34
C ALA J 101 -37.55 -6.08 5.12
N THR J 102 -36.74 -6.27 4.09
CA THR J 102 -36.87 -5.49 2.87
C THR J 102 -38.23 -5.70 2.26
N PRO J 103 -38.72 -4.70 1.50
CA PRO J 103 -38.12 -3.43 1.14
C PRO J 103 -38.63 -2.20 1.90
N ASP J 104 -39.74 -2.35 2.64
CA ASP J 104 -40.37 -1.21 3.30
C ASP J 104 -39.68 -0.91 4.61
N LEU J 105 -38.51 -0.29 4.52
CA LEU J 105 -37.76 0.10 5.72
C LEU J 105 -36.68 1.10 5.34
N THR J 106 -36.15 1.78 6.36
CA THR J 106 -34.96 2.61 6.25
C THR J 106 -33.79 1.89 6.92
N ALA J 107 -32.58 2.29 6.57
CA ALA J 107 -31.42 1.65 7.16
C ALA J 107 -30.23 2.58 7.14
N ALA J 108 -29.24 2.26 7.96
CA ALA J 108 -27.98 3.00 7.94
C ALA J 108 -26.92 2.21 8.69
N ASP J 109 -25.66 2.41 8.29
CA ASP J 109 -24.53 1.88 9.01
C ASP J 109 -23.99 2.94 9.95
N LEU J 110 -23.67 2.52 11.17
CA LEU J 110 -23.30 3.46 12.23
C LEU J 110 -21.82 3.29 12.57
N GLU J 111 -21.15 4.42 12.77
CA GLU J 111 -19.74 4.47 13.15
C GLU J 111 -19.59 5.45 14.30
N PHE J 112 -19.05 4.97 15.41
CA PHE J 112 -18.66 5.81 16.54
C PHE J 112 -17.88 4.96 17.53
N ALA J 113 -16.78 4.38 17.06
CA ALA J 113 -15.98 3.42 17.82
C ALA J 113 -16.91 2.38 18.44
N CYS J 114 -16.80 2.07 19.73
CA CYS J 114 -17.49 0.96 20.35
C CYS J 114 -18.86 1.35 20.90
N LYS J 115 -19.30 2.59 20.68
CA LYS J 115 -20.63 3.03 21.06
C LYS J 115 -21.60 2.97 19.89
N ALA J 116 -21.10 2.72 18.68
CA ALA J 116 -21.95 2.63 17.50
C ALA J 116 -23.19 1.79 17.74
N GLY J 117 -23.05 0.68 18.45
CA GLY J 117 -24.17 -0.23 18.61
C GLY J 117 -25.30 0.40 19.39
N THR J 118 -24.98 1.06 20.50
CA THR J 118 -26.02 1.66 21.33
C THR J 118 -26.60 2.91 20.70
N ALA J 119 -25.84 3.63 19.88
CA ALA J 119 -26.44 4.73 19.14
C ALA J 119 -27.65 4.27 18.34
N GLY J 120 -27.55 3.08 17.74
CA GLY J 120 -28.65 2.57 16.96
C GLY J 120 -29.87 2.25 17.79
N ILE J 121 -29.66 1.81 19.04
CA ILE J 121 -30.81 1.58 19.92
C ILE J 121 -31.56 2.88 20.13
N GLN J 122 -30.83 3.95 20.45
CA GLN J 122 -31.46 5.24 20.68
C GLN J 122 -32.21 5.70 19.44
N MET J 123 -31.65 5.46 18.25
CA MET J 123 -32.35 5.81 17.03
C MET J 123 -33.66 5.06 16.91
N CYS J 124 -33.65 3.76 17.21
CA CYS J 124 -34.88 2.98 17.17
C CYS J 124 -35.89 3.46 18.20
N MET J 125 -35.42 3.78 19.41
CA MET J 125 -36.32 4.34 20.43
C MET J 125 -37.07 5.55 19.89
N GLY J 126 -36.37 6.44 19.19
CA GLY J 126 -37.01 7.63 18.66
C GLY J 126 -38.05 7.31 17.61
N LEU J 127 -37.71 6.46 16.65
CA LEU J 127 -38.61 6.20 15.54
C LEU J 127 -39.87 5.47 16.00
N VAL J 128 -39.75 4.57 16.97
CA VAL J 128 -40.90 3.86 17.49
C VAL J 128 -41.74 4.79 18.37
N GLY J 129 -41.09 5.50 19.29
CA GLY J 129 -41.82 6.39 20.18
C GLY J 129 -42.56 7.46 19.42
N SER J 130 -41.96 7.99 18.35
CA SER J 130 -42.59 9.01 17.55
C SER J 130 -43.70 8.46 16.66
N GLY J 131 -43.82 7.14 16.55
CA GLY J 131 -44.81 6.54 15.69
C GLY J 131 -44.42 6.47 14.23
N LEU J 132 -43.17 6.76 13.90
CA LEU J 132 -42.73 6.72 12.50
C LEU J 132 -42.57 5.29 11.98
N ILE J 133 -42.24 4.34 12.85
CA ILE J 133 -42.21 2.93 12.49
C ILE J 133 -42.84 2.13 13.63
N GLU J 134 -43.15 0.87 13.33
CA GLU J 134 -43.74 -0.03 14.32
C GLU J 134 -42.68 -0.78 15.10
N TYR J 135 -41.64 -1.26 14.41
CA TYR J 135 -40.52 -1.93 15.04
C TYR J 135 -39.24 -1.47 14.39
N GLY J 136 -38.19 -1.31 15.19
CA GLY J 136 -36.87 -1.02 14.66
C GLY J 136 -35.84 -1.96 15.25
N MET J 137 -34.84 -2.30 14.45
CA MET J 137 -33.77 -3.17 14.90
C MET J 137 -32.45 -2.40 14.99
N ALA J 138 -31.78 -2.55 16.13
CA ALA J 138 -30.46 -1.98 16.36
C ALA J 138 -29.51 -3.11 16.66
N ILE J 139 -28.42 -3.19 15.89
CA ILE J 139 -27.41 -4.22 16.04
C ILE J 139 -26.07 -3.55 16.34
N GLY J 140 -25.28 -4.23 17.17
CA GLY J 140 -23.90 -3.85 17.39
C GLY J 140 -23.03 -5.08 17.23
N ALA J 141 -22.10 -5.07 16.28
CA ALA J 141 -21.31 -6.25 16.00
C ALA J 141 -19.95 -5.87 15.44
N ASP J 142 -18.97 -6.72 15.69
CA ASP J 142 -17.62 -6.42 15.22
C ASP J 142 -16.82 -7.70 15.13
N THR J 143 -15.88 -7.73 14.20
CA THR J 143 -14.80 -8.71 14.18
C THR J 143 -13.51 -7.94 14.37
N ALA J 144 -13.27 -7.51 15.61
CA ALA J 144 -12.14 -6.66 15.92
C ALA J 144 -10.83 -7.34 15.54
N GLN J 145 -9.84 -6.52 15.21
CA GLN J 145 -8.50 -7.00 14.91
C GLN J 145 -7.52 -6.16 15.72
N GLY J 146 -6.78 -6.81 16.59
CA GLY J 146 -5.76 -6.12 17.35
C GLY J 146 -4.43 -6.16 16.62
N ALA J 147 -3.66 -5.10 16.79
CA ALA J 147 -2.38 -5.02 16.10
C ALA J 147 -1.48 -6.13 16.62
N PRO J 148 -0.83 -6.90 15.74
CA PRO J 148 -0.13 -8.09 16.22
C PRO J 148 0.79 -7.92 17.42
N GLY J 149 1.77 -7.03 17.38
CA GLY J 149 2.64 -6.95 18.55
C GLY J 149 2.00 -6.34 19.80
N ASP J 150 0.85 -5.69 19.66
CA ASP J 150 0.31 -4.81 20.68
C ASP J 150 -0.59 -5.53 21.67
N ALA J 151 -0.87 -4.83 22.77
CA ALA J 151 -1.70 -5.38 23.84
C ALA J 151 -3.15 -5.59 23.44
N LEU J 152 -3.64 -4.84 22.45
CA LEU J 152 -5.03 -5.00 22.04
C LEU J 152 -5.27 -6.33 21.36
N GLU J 153 -4.22 -7.01 20.95
CA GLU J 153 -4.39 -8.33 20.35
C GLU J 153 -4.87 -9.35 21.36
N TYR J 154 -4.68 -9.12 22.65
CA TYR J 154 -5.15 -10.07 23.64
C TYR J 154 -6.66 -9.99 23.86
N THR J 155 -7.29 -8.89 23.47
CA THR J 155 -8.70 -8.67 23.74
C THR J 155 -9.57 -8.50 22.51
N ALA J 156 -9.00 -8.27 21.33
CA ALA J 156 -9.79 -7.89 20.17
C ALA J 156 -10.52 -9.11 19.64
N SER J 157 -11.83 -9.16 19.85
CA SER J 157 -12.63 -10.35 19.59
C SER J 157 -13.81 -10.02 18.67
N ALA J 158 -14.58 -11.06 18.34
CA ALA J 158 -15.71 -10.97 17.42
C ALA J 158 -17.00 -11.38 18.13
N GLY J 159 -18.07 -10.64 17.86
CA GLY J 159 -19.38 -10.96 18.40
C GLY J 159 -20.35 -9.85 18.07
N GLY J 160 -21.62 -10.09 18.41
CA GLY J 160 -22.65 -9.10 18.18
C GLY J 160 -23.95 -9.46 18.87
N ALA J 161 -24.81 -8.46 19.00
CA ALA J 161 -26.15 -8.65 19.54
C ALA J 161 -27.12 -7.67 18.90
N ALA J 162 -28.36 -8.12 18.69
CA ALA J 162 -29.41 -7.32 18.07
C ALA J 162 -30.56 -7.10 19.06
N TYR J 163 -31.19 -5.93 18.95
CA TYR J 163 -32.36 -5.59 19.75
C TYR J 163 -33.45 -5.05 18.85
N ILE J 164 -34.67 -5.54 19.03
CA ILE J 164 -35.85 -5.05 18.32
C ILE J 164 -36.67 -4.21 19.28
N ILE J 165 -36.93 -2.96 18.89
CA ILE J 165 -37.62 -2.00 19.74
C ILE J 165 -39.06 -1.91 19.29
N GLY J 166 -39.98 -1.82 20.26
CA GLY J 166 -41.39 -1.80 19.92
C GLY J 166 -42.19 -0.95 20.88
N ASN J 167 -43.49 -0.84 20.60
CA ASN J 167 -44.40 0.05 21.30
C ASN J 167 -45.46 -0.67 22.12
N LYS J 168 -45.66 -1.97 21.90
CA LYS J 168 -46.79 -2.71 22.43
C LYS J 168 -46.41 -3.41 23.73
N LYS J 169 -47.10 -3.04 24.80
CA LYS J 169 -46.80 -3.58 26.13
C LYS J 169 -46.89 -5.10 26.17
N ASP J 170 -47.86 -5.67 25.46
CA ASP J 170 -48.01 -7.13 25.48
C ASP J 170 -46.77 -7.84 24.94
N GLU J 171 -46.02 -7.19 24.04
CA GLU J 171 -44.85 -7.78 23.41
C GLU J 171 -43.53 -7.32 24.02
N MET J 172 -43.54 -6.41 24.98
CA MET J 172 -42.29 -5.93 25.57
C MET J 172 -41.73 -6.92 26.58
N ILE J 173 -40.46 -7.29 26.39
CA ILE J 173 -39.73 -8.05 27.41
C ILE J 173 -39.00 -7.14 28.38
N ALA J 174 -38.72 -5.90 27.97
CA ALA J 174 -38.09 -4.93 28.86
C ALA J 174 -38.55 -3.55 28.41
N VAL J 175 -38.46 -2.58 29.31
CA VAL J 175 -38.96 -1.23 29.06
C VAL J 175 -37.84 -0.23 29.32
N PHE J 176 -37.67 0.70 28.40
CA PHE J 176 -36.77 1.82 28.61
C PHE J 176 -37.43 2.82 29.55
N ASN J 177 -36.76 3.09 30.66
CA ASN J 177 -37.18 4.12 31.60
C ASN J 177 -36.60 5.47 31.21
N GLY J 178 -35.41 5.46 30.63
CA GLY J 178 -34.79 6.68 30.15
C GLY J 178 -33.46 6.34 29.51
N THR J 179 -32.95 7.32 28.78
CA THR J 179 -31.64 7.23 28.15
C THR J 179 -30.94 8.58 28.22
N TYR J 180 -29.61 8.55 28.28
CA TYR J 180 -28.83 9.78 28.35
C TYR J 180 -27.47 9.53 27.73
N SER J 181 -26.90 10.57 27.13
CA SER J 181 -25.62 10.44 26.44
C SER J 181 -24.70 11.60 26.76
N TYR J 182 -23.43 11.28 26.95
CA TYR J 182 -22.36 12.24 27.20
C TYR J 182 -21.37 12.15 26.04
N THR J 183 -21.07 13.28 25.39
CA THR J 183 -20.26 13.28 24.18
C THR J 183 -19.30 14.48 24.15
N THR J 184 -18.01 14.23 23.88
CA THR J 184 -17.04 15.30 23.59
C THR J 184 -16.09 14.85 22.48
N ASP J 185 -15.16 15.73 22.15
CA ASP J 185 -14.10 15.46 21.17
C ASP J 185 -12.83 15.10 21.92
N THR J 186 -12.44 13.83 21.89
CA THR J 186 -11.31 13.31 22.66
C THR J 186 -10.43 12.43 21.78
N PRO J 187 -9.19 12.76 21.55
CA PRO J 187 -8.34 11.92 20.69
C PRO J 187 -7.64 10.77 21.43
N ASP J 188 -8.43 9.91 22.07
CA ASP J 188 -7.84 8.77 22.78
C ASP J 188 -7.54 7.58 21.87
N PHE J 189 -8.33 7.40 20.81
CA PHE J 189 -8.23 6.21 19.96
C PHE J 189 -8.77 6.57 18.58
N TRP J 190 -8.07 6.16 17.53
CA TRP J 190 -8.48 6.51 16.18
C TRP J 190 -7.83 5.57 15.18
N ARG J 191 -8.28 5.67 13.93
CA ARG J 191 -7.63 4.99 12.82
C ARG J 191 -7.77 5.86 11.58
N ARG J 192 -6.69 6.00 10.83
CA ARG J 192 -6.73 6.77 9.59
C ARG J 192 -7.05 5.84 8.43
N GLU J 193 -7.60 6.41 7.36
CA GLU J 193 -8.20 5.59 6.31
C GLU J 193 -7.22 4.60 5.71
N GLY J 194 -5.96 4.98 5.54
CA GLY J 194 -5.00 4.08 4.93
C GLY J 194 -4.57 2.93 5.82
N GLN J 195 -4.51 3.16 7.12
CA GLN J 195 -3.82 2.24 8.02
C GLN J 195 -4.63 0.98 8.28
N SER J 196 -3.91 -0.11 8.55
CA SER J 196 -4.52 -1.39 8.86
C SER J 196 -5.05 -1.43 10.30
N TYR J 197 -4.27 -0.93 11.26
CA TYR J 197 -4.64 -1.02 12.66
C TYR J 197 -4.70 0.36 13.31
N PRO J 198 -5.49 0.52 14.37
CA PRO J 198 -5.62 1.84 15.00
C PRO J 198 -4.41 2.22 15.82
N LYS J 199 -4.41 3.49 16.22
CA LYS J 199 -3.41 4.10 17.09
C LYS J 199 -4.12 4.65 18.31
N HIS J 200 -3.37 4.90 19.39
CA HIS J 200 -4.00 5.37 20.62
C HIS J 200 -3.00 6.10 21.49
N GLY J 201 -3.52 6.77 22.53
CA GLY J 201 -2.75 7.58 23.45
C GLY J 201 -2.38 6.89 24.75
N GLY J 202 -2.39 5.57 24.76
CA GLY J 202 -1.99 4.79 25.92
C GLY J 202 -2.77 5.12 27.18
N ARG J 203 -2.09 5.72 28.16
CA ARG J 203 -2.72 6.02 29.45
C ARG J 203 -3.76 7.12 29.36
N PHE J 204 -3.79 7.86 28.24
CA PHE J 204 -4.85 8.83 27.99
C PHE J 204 -6.18 8.14 27.72
N THR J 205 -6.16 6.88 27.29
CA THR J 205 -7.40 6.16 27.04
C THR J 205 -8.17 5.89 28.32
N GLY J 206 -7.52 6.01 29.48
CA GLY J 206 -8.15 5.66 30.73
C GLY J 206 -8.98 6.78 31.33
N GLU J 207 -8.43 7.45 32.34
CA GLU J 207 -9.24 8.40 33.11
C GLU J 207 -9.85 9.49 32.25
N PRO J 208 -9.10 10.22 31.41
CA PRO J 208 -9.69 11.37 30.71
C PRO J 208 -10.70 10.99 29.64
N ALA J 209 -10.77 9.72 29.23
CA ALA J 209 -11.66 9.32 28.15
C ALA J 209 -12.68 8.31 28.63
N TYR J 210 -12.27 7.07 28.89
CA TYR J 210 -13.22 6.03 29.29
C TYR J 210 -13.96 6.40 30.56
N PHE J 211 -13.22 6.70 31.63
CA PHE J 211 -13.87 6.95 32.92
C PHE J 211 -14.62 8.27 32.93
N LYS J 212 -14.03 9.31 32.36
CA LYS J 212 -14.75 10.58 32.22
C LYS J 212 -16.13 10.35 31.61
N HIS J 213 -16.18 9.69 30.46
CA HIS J 213 -17.44 9.54 29.74
C HIS J 213 -18.34 8.48 30.36
N VAL J 214 -17.79 7.34 30.75
CA VAL J 214 -18.62 6.28 31.31
C VAL J 214 -19.25 6.75 32.61
N LEU J 215 -18.47 7.41 33.46
CA LEU J 215 -18.99 7.79 34.76
C LEU J 215 -19.90 9.00 34.65
N ASN J 216 -19.58 9.97 33.79
CA ASN J 216 -20.49 11.10 33.62
C ASN J 216 -21.80 10.63 33.03
N ALA J 217 -21.75 9.67 32.11
CA ALA J 217 -22.98 9.11 31.54
C ALA J 217 -23.79 8.39 32.60
N ALA J 218 -23.13 7.64 33.47
CA ALA J 218 -23.87 6.89 34.49
C ALA J 218 -24.53 7.85 35.48
N LYS J 219 -23.77 8.77 36.08
CA LYS J 219 -24.41 9.65 37.04
C LYS J 219 -25.39 10.61 36.37
N GLY J 220 -25.22 10.87 35.07
CA GLY J 220 -26.20 11.71 34.39
C GLY J 220 -27.57 11.07 34.30
N ILE J 221 -27.62 9.81 33.86
CA ILE J 221 -28.92 9.15 33.74
C ILE J 221 -29.53 8.92 35.10
N MET J 222 -28.70 8.66 36.11
CA MET J 222 -29.23 8.48 37.45
C MET J 222 -29.79 9.79 38.00
N GLU J 223 -29.19 10.93 37.67
CA GLU J 223 -29.80 12.21 38.04
C GLU J 223 -31.08 12.45 37.25
N LYS J 224 -31.06 12.16 35.95
CA LYS J 224 -32.27 12.32 35.13
C LYS J 224 -33.41 11.47 35.69
N MET J 225 -33.09 10.26 36.16
CA MET J 225 -34.09 9.30 36.63
C MET J 225 -34.39 9.43 38.11
N GLY J 226 -33.60 10.19 38.86
CA GLY J 226 -33.80 10.28 40.29
C GLY J 226 -33.48 8.99 41.02
N THR J 227 -32.39 8.32 40.67
CA THR J 227 -32.06 7.01 41.20
C THR J 227 -30.67 7.00 41.84
N THR J 228 -30.42 5.92 42.57
CA THR J 228 -29.13 5.64 43.17
C THR J 228 -28.70 4.24 42.75
N VAL J 229 -27.45 3.90 43.06
CA VAL J 229 -26.95 2.56 42.76
C VAL J 229 -27.85 1.49 43.37
N LYS J 230 -28.44 1.76 44.53
CA LYS J 230 -29.24 0.76 45.21
C LYS J 230 -30.50 0.38 44.41
N ASP J 231 -30.97 1.26 43.53
CA ASP J 231 -32.21 1.05 42.80
C ASP J 231 -32.08 0.03 41.68
N TYR J 232 -30.87 -0.33 41.28
CA TYR J 232 -30.65 -1.20 40.14
C TYR J 232 -30.27 -2.60 40.59
N ASP J 233 -30.82 -3.60 39.90
CA ASP J 233 -30.50 -4.99 40.20
C ASP J 233 -29.21 -5.42 39.51
N TYR J 234 -28.98 -4.92 38.30
CA TYR J 234 -27.84 -5.31 37.48
C TYR J 234 -27.28 -4.09 36.77
N CYS J 235 -26.04 -4.22 36.32
CA CYS J 235 -25.38 -3.15 35.59
C CYS J 235 -24.44 -3.74 34.55
N VAL J 236 -24.15 -2.96 33.51
CA VAL J 236 -23.21 -3.36 32.46
C VAL J 236 -22.54 -2.10 31.89
N PHE J 237 -21.21 -2.11 31.88
CA PHE J 237 -20.43 -1.02 31.33
C PHE J 237 -19.59 -1.55 30.18
N HIS J 238 -19.07 -0.63 29.36
CA HIS J 238 -18.12 -1.04 28.35
C HIS J 238 -16.94 -1.74 29.00
N GLN J 239 -16.37 -2.70 28.28
CA GLN J 239 -15.38 -3.61 28.85
C GLN J 239 -14.25 -3.85 27.85
N PRO J 240 -13.39 -2.85 27.64
CA PRO J 240 -12.22 -3.10 26.80
C PRO J 240 -11.27 -4.09 27.43
N ASN J 241 -11.22 -4.11 28.75
CA ASN J 241 -10.61 -5.19 29.51
C ASN J 241 -11.42 -5.33 30.78
N GLY J 242 -11.15 -6.39 31.55
CA GLY J 242 -11.90 -6.57 32.78
C GLY J 242 -11.63 -5.48 33.79
N LYS J 243 -10.37 -5.02 33.87
CA LYS J 243 -9.97 -4.05 34.87
C LYS J 243 -10.81 -2.78 34.80
N PHE J 244 -10.91 -2.18 33.61
CA PHE J 244 -11.67 -0.93 33.49
C PHE J 244 -13.11 -1.11 33.94
N TYR J 245 -13.76 -2.17 33.49
CA TYR J 245 -15.14 -2.47 33.89
C TYR J 245 -15.27 -2.43 35.40
N ILE J 246 -14.45 -3.23 36.09
CA ILE J 246 -14.60 -3.36 37.53
C ILE J 246 -14.28 -2.04 38.22
N LYS J 247 -13.27 -1.31 37.75
CA LYS J 247 -12.98 -0.02 38.34
C LYS J 247 -14.19 0.89 38.27
N ALA J 248 -14.82 0.99 37.10
CA ALA J 248 -16.01 1.81 36.96
C ALA J 248 -17.15 1.30 37.84
N ALA J 249 -17.38 -0.02 37.82
CA ALA J 249 -18.48 -0.57 38.62
C ALA J 249 -18.28 -0.31 40.10
N LYS J 250 -17.05 -0.52 40.60
CA LYS J 250 -16.79 -0.29 42.03
C LYS J 250 -16.81 1.19 42.37
N SER J 251 -16.34 2.04 41.46
CA SER J 251 -16.37 3.49 41.68
C SER J 251 -17.78 3.97 41.96
N LEU J 252 -18.75 3.48 41.17
CA LEU J 252 -20.13 3.90 41.33
C LEU J 252 -20.81 3.20 42.49
N GLY J 253 -20.21 2.16 43.05
CA GLY J 253 -20.74 1.48 44.19
C GLY J 253 -21.48 0.18 43.90
N PHE J 254 -21.32 -0.38 42.71
CA PHE J 254 -21.98 -1.64 42.41
C PHE J 254 -21.15 -2.79 42.96
N THR J 255 -21.85 -3.83 43.41
CA THR J 255 -21.18 -5.00 43.94
C THR J 255 -21.01 -6.04 42.85
N ASN J 256 -20.34 -7.13 43.16
CA ASN J 256 -20.15 -8.19 42.18
C ASN J 256 -21.50 -8.71 41.70
N GLU J 257 -22.41 -8.97 42.64
CA GLU J 257 -23.70 -9.52 42.26
C GLU J 257 -24.40 -8.62 41.25
N GLN J 258 -24.17 -7.31 41.32
CA GLN J 258 -24.80 -6.39 40.40
C GLN J 258 -24.10 -6.36 39.04
N TYR J 259 -22.76 -6.37 39.03
CA TYR J 259 -22.02 -6.21 37.79
C TYR J 259 -21.60 -7.55 37.16
N LYS J 260 -21.85 -8.67 37.83
CA LYS J 260 -21.29 -9.95 37.40
C LYS J 260 -21.77 -10.36 36.01
N TYR J 261 -23.07 -10.23 35.74
CA TYR J 261 -23.58 -10.79 34.49
C TYR J 261 -23.08 -10.03 33.26
N GLY J 262 -22.95 -8.72 33.35
CA GLY J 262 -22.58 -7.93 32.19
C GLY J 262 -21.16 -8.08 31.71
N LEU J 263 -20.29 -8.70 32.51
CA LEU J 263 -18.87 -8.77 32.19
C LEU J 263 -18.57 -10.07 31.45
N LEU J 264 -18.29 -9.96 30.16
CA LEU J 264 -17.98 -11.12 29.34
C LEU J 264 -16.56 -11.10 28.81
N THR J 265 -15.91 -9.95 28.83
CA THR J 265 -14.60 -9.83 28.20
C THR J 265 -13.60 -10.87 28.66
N PRO J 266 -13.55 -11.26 29.93
CA PRO J 266 -12.49 -12.19 30.35
C PRO J 266 -12.48 -13.51 29.60
N TYR J 267 -13.62 -13.96 29.07
CA TYR J 267 -13.67 -15.18 28.29
C TYR J 267 -14.16 -14.96 26.87
N LEU J 268 -14.67 -13.77 26.56
CA LEU J 268 -15.14 -13.40 25.23
C LEU J 268 -14.20 -12.44 24.52
N GLY J 269 -13.49 -11.60 25.25
CA GLY J 269 -12.75 -10.53 24.63
C GLY J 269 -13.61 -9.29 24.46
N ASN J 270 -13.00 -8.25 23.92
CA ASN J 270 -13.70 -7.00 23.65
C ASN J 270 -14.21 -7.05 22.23
N THR J 271 -15.51 -7.12 22.08
CA THR J 271 -16.17 -7.15 20.79
C THR J 271 -16.55 -5.77 20.29
N TYR J 272 -16.00 -4.72 20.91
CA TYR J 272 -16.21 -3.37 20.44
C TYR J 272 -17.70 -3.02 20.43
N SER J 273 -18.30 -2.76 19.27
CA SER J 273 -19.65 -2.25 19.28
C SER J 273 -20.67 -3.30 19.70
N GLY J 274 -20.25 -4.55 19.85
CA GLY J 274 -21.08 -5.61 20.36
C GLY J 274 -20.86 -5.90 21.82
N ALA J 275 -19.95 -5.15 22.46
CA ALA J 275 -19.51 -5.50 23.80
C ALA J 275 -20.64 -5.36 24.80
N VAL J 276 -21.21 -4.16 24.91
CA VAL J 276 -22.29 -3.89 25.87
C VAL J 276 -23.56 -4.59 25.40
N PRO J 277 -23.95 -4.49 24.14
CA PRO J 277 -25.10 -5.27 23.68
C PRO J 277 -25.02 -6.73 24.09
N LEU J 278 -23.84 -7.34 24.00
CA LEU J 278 -23.73 -8.75 24.40
C LEU J 278 -23.84 -8.93 25.90
N GLY J 279 -23.18 -8.08 26.68
CA GLY J 279 -23.32 -8.19 28.13
C GLY J 279 -24.75 -8.00 28.57
N LEU J 280 -25.42 -6.99 28.02
CA LEU J 280 -26.82 -6.76 28.32
C LEU J 280 -27.65 -8.00 28.04
N SER J 281 -27.36 -8.69 26.93
CA SER J 281 -28.14 -9.87 26.57
C SER J 281 -27.97 -10.98 27.59
N ASN J 282 -26.75 -11.11 28.14
CA ASN J 282 -26.55 -12.10 29.20
C ASN J 282 -27.33 -11.73 30.46
N ILE J 283 -27.38 -10.45 30.80
CA ILE J 283 -28.22 -10.03 31.92
C ILE J 283 -29.66 -10.45 31.67
N LEU J 284 -30.16 -10.25 30.45
CA LEU J 284 -31.55 -10.58 30.14
C LEU J 284 -31.79 -12.08 30.14
N ASP J 285 -30.79 -12.87 29.77
CA ASP J 285 -30.94 -14.33 29.81
C ASP J 285 -31.10 -14.82 31.25
N HIS J 286 -30.69 -14.02 32.23
CA HIS J 286 -30.75 -14.36 33.64
C HIS J 286 -31.81 -13.59 34.41
N ALA J 287 -32.24 -12.42 33.92
CA ALA J 287 -33.05 -11.53 34.71
C ALA J 287 -34.45 -12.08 34.96
N GLU J 288 -35.07 -11.54 36.00
CA GLU J 288 -36.42 -11.87 36.43
C GLU J 288 -37.32 -10.66 36.22
N GLU J 289 -38.63 -10.87 36.31
CA GLU J 289 -39.54 -9.76 36.14
C GLU J 289 -39.28 -8.70 37.20
N GLY J 290 -39.32 -7.43 36.79
CA GLY J 290 -39.12 -6.32 37.69
C GLY J 290 -37.69 -5.89 37.86
N ALA J 291 -36.72 -6.68 37.39
CA ALA J 291 -35.32 -6.30 37.52
C ALA J 291 -35.04 -5.00 36.77
N ARG J 292 -34.27 -4.11 37.39
CA ARG J 292 -33.89 -2.83 36.81
C ARG J 292 -32.40 -2.85 36.46
N ILE J 293 -32.10 -2.45 35.22
CA ILE J 293 -30.76 -2.57 34.64
C ILE J 293 -30.21 -1.18 34.31
N LEU J 294 -28.93 -0.98 34.62
CA LEU J 294 -28.18 0.16 34.12
C LEU J 294 -27.18 -0.32 33.08
N ALA J 295 -27.27 0.24 31.87
CA ALA J 295 -26.37 -0.08 30.77
C ALA J 295 -25.71 1.20 30.27
N VAL J 296 -24.38 1.21 30.22
CA VAL J 296 -23.63 2.36 29.77
C VAL J 296 -22.53 1.91 28.81
N SER J 297 -22.57 2.41 27.59
CA SER J 297 -21.54 2.09 26.60
C SER J 297 -20.50 3.20 26.56
N TYR J 298 -19.42 2.92 25.84
CA TYR J 298 -18.40 3.92 25.59
C TYR J 298 -17.84 3.73 24.19
N GLY J 299 -17.59 4.84 23.53
CA GLY J 299 -16.90 4.83 22.26
C GLY J 299 -15.80 5.87 22.23
N SER J 300 -14.68 5.51 21.64
CA SER J 300 -13.59 6.45 21.50
C SER J 300 -13.84 7.46 20.40
N GLY J 301 -13.40 8.68 20.66
CA GLY J 301 -13.76 9.84 19.85
C GLY J 301 -14.09 10.82 20.94
N ALA J 302 -15.32 10.67 21.39
CA ALA J 302 -15.63 10.06 22.67
C ALA J 302 -17.09 10.30 22.95
N GLY J 303 -17.70 9.35 23.62
CA GLY J 303 -19.13 9.39 23.80
C GLY J 303 -19.59 8.15 24.53
N SER J 304 -20.69 8.28 25.26
CA SER J 304 -21.29 7.16 25.95
C SER J 304 -22.80 7.26 25.89
N ASP J 305 -23.44 6.10 25.81
CA ASP J 305 -24.89 6.01 25.82
C ASP J 305 -25.27 5.27 27.09
N ALA J 306 -26.11 5.89 27.90
CA ALA J 306 -26.60 5.27 29.12
C ALA J 306 -28.05 4.86 28.92
N PHE J 307 -28.42 3.74 29.54
CA PHE J 307 -29.79 3.26 29.48
C PHE J 307 -30.25 2.80 30.87
N ASP J 308 -31.53 3.03 31.15
CA ASP J 308 -32.19 2.58 32.36
C ASP J 308 -33.36 1.71 31.92
N ILE J 309 -33.30 0.42 32.18
CA ILE J 309 -34.23 -0.56 31.63
C ILE J 309 -34.83 -1.39 32.75
N THR J 310 -36.12 -1.71 32.62
CA THR J 310 -36.82 -2.58 33.55
C THR J 310 -37.36 -3.80 32.82
N VAL J 311 -37.13 -4.97 33.40
CA VAL J 311 -37.55 -6.22 32.80
C VAL J 311 -39.01 -6.49 33.16
N THR J 312 -39.73 -7.13 32.25
CA THR J 312 -41.14 -7.43 32.41
C THR J 312 -41.35 -8.94 32.56
N GLU J 313 -42.61 -9.32 32.73
CA GLU J 313 -42.97 -10.72 32.92
C GLU J 313 -42.80 -11.55 31.65
N ARG J 314 -42.75 -10.90 30.49
CA ARG J 314 -42.64 -11.64 29.23
C ARG J 314 -41.26 -12.26 29.02
N ILE J 315 -40.27 -11.88 29.82
CA ILE J 315 -38.90 -12.34 29.58
C ILE J 315 -38.83 -13.85 29.56
N LYS J 316 -39.54 -14.52 30.48
CA LYS J 316 -39.44 -15.97 30.57
C LYS J 316 -39.86 -16.62 29.26
N GLU J 317 -40.91 -16.09 28.62
CA GLU J 317 -41.45 -16.74 27.43
C GLU J 317 -40.43 -16.83 26.30
N VAL J 318 -39.44 -15.93 26.25
CA VAL J 318 -38.60 -15.78 25.07
C VAL J 318 -37.16 -16.23 25.26
N VAL J 319 -36.67 -16.33 26.50
CA VAL J 319 -35.25 -16.60 26.69
C VAL J 319 -34.84 -17.86 25.94
N ASP J 320 -35.65 -18.91 26.01
CA ASP J 320 -35.30 -20.18 25.39
C ASP J 320 -35.71 -20.25 23.94
N LYS J 321 -36.26 -19.17 23.38
CA LYS J 321 -36.63 -19.15 21.97
C LYS J 321 -35.43 -19.04 21.05
N ALA J 322 -34.24 -18.79 21.58
CA ALA J 322 -33.02 -18.64 20.80
C ALA J 322 -31.85 -19.06 21.68
N PRO J 323 -30.66 -19.18 21.11
CA PRO J 323 -29.52 -19.57 21.93
C PRO J 323 -29.18 -18.50 22.95
N LYS J 324 -28.81 -18.94 24.14
CA LYS J 324 -28.41 -18.01 25.19
C LYS J 324 -26.96 -17.58 25.01
N THR J 325 -26.69 -16.33 25.37
CA THR J 325 -25.35 -15.79 25.16
C THR J 325 -24.30 -16.64 25.85
N LEU J 326 -24.63 -17.18 27.03
CA LEU J 326 -23.68 -18.03 27.75
C LEU J 326 -23.46 -19.34 27.02
N ASP J 327 -24.51 -19.88 26.40
CA ASP J 327 -24.36 -21.13 25.65
C ASP J 327 -23.44 -20.92 24.45
N LEU J 328 -23.66 -19.84 23.70
CA LEU J 328 -22.78 -19.50 22.59
C LEU J 328 -21.35 -19.33 23.06
N LEU J 329 -21.16 -18.62 24.17
CA LEU J 329 -19.81 -18.33 24.65
C LEU J 329 -19.06 -19.58 25.06
N ASN J 330 -19.76 -20.63 25.46
CA ASN J 330 -19.11 -21.82 26.00
C ASN J 330 -18.96 -22.97 25.01
N ARG J 331 -19.67 -22.93 23.88
CA ARG J 331 -19.41 -23.88 22.81
C ARG J 331 -18.26 -23.32 21.99
N LYS J 332 -17.06 -23.88 22.16
CA LYS J 332 -15.86 -23.23 21.68
C LYS J 332 -14.81 -24.24 21.25
N LYS J 333 -13.92 -23.77 20.36
CA LYS J 333 -12.80 -24.52 19.82
C LYS J 333 -11.56 -23.65 19.94
N TYR J 334 -10.53 -24.14 20.62
CA TYR J 334 -9.30 -23.36 20.78
C TYR J 334 -8.40 -23.51 19.55
N ILE J 335 -7.66 -22.43 19.26
CA ILE J 335 -6.69 -22.42 18.16
C ILE J 335 -5.41 -21.74 18.65
N ASP J 336 -4.32 -22.00 17.93
CA ASP J 336 -3.04 -21.37 18.24
C ASP J 336 -2.83 -20.12 17.40
N TYR J 337 -1.72 -19.42 17.65
CA TYR J 337 -1.51 -18.12 17.01
C TYR J 337 -1.40 -18.24 15.50
N ALA J 338 -0.71 -19.28 15.03
CA ALA J 338 -0.53 -19.44 13.59
C ALA J 338 -1.86 -19.52 12.87
N VAL J 339 -2.75 -20.38 13.35
CA VAL J 339 -4.07 -20.50 12.74
C VAL J 339 -4.88 -19.23 12.98
N TYR J 340 -4.69 -18.57 14.12
CA TYR J 340 -5.40 -17.33 14.40
C TYR J 340 -5.07 -16.27 13.34
N VAL J 341 -3.77 -16.01 13.13
CA VAL J 341 -3.41 -15.00 12.15
C VAL J 341 -3.78 -15.46 10.73
N LYS J 342 -3.79 -16.77 10.48
CA LYS J 342 -4.26 -17.24 9.18
C LYS J 342 -5.70 -16.86 8.98
N TYR J 343 -6.55 -17.23 9.94
CA TYR J 343 -7.98 -16.90 9.90
C TYR J 343 -8.22 -15.41 9.75
N ARG J 344 -7.60 -14.62 10.62
CA ARG J 344 -7.88 -13.19 10.70
C ARG J 344 -7.29 -12.42 9.55
N GLY J 345 -6.56 -13.06 8.66
CA GLY J 345 -5.93 -12.34 7.58
C GLY J 345 -4.78 -11.47 8.03
N LYS J 346 -4.11 -11.86 9.09
CA LYS J 346 -2.98 -11.10 9.62
C LYS J 346 -1.66 -11.43 8.95
N ILE J 347 -1.62 -12.42 8.04
CA ILE J 347 -0.40 -12.81 7.34
C ILE J 347 -0.31 -12.09 6.01
N LYS J 348 0.82 -11.41 5.79
CA LYS J 348 1.05 -10.65 4.56
C LYS J 348 0.98 -11.57 3.35
N ILE J 349 0.03 -11.32 2.47
CA ILE J 349 -0.12 -12.15 1.28
C ILE J 349 -0.33 -11.28 0.06
N ASP K 3 45.63 -19.49 -15.05
CA ASP K 3 45.90 -18.07 -14.79
C ASP K 3 44.85 -17.35 -13.93
N ILE K 4 43.64 -17.87 -13.83
CA ILE K 4 42.61 -17.28 -12.98
C ILE K 4 42.11 -18.37 -12.05
N GLY K 5 41.94 -18.04 -10.78
CA GLY K 5 41.48 -19.03 -9.83
C GLY K 5 40.86 -18.39 -8.61
N ILE K 6 40.38 -19.26 -7.72
CA ILE K 6 39.82 -18.85 -6.45
C ILE K 6 40.94 -18.87 -5.41
N VAL K 7 41.20 -17.73 -4.77
CA VAL K 7 42.21 -17.68 -3.72
C VAL K 7 41.59 -17.87 -2.34
N GLY K 8 40.29 -17.68 -2.20
CA GLY K 8 39.63 -17.86 -0.92
C GLY K 8 38.13 -17.87 -1.09
N TYR K 9 37.46 -18.49 -0.14
CA TYR K 9 36.01 -18.60 -0.19
C TYR K 9 35.46 -18.70 1.23
N GLY K 10 34.21 -18.28 1.38
CA GLY K 10 33.56 -18.31 2.69
C GLY K 10 32.05 -18.38 2.56
N SER K 11 31.42 -18.87 3.61
CA SER K 11 29.98 -19.11 3.61
C SER K 11 29.37 -18.68 4.94
N TYR K 12 28.06 -18.49 4.93
CA TYR K 12 27.32 -18.20 6.15
C TYR K 12 25.88 -18.67 6.01
N ILE K 13 25.36 -19.27 7.09
CA ILE K 13 23.96 -19.68 7.22
C ILE K 13 23.47 -19.28 8.61
N PRO K 14 22.31 -18.66 8.75
CA PRO K 14 21.80 -18.33 10.09
C PRO K 14 21.41 -19.57 10.87
N LYS K 15 21.09 -19.38 12.15
CA LYS K 15 20.95 -20.51 13.05
C LYS K 15 19.56 -21.09 13.10
N TYR K 16 18.52 -20.33 12.76
CA TYR K 16 17.15 -20.81 12.89
C TYR K 16 16.76 -21.66 11.69
N ARG K 17 15.96 -22.71 11.94
CA ARG K 17 15.39 -23.56 10.91
C ARG K 17 13.90 -23.73 11.17
N ILE K 18 13.17 -24.14 10.14
CA ILE K 18 11.77 -24.50 10.27
C ILE K 18 11.51 -25.73 9.41
N LYS K 19 10.87 -26.73 10.01
CA LYS K 19 10.64 -27.98 9.30
C LYS K 19 9.41 -27.85 8.41
N VAL K 20 9.35 -28.66 7.36
CA VAL K 20 8.16 -28.68 6.51
C VAL K 20 6.92 -28.87 7.34
N GLU K 21 7.01 -29.72 8.36
CA GLU K 21 5.84 -30.03 9.17
C GLU K 21 5.20 -28.79 9.77
N GLU K 22 6.00 -27.80 10.15
CA GLU K 22 5.46 -26.64 10.85
C GLU K 22 4.71 -25.72 9.90
N ILE K 23 5.09 -25.72 8.62
CA ILE K 23 4.39 -24.94 7.63
C ILE K 23 3.14 -25.69 7.16
N ALA K 24 3.28 -26.97 6.88
CA ALA K 24 2.14 -27.75 6.40
C ALA K 24 1.04 -27.81 7.44
N LYS K 25 1.40 -28.00 8.70
CA LYS K 25 0.43 -28.02 9.79
C LYS K 25 -0.53 -26.85 9.71
N VAL K 26 0.01 -25.66 9.44
CA VAL K 26 -0.78 -24.43 9.48
C VAL K 26 -1.70 -24.33 8.26
N TRP K 27 -1.22 -24.72 7.10
CA TRP K 27 -1.97 -24.54 5.87
C TRP K 27 -2.80 -25.75 5.48
N GLY K 28 -2.76 -26.82 6.26
CA GLY K 28 -3.62 -27.96 6.03
C GLY K 28 -3.16 -28.87 4.92
N LYS K 29 -1.86 -29.12 4.81
CA LYS K 29 -1.30 -29.95 3.77
C LYS K 29 -0.60 -31.15 4.37
N ASP K 30 -0.43 -32.19 3.55
CA ASP K 30 0.28 -33.40 3.97
C ASP K 30 1.77 -33.14 3.93
N PRO K 31 2.46 -33.14 5.08
CA PRO K 31 3.90 -32.85 5.04
C PRO K 31 4.71 -33.92 4.33
N GLU K 32 4.33 -35.19 4.44
CA GLU K 32 5.11 -36.23 3.80
C GLU K 32 5.05 -36.08 2.29
N ALA K 33 3.87 -35.79 1.75
CA ALA K 33 3.76 -35.59 0.31
C ALA K 33 4.71 -34.49 -0.15
N ILE K 34 4.82 -33.41 0.63
CA ILE K 34 5.70 -32.31 0.27
C ILE K 34 7.16 -32.73 0.39
N LYS K 35 7.55 -33.31 1.52
CA LYS K 35 8.92 -33.76 1.70
C LYS K 35 9.34 -34.65 0.53
N LYS K 36 8.49 -35.59 0.13
CA LYS K 36 8.83 -36.49 -0.96
C LYS K 36 8.78 -35.77 -2.30
N GLY K 37 7.77 -34.91 -2.49
CA GLY K 37 7.62 -34.21 -3.76
C GLY K 37 8.77 -33.26 -4.06
N LEU K 38 9.20 -32.51 -3.04
CA LEU K 38 10.24 -31.52 -3.23
C LEU K 38 11.61 -32.01 -2.80
N VAL K 39 11.69 -33.11 -2.07
CA VAL K 39 12.94 -33.57 -1.49
C VAL K 39 13.49 -32.47 -0.60
N VAL K 40 12.68 -32.06 0.38
CA VAL K 40 13.06 -31.02 1.34
C VAL K 40 12.50 -31.39 2.70
N ASN K 41 13.32 -31.24 3.73
CA ASN K 41 12.95 -31.53 5.10
C ASN K 41 12.78 -30.28 5.94
N GLU K 42 13.66 -29.29 5.77
CA GLU K 42 13.63 -28.07 6.56
C GLU K 42 14.39 -27.00 5.77
N LYS K 43 14.31 -25.77 6.25
CA LYS K 43 14.98 -24.65 5.61
C LYS K 43 15.51 -23.69 6.68
N SER K 44 16.38 -22.78 6.26
CA SER K 44 16.99 -21.82 7.16
C SER K 44 16.14 -20.56 7.27
N VAL K 45 16.29 -19.87 8.40
CA VAL K 45 15.52 -18.67 8.71
C VAL K 45 16.47 -17.66 9.33
N PRO K 46 16.56 -16.44 8.83
CA PRO K 46 17.43 -15.45 9.44
C PRO K 46 16.82 -14.81 10.67
N SER K 47 17.69 -14.41 11.58
CA SER K 47 17.27 -13.63 12.72
C SER K 47 16.71 -12.29 12.25
N PRO K 48 15.77 -11.70 12.99
CA PRO K 48 15.22 -10.41 12.57
C PRO K 48 16.24 -9.29 12.49
N ASP K 49 17.41 -9.46 13.11
CA ASP K 49 18.50 -8.52 12.98
C ASP K 49 19.49 -8.92 11.91
N GLU K 50 19.12 -9.87 11.05
CA GLU K 50 19.95 -10.35 9.97
C GLU K 50 19.26 -10.06 8.64
N ASP K 51 20.06 -9.78 7.62
CA ASP K 51 19.56 -9.51 6.28
C ASP K 51 20.67 -9.87 5.29
N THR K 52 20.43 -9.59 4.02
CA THR K 52 21.41 -9.95 3.00
C THR K 52 22.75 -9.30 3.26
N ALA K 53 22.76 -8.06 3.72
CA ALA K 53 24.01 -7.36 4.00
C ALA K 53 24.83 -8.05 5.09
N THR K 54 24.19 -8.42 6.20
CA THR K 54 24.93 -9.04 7.28
C THR K 54 25.43 -10.41 6.87
N ILE K 55 24.59 -11.16 6.15
CA ILE K 55 24.99 -12.47 5.67
C ILE K 55 26.16 -12.34 4.71
N ALA K 56 26.10 -11.36 3.82
CA ALA K 56 27.20 -11.15 2.89
C ALA K 56 28.49 -10.82 3.62
N VAL K 57 28.40 -10.01 4.68
CA VAL K 57 29.59 -9.64 5.44
C VAL K 57 30.19 -10.87 6.10
N GLU K 58 29.35 -11.71 6.69
CA GLU K 58 29.83 -12.95 7.30
C GLU K 58 30.56 -13.79 6.27
N ALA K 59 29.95 -14.00 5.11
CA ALA K 59 30.58 -14.81 4.09
C ALA K 59 31.85 -14.17 3.58
N ALA K 60 31.83 -12.86 3.35
CA ALA K 60 33.02 -12.18 2.87
C ALA K 60 34.14 -12.27 3.89
N ARG K 61 33.84 -12.00 5.15
CA ARG K 61 34.87 -12.06 6.18
C ARG K 61 35.47 -13.44 6.27
N ASN K 62 34.64 -14.48 6.13
CA ASN K 62 35.16 -15.84 6.17
C ASN K 62 36.07 -16.12 4.98
N ALA K 63 35.69 -15.60 3.80
CA ALA K 63 36.53 -15.77 2.62
C ALA K 63 37.86 -15.07 2.77
N VAL K 64 37.89 -13.92 3.45
CA VAL K 64 39.15 -13.23 3.67
C VAL K 64 40.06 -14.07 4.57
N LYS K 65 39.49 -14.70 5.60
CA LYS K 65 40.29 -15.59 6.45
C LYS K 65 40.95 -16.67 5.61
N ARG K 66 40.20 -17.30 4.72
CA ARG K 66 40.77 -18.38 3.93
C ARG K 66 41.79 -17.84 2.94
N ALA K 67 41.49 -16.72 2.29
CA ALA K 67 42.46 -16.11 1.38
C ALA K 67 43.73 -15.70 2.10
N GLY K 68 43.61 -15.29 3.36
CA GLY K 68 44.78 -14.86 4.10
C GLY K 68 45.44 -13.62 3.56
N ILE K 69 44.66 -12.72 2.97
CA ILE K 69 45.18 -11.53 2.34
C ILE K 69 44.64 -10.31 3.08
N ASN K 70 45.16 -9.16 2.68
CA ASN K 70 44.73 -7.88 3.22
C ASN K 70 43.58 -7.35 2.36
N ALA K 71 42.42 -7.16 2.99
CA ALA K 71 41.25 -6.75 2.24
C ALA K 71 41.47 -5.46 1.48
N GLU K 72 42.45 -4.65 1.88
CA GLU K 72 42.76 -3.43 1.15
C GLU K 72 43.12 -3.72 -0.30
N LYS K 73 43.60 -4.93 -0.58
CA LYS K 73 44.02 -5.29 -1.92
C LYS K 73 42.85 -5.61 -2.86
N ILE K 74 41.63 -5.77 -2.32
CA ILE K 74 40.47 -6.12 -3.12
C ILE K 74 40.05 -4.90 -3.93
N GLY K 75 39.98 -5.06 -5.24
CA GLY K 75 39.70 -3.99 -6.16
C GLY K 75 38.30 -4.00 -6.68
N ALA K 76 37.49 -4.99 -6.32
CA ALA K 76 36.10 -4.98 -6.70
C ALA K 76 35.32 -5.83 -5.70
N VAL K 77 34.13 -5.35 -5.34
CA VAL K 77 33.19 -6.10 -4.53
C VAL K 77 31.85 -6.10 -5.25
N TYR K 78 31.33 -7.28 -5.55
CA TYR K 78 30.06 -7.43 -6.24
C TYR K 78 29.18 -8.32 -5.38
N VAL K 79 27.96 -7.86 -5.10
CA VAL K 79 26.99 -8.63 -4.33
C VAL K 79 25.81 -8.93 -5.22
N GLY K 80 25.50 -10.21 -5.40
CA GLY K 80 24.36 -10.64 -6.17
C GLY K 80 23.24 -11.10 -5.27
N SER K 81 22.06 -10.54 -5.46
CA SER K 81 20.97 -10.89 -4.59
C SER K 81 19.64 -10.56 -5.24
N GLU K 82 18.58 -11.01 -4.58
CA GLU K 82 17.21 -10.72 -4.94
C GLU K 82 16.53 -9.93 -3.84
N SER K 83 17.21 -9.77 -2.70
CA SER K 83 16.69 -9.20 -1.47
C SER K 83 17.67 -8.21 -0.88
N HIS K 84 18.26 -7.35 -1.72
CA HIS K 84 19.08 -6.29 -1.20
C HIS K 84 18.28 -5.48 -0.17
N PRO K 85 18.82 -5.23 1.01
CA PRO K 85 18.01 -4.58 2.05
C PRO K 85 17.39 -3.27 1.60
N TYR K 86 18.04 -2.51 0.71
CA TYR K 86 17.49 -1.30 0.15
C TYR K 86 17.05 -1.53 -1.29
N ALA K 87 16.05 -0.78 -1.72
CA ALA K 87 15.73 -0.72 -3.15
C ALA K 87 16.75 0.11 -3.91
N VAL K 88 17.21 1.21 -3.31
CA VAL K 88 18.23 2.05 -3.91
C VAL K 88 19.23 2.40 -2.81
N LYS K 89 20.21 1.53 -2.60
CA LYS K 89 21.41 1.85 -1.86
C LYS K 89 22.24 0.58 -1.89
N PRO K 90 23.47 0.61 -2.40
CA PRO K 90 24.16 -0.64 -2.74
C PRO K 90 24.61 -1.41 -1.50
N THR K 91 24.21 -2.67 -1.43
CA THR K 91 24.74 -3.61 -0.44
C THR K 91 26.26 -3.69 -0.52
N SER K 92 26.77 -3.80 -1.74
CA SER K 92 28.18 -4.01 -1.96
C SER K 92 29.04 -2.96 -1.26
N ALA K 93 28.57 -1.71 -1.19
CA ALA K 93 29.33 -0.67 -0.50
C ALA K 93 29.42 -0.97 1.00
N THR K 94 28.29 -1.32 1.61
CA THR K 94 28.31 -1.69 3.03
C THR K 94 29.25 -2.85 3.28
N VAL K 95 29.27 -3.85 2.39
CA VAL K 95 30.16 -4.99 2.56
C VAL K 95 31.62 -4.56 2.44
N ALA K 96 31.93 -3.71 1.46
CA ALA K 96 33.29 -3.23 1.30
C ALA K 96 33.77 -2.48 2.53
N GLU K 97 32.92 -1.60 3.08
CA GLU K 97 33.28 -0.89 4.31
C GLU K 97 33.47 -1.85 5.47
N ALA K 98 32.63 -2.87 5.57
CA ALA K 98 32.67 -3.83 6.69
C ALA K 98 33.84 -4.79 6.65
N ILE K 99 34.56 -4.92 5.52
CA ILE K 99 35.74 -5.76 5.42
C ILE K 99 37.01 -4.96 5.27
N GLY K 100 36.92 -3.64 5.17
CA GLY K 100 38.10 -2.83 5.05
C GLY K 100 38.68 -2.73 3.67
N ALA K 101 37.90 -3.06 2.64
CA ALA K 101 38.35 -2.96 1.25
C ALA K 101 38.33 -1.53 0.72
N THR K 102 37.45 -0.69 1.25
CA THR K 102 37.35 0.70 0.83
C THR K 102 38.65 1.46 1.07
N PRO K 103 38.89 2.51 0.28
CA PRO K 103 38.07 3.12 -0.78
C PRO K 103 38.49 2.78 -2.22
N ASP K 104 39.70 2.26 -2.38
CA ASP K 104 40.27 2.05 -3.72
C ASP K 104 39.74 0.76 -4.32
N LEU K 105 38.48 0.82 -4.74
CA LEU K 105 37.83 -0.33 -5.36
C LEU K 105 36.59 0.14 -6.10
N THR K 106 36.09 -0.73 -6.97
CA THR K 106 34.79 -0.55 -7.60
C THR K 106 33.83 -1.55 -6.97
N ALA K 107 32.54 -1.30 -7.17
CA ALA K 107 31.53 -2.18 -6.60
C ALA K 107 30.26 -2.07 -7.42
N ALA K 108 29.41 -3.07 -7.28
CA ALA K 108 28.08 -3.01 -7.85
C ALA K 108 27.23 -4.09 -7.23
N ASP K 109 25.93 -3.82 -7.16
CA ASP K 109 24.93 -4.79 -6.75
C ASP K 109 24.34 -5.43 -7.99
N LEU K 110 24.22 -6.76 -7.97
CA LEU K 110 23.80 -7.52 -9.13
C LEU K 110 22.40 -8.08 -8.93
N GLU K 111 21.63 -8.11 -10.01
CA GLU K 111 20.29 -8.66 -10.02
C GLU K 111 20.16 -9.54 -11.26
N PHE K 112 19.76 -10.80 -11.08
CA PHE K 112 19.38 -11.65 -12.19
C PHE K 112 18.78 -12.91 -11.59
N ALA K 113 17.73 -12.74 -10.82
CA ALA K 113 17.12 -13.84 -10.06
C ALA K 113 18.24 -14.61 -9.35
N CYS K 114 18.28 -15.94 -9.44
CA CYS K 114 19.16 -16.75 -8.62
C CYS K 114 20.54 -16.96 -9.25
N LYS K 115 20.80 -16.33 -10.40
CA LYS K 115 22.09 -16.37 -11.06
C LYS K 115 22.94 -15.14 -10.78
N ALA K 116 22.38 -14.12 -10.12
CA ALA K 116 23.13 -12.92 -9.77
C ALA K 116 24.48 -13.22 -9.16
N GLY K 117 24.54 -14.20 -8.26
CA GLY K 117 25.77 -14.46 -7.53
C GLY K 117 26.90 -14.91 -8.42
N THR K 118 26.62 -15.83 -9.33
CA THR K 118 27.62 -16.36 -10.24
C THR K 118 27.97 -15.36 -11.32
N ALA K 119 27.07 -14.44 -11.67
CA ALA K 119 27.43 -13.37 -12.59
C ALA K 119 28.62 -12.58 -12.06
N GLY K 120 28.67 -12.36 -10.75
CA GLY K 120 29.78 -11.62 -10.16
C GLY K 120 31.10 -12.36 -10.24
N ILE K 121 31.07 -13.69 -10.15
CA ILE K 121 32.29 -14.47 -10.29
C ILE K 121 32.89 -14.24 -11.67
N GLN K 122 32.05 -14.28 -12.70
CA GLN K 122 32.56 -14.04 -14.05
C GLN K 122 33.14 -12.65 -14.19
N MET K 123 32.50 -11.67 -13.57
CA MET K 123 33.02 -10.31 -13.59
C MET K 123 34.38 -10.23 -12.92
N CYS K 124 34.52 -10.87 -11.75
CA CYS K 124 35.81 -10.87 -11.07
C CYS K 124 36.86 -11.59 -11.92
N MET K 125 36.47 -12.70 -12.55
CA MET K 125 37.38 -13.39 -13.47
C MET K 125 37.92 -12.46 -14.54
N GLY K 126 37.05 -11.63 -15.12
CA GLY K 126 37.48 -10.71 -16.16
C GLY K 126 38.45 -9.67 -15.66
N LEU K 127 38.12 -9.03 -14.53
CA LEU K 127 38.96 -7.94 -14.05
C LEU K 127 40.31 -8.45 -13.60
N VAL K 128 40.37 -9.63 -12.98
CA VAL K 128 41.64 -10.18 -12.53
C VAL K 128 42.46 -10.67 -13.72
N GLY K 129 41.82 -11.42 -14.61
CA GLY K 129 42.54 -11.91 -15.77
C GLY K 129 43.10 -10.79 -16.62
N SER K 130 42.34 -9.70 -16.75
CA SER K 130 42.78 -8.56 -17.55
C SER K 130 43.86 -7.76 -16.87
N GLY K 131 44.12 -8.00 -15.59
CA GLY K 131 45.08 -7.23 -14.83
C GLY K 131 44.57 -5.90 -14.33
N LEU K 132 43.27 -5.65 -14.45
CA LEU K 132 42.70 -4.38 -14.01
C LEU K 132 42.61 -4.30 -12.50
N ILE K 133 42.46 -5.44 -11.83
CA ILE K 133 42.54 -5.48 -10.39
C ILE K 133 43.40 -6.68 -10.02
N GLU K 134 43.86 -6.68 -8.77
CA GLU K 134 44.66 -7.76 -8.24
C GLU K 134 43.78 -8.84 -7.63
N TYR K 135 42.73 -8.44 -6.91
CA TYR K 135 41.75 -9.35 -6.34
C TYR K 135 40.35 -8.76 -6.46
N GLY K 136 39.37 -9.60 -6.75
CA GLY K 136 37.98 -9.19 -6.74
C GLY K 136 37.14 -10.16 -5.92
N MET K 137 36.12 -9.62 -5.28
CA MET K 137 35.19 -10.42 -4.48
C MET K 137 33.81 -10.51 -5.13
N ALA K 138 33.28 -11.72 -5.24
CA ALA K 138 31.94 -11.96 -5.75
C ALA K 138 31.15 -12.66 -4.66
N ILE K 139 29.99 -12.09 -4.31
CA ILE K 139 29.14 -12.66 -3.27
C ILE K 139 27.78 -13.00 -3.86
N GLY K 140 27.20 -14.09 -3.36
CA GLY K 140 25.82 -14.40 -3.62
C GLY K 140 25.12 -14.67 -2.31
N ALA K 141 24.11 -13.88 -1.98
CA ALA K 141 23.42 -14.01 -0.71
C ALA K 141 21.97 -13.58 -0.88
N ASP K 142 21.12 -14.15 -0.03
CA ASP K 142 19.70 -13.84 -0.08
C ASP K 142 19.06 -14.18 1.26
N THR K 143 18.01 -13.44 1.60
CA THR K 143 17.06 -13.82 2.64
C THR K 143 15.72 -13.97 1.92
N ALA K 144 15.57 -15.08 1.22
CA ALA K 144 14.37 -15.33 0.44
C ALA K 144 13.14 -15.32 1.33
N GLN K 145 12.01 -14.93 0.75
CA GLN K 145 10.71 -14.96 1.41
C GLN K 145 9.70 -15.61 0.48
N GLY K 146 9.11 -16.71 0.91
CA GLY K 146 8.07 -17.36 0.14
C GLY K 146 6.68 -16.86 0.52
N ALA K 147 5.80 -16.81 -0.46
CA ALA K 147 4.46 -16.29 -0.21
C ALA K 147 3.71 -17.22 0.75
N PRO K 148 3.14 -16.70 1.83
CA PRO K 148 2.43 -17.56 2.77
C PRO K 148 1.36 -18.37 2.04
N GLY K 149 1.32 -19.66 2.32
CA GLY K 149 0.38 -20.56 1.70
C GLY K 149 0.86 -21.17 0.40
N ASP K 150 1.89 -20.61 -0.22
CA ASP K 150 2.36 -21.10 -1.50
C ASP K 150 3.45 -22.13 -1.25
N ALA K 151 3.75 -22.90 -2.28
CA ALA K 151 4.74 -23.95 -2.19
C ALA K 151 6.15 -23.40 -2.01
N LEU K 152 6.42 -22.18 -2.42
CA LEU K 152 7.76 -21.63 -2.25
C LEU K 152 8.09 -21.35 -0.80
N GLU K 153 7.09 -21.27 0.07
CA GLU K 153 7.34 -21.06 1.48
C GLU K 153 8.03 -22.25 2.13
N TYR K 154 7.98 -23.42 1.52
CA TYR K 154 8.67 -24.58 2.08
C TYR K 154 10.16 -24.54 1.79
N THR K 155 10.60 -23.77 0.79
CA THR K 155 12.00 -23.77 0.39
C THR K 155 12.72 -22.43 0.50
N ALA K 156 12.03 -21.32 0.67
CA ALA K 156 12.66 -20.01 0.55
C ALA K 156 13.47 -19.74 1.81
N SER K 157 14.79 -19.80 1.69
CA SER K 157 15.66 -19.76 2.86
C SER K 157 16.70 -18.64 2.73
N ALA K 158 17.53 -18.52 3.76
CA ALA K 158 18.54 -17.48 3.84
C ALA K 158 19.95 -18.06 3.94
N GLY K 159 20.88 -17.48 3.19
CA GLY K 159 22.27 -17.86 3.24
C GLY K 159 23.07 -17.13 2.19
N GLY K 160 24.38 -17.31 2.25
CA GLY K 160 25.25 -16.68 1.27
C GLY K 160 26.64 -17.25 1.31
N ALA K 161 27.39 -16.99 0.23
CA ALA K 161 28.78 -17.40 0.12
C ALA K 161 29.56 -16.39 -0.69
N ALA K 162 30.82 -16.20 -0.32
CA ALA K 162 31.72 -15.25 -0.98
C ALA K 162 32.90 -15.98 -1.60
N TYR K 163 33.37 -15.46 -2.74
CA TYR K 163 34.56 -15.97 -3.41
C TYR K 163 35.48 -14.82 -3.76
N ILE K 164 36.77 -14.97 -3.44
CA ILE K 164 37.81 -14.01 -3.81
C ILE K 164 38.64 -14.59 -4.96
N ILE K 165 38.72 -13.86 -6.06
CA ILE K 165 39.40 -14.30 -7.28
C ILE K 165 40.77 -13.65 -7.34
N GLY K 166 41.77 -14.40 -7.79
CA GLY K 166 43.13 -13.90 -7.83
C GLY K 166 43.92 -14.48 -8.98
N ASN K 167 45.16 -14.00 -9.10
CA ASN K 167 46.00 -14.30 -10.25
C ASN K 167 47.19 -15.19 -9.92
N LYS K 168 47.49 -15.41 -8.65
CA LYS K 168 48.77 -15.98 -8.24
C LYS K 168 48.63 -17.47 -7.92
N LYS K 169 49.33 -18.30 -8.69
CA LYS K 169 49.24 -19.75 -8.52
C LYS K 169 49.48 -20.17 -7.08
N ASP K 170 50.53 -19.64 -6.47
CA ASP K 170 50.84 -20.02 -5.09
C ASP K 170 49.67 -19.78 -4.15
N GLU K 171 48.78 -18.84 -4.48
CA GLU K 171 47.66 -18.47 -3.60
C GLU K 171 46.33 -19.10 -4.00
N MET K 172 46.27 -19.77 -5.15
CA MET K 172 45.02 -20.34 -5.64
C MET K 172 44.70 -21.64 -4.94
N ILE K 173 43.47 -21.75 -4.43
CA ILE K 173 42.97 -23.03 -3.93
C ILE K 173 42.23 -23.79 -5.03
N ALA K 174 41.76 -23.09 -6.07
CA ALA K 174 41.12 -23.71 -7.21
C ALA K 174 41.40 -22.85 -8.43
N VAL K 175 41.31 -23.46 -9.60
CA VAL K 175 41.62 -22.79 -10.85
C VAL K 175 40.43 -22.92 -11.79
N PHE K 176 40.05 -21.80 -12.39
CA PHE K 176 39.02 -21.81 -13.42
C PHE K 176 39.59 -22.36 -14.72
N ASN K 177 38.99 -23.43 -15.23
CA ASN K 177 39.37 -23.94 -16.53
C ASN K 177 38.58 -23.28 -17.64
N GLY K 178 37.36 -22.87 -17.36
CA GLY K 178 36.54 -22.17 -18.35
C GLY K 178 35.20 -21.82 -17.76
N THR K 179 34.51 -20.92 -18.45
CA THR K 179 33.16 -20.52 -18.05
C THR K 179 32.32 -20.30 -19.30
N TYR K 180 31.01 -20.56 -19.17
CA TYR K 180 30.08 -20.40 -20.28
C TYR K 180 28.69 -20.06 -19.75
N SER K 181 27.91 -19.29 -20.54
CA SER K 181 26.58 -18.84 -20.11
C SER K 181 25.55 -18.99 -21.22
N TYR K 182 24.35 -19.41 -20.84
CA TYR K 182 23.20 -19.53 -21.74
C TYR K 182 22.12 -18.58 -21.22
N THR K 183 21.61 -17.72 -22.09
CA THR K 183 20.68 -16.68 -21.67
C THR K 183 19.58 -16.49 -22.72
N THR K 184 18.32 -16.41 -22.27
CA THR K 184 17.21 -15.99 -23.12
C THR K 184 16.27 -15.11 -22.31
N ASP K 185 15.19 -14.66 -22.95
CA ASP K 185 14.11 -13.91 -22.30
C ASP K 185 12.95 -14.86 -22.03
N THR K 186 12.76 -15.23 -20.76
CA THR K 186 11.78 -16.25 -20.38
C THR K 186 10.99 -15.76 -19.18
N PRO K 187 9.71 -15.60 -19.28
CA PRO K 187 8.92 -15.11 -18.13
C PRO K 187 8.44 -16.21 -17.19
N ASP K 188 9.39 -17.00 -16.66
CA ASP K 188 9.00 -18.09 -15.76
C ASP K 188 8.76 -17.61 -14.34
N PHE K 189 9.45 -16.57 -13.90
CA PHE K 189 9.41 -16.11 -12.52
C PHE K 189 9.74 -14.64 -12.53
N TRP K 190 8.95 -13.83 -11.81
CA TRP K 190 9.17 -12.39 -11.80
C TRP K 190 8.50 -11.79 -10.58
N ARG K 191 8.83 -10.52 -10.33
CA ARG K 191 8.18 -9.74 -9.29
C ARG K 191 8.13 -8.30 -9.75
N ARG K 192 6.99 -7.66 -9.55
CA ARG K 192 6.81 -6.25 -9.87
C ARG K 192 7.10 -5.38 -8.65
N GLU K 193 7.50 -4.13 -8.90
CA GLU K 193 8.05 -3.28 -7.83
C GLU K 193 7.09 -3.14 -6.65
N GLY K 194 5.79 -3.08 -6.92
CA GLY K 194 4.86 -2.91 -5.83
C GLY K 194 4.68 -4.16 -4.97
N GLN K 195 4.74 -5.33 -5.59
CA GLN K 195 4.27 -6.55 -4.94
C GLN K 195 5.25 -7.06 -3.89
N SER K 196 4.69 -7.69 -2.85
CA SER K 196 5.49 -8.27 -1.77
C SER K 196 6.13 -9.60 -2.19
N TYR K 197 5.37 -10.46 -2.88
CA TYR K 197 5.86 -11.77 -3.25
C TYR K 197 5.82 -11.95 -4.77
N PRO K 198 6.68 -12.81 -5.31
CA PRO K 198 6.72 -12.98 -6.77
C PRO K 198 5.54 -13.78 -7.29
N LYS K 199 5.45 -13.81 -8.62
CA LYS K 199 4.49 -14.61 -9.35
C LYS K 199 5.27 -15.53 -10.28
N HIS K 200 4.62 -16.59 -10.78
CA HIS K 200 5.33 -17.54 -11.62
C HIS K 200 4.34 -18.29 -12.51
N GLY K 201 4.89 -19.01 -13.48
CA GLY K 201 4.12 -19.73 -14.46
C GLY K 201 3.91 -21.19 -14.13
N GLY K 202 4.02 -21.53 -12.86
CA GLY K 202 3.80 -22.89 -12.39
C GLY K 202 4.69 -23.88 -13.10
N ARG K 203 4.10 -24.80 -13.87
CA ARG K 203 4.87 -25.84 -14.53
C ARG K 203 5.65 -25.32 -15.73
N PHE K 204 5.48 -24.05 -16.12
CA PHE K 204 6.38 -23.43 -17.08
C PHE K 204 7.77 -23.24 -16.49
N THR K 205 7.90 -23.22 -15.16
CA THR K 205 9.19 -23.04 -14.51
C THR K 205 10.13 -24.22 -14.71
N GLY K 206 9.60 -25.38 -15.09
CA GLY K 206 10.41 -26.59 -15.16
C GLY K 206 11.14 -26.78 -16.47
N GLU K 207 10.56 -27.55 -17.38
CA GLU K 207 11.29 -27.93 -18.59
C GLU K 207 11.70 -26.72 -19.41
N PRO K 208 10.79 -25.84 -19.82
CA PRO K 208 11.17 -24.77 -20.75
C PRO K 208 12.15 -23.75 -20.17
N ALA K 209 12.34 -23.72 -18.86
CA ALA K 209 13.17 -22.68 -18.23
C ALA K 209 14.36 -23.29 -17.49
N TYR K 210 14.14 -23.90 -16.32
CA TYR K 210 15.26 -24.42 -15.54
C TYR K 210 16.07 -25.43 -16.34
N PHE K 211 15.42 -26.48 -16.83
CA PHE K 211 16.16 -27.55 -17.49
C PHE K 211 16.72 -27.07 -18.83
N LYS K 212 15.93 -26.33 -19.60
CA LYS K 212 16.45 -25.78 -20.85
C LYS K 212 17.76 -25.07 -20.61
N HIS K 213 17.79 -24.14 -19.67
CA HIS K 213 18.97 -23.34 -19.48
C HIS K 213 20.07 -24.07 -18.73
N VAL K 214 19.73 -24.88 -17.73
CA VAL K 214 20.75 -25.58 -16.97
C VAL K 214 21.46 -26.60 -17.85
N LEU K 215 20.69 -27.34 -18.66
CA LEU K 215 21.29 -28.40 -19.46
C LEU K 215 22.02 -27.85 -20.68
N ASN K 216 21.49 -26.79 -21.30
CA ASN K 216 22.22 -26.16 -22.40
C ASN K 216 23.53 -25.55 -21.93
N ALA K 217 23.52 -24.93 -20.74
CA ALA K 217 24.75 -24.37 -20.17
C ALA K 217 25.74 -25.45 -19.80
N ALA K 218 25.25 -26.55 -19.22
CA ALA K 218 26.15 -27.64 -18.85
C ALA K 218 26.73 -28.31 -20.09
N LYS K 219 25.88 -28.60 -21.08
CA LYS K 219 26.36 -29.12 -22.35
C LYS K 219 27.30 -28.13 -23.03
N GLY K 220 27.07 -26.84 -22.85
CA GLY K 220 27.88 -25.84 -23.56
C GLY K 220 29.31 -25.78 -23.06
N ILE K 221 29.50 -25.77 -21.75
CA ILE K 221 30.86 -25.68 -21.23
C ILE K 221 31.61 -26.99 -21.47
N MET K 222 30.93 -28.13 -21.43
CA MET K 222 31.63 -29.38 -21.70
C MET K 222 32.09 -29.44 -23.14
N GLU K 223 31.28 -28.91 -24.06
CA GLU K 223 31.68 -28.80 -25.46
C GLU K 223 32.84 -27.82 -25.62
N LYS K 224 32.75 -26.66 -24.97
CA LYS K 224 33.84 -25.68 -24.99
C LYS K 224 35.13 -26.29 -24.45
N MET K 225 35.04 -27.11 -23.42
CA MET K 225 36.20 -27.67 -22.73
C MET K 225 36.66 -29.01 -23.32
N GLY K 226 35.86 -29.62 -24.17
CA GLY K 226 36.16 -30.95 -24.69
C GLY K 226 36.06 -32.05 -23.65
N THR K 227 35.02 -32.00 -22.81
CA THR K 227 34.89 -32.92 -21.69
C THR K 227 33.58 -33.70 -21.76
N THR K 228 33.52 -34.74 -20.93
CA THR K 228 32.37 -35.60 -20.71
C THR K 228 32.08 -35.61 -19.22
N VAL K 229 30.90 -36.13 -18.86
CA VAL K 229 30.56 -36.28 -17.45
C VAL K 229 31.62 -37.07 -16.70
N LYS K 230 32.33 -37.95 -17.39
CA LYS K 230 33.32 -38.80 -16.72
C LYS K 230 34.55 -38.03 -16.28
N ASP K 231 34.80 -36.86 -16.85
CA ASP K 231 35.97 -36.07 -16.52
C ASP K 231 35.85 -35.31 -15.20
N TYR K 232 34.65 -35.20 -14.64
CA TYR K 232 34.39 -34.40 -13.44
C TYR K 232 34.24 -35.27 -12.21
N ASP K 233 34.84 -34.81 -11.10
CA ASP K 233 34.73 -35.51 -9.84
C ASP K 233 33.46 -35.12 -9.09
N TYR K 234 33.06 -33.85 -9.20
CA TYR K 234 31.92 -33.32 -8.46
C TYR K 234 31.11 -32.39 -9.35
N CYS K 235 29.84 -32.19 -8.96
CA CYS K 235 28.96 -31.29 -9.69
C CYS K 235 27.99 -30.62 -8.73
N VAL K 236 27.51 -29.45 -9.12
CA VAL K 236 26.50 -28.71 -8.36
C VAL K 236 25.67 -27.89 -9.33
N PHE K 237 24.36 -28.04 -9.25
CA PHE K 237 23.42 -27.31 -10.09
C PHE K 237 22.53 -26.47 -9.20
N HIS K 238 21.82 -25.52 -9.80
CA HIS K 238 20.83 -24.80 -9.02
C HIS K 238 19.82 -25.77 -8.44
N GLN K 239 19.32 -25.43 -7.26
CA GLN K 239 18.52 -26.36 -6.45
C GLN K 239 17.34 -25.63 -5.85
N PRO K 240 16.36 -25.25 -6.67
CA PRO K 240 15.12 -24.69 -6.11
C PRO K 240 14.36 -25.71 -5.29
N ASN K 241 14.50 -26.98 -5.63
CA ASN K 241 14.11 -28.10 -4.78
C ASN K 241 15.09 -29.23 -5.04
N GLY K 242 15.01 -30.27 -4.22
CA GLY K 242 15.89 -31.40 -4.44
C GLY K 242 15.59 -32.16 -5.73
N LYS K 243 14.35 -32.11 -6.19
CA LYS K 243 13.97 -32.93 -7.34
C LYS K 243 14.57 -32.40 -8.63
N PHE K 244 14.49 -31.09 -8.85
CA PHE K 244 15.08 -30.51 -10.05
C PHE K 244 16.57 -30.79 -10.13
N TYR K 245 17.26 -30.58 -9.02
CA TYR K 245 18.70 -30.86 -8.94
C TYR K 245 19.01 -32.28 -9.40
N ILE K 246 18.35 -33.26 -8.79
CA ILE K 246 18.66 -34.65 -9.10
C ILE K 246 18.24 -35.01 -10.52
N LYS K 247 17.08 -34.53 -10.98
CA LYS K 247 16.70 -34.79 -12.36
C LYS K 247 17.77 -34.29 -13.31
N ALA K 248 18.23 -33.07 -13.11
CA ALA K 248 19.28 -32.50 -13.95
C ALA K 248 20.56 -33.33 -13.86
N ALA K 249 20.98 -33.65 -12.64
CA ALA K 249 22.23 -34.39 -12.45
C ALA K 249 22.18 -35.75 -13.10
N LYS K 250 21.06 -36.47 -12.97
CA LYS K 250 20.95 -37.79 -13.58
C LYS K 250 20.82 -37.69 -15.09
N SER K 251 20.15 -36.66 -15.60
CA SER K 251 20.02 -36.48 -17.04
C SER K 251 21.38 -36.39 -17.71
N LEU K 252 22.32 -35.66 -17.11
CA LEU K 252 23.64 -35.50 -17.69
C LEU K 252 24.54 -36.70 -17.45
N GLY K 253 24.16 -37.61 -16.56
CA GLY K 253 24.93 -38.80 -16.28
C GLY K 253 25.77 -38.79 -15.03
N PHE K 254 25.53 -37.85 -14.12
CA PHE K 254 26.27 -37.82 -12.86
C PHE K 254 25.65 -38.77 -11.85
N THR K 255 26.49 -39.38 -11.03
CA THR K 255 26.02 -40.30 -10.00
C THR K 255 25.88 -39.58 -8.66
N ASN K 256 25.34 -40.30 -7.68
CA ASN K 256 25.16 -39.72 -6.36
C ASN K 256 26.48 -39.22 -5.80
N GLU K 257 27.53 -40.02 -5.92
CA GLU K 257 28.82 -39.60 -5.41
C GLU K 257 29.29 -38.31 -6.06
N GLN K 258 28.92 -38.08 -7.32
CA GLN K 258 29.34 -36.86 -7.99
C GLN K 258 28.51 -35.66 -7.54
N TYR K 259 27.20 -35.83 -7.38
CA TYR K 259 26.34 -34.70 -7.09
C TYR K 259 26.03 -34.53 -5.61
N LYS K 260 26.41 -35.48 -4.74
CA LYS K 260 25.89 -35.45 -3.38
C LYS K 260 26.29 -34.18 -2.63
N TYR K 261 27.54 -33.74 -2.77
CA TYR K 261 28.02 -32.64 -1.93
C TYR K 261 27.35 -31.31 -2.27
N GLY K 262 27.09 -31.05 -3.54
CA GLY K 262 26.53 -29.78 -3.96
C GLY K 262 25.08 -29.57 -3.56
N LEU K 263 24.40 -30.61 -3.10
CA LEU K 263 22.97 -30.53 -2.83
C LEU K 263 22.75 -30.21 -1.35
N LEU K 264 22.30 -28.98 -1.08
CA LEU K 264 22.04 -28.55 0.28
C LEU K 264 20.58 -28.23 0.54
N THR K 265 19.78 -28.03 -0.49
CA THR K 265 18.41 -27.57 -0.31
C THR K 265 17.61 -28.44 0.66
N PRO K 266 17.76 -29.76 0.70
CA PRO K 266 16.88 -30.54 1.56
C PRO K 266 16.90 -30.15 3.02
N TYR K 267 18.02 -29.61 3.50
CA TYR K 267 18.14 -29.18 4.88
C TYR K 267 18.43 -27.71 5.04
N LEU K 268 18.73 -27.01 3.96
CA LEU K 268 18.99 -25.58 3.96
C LEU K 268 17.87 -24.78 3.32
N GLY K 269 17.18 -25.34 2.35
CA GLY K 269 16.26 -24.59 1.53
C GLY K 269 16.97 -23.96 0.35
N ASN K 270 16.20 -23.26 -0.44
CA ASN K 270 16.71 -22.56 -1.61
C ASN K 270 17.10 -21.14 -1.19
N THR K 271 18.40 -20.87 -1.19
CA THR K 271 18.90 -19.55 -0.84
C THR K 271 19.07 -18.65 -2.05
N TYR K 272 18.47 -19.02 -3.16
CA TYR K 272 18.45 -18.17 -4.35
C TYR K 272 19.86 -17.86 -4.83
N SER K 273 20.31 -16.62 -4.75
CA SER K 273 21.61 -16.32 -5.35
C SER K 273 22.76 -16.90 -4.55
N GLY K 274 22.49 -17.45 -3.37
CA GLY K 274 23.49 -18.12 -2.58
C GLY K 274 23.50 -19.61 -2.73
N ALA K 275 22.62 -20.15 -3.57
CA ALA K 275 22.40 -21.59 -3.59
C ALA K 275 23.62 -22.33 -4.10
N VAL K 276 24.04 -22.02 -5.32
CA VAL K 276 25.17 -22.70 -5.95
C VAL K 276 26.48 -22.29 -5.26
N PRO K 277 26.70 -21.01 -5.00
CA PRO K 277 27.88 -20.64 -4.20
C PRO K 277 28.03 -21.45 -2.92
N LEU K 278 26.94 -21.68 -2.19
CA LEU K 278 27.01 -22.48 -0.97
C LEU K 278 27.28 -23.93 -1.29
N GLY K 279 26.58 -24.48 -2.28
CA GLY K 279 26.84 -25.86 -2.68
C GLY K 279 28.27 -26.04 -3.14
N LEU K 280 28.75 -25.13 -3.98
CA LEU K 280 30.16 -25.19 -4.39
C LEU K 280 31.09 -25.15 -3.20
N SER K 281 30.75 -24.37 -2.18
CA SER K 281 31.62 -24.25 -1.02
C SER K 281 31.69 -25.53 -0.23
N ASN K 282 30.59 -26.26 -0.12
CA ASN K 282 30.64 -27.56 0.54
C ASN K 282 31.51 -28.54 -0.25
N ILE K 283 31.43 -28.50 -1.57
CA ILE K 283 32.32 -29.32 -2.40
C ILE K 283 33.78 -29.01 -2.05
N LEU K 284 34.10 -27.71 -1.93
CA LEU K 284 35.47 -27.32 -1.66
C LEU K 284 35.91 -27.70 -0.24
N ASP K 285 34.97 -27.74 0.72
CA ASP K 285 35.29 -28.20 2.07
C ASP K 285 35.66 -29.67 2.10
N HIS K 286 35.24 -30.44 1.10
CA HIS K 286 35.51 -31.86 1.02
C HIS K 286 36.51 -32.25 -0.05
N ALA K 287 36.69 -31.44 -1.08
CA ALA K 287 37.44 -31.86 -2.25
C ALA K 287 38.92 -32.01 -1.92
N GLU K 288 39.59 -32.78 -2.76
CA GLU K 288 41.01 -33.08 -2.64
C GLU K 288 41.73 -32.53 -3.87
N GLU K 289 43.05 -32.40 -3.76
CA GLU K 289 43.84 -31.86 -4.86
C GLU K 289 43.50 -32.56 -6.16
N GLY K 290 43.40 -31.77 -7.23
CA GLY K 290 43.15 -32.29 -8.55
C GLY K 290 41.70 -32.51 -8.90
N ALA K 291 40.79 -32.45 -7.92
CA ALA K 291 39.37 -32.66 -8.18
C ALA K 291 38.82 -31.62 -9.15
N ARG K 292 38.04 -32.08 -10.12
CA ARG K 292 37.45 -31.23 -11.13
C ARG K 292 35.95 -31.11 -10.90
N ILE K 293 35.46 -29.87 -10.89
CA ILE K 293 34.09 -29.55 -10.50
C ILE K 293 33.35 -28.93 -11.69
N LEU K 294 32.10 -29.35 -11.90
CA LEU K 294 31.18 -28.67 -12.79
C LEU K 294 30.13 -27.94 -11.96
N ALA K 295 30.06 -26.62 -12.12
CA ALA K 295 29.14 -25.75 -11.41
C ALA K 295 28.28 -25.02 -12.42
N VAL K 296 26.96 -25.16 -12.31
CA VAL K 296 26.02 -24.50 -13.22
C VAL K 296 24.89 -23.91 -12.40
N SER K 297 24.74 -22.59 -12.47
CA SER K 297 23.70 -21.86 -11.77
C SER K 297 22.52 -21.64 -12.71
N TYR K 298 21.42 -21.15 -12.12
CA TYR K 298 20.24 -20.80 -12.90
C TYR K 298 19.58 -19.57 -12.30
N GLY K 299 19.14 -18.68 -13.17
CA GLY K 299 18.29 -17.56 -12.77
C GLY K 299 17.13 -17.39 -13.72
N SER K 300 15.99 -17.02 -13.16
CA SER K 300 14.79 -16.79 -13.96
C SER K 300 14.83 -15.43 -14.66
N GLY K 301 14.23 -15.38 -15.85
CA GLY K 301 14.32 -14.24 -16.74
C GLY K 301 14.76 -14.94 -18.00
N ALA K 302 16.06 -15.13 -18.00
CA ALA K 302 16.63 -16.41 -17.62
C ALA K 302 17.95 -16.65 -18.24
N GLY K 303 18.70 -17.48 -17.55
CA GLY K 303 20.09 -17.66 -17.86
C GLY K 303 20.73 -18.58 -16.86
N SER K 304 21.84 -19.16 -17.28
CA SER K 304 22.65 -20.01 -16.41
C SER K 304 24.11 -19.70 -16.65
N ASP K 305 24.89 -19.82 -15.59
CA ASP K 305 26.34 -19.64 -15.64
C ASP K 305 26.99 -20.96 -15.33
N ALA K 306 27.85 -21.43 -16.24
CA ALA K 306 28.56 -22.69 -16.04
C ALA K 306 30.03 -22.41 -15.73
N PHE K 307 30.61 -23.26 -14.87
CA PHE K 307 32.02 -23.15 -14.52
C PHE K 307 32.64 -24.54 -14.53
N ASP K 308 33.91 -24.60 -14.94
CA ASP K 308 34.74 -25.80 -14.94
C ASP K 308 35.96 -25.45 -14.09
N ILE K 309 36.09 -26.10 -12.93
CA ILE K 309 37.07 -25.72 -11.92
C ILE K 309 37.89 -26.95 -11.52
N THR K 310 39.19 -26.75 -11.28
CA THR K 310 40.06 -27.80 -10.76
C THR K 310 40.68 -27.34 -9.45
N VAL K 311 40.65 -28.23 -8.46
CA VAL K 311 41.15 -27.94 -7.11
C VAL K 311 42.66 -28.14 -7.05
N THR K 312 43.34 -27.34 -6.23
CA THR K 312 44.79 -27.39 -6.13
C THR K 312 45.23 -27.91 -4.77
N GLU K 313 46.54 -27.98 -4.59
CA GLU K 313 47.10 -28.51 -3.35
C GLU K 313 46.87 -27.58 -2.17
N ARG K 314 46.63 -26.29 -2.43
CA ARG K 314 46.51 -25.35 -1.33
C ARG K 314 45.21 -25.51 -0.57
N ILE K 315 44.28 -26.32 -1.07
CA ILE K 315 42.95 -26.38 -0.46
C ILE K 315 43.03 -26.79 1.01
N LYS K 316 43.83 -27.79 1.33
CA LYS K 316 43.86 -28.26 2.71
C LYS K 316 44.38 -27.20 3.66
N GLU K 317 45.18 -26.25 3.16
CA GLU K 317 45.74 -25.23 4.03
C GLU K 317 44.68 -24.28 4.56
N VAL K 318 43.57 -24.08 3.84
CA VAL K 318 42.63 -23.01 4.15
C VAL K 318 41.28 -23.52 4.67
N VAL K 319 40.90 -24.76 4.39
CA VAL K 319 39.54 -25.21 4.70
C VAL K 319 39.18 -24.93 6.15
N ASP K 320 40.10 -25.15 7.06
CA ASP K 320 39.84 -24.98 8.49
C ASP K 320 40.06 -23.55 8.96
N LYS K 321 40.48 -22.64 8.06
CA LYS K 321 40.71 -21.26 8.43
C LYS K 321 39.42 -20.49 8.64
N ALA K 322 38.28 -21.12 8.40
CA ALA K 322 36.98 -20.49 8.61
C ALA K 322 35.96 -21.60 8.81
N PRO K 323 34.72 -21.26 9.18
CA PRO K 323 33.73 -22.30 9.39
C PRO K 323 33.41 -23.05 8.11
N LYS K 324 33.21 -24.36 8.24
CA LYS K 324 32.81 -25.19 7.11
C LYS K 324 31.30 -25.09 6.90
N THR K 325 30.89 -25.16 5.63
CA THR K 325 29.48 -25.00 5.31
C THR K 325 28.60 -26.05 6.00
N LEU K 326 29.13 -27.26 6.22
CA LEU K 326 28.34 -28.26 6.94
C LEU K 326 28.21 -27.93 8.42
N ASP K 327 29.23 -27.31 9.01
CA ASP K 327 29.16 -26.93 10.41
C ASP K 327 28.14 -25.83 10.62
N LEU K 328 28.16 -24.81 9.76
CA LEU K 328 27.14 -23.77 9.81
C LEU K 328 25.74 -24.38 9.65
N LEU K 329 25.59 -25.30 8.69
CA LEU K 329 24.28 -25.86 8.41
C LEU K 329 23.74 -26.67 9.57
N ASN K 330 24.62 -27.27 10.38
CA ASN K 330 24.20 -28.18 11.43
C ASN K 330 24.11 -27.52 12.80
N ARG K 331 24.66 -26.33 12.96
CA ARG K 331 24.41 -25.51 14.13
C ARG K 331 23.06 -24.84 13.91
N LYS K 332 22.02 -25.33 14.59
CA LYS K 332 20.66 -24.87 14.25
C LYS K 332 19.73 -24.94 15.45
N LYS K 333 18.71 -24.10 15.38
CA LYS K 333 17.63 -24.04 16.36
C LYS K 333 16.31 -24.00 15.62
N TYR K 334 15.39 -24.89 15.99
CA TYR K 334 14.12 -24.98 15.28
C TYR K 334 13.12 -23.99 15.84
N ILE K 335 12.22 -23.53 14.97
CA ILE K 335 11.15 -22.62 15.35
C ILE K 335 9.85 -23.08 14.70
N ASP K 336 8.74 -22.63 15.27
CA ASP K 336 7.43 -22.94 14.72
C ASP K 336 6.96 -21.82 13.79
N TYR K 337 5.81 -22.01 13.16
CA TYR K 337 5.39 -21.08 12.12
C TYR K 337 5.12 -19.69 12.69
N ALA K 338 4.55 -19.61 13.89
CA ALA K 338 4.25 -18.30 14.49
C ALA K 338 5.51 -17.48 14.64
N VAL K 339 6.57 -18.06 15.22
CA VAL K 339 7.82 -17.34 15.40
C VAL K 339 8.46 -17.05 14.06
N TYR K 340 8.31 -17.95 13.08
CA TYR K 340 8.87 -17.74 11.75
C TYR K 340 8.29 -16.50 11.08
N VAL K 341 6.96 -16.40 11.02
CA VAL K 341 6.37 -15.25 10.34
C VAL K 341 6.65 -13.98 11.12
N LYS K 342 6.83 -14.08 12.44
CA LYS K 342 7.26 -12.92 13.23
C LYS K 342 8.64 -12.46 12.79
N TYR K 343 9.61 -13.37 12.80
CA TYR K 343 10.96 -13.05 12.36
C TYR K 343 10.96 -12.47 10.95
N ARG K 344 10.32 -13.17 10.01
CA ARG K 344 10.43 -12.78 8.62
C ARG K 344 9.65 -11.54 8.29
N GLY K 345 8.92 -10.96 9.23
CA GLY K 345 8.10 -9.81 8.93
C GLY K 345 6.91 -10.13 8.07
N LYS K 346 6.37 -11.36 8.17
CA LYS K 346 5.23 -11.78 7.38
C LYS K 346 3.89 -11.44 8.02
N ILE K 347 3.87 -10.90 9.25
CA ILE K 347 2.63 -10.54 9.91
C ILE K 347 2.31 -9.09 9.62
N LYS K 348 1.13 -8.82 9.07
CA LYS K 348 0.72 -7.45 8.80
C LYS K 348 0.72 -6.70 10.11
N ILE K 349 1.46 -5.60 10.18
CA ILE K 349 1.50 -4.84 11.43
C ILE K 349 1.51 -3.37 11.08
N ASP L 3 -46.35 16.29 14.86
CA ASP L 3 -45.95 17.63 14.41
C ASP L 3 -44.45 17.81 14.58
N ILE L 4 -43.72 17.55 13.49
CA ILE L 4 -42.27 17.64 13.44
C ILE L 4 -41.87 18.51 12.27
N GLY L 5 -40.84 19.34 12.46
CA GLY L 5 -40.45 20.21 11.37
C GLY L 5 -39.01 20.64 11.47
N ILE L 6 -38.60 21.40 10.47
CA ILE L 6 -37.26 21.96 10.40
C ILE L 6 -37.29 23.34 11.04
N VAL L 7 -36.46 23.55 12.06
CA VAL L 7 -36.38 24.87 12.68
C VAL L 7 -35.26 25.72 12.10
N GLY L 8 -34.30 25.12 11.42
CA GLY L 8 -33.23 25.85 10.79
C GLY L 8 -32.46 24.96 9.85
N TYR L 9 -31.80 25.59 8.89
CA TYR L 9 -31.02 24.86 7.90
C TYR L 9 -29.87 25.72 7.38
N GLY L 10 -28.81 25.05 6.93
CA GLY L 10 -27.62 25.74 6.46
C GLY L 10 -26.82 24.90 5.48
N SER L 11 -25.99 25.60 4.70
CA SER L 11 -25.25 24.96 3.62
C SER L 11 -23.84 25.50 3.56
N TYR L 12 -22.96 24.76 2.88
CA TYR L 12 -21.61 25.24 2.61
C TYR L 12 -21.07 24.61 1.34
N ILE L 13 -20.43 25.42 0.51
CA ILE L 13 -19.72 24.96 -0.68
C ILE L 13 -18.37 25.67 -0.73
N PRO L 14 -17.27 24.98 -1.01
CA PRO L 14 -15.98 25.66 -1.11
C PRO L 14 -15.89 26.54 -2.35
N LYS L 15 -14.80 27.30 -2.43
CA LYS L 15 -14.72 28.36 -3.42
C LYS L 15 -14.12 27.93 -4.75
N TYR L 16 -13.34 26.85 -4.78
CA TYR L 16 -12.67 26.44 -6.00
C TYR L 16 -13.57 25.58 -6.87
N ARG L 17 -13.49 25.79 -8.18
CA ARG L 17 -14.23 24.99 -9.14
C ARG L 17 -13.27 24.53 -10.24
N ILE L 18 -13.66 23.49 -10.97
CA ILE L 18 -12.93 23.01 -12.13
C ILE L 18 -13.93 22.60 -13.19
N LYS L 19 -13.72 23.05 -14.43
CA LYS L 19 -14.63 22.79 -15.53
C LYS L 19 -14.36 21.44 -16.17
N VAL L 20 -15.40 20.90 -16.81
CA VAL L 20 -15.25 19.68 -17.60
C VAL L 20 -14.11 19.83 -18.59
N GLU L 21 -14.00 21.00 -19.22
CA GLU L 21 -12.95 21.21 -20.23
C GLU L 21 -11.56 20.95 -19.67
N GLU L 22 -11.33 21.25 -18.39
CA GLU L 22 -10.00 21.12 -17.81
C GLU L 22 -9.63 19.67 -17.53
N ILE L 23 -10.62 18.83 -17.21
CA ILE L 23 -10.36 17.43 -16.98
C ILE L 23 -10.26 16.69 -18.31
N ALA L 24 -11.17 16.99 -19.23
CA ALA L 24 -11.15 16.32 -20.52
C ALA L 24 -9.88 16.64 -21.26
N LYS L 25 -9.43 17.89 -21.21
CA LYS L 25 -8.18 18.27 -21.85
C LYS L 25 -7.07 17.29 -21.51
N VAL L 26 -6.97 16.88 -20.24
CA VAL L 26 -5.84 16.08 -19.78
C VAL L 26 -5.97 14.64 -20.27
N TRP L 27 -7.17 14.10 -20.24
CA TRP L 27 -7.40 12.70 -20.53
C TRP L 27 -7.80 12.44 -21.98
N GLY L 28 -7.88 13.49 -22.79
CA GLY L 28 -8.10 13.34 -24.21
C GLY L 28 -9.52 13.03 -24.61
N LYS L 29 -10.50 13.68 -23.97
CA LYS L 29 -11.90 13.42 -24.24
C LYS L 29 -12.55 14.69 -24.78
N ASP L 30 -13.69 14.51 -25.47
CA ASP L 30 -14.47 15.60 -26.02
C ASP L 30 -15.27 16.23 -24.89
N PRO L 31 -14.99 17.46 -24.50
CA PRO L 31 -15.74 18.04 -23.37
C PRO L 31 -17.19 18.28 -23.69
N GLU L 32 -17.51 18.66 -24.92
CA GLU L 32 -18.90 18.93 -25.25
C GLU L 32 -19.73 17.66 -25.14
N ALA L 33 -19.20 16.53 -25.61
CA ALA L 33 -19.91 15.27 -25.48
C ALA L 33 -20.19 14.96 -24.02
N ILE L 34 -19.22 15.21 -23.13
CA ILE L 34 -19.42 14.98 -21.71
C ILE L 34 -20.44 15.97 -21.15
N LYS L 35 -20.25 17.26 -21.43
CA LYS L 35 -21.17 18.26 -20.93
C LYS L 35 -22.61 17.90 -21.28
N LYS L 36 -22.84 17.44 -22.51
CA LYS L 36 -24.17 17.06 -22.94
C LYS L 36 -24.58 15.72 -22.37
N GLY L 37 -23.67 14.74 -22.36
CA GLY L 37 -24.02 13.42 -21.85
C GLY L 37 -24.42 13.42 -20.39
N LEU L 38 -23.68 14.16 -19.56
CA LEU L 38 -23.93 14.18 -18.12
C LEU L 38 -24.74 15.39 -17.68
N VAL L 39 -24.86 16.42 -18.53
CA VAL L 39 -25.50 17.65 -18.13
C VAL L 39 -24.73 18.22 -16.96
N VAL L 40 -23.42 18.42 -17.14
CA VAL L 40 -22.55 18.97 -16.12
C VAL L 40 -21.56 19.90 -16.79
N ASN L 41 -21.35 21.06 -16.18
CA ASN L 41 -20.42 22.06 -16.69
C ASN L 41 -19.16 22.18 -15.85
N GLU L 42 -19.30 22.15 -14.52
CA GLU L 42 -18.18 22.31 -13.61
C GLU L 42 -18.57 21.70 -12.28
N LYS L 43 -17.60 21.62 -11.36
CA LYS L 43 -17.84 21.04 -10.05
C LYS L 43 -17.02 21.78 -9.01
N SER L 44 -17.35 21.56 -7.74
CA SER L 44 -16.68 22.22 -6.65
C SER L 44 -15.47 21.43 -6.19
N VAL L 45 -14.53 22.15 -5.58
CA VAL L 45 -13.27 21.58 -5.11
C VAL L 45 -12.94 22.14 -3.74
N PRO L 46 -12.68 21.32 -2.73
CA PRO L 46 -12.29 21.86 -1.43
C PRO L 46 -10.84 22.28 -1.36
N SER L 47 -10.59 23.31 -0.54
CA SER L 47 -9.24 23.74 -0.24
C SER L 47 -8.50 22.63 0.50
N PRO L 48 -7.18 22.51 0.33
CA PRO L 48 -6.45 21.42 1.00
C PRO L 48 -6.53 21.47 2.50
N ASP L 49 -6.95 22.59 3.08
CA ASP L 49 -7.19 22.72 4.51
C ASP L 49 -8.66 22.47 4.85
N GLU L 50 -9.45 21.96 3.92
CA GLU L 50 -10.86 21.68 4.12
C GLU L 50 -11.09 20.19 3.95
N ASP L 51 -12.04 19.66 4.71
CA ASP L 51 -12.39 18.26 4.61
C ASP L 51 -13.85 18.14 4.99
N THR L 52 -14.35 16.92 5.11
CA THR L 52 -15.76 16.75 5.40
C THR L 52 -16.14 17.42 6.72
N ALA L 53 -15.28 17.32 7.72
CA ALA L 53 -15.55 17.93 9.01
C ALA L 53 -15.74 19.44 8.90
N THR L 54 -14.81 20.14 8.24
CA THR L 54 -14.91 21.59 8.19
C THR L 54 -16.16 22.02 7.46
N ILE L 55 -16.49 21.32 6.37
CA ILE L 55 -17.69 21.64 5.61
C ILE L 55 -18.92 21.42 6.47
N ALA L 56 -18.95 20.35 7.24
CA ALA L 56 -20.08 20.08 8.13
C ALA L 56 -20.23 21.19 9.18
N VAL L 57 -19.11 21.68 9.71
CA VAL L 57 -19.19 22.74 10.71
C VAL L 57 -19.73 24.01 10.08
N GLU L 58 -19.27 24.36 8.88
CA GLU L 58 -19.80 25.52 8.21
C GLU L 58 -21.31 25.41 8.05
N ALA L 59 -21.77 24.28 7.53
CA ALA L 59 -23.20 24.07 7.35
C ALA L 59 -23.92 24.05 8.69
N ALA L 60 -23.35 23.36 9.68
CA ALA L 60 -24.00 23.32 10.98
C ALA L 60 -24.09 24.71 11.57
N ARG L 61 -23.00 25.46 11.55
CA ARG L 61 -23.02 26.80 12.11
C ARG L 61 -24.03 27.66 11.38
N ASN L 62 -24.13 27.52 10.06
CA ASN L 62 -25.11 28.30 9.33
C ASN L 62 -26.53 27.92 9.72
N ALA L 63 -26.77 26.62 9.95
CA ALA L 63 -28.11 26.20 10.38
C ALA L 63 -28.45 26.77 11.75
N VAL L 64 -27.45 26.88 12.63
CA VAL L 64 -27.71 27.45 13.95
C VAL L 64 -28.13 28.91 13.82
N LYS L 65 -27.48 29.64 12.92
CA LYS L 65 -27.88 31.03 12.69
C LYS L 65 -29.35 31.13 12.28
N ARG L 66 -29.78 30.29 11.33
CA ARG L 66 -31.16 30.38 10.88
C ARG L 66 -32.13 29.93 11.97
N ALA L 67 -31.81 28.85 12.67
CA ALA L 67 -32.65 28.43 13.79
C ALA L 67 -32.71 29.51 14.85
N GLY L 68 -31.62 30.24 15.04
CA GLY L 68 -31.57 31.27 16.07
C GLY L 68 -31.66 30.72 17.47
N ILE L 69 -31.13 29.53 17.70
CA ILE L 69 -31.24 28.87 19.00
C ILE L 69 -29.85 28.73 19.60
N ASN L 70 -29.83 28.23 20.82
CA ASN L 70 -28.60 27.96 21.55
C ASN L 70 -28.18 26.52 21.28
N ALA L 71 -27.01 26.35 20.67
CA ALA L 71 -26.60 25.00 20.28
C ALA L 71 -26.58 24.07 21.48
N GLU L 72 -26.44 24.59 22.70
CA GLU L 72 -26.52 23.74 23.89
C GLU L 72 -27.82 22.96 23.91
N LYS L 73 -28.85 23.46 23.21
CA LYS L 73 -30.16 22.83 23.14
C LYS L 73 -30.18 21.61 22.24
N ILE L 74 -29.14 21.38 21.43
CA ILE L 74 -29.07 20.26 20.51
C ILE L 74 -28.72 18.98 21.27
N GLY L 75 -29.58 17.97 21.16
CA GLY L 75 -29.43 16.73 21.88
C GLY L 75 -28.91 15.59 21.05
N ALA L 76 -28.70 15.80 19.75
CA ALA L 76 -28.09 14.78 18.92
C ALA L 76 -27.49 15.45 17.69
N VAL L 77 -26.30 14.99 17.31
CA VAL L 77 -25.64 15.43 16.08
C VAL L 77 -25.27 14.20 15.28
N TYR L 78 -25.77 14.13 14.05
CA TYR L 78 -25.55 13.01 13.15
C TYR L 78 -24.95 13.53 11.86
N VAL L 79 -23.82 12.94 11.46
CA VAL L 79 -23.14 13.33 10.23
C VAL L 79 -23.17 12.15 9.28
N GLY L 80 -23.75 12.34 8.11
CA GLY L 80 -23.76 11.33 7.07
C GLY L 80 -22.77 11.68 5.99
N SER L 81 -21.86 10.75 5.70
CA SER L 81 -20.82 11.03 4.73
C SER L 81 -20.24 9.74 4.17
N GLU L 82 -19.41 9.92 3.16
CA GLU L 82 -18.60 8.88 2.55
C GLU L 82 -17.12 9.14 2.74
N SER L 83 -16.75 10.32 3.25
CA SER L 83 -15.39 10.82 3.33
C SER L 83 -15.10 11.36 4.71
N HIS L 84 -15.52 10.64 5.74
CA HIS L 84 -15.17 11.00 7.10
C HIS L 84 -13.65 11.09 7.21
N PRO L 85 -13.10 12.17 7.72
CA PRO L 85 -11.64 12.32 7.72
C PRO L 85 -10.89 11.17 8.37
N TYR L 86 -11.47 10.52 9.36
CA TYR L 86 -10.92 9.33 9.98
C TYR L 86 -11.68 8.09 9.51
N ALA L 87 -11.00 6.95 9.53
CA ALA L 87 -11.72 5.67 9.41
C ALA L 87 -12.41 5.33 10.71
N VAL L 88 -11.74 5.57 11.84
CA VAL L 88 -12.32 5.31 13.15
C VAL L 88 -12.03 6.50 14.05
N LYS L 89 -12.86 7.51 13.94
CA LYS L 89 -12.98 8.57 14.92
C LYS L 89 -14.07 9.52 14.44
N PRO L 90 -15.12 9.73 15.22
CA PRO L 90 -16.37 10.30 14.69
C PRO L 90 -16.24 11.78 14.35
N THR L 91 -16.60 12.10 13.10
CA THR L 91 -16.80 13.48 12.69
C THR L 91 -17.82 14.19 13.57
N SER L 92 -18.94 13.51 13.83
CA SER L 92 -20.05 14.13 14.56
C SER L 92 -19.59 14.74 15.88
N ALA L 93 -18.65 14.12 16.57
CA ALA L 93 -18.16 14.69 17.81
C ALA L 93 -17.45 16.02 17.54
N THR L 94 -16.59 16.03 16.52
CA THR L 94 -15.88 17.27 16.19
C THR L 94 -16.84 18.39 15.85
N VAL L 95 -17.94 18.09 15.16
CA VAL L 95 -18.89 19.12 14.82
C VAL L 95 -19.61 19.61 16.07
N ALA L 96 -20.02 18.69 16.94
CA ALA L 96 -20.71 19.07 18.17
C ALA L 96 -19.84 20.00 19.01
N GLU L 97 -18.56 19.66 19.18
CA GLU L 97 -17.66 20.56 19.89
C GLU L 97 -17.54 21.90 19.18
N ALA L 98 -17.46 21.87 17.85
CA ALA L 98 -17.25 23.09 17.09
C ALA L 98 -18.48 24.00 17.04
N ILE L 99 -19.65 23.52 17.43
CA ILE L 99 -20.85 24.36 17.50
C ILE L 99 -21.29 24.61 18.93
N GLY L 100 -20.61 24.03 19.92
CA GLY L 100 -20.99 24.22 21.30
C GLY L 100 -22.12 23.35 21.76
N ALA L 101 -22.43 22.28 21.03
CA ALA L 101 -23.49 21.37 21.45
C ALA L 101 -23.06 20.44 22.58
N THR L 102 -21.78 20.11 22.66
CA THR L 102 -21.29 19.24 23.72
C THR L 102 -21.55 19.84 25.09
N PRO L 103 -21.70 19.00 26.13
CA PRO L 103 -21.59 17.55 26.20
C PRO L 103 -22.92 16.77 26.26
N ASP L 104 -24.03 17.46 26.51
CA ASP L 104 -25.31 16.80 26.75
C ASP L 104 -25.99 16.47 25.42
N LEU L 105 -25.47 15.44 24.76
CA LEU L 105 -26.03 15.01 23.49
C LEU L 105 -25.50 13.64 23.12
N THR L 106 -26.18 12.99 22.19
CA THR L 106 -25.70 11.78 21.54
C THR L 106 -25.27 12.12 20.13
N ALA L 107 -24.47 11.25 19.52
CA ALA L 107 -24.00 11.51 18.17
C ALA L 107 -23.65 10.19 17.51
N ALA L 108 -23.57 10.23 16.19
CA ALA L 108 -23.11 9.09 15.42
C ALA L 108 -22.75 9.55 14.03
N ASP L 109 -21.78 8.85 13.44
CA ASP L 109 -21.42 9.05 12.05
C ASP L 109 -22.17 8.01 11.22
N LEU L 110 -22.76 8.44 10.12
CA LEU L 110 -23.65 7.62 9.34
C LEU L 110 -23.00 7.27 8.02
N GLU L 111 -23.23 6.02 7.58
CA GLU L 111 -22.71 5.52 6.32
C GLU L 111 -23.84 4.79 5.60
N PHE L 112 -24.10 5.22 4.36
CA PHE L 112 -25.00 4.51 3.46
C PHE L 112 -24.89 5.15 2.09
N ALA L 113 -23.69 5.13 1.52
CA ALA L 113 -23.38 5.81 0.26
C ALA L 113 -23.92 7.24 0.34
N CYS L 114 -24.70 7.70 -0.64
CA CYS L 114 -25.13 9.08 -0.75
C CYS L 114 -26.46 9.37 -0.04
N LYS L 115 -27.02 8.38 0.65
CA LYS L 115 -28.23 8.55 1.42
C LYS L 115 -27.95 8.77 2.91
N ALA L 116 -26.70 8.62 3.34
CA ALA L 116 -26.35 8.81 4.74
C ALA L 116 -26.93 10.09 5.33
N GLY L 117 -26.93 11.18 4.56
CA GLY L 117 -27.36 12.45 5.11
C GLY L 117 -28.84 12.45 5.47
N THR L 118 -29.68 11.94 4.58
CA THR L 118 -31.11 11.93 4.83
C THR L 118 -31.48 10.88 5.85
N ALA L 119 -30.69 9.81 5.99
CA ALA L 119 -30.90 8.88 7.09
C ALA L 119 -30.83 9.61 8.43
N GLY L 120 -29.93 10.58 8.54
CA GLY L 120 -29.80 11.32 9.78
C GLY L 120 -31.00 12.20 10.07
N ILE L 121 -31.63 12.76 9.04
CA ILE L 121 -32.83 13.55 9.24
C ILE L 121 -33.91 12.69 9.89
N GLN L 122 -34.13 11.49 9.35
CA GLN L 122 -35.14 10.60 9.89
C GLN L 122 -34.85 10.25 11.34
N MET L 123 -33.57 10.03 11.67
CA MET L 123 -33.21 9.75 13.06
C MET L 123 -33.59 10.91 13.98
N CYS L 124 -33.30 12.13 13.55
CA CYS L 124 -33.67 13.29 14.34
C CYS L 124 -35.19 13.40 14.46
N MET L 125 -35.92 13.20 13.36
CA MET L 125 -37.37 13.23 13.43
C MET L 125 -37.88 12.31 14.54
N GLY L 126 -37.30 11.12 14.66
CA GLY L 126 -37.74 10.19 15.69
C GLY L 126 -37.46 10.71 17.09
N LEU L 127 -36.25 11.20 17.32
CA LEU L 127 -35.87 11.60 18.67
C LEU L 127 -36.66 12.82 19.12
N VAL L 128 -36.95 13.73 18.20
CA VAL L 128 -37.75 14.90 18.54
C VAL L 128 -39.20 14.50 18.73
N GLY L 129 -39.76 13.74 17.79
CA GLY L 129 -41.15 13.34 17.90
C GLY L 129 -41.44 12.55 19.17
N SER L 130 -40.51 11.68 19.57
CA SER L 130 -40.72 10.87 20.76
C SER L 130 -40.53 11.66 22.04
N GLY L 131 -40.04 12.89 21.96
CA GLY L 131 -39.77 13.67 23.14
C GLY L 131 -38.45 13.33 23.82
N LEU L 132 -37.61 12.53 23.17
CA LEU L 132 -36.31 12.16 23.74
C LEU L 132 -35.31 13.31 23.68
N ILE L 133 -35.41 14.17 22.67
CA ILE L 133 -34.58 15.37 22.60
C ILE L 133 -35.45 16.54 22.18
N GLU L 134 -34.94 17.74 22.42
CA GLU L 134 -35.65 18.95 22.03
C GLU L 134 -35.27 19.36 20.61
N TYR L 135 -33.99 19.25 20.26
CA TYR L 135 -33.51 19.53 18.92
C TYR L 135 -32.45 18.51 18.53
N GLY L 136 -32.46 18.10 17.27
CA GLY L 136 -31.41 17.27 16.73
C GLY L 136 -30.91 17.83 15.43
N MET L 137 -29.62 17.63 15.18
CA MET L 137 -29.00 18.09 13.94
C MET L 137 -28.64 16.90 13.06
N ALA L 138 -29.00 16.99 11.79
CA ALA L 138 -28.62 16.02 10.77
C ALA L 138 -27.85 16.76 9.70
N ILE L 139 -26.64 16.27 9.40
CA ILE L 139 -25.79 16.85 8.38
C ILE L 139 -25.51 15.81 7.32
N GLY L 140 -25.37 16.29 6.08
CA GLY L 140 -24.87 15.49 4.99
C GLY L 140 -23.78 16.24 4.25
N ALA L 141 -22.58 15.68 4.23
CA ALA L 141 -21.45 16.38 3.63
C ALA L 141 -20.45 15.39 3.07
N ASP L 142 -19.71 15.82 2.06
CA ASP L 142 -18.71 14.96 1.48
C ASP L 142 -17.66 15.78 0.75
N THR L 143 -16.45 15.24 0.70
CA THR L 143 -15.40 15.69 -0.20
C THR L 143 -15.12 14.52 -1.13
N ALA L 144 -16.03 14.34 -2.08
CA ALA L 144 -15.95 13.21 -2.99
C ALA L 144 -14.66 13.23 -3.79
N GLN L 145 -14.20 12.04 -4.16
CA GLN L 145 -13.02 11.86 -4.98
C GLN L 145 -13.36 10.93 -6.13
N GLY L 146 -13.23 11.42 -7.34
CA GLY L 146 -13.38 10.58 -8.50
C GLY L 146 -12.06 9.99 -8.93
N ALA L 147 -12.10 8.77 -9.43
CA ALA L 147 -10.89 8.13 -9.87
C ALA L 147 -10.36 8.92 -11.06
N PRO L 148 -9.08 9.26 -11.10
CA PRO L 148 -8.61 10.19 -12.14
C PRO L 148 -9.04 9.91 -13.58
N GLY L 149 -8.80 8.72 -14.10
CA GLY L 149 -9.21 8.53 -15.48
C GLY L 149 -10.71 8.41 -15.72
N ASP L 150 -11.50 8.23 -14.67
CA ASP L 150 -12.88 7.79 -14.82
C ASP L 150 -13.84 8.95 -15.02
N ALA L 151 -15.06 8.60 -15.45
CA ALA L 151 -16.12 9.57 -15.68
C ALA L 151 -16.60 10.21 -14.40
N LEU L 152 -16.42 9.55 -13.26
CA LEU L 152 -16.83 10.13 -12.00
C LEU L 152 -15.97 11.31 -11.59
N GLU L 153 -14.81 11.47 -12.20
CA GLU L 153 -13.99 12.64 -11.91
C GLU L 153 -14.63 13.93 -12.39
N TYR L 154 -15.55 13.85 -13.35
CA TYR L 154 -16.21 15.04 -13.84
C TYR L 154 -17.30 15.55 -12.90
N THR L 155 -17.79 14.70 -11.98
CA THR L 155 -18.89 15.08 -11.11
C THR L 155 -18.57 15.05 -9.63
N ALA L 156 -17.46 14.47 -9.21
CA ALA L 156 -17.23 14.21 -7.79
C ALA L 156 -16.79 15.50 -7.09
N SER L 157 -17.69 16.11 -6.32
CA SER L 157 -17.48 17.44 -5.77
C SER L 157 -17.68 17.44 -4.25
N ALA L 158 -17.46 18.60 -3.65
CA ALA L 158 -17.50 18.77 -2.21
C ALA L 158 -18.59 19.75 -1.80
N GLY L 159 -19.30 19.40 -0.74
CA GLY L 159 -20.32 20.29 -0.20
C GLY L 159 -21.04 19.59 0.94
N GLY L 160 -21.90 20.37 1.60
CA GLY L 160 -22.71 19.83 2.68
C GLY L 160 -23.81 20.77 3.09
N ALA L 161 -24.80 20.21 3.80
CA ALA L 161 -25.89 21.00 4.34
C ALA L 161 -26.37 20.36 5.64
N ALA L 162 -26.78 21.22 6.57
CA ALA L 162 -27.24 20.79 7.88
C ALA L 162 -28.70 21.17 8.08
N TYR L 163 -29.41 20.35 8.85
CA TYR L 163 -30.79 20.62 9.21
C TYR L 163 -30.96 20.41 10.70
N ILE L 164 -31.61 21.38 11.36
CA ILE L 164 -31.97 21.26 12.76
C ILE L 164 -33.47 20.98 12.84
N ILE L 165 -33.82 19.88 13.51
CA ILE L 165 -35.20 19.41 13.60
C ILE L 165 -35.73 19.77 14.98
N GLY L 166 -36.98 20.22 15.03
CA GLY L 166 -37.57 20.64 16.28
C GLY L 166 -39.06 20.38 16.37
N ASN L 167 -39.62 20.71 17.54
CA ASN L 167 -41.00 20.40 17.88
C ASN L 167 -41.91 21.61 18.00
N LYS L 168 -41.37 22.82 18.07
CA LYS L 168 -42.15 24.00 18.37
C LYS L 168 -42.68 24.64 17.09
N LYS L 169 -44.00 24.73 16.98
CA LYS L 169 -44.63 25.28 15.78
C LYS L 169 -44.15 26.69 15.47
N ASP L 170 -43.99 27.53 16.50
CA ASP L 170 -43.65 28.93 16.27
C ASP L 170 -42.28 29.10 15.59
N GLU L 171 -41.36 28.16 15.82
CA GLU L 171 -40.03 28.25 15.24
C GLU L 171 -39.83 27.36 14.02
N MET L 172 -40.83 26.60 13.61
CA MET L 172 -40.70 25.74 12.43
C MET L 172 -40.79 26.58 11.15
N ILE L 173 -39.79 26.43 10.28
CA ILE L 173 -39.86 27.01 8.94
C ILE L 173 -40.45 26.03 7.93
N ALA L 174 -40.43 24.74 8.23
CA ALA L 174 -41.06 23.75 7.38
C ALA L 174 -41.50 22.60 8.27
N VAL L 175 -42.49 21.85 7.80
CA VAL L 175 -43.09 20.79 8.57
C VAL L 175 -43.05 19.51 7.76
N PHE L 176 -42.62 18.43 8.40
CA PHE L 176 -42.65 17.11 7.78
C PHE L 176 -44.08 16.58 7.76
N ASN L 177 -44.59 16.28 6.56
CA ASN L 177 -45.88 15.62 6.46
C ASN L 177 -45.76 14.12 6.57
N GLY L 178 -44.68 13.56 6.07
CA GLY L 178 -44.45 12.14 6.18
C GLY L 178 -43.12 11.81 5.53
N THR L 179 -42.64 10.62 5.84
CA THR L 179 -41.41 10.11 5.26
C THR L 179 -41.55 8.62 4.99
N TYR L 180 -40.81 8.15 3.98
CA TYR L 180 -40.85 6.75 3.58
C TYR L 180 -39.51 6.38 2.98
N SER L 181 -39.14 5.11 3.15
CA SER L 181 -37.84 4.60 2.69
C SER L 181 -38.00 3.26 1.98
N TYR L 182 -37.27 3.12 0.87
CA TYR L 182 -37.20 1.90 0.09
C TYR L 182 -35.77 1.40 0.10
N THR L 183 -35.56 0.14 0.48
CA THR L 183 -34.22 -0.39 0.67
C THR L 183 -34.12 -1.82 0.18
N THR L 184 -33.07 -2.14 -0.59
CA THR L 184 -32.70 -3.53 -0.93
C THR L 184 -31.19 -3.65 -0.90
N ASP L 185 -30.69 -4.86 -1.18
CA ASP L 185 -29.26 -5.15 -1.30
C ASP L 185 -28.89 -5.17 -2.78
N THR L 186 -28.18 -4.13 -3.23
CA THR L 186 -27.88 -3.95 -4.65
C THR L 186 -26.41 -3.60 -4.82
N PRO L 187 -25.61 -4.42 -5.51
CA PRO L 187 -24.18 -4.13 -5.68
C PRO L 187 -23.89 -3.26 -6.91
N ASP L 188 -24.51 -2.08 -6.95
CA ASP L 188 -24.25 -1.18 -8.09
C ASP L 188 -23.00 -0.35 -7.90
N PHE L 189 -22.62 -0.04 -6.66
CA PHE L 189 -21.52 0.87 -6.38
C PHE L 189 -20.99 0.51 -4.99
N TRP L 190 -19.67 0.40 -4.85
CA TRP L 190 -19.08 0.00 -3.58
C TRP L 190 -17.61 0.41 -3.55
N ARG L 191 -17.01 0.28 -2.38
CA ARG L 191 -15.56 0.42 -2.20
C ARG L 191 -15.11 -0.48 -1.05
N ARG L 192 -14.00 -1.17 -1.26
CA ARG L 192 -13.39 -2.03 -0.27
C ARG L 192 -12.37 -1.25 0.57
N GLU L 193 -12.14 -1.73 1.79
CA GLU L 193 -11.39 -0.95 2.78
C GLU L 193 -10.01 -0.58 2.27
N GLY L 194 -9.37 -1.48 1.52
CA GLY L 194 -8.03 -1.22 1.01
C GLY L 194 -7.98 -0.21 -0.12
N GLN L 195 -8.99 -0.19 -0.98
CA GLN L 195 -8.90 0.52 -2.25
C GLN L 195 -9.01 2.04 -2.06
N SER L 196 -8.36 2.78 -2.97
CA SER L 196 -8.41 4.24 -2.92
C SER L 196 -9.73 4.78 -3.46
N TYR L 197 -10.20 4.24 -4.59
CA TYR L 197 -11.40 4.72 -5.26
C TYR L 197 -12.42 3.60 -5.42
N PRO L 198 -13.70 3.94 -5.55
CA PRO L 198 -14.74 2.91 -5.65
C PRO L 198 -14.75 2.23 -7.01
N LYS L 199 -15.57 1.18 -7.07
CA LYS L 199 -15.86 0.42 -8.27
C LYS L 199 -17.37 0.44 -8.48
N HIS L 200 -17.83 0.12 -9.69
CA HIS L 200 -19.25 0.13 -9.97
C HIS L 200 -19.57 -0.79 -11.14
N GLY L 201 -20.87 -1.04 -11.34
CA GLY L 201 -21.36 -1.94 -12.36
C GLY L 201 -21.78 -1.26 -13.64
N GLY L 202 -21.26 -0.05 -13.85
CA GLY L 202 -21.54 0.71 -15.06
C GLY L 202 -23.00 1.00 -15.31
N ARG L 203 -23.57 0.38 -16.34
CA ARG L 203 -24.95 0.64 -16.69
C ARG L 203 -25.92 0.02 -15.68
N PHE L 204 -25.44 -0.86 -14.80
CA PHE L 204 -26.28 -1.39 -13.73
C PHE L 204 -26.62 -0.33 -12.69
N THR L 205 -25.85 0.76 -12.62
CA THR L 205 -26.15 1.81 -11.67
C THR L 205 -27.44 2.55 -12.01
N GLY L 206 -27.92 2.42 -13.25
CA GLY L 206 -29.07 3.17 -13.69
C GLY L 206 -30.38 2.54 -13.32
N GLU L 207 -31.08 1.98 -14.30
CA GLU L 207 -32.46 1.57 -14.07
C GLU L 207 -32.61 0.66 -12.85
N PRO L 208 -31.84 -0.42 -12.72
CA PRO L 208 -32.12 -1.39 -11.64
C PRO L 208 -31.79 -0.87 -10.26
N ALA L 209 -31.05 0.23 -10.15
CA ALA L 209 -30.60 0.73 -8.85
C ALA L 209 -31.16 2.12 -8.59
N TYR L 210 -30.64 3.14 -9.27
CA TYR L 210 -31.09 4.50 -9.02
C TYR L 210 -32.59 4.65 -9.26
N PHE L 211 -33.05 4.27 -10.45
CA PHE L 211 -34.45 4.52 -10.79
C PHE L 211 -35.39 3.62 -10.00
N LYS L 212 -35.05 2.34 -9.86
CA LYS L 212 -35.87 1.45 -9.04
C LYS L 212 -36.12 2.07 -7.66
N HIS L 213 -35.06 2.45 -6.95
CA HIS L 213 -35.22 2.93 -5.59
C HIS L 213 -35.78 4.33 -5.54
N VAL L 214 -35.31 5.22 -6.41
CA VAL L 214 -35.79 6.59 -6.37
C VAL L 214 -37.27 6.64 -6.71
N LEU L 215 -37.69 5.86 -7.72
CA LEU L 215 -39.08 5.92 -8.17
C LEU L 215 -40.01 5.14 -7.25
N ASN L 216 -39.56 3.99 -6.73
CA ASN L 216 -40.38 3.28 -5.75
C ASN L 216 -40.56 4.11 -4.49
N ALA L 217 -39.50 4.79 -4.06
CA ALA L 217 -39.60 5.67 -2.90
C ALA L 217 -40.54 6.83 -3.18
N ALA L 218 -40.46 7.41 -4.37
CA ALA L 218 -41.32 8.54 -4.69
C ALA L 218 -42.79 8.13 -4.71
N LYS L 219 -43.12 7.12 -5.51
CA LYS L 219 -44.46 6.56 -5.51
C LYS L 219 -44.91 6.23 -4.10
N GLY L 220 -44.01 5.61 -3.33
CA GLY L 220 -44.39 5.11 -2.02
C GLY L 220 -44.90 6.20 -1.10
N ILE L 221 -44.17 7.32 -0.99
CA ILE L 221 -44.60 8.38 -0.09
C ILE L 221 -45.87 9.07 -0.59
N MET L 222 -46.04 9.19 -1.91
CA MET L 222 -47.25 9.79 -2.45
C MET L 222 -48.45 8.92 -2.16
N GLU L 223 -48.27 7.61 -2.18
CA GLU L 223 -49.33 6.70 -1.74
C GLU L 223 -49.58 6.85 -0.25
N LYS L 224 -48.52 6.84 0.55
CA LYS L 224 -48.68 6.98 1.99
C LYS L 224 -49.45 8.25 2.32
N MET L 225 -49.17 9.32 1.61
CA MET L 225 -49.78 10.61 1.87
C MET L 225 -51.04 10.82 1.04
N GLY L 226 -51.29 9.95 0.06
CA GLY L 226 -52.45 10.10 -0.80
C GLY L 226 -52.35 11.30 -1.73
N THR L 227 -51.20 11.49 -2.35
CA THR L 227 -50.96 12.67 -3.15
C THR L 227 -50.61 12.27 -4.58
N THR L 228 -50.62 13.28 -5.45
CA THR L 228 -50.23 13.18 -6.84
C THR L 228 -49.14 14.21 -7.11
N VAL L 229 -48.52 14.11 -8.29
CA VAL L 229 -47.49 15.08 -8.65
C VAL L 229 -48.02 16.52 -8.59
N LYS L 230 -49.29 16.75 -8.90
CA LYS L 230 -49.79 18.12 -8.96
C LYS L 230 -49.87 18.77 -7.58
N ASP L 231 -49.85 17.98 -6.50
CA ASP L 231 -49.94 18.57 -5.17
C ASP L 231 -48.65 19.23 -4.73
N TYR L 232 -47.53 18.97 -5.38
CA TYR L 232 -46.22 19.48 -4.96
C TYR L 232 -45.79 20.65 -5.81
N ASP L 233 -45.26 21.68 -5.15
CA ASP L 233 -44.76 22.85 -5.85
C ASP L 233 -43.33 22.63 -6.35
N TYR L 234 -42.53 21.89 -5.57
CA TYR L 234 -41.13 21.70 -5.90
C TYR L 234 -40.75 20.25 -5.64
N CYS L 235 -39.67 19.82 -6.28
CA CYS L 235 -39.16 18.48 -6.09
C CYS L 235 -37.65 18.51 -6.21
N VAL L 236 -37.01 17.55 -5.56
CA VAL L 236 -35.55 17.39 -5.62
C VAL L 236 -35.24 15.92 -5.43
N PHE L 237 -34.49 15.36 -6.38
CA PHE L 237 -34.07 13.97 -6.37
C PHE L 237 -32.56 13.91 -6.27
N HIS L 238 -32.06 12.73 -5.94
CA HIS L 238 -30.62 12.54 -6.02
C HIS L 238 -30.15 12.83 -7.43
N GLN L 239 -28.94 13.38 -7.54
CA GLN L 239 -28.44 13.95 -8.78
C GLN L 239 -26.98 13.58 -8.99
N PRO L 240 -26.69 12.32 -9.29
CA PRO L 240 -25.30 11.96 -9.61
C PRO L 240 -24.83 12.64 -10.86
N ASN L 241 -25.73 12.88 -11.79
CA ASN L 241 -25.51 13.76 -12.93
C ASN L 241 -26.83 14.42 -13.25
N GLY L 242 -26.80 15.40 -14.15
CA GLY L 242 -28.03 16.07 -14.51
C GLY L 242 -29.00 15.17 -15.23
N LYS L 243 -28.50 14.23 -16.04
CA LYS L 243 -29.37 13.39 -16.85
C LYS L 243 -30.31 12.56 -15.98
N PHE L 244 -29.75 11.88 -14.96
CA PHE L 244 -30.59 11.02 -14.13
C PHE L 244 -31.68 11.81 -13.41
N TYR L 245 -31.32 12.94 -12.81
CA TYR L 245 -32.29 13.78 -12.12
C TYR L 245 -33.48 14.08 -13.02
N ILE L 246 -33.23 14.61 -14.21
CA ILE L 246 -34.31 15.03 -15.07
C ILE L 246 -35.14 13.84 -15.54
N LYS L 247 -34.48 12.72 -15.88
CA LYS L 247 -35.22 11.53 -16.30
C LYS L 247 -36.22 11.12 -15.23
N ALA L 248 -35.76 11.02 -13.98
CA ALA L 248 -36.65 10.66 -12.90
C ALA L 248 -37.77 11.68 -12.75
N ALA L 249 -37.42 12.97 -12.73
CA ALA L 249 -38.42 14.01 -12.53
C ALA L 249 -39.47 13.97 -13.63
N LYS L 250 -39.05 13.81 -14.88
CA LYS L 250 -40.02 13.77 -15.97
C LYS L 250 -40.81 12.47 -15.94
N SER L 251 -40.19 11.37 -15.52
CA SER L 251 -40.92 10.11 -15.40
C SER L 251 -42.11 10.25 -14.48
N LEU L 252 -41.93 10.96 -13.35
CA LEU L 252 -43.00 11.13 -12.38
C LEU L 252 -43.99 12.22 -12.79
N GLY L 253 -43.66 13.02 -13.79
CA GLY L 253 -44.56 14.04 -14.29
C GLY L 253 -44.31 15.44 -13.81
N PHE L 254 -43.13 15.71 -13.24
CA PHE L 254 -42.77 17.05 -12.79
C PHE L 254 -42.26 17.87 -13.96
N THR L 255 -42.57 19.16 -13.93
CA THR L 255 -42.11 20.06 -14.96
C THR L 255 -40.81 20.73 -14.53
N ASN L 256 -40.24 21.52 -15.44
CA ASN L 256 -39.01 22.23 -15.13
C ASN L 256 -39.20 23.14 -13.92
N GLU L 257 -40.30 23.88 -13.88
CA GLU L 257 -40.52 24.80 -12.77
C GLU L 257 -40.51 24.08 -11.44
N GLN L 258 -40.97 22.82 -11.42
CA GLN L 258 -41.03 22.08 -10.16
C GLN L 258 -39.66 21.53 -9.75
N TYR L 259 -38.87 21.02 -10.69
CA TYR L 259 -37.62 20.36 -10.33
C TYR L 259 -36.40 21.27 -10.45
N LYS L 260 -36.53 22.48 -10.99
CA LYS L 260 -35.36 23.30 -11.32
C LYS L 260 -34.54 23.67 -10.09
N TYR L 261 -35.18 24.05 -8.99
CA TYR L 261 -34.43 24.53 -7.84
C TYR L 261 -33.59 23.43 -7.22
N GLY L 262 -34.09 22.20 -7.22
CA GLY L 262 -33.38 21.10 -6.60
C GLY L 262 -32.13 20.63 -7.35
N LEU L 263 -31.95 21.06 -8.59
CA LEU L 263 -30.87 20.55 -9.44
C LEU L 263 -29.69 21.52 -9.36
N LEU L 264 -28.63 21.07 -8.69
CA LEU L 264 -27.40 21.85 -8.53
C LEU L 264 -26.19 21.20 -9.17
N THR L 265 -26.25 19.92 -9.50
CA THR L 265 -25.09 19.20 -10.01
C THR L 265 -24.45 19.87 -11.22
N PRO L 266 -25.18 20.46 -12.16
CA PRO L 266 -24.53 20.97 -13.36
C PRO L 266 -23.45 22.00 -13.11
N TYR L 267 -23.54 22.76 -12.02
CA TYR L 267 -22.53 23.74 -11.66
C TYR L 267 -21.88 23.46 -10.31
N LEU L 268 -22.42 22.52 -9.53
CA LEU L 268 -21.85 22.12 -8.25
C LEU L 268 -21.14 20.78 -8.31
N GLY L 269 -21.63 19.87 -9.14
CA GLY L 269 -21.16 18.50 -9.10
C GLY L 269 -21.98 17.69 -8.14
N ASN L 270 -21.61 16.42 -8.04
CA ASN L 270 -22.29 15.49 -7.15
C ASN L 270 -21.55 15.52 -5.82
N THR L 271 -22.20 16.05 -4.78
CA THR L 271 -21.62 16.11 -3.45
C THR L 271 -22.00 14.93 -2.58
N TYR L 272 -22.53 13.87 -3.19
CA TYR L 272 -22.82 12.61 -2.51
C TYR L 272 -23.79 12.85 -1.37
N SER L 273 -23.44 12.59 -0.11
CA SER L 273 -24.45 12.67 0.95
C SER L 273 -24.91 14.09 1.20
N GLY L 274 -24.30 15.08 0.56
CA GLY L 274 -24.73 16.46 0.63
C GLY L 274 -25.57 16.89 -0.55
N ALA L 275 -25.81 16.00 -1.51
CA ALA L 275 -26.42 16.40 -2.77
C ALA L 275 -27.83 16.91 -2.57
N VAL L 276 -28.71 16.05 -2.03
CA VAL L 276 -30.12 16.39 -1.81
C VAL L 276 -30.27 17.42 -0.70
N PRO L 277 -29.58 17.26 0.44
CA PRO L 277 -29.60 18.34 1.44
C PRO L 277 -29.30 19.70 0.85
N LEU L 278 -28.30 19.82 -0.03
CA LEU L 278 -28.01 21.12 -0.63
C LEU L 278 -29.11 21.56 -1.58
N GLY L 279 -29.59 20.65 -2.44
CA GLY L 279 -30.68 21.00 -3.34
C GLY L 279 -31.93 21.43 -2.58
N LEU L 280 -32.27 20.68 -1.53
CA LEU L 280 -33.38 21.07 -0.70
C LEU L 280 -33.18 22.47 -0.14
N SER L 281 -31.95 22.80 0.27
CA SER L 281 -31.70 24.11 0.85
C SER L 281 -31.89 25.21 -0.16
N ASN L 282 -31.53 24.97 -1.43
CA ASN L 282 -31.80 25.96 -2.45
C ASN L 282 -33.30 26.13 -2.66
N ILE L 283 -34.05 25.04 -2.61
CA ILE L 283 -35.50 25.15 -2.67
C ILE L 283 -36.01 26.03 -1.54
N LEU L 284 -35.49 25.84 -0.33
CA LEU L 284 -35.97 26.61 0.81
C LEU L 284 -35.55 28.07 0.72
N ASP L 285 -34.39 28.36 0.13
CA ASP L 285 -33.98 29.74 -0.06
C ASP L 285 -34.89 30.49 -1.03
N HIS L 286 -35.66 29.76 -1.85
CA HIS L 286 -36.58 30.35 -2.81
C HIS L 286 -38.04 30.20 -2.43
N ALA L 287 -38.40 29.21 -1.62
CA ALA L 287 -39.79 28.85 -1.42
C ALA L 287 -40.54 29.92 -0.63
N GLU L 288 -41.86 29.89 -0.78
CA GLU L 288 -42.79 30.80 -0.13
C GLU L 288 -43.70 29.99 0.80
N GLU L 289 -44.47 30.69 1.63
CA GLU L 289 -45.34 30.03 2.58
C GLU L 289 -46.28 29.06 1.84
N GLY L 290 -46.47 27.88 2.42
CA GLY L 290 -47.40 26.91 1.89
C GLY L 290 -46.85 26.00 0.81
N ALA L 291 -45.66 26.28 0.29
CA ALA L 291 -45.08 25.45 -0.76
C ALA L 291 -44.86 24.03 -0.24
N ARG L 292 -45.22 23.05 -1.05
CA ARG L 292 -45.08 21.64 -0.70
C ARG L 292 -43.97 21.01 -1.54
N ILE L 293 -43.04 20.33 -0.86
CA ILE L 293 -41.81 19.82 -1.45
C ILE L 293 -41.80 18.30 -1.38
N LEU L 294 -41.36 17.65 -2.46
CA LEU L 294 -41.03 16.23 -2.46
C LEU L 294 -39.51 16.08 -2.57
N ALA L 295 -38.91 15.43 -1.58
CA ALA L 295 -37.48 15.22 -1.55
C ALA L 295 -37.21 13.71 -1.49
N VAL L 296 -36.40 13.22 -2.43
CA VAL L 296 -36.04 11.81 -2.46
C VAL L 296 -34.55 11.68 -2.72
N SER L 297 -33.84 11.09 -1.78
CA SER L 297 -32.41 10.84 -1.89
C SER L 297 -32.19 9.45 -2.41
N TYR L 298 -30.94 9.16 -2.77
CA TYR L 298 -30.55 7.83 -3.19
C TYR L 298 -29.18 7.51 -2.66
N GLY L 299 -29.01 6.27 -2.23
CA GLY L 299 -27.70 5.77 -1.87
C GLY L 299 -27.49 4.41 -2.49
N SER L 300 -26.28 4.19 -2.98
CA SER L 300 -25.93 2.91 -3.58
C SER L 300 -25.78 1.87 -2.49
N GLY L 301 -26.16 0.65 -2.79
CA GLY L 301 -26.35 -0.26 -1.69
C GLY L 301 -27.44 -1.29 -1.73
N ALA L 302 -28.71 -0.87 -1.64
CA ALA L 302 -29.16 0.46 -2.04
C ALA L 302 -30.37 0.86 -1.21
N GLY L 303 -30.83 2.09 -1.42
CA GLY L 303 -31.87 2.65 -0.59
C GLY L 303 -32.18 4.10 -0.93
N SER L 304 -33.39 4.55 -0.63
CA SER L 304 -33.76 5.95 -0.80
C SER L 304 -34.62 6.37 0.37
N ASP L 305 -34.51 7.64 0.72
CA ASP L 305 -35.31 8.27 1.77
C ASP L 305 -36.18 9.34 1.13
N ALA L 306 -37.50 9.23 1.29
CA ALA L 306 -38.43 10.21 0.74
C ALA L 306 -39.01 11.08 1.85
N PHE L 307 -39.27 12.34 1.51
CA PHE L 307 -39.84 13.30 2.44
C PHE L 307 -40.93 14.11 1.76
N ASP L 308 -41.96 14.45 2.52
CA ASP L 308 -43.06 15.31 2.07
C ASP L 308 -43.13 16.49 3.03
N ILE L 309 -42.74 17.67 2.56
CA ILE L 309 -42.50 18.82 3.43
C ILE L 309 -43.30 20.02 2.96
N THR L 310 -43.84 20.78 3.91
CA THR L 310 -44.55 22.01 3.61
C THR L 310 -43.88 23.19 4.31
N VAL L 311 -43.73 24.28 3.55
CA VAL L 311 -43.07 25.49 4.04
C VAL L 311 -44.07 26.36 4.79
N THR L 312 -43.59 27.07 5.81
CA THR L 312 -44.41 27.91 6.68
C THR L 312 -44.06 29.38 6.45
N GLU L 313 -44.73 30.25 7.20
CA GLU L 313 -44.51 31.69 7.05
C GLU L 313 -43.20 32.13 7.67
N ARG L 314 -42.60 31.33 8.56
CA ARG L 314 -41.36 31.72 9.23
C ARG L 314 -40.17 31.71 8.32
N ILE L 315 -40.29 31.16 7.11
CA ILE L 315 -39.15 31.03 6.22
C ILE L 315 -38.53 32.38 5.94
N LYS L 316 -39.35 33.41 5.74
CA LYS L 316 -38.82 34.74 5.42
C LYS L 316 -37.97 35.32 6.54
N GLU L 317 -38.16 34.84 7.77
CA GLU L 317 -37.40 35.39 8.89
C GLU L 317 -35.96 34.90 8.89
N VAL L 318 -35.68 33.73 8.31
CA VAL L 318 -34.38 33.10 8.49
C VAL L 318 -33.54 33.03 7.22
N VAL L 319 -34.14 33.14 6.03
CA VAL L 319 -33.37 32.91 4.81
C VAL L 319 -32.12 33.77 4.78
N ASP L 320 -32.24 35.04 5.18
CA ASP L 320 -31.11 35.96 5.14
C ASP L 320 -30.27 35.92 6.41
N LYS L 321 -30.57 35.03 7.35
CA LYS L 321 -29.76 34.89 8.55
C LYS L 321 -28.45 34.15 8.29
N ALA L 322 -28.24 33.64 7.10
CA ALA L 322 -27.03 32.91 6.74
C ALA L 322 -26.87 32.99 5.23
N PRO L 323 -25.72 32.55 4.71
CA PRO L 323 -25.52 32.61 3.27
C PRO L 323 -26.51 31.71 2.54
N LYS L 324 -26.99 32.19 1.40
CA LYS L 324 -27.89 31.39 0.58
C LYS L 324 -27.11 30.41 -0.27
N THR L 325 -27.70 29.24 -0.48
CA THR L 325 -26.98 28.19 -1.19
C THR L 325 -26.50 28.69 -2.55
N LEU L 326 -27.28 29.54 -3.21
CA LEU L 326 -26.86 29.99 -4.53
C LEU L 326 -25.77 31.03 -4.46
N ASP L 327 -25.71 31.82 -3.39
CA ASP L 327 -24.60 32.75 -3.21
C ASP L 327 -23.28 32.00 -3.04
N LEU L 328 -23.29 30.95 -2.21
CA LEU L 328 -22.11 30.12 -2.04
C LEU L 328 -21.68 29.50 -3.37
N LEU L 329 -22.63 28.98 -4.14
CA LEU L 329 -22.29 28.28 -5.37
C LEU L 329 -21.66 29.21 -6.40
N ASN L 330 -21.98 30.49 -6.36
CA ASN L 330 -21.53 31.43 -7.38
C ASN L 330 -20.34 32.26 -6.96
N ARG L 331 -19.97 32.22 -5.69
CA ARG L 331 -18.71 32.77 -5.21
C ARG L 331 -17.63 31.73 -5.45
N LYS L 332 -16.87 31.88 -6.54
CA LYS L 332 -16.06 30.77 -6.99
C LYS L 332 -14.76 31.26 -7.61
N LYS L 333 -13.76 30.38 -7.56
CA LYS L 333 -12.45 30.55 -8.17
C LYS L 333 -12.16 29.30 -8.98
N TYR L 334 -11.82 29.47 -10.26
CA TYR L 334 -11.54 28.34 -11.14
C TYR L 334 -10.09 27.88 -11.00
N ILE L 335 -9.86 26.59 -11.21
CA ILE L 335 -8.53 26.02 -11.18
C ILE L 335 -8.38 25.04 -12.34
N ASP L 336 -7.13 24.73 -12.68
CA ASP L 336 -6.80 23.76 -13.71
C ASP L 336 -6.54 22.38 -13.10
N TYR L 337 -6.37 21.38 -13.97
CA TYR L 337 -6.27 20.00 -13.48
C TYR L 337 -5.04 19.80 -12.61
N ALA L 338 -3.92 20.45 -12.96
CA ALA L 338 -2.72 20.29 -12.15
C ALA L 338 -2.97 20.71 -10.71
N VAL L 339 -3.49 21.93 -10.52
CA VAL L 339 -3.78 22.42 -9.18
C VAL L 339 -4.87 21.59 -8.53
N TYR L 340 -5.82 21.08 -9.31
CA TYR L 340 -6.88 20.26 -8.75
C TYR L 340 -6.33 19.01 -8.09
N VAL L 341 -5.52 18.23 -8.83
CA VAL L 341 -4.97 16.99 -8.27
C VAL L 341 -3.99 17.28 -7.14
N LYS L 342 -3.36 18.45 -7.14
CA LYS L 342 -2.55 18.86 -5.99
C LYS L 342 -3.41 19.02 -4.74
N TYR L 343 -4.47 19.84 -4.84
CA TYR L 343 -5.38 20.06 -3.71
C TYR L 343 -5.99 18.76 -3.21
N ARG L 344 -6.53 17.97 -4.12
CA ARG L 344 -7.28 16.78 -3.72
C ARG L 344 -6.39 15.67 -3.23
N GLY L 345 -5.07 15.84 -3.28
CA GLY L 345 -4.20 14.77 -2.88
C GLY L 345 -4.19 13.62 -3.85
N LYS L 346 -4.40 13.91 -5.13
CA LYS L 346 -4.44 12.87 -6.15
C LYS L 346 -3.06 12.57 -6.72
N ILE L 347 -2.02 13.32 -6.35
CA ILE L 347 -0.68 13.05 -6.83
C ILE L 347 0.00 12.15 -5.79
N LYS L 348 0.46 10.98 -6.22
CA LYS L 348 1.06 10.04 -5.28
C LYS L 348 2.39 10.56 -4.80
N ILE L 349 2.55 10.64 -3.47
CA ILE L 349 3.76 11.18 -2.85
C ILE L 349 4.30 10.17 -1.84
#